data_6D25
#
_entry.id   6D25
#
_cell.length_a   91.344
_cell.length_b   163.231
_cell.length_c   114.425
_cell.angle_alpha   90.000
_cell.angle_beta   107.570
_cell.angle_gamma   90.000
#
_symmetry.space_group_name_H-M   'P 1 21 1'
#
loop_
_entity.id
_entity.type
_entity.pdbx_description
1 polymer Alpha-L-arabinosidase
2 non-polymer GLYCEROL
3 water water
#
_entity_poly.entity_id   1
_entity_poly.type   'polypeptide(L)'
_entity_poly.pdbx_seq_one_letter_code
;MGSSHHHHHHSSGLVPRGSHMPASFAAEVKVNGTLRVDQPGAQVSRQLFGQFAEHLGTGIYGGVWVGEESPIPNTHGYRN
DVVAALKAIAVPNIRWPGGCFADEYHWRDGVGTPAKRPIRVNTHWGGVEESNRFGTHEFMDFTELLGTQAYIAGNVGDAA
PEEIAQWAEYMTAPTRSSLANERRANGRDAPWQVPYFGVGNELWGCGGNMRVEYAADVFRRYQTFVKSPASQKILKIAPG
PSDDDYHWTEVMMREASKFMDGLSMHYYTIPGGWPPRASSTTFDEAAWIQTLSRTLVMDELITKHSAIMDKYDPAKKVAL
VVDEWGTWYAPLPGTNPGFLQQQNSLRDALVASLNFDIFSQHAERVRMANIAQMVNVLQAMILTDGDKMVLTPTYHVFAL
YKPYQDATHLPLQLQTPQYRHGDTQVPAVHGSAVKAKDGHVYIALTNLDASASATVSVQVEGLPLRAVEGQILTAPAIAT
YNTYAQPQAVAPVAFKGARVQGKTVNVALPAHSIVMLKLQ
;
_entity_poly.pdbx_strand_id   A,B,C,D,E,F
#
# COMPACT_ATOMS: atom_id res chain seq x y z
N SER A 24 -29.01 -14.09 64.67
CA SER A 24 -30.17 -13.72 65.50
C SER A 24 -31.47 -14.22 64.85
N PHE A 25 -32.54 -14.18 65.65
CA PHE A 25 -33.78 -14.88 65.37
C PHE A 25 -34.86 -13.88 64.90
N ALA A 26 -35.68 -14.33 63.96
CA ALA A 26 -36.92 -13.61 63.57
C ALA A 26 -37.98 -14.66 63.22
N ALA A 27 -39.24 -14.38 63.59
CA ALA A 27 -40.34 -15.37 63.50
C ALA A 27 -40.70 -15.64 62.03
N GLU A 28 -41.01 -16.92 61.79
CA GLU A 28 -41.47 -17.48 60.49
C GLU A 28 -42.77 -16.79 60.05
N VAL A 29 -42.83 -16.58 58.74
CA VAL A 29 -43.84 -15.85 57.95
C VAL A 29 -44.65 -16.81 57.05
N LYS A 30 -45.93 -16.50 56.77
CA LYS A 30 -46.75 -17.28 55.88
C LYS A 30 -47.00 -16.54 54.56
N VAL A 31 -46.82 -17.23 53.47
CA VAL A 31 -47.08 -16.66 52.14
C VAL A 31 -48.02 -17.64 51.41
N ASN A 32 -49.06 -17.11 50.78
CA ASN A 32 -50.00 -17.87 49.98
C ASN A 32 -49.88 -17.41 48.53
N GLY A 33 -50.06 -18.30 47.59
CA GLY A 33 -49.96 -17.90 46.19
C GLY A 33 -50.78 -18.79 45.28
N THR A 34 -50.86 -18.35 44.02
CA THR A 34 -51.58 -19.06 42.99
C THR A 34 -50.71 -19.10 41.72
N LEU A 35 -50.57 -20.30 41.16
CA LEU A 35 -49.82 -20.51 39.92
C LEU A 35 -50.80 -20.96 38.84
N ARG A 36 -50.85 -20.21 37.75
CA ARG A 36 -51.80 -20.48 36.66
C ARG A 36 -51.06 -21.15 35.49
N VAL A 37 -50.87 -22.45 35.58
CA VAL A 37 -50.28 -23.22 34.48
C VAL A 37 -51.27 -23.20 33.29
N ASP A 38 -52.55 -23.02 33.57
CA ASP A 38 -53.61 -22.95 32.58
C ASP A 38 -53.66 -21.57 31.89
N GLN A 39 -52.81 -20.61 32.25
CA GLN A 39 -52.83 -19.29 31.58
C GLN A 39 -51.44 -18.94 31.07
N PRO A 40 -50.89 -19.75 30.18
CA PRO A 40 -49.56 -19.47 29.63
C PRO A 40 -49.50 -18.11 28.92
N GLY A 41 -48.40 -17.35 29.14
CA GLY A 41 -48.23 -16.03 28.58
C GLY A 41 -47.10 -15.99 27.56
N ALA A 42 -46.34 -14.92 27.55
CA ALA A 42 -45.37 -14.64 26.50
C ALA A 42 -44.12 -15.50 26.68
N GLN A 43 -43.33 -15.59 25.62
CA GLN A 43 -42.05 -16.25 25.68
C GLN A 43 -41.09 -15.42 26.53
N VAL A 44 -40.41 -16.11 27.45
CA VAL A 44 -39.35 -15.52 28.23
C VAL A 44 -38.05 -15.72 27.43
N SER A 45 -37.60 -14.65 26.76
CA SER A 45 -36.50 -14.80 25.82
C SER A 45 -35.24 -15.26 26.55
N ARG A 46 -34.55 -16.20 25.91
CA ARG A 46 -33.24 -16.58 26.42
C ARG A 46 -32.30 -15.38 26.48
N GLN A 47 -32.52 -14.34 25.68
CA GLN A 47 -31.60 -13.20 25.62
C GLN A 47 -31.71 -12.36 26.91
N LEU A 48 -32.66 -12.65 27.80
CA LEU A 48 -32.70 -12.03 29.11
C LEU A 48 -31.47 -12.42 29.95
N PHE A 49 -30.75 -13.45 29.55
CA PHE A 49 -29.58 -13.95 30.28
C PHE A 49 -28.28 -13.53 29.59
N GLY A 50 -28.32 -12.43 28.85
CA GLY A 50 -27.13 -11.91 28.18
C GLY A 50 -26.03 -11.50 29.15
N GLN A 51 -24.80 -11.58 28.62
CA GLN A 51 -23.60 -11.18 29.31
C GLN A 51 -23.01 -9.96 28.60
N PHE A 52 -22.05 -9.33 29.25
CA PHE A 52 -21.49 -8.07 28.85
C PHE A 52 -20.02 -8.04 29.23
N ALA A 53 -19.14 -7.99 28.21
CA ALA A 53 -17.71 -8.04 28.42
C ALA A 53 -17.04 -6.80 27.83
N GLU A 54 -16.94 -5.74 28.64
CA GLU A 54 -16.25 -4.53 28.24
C GLU A 54 -14.76 -4.75 28.36
N HIS A 55 -14.00 -3.98 27.57
CA HIS A 55 -12.54 -3.88 27.79
C HIS A 55 -12.32 -3.03 29.02
N LEU A 56 -12.18 -3.70 30.16
CA LEU A 56 -12.18 -3.03 31.46
C LEU A 56 -11.43 -3.92 32.45
N GLY A 57 -10.39 -3.39 33.08
CA GLY A 57 -9.66 -4.12 34.10
C GLY A 57 -9.13 -5.44 33.58
N THR A 58 -9.47 -6.54 34.25
CA THR A 58 -9.06 -7.85 33.85
C THR A 58 -10.26 -8.63 33.28
N GLY A 59 -11.30 -7.93 32.81
CA GLY A 59 -12.45 -8.57 32.26
C GLY A 59 -12.20 -9.28 30.96
N ILE A 60 -11.28 -8.76 30.15
CA ILE A 60 -10.91 -9.40 28.90
C ILE A 60 -9.53 -10.04 29.05
N TYR A 61 -8.55 -9.23 29.38
CA TYR A 61 -7.17 -9.68 29.53
C TYR A 61 -7.01 -10.33 30.91
N GLY A 62 -6.82 -11.66 30.90
CA GLY A 62 -6.81 -12.43 32.13
C GLY A 62 -8.13 -13.14 32.34
N GLY A 63 -9.24 -12.42 32.23
CA GLY A 63 -10.57 -13.05 32.44
C GLY A 63 -11.00 -13.98 31.32
N VAL A 64 -10.66 -13.63 30.07
CA VAL A 64 -11.08 -14.40 28.87
C VAL A 64 -9.85 -14.78 28.03
N TRP A 65 -9.09 -13.77 27.67
CA TRP A 65 -7.97 -13.87 26.75
C TRP A 65 -6.67 -13.99 27.54
N VAL A 66 -5.91 -15.05 27.34
CA VAL A 66 -4.60 -15.16 27.97
C VAL A 66 -3.51 -15.19 26.89
N GLY A 67 -3.86 -15.45 25.65
CA GLY A 67 -2.85 -15.55 24.57
C GLY A 67 -2.40 -16.98 24.37
N GLU A 68 -2.03 -17.33 23.16
CA GLU A 68 -1.76 -18.74 22.78
C GLU A 68 -0.54 -19.27 23.53
N GLU A 69 0.41 -18.40 23.87
CA GLU A 69 1.66 -18.80 24.53
C GLU A 69 1.54 -18.71 26.06
N SER A 70 0.36 -18.42 26.61
CA SER A 70 0.19 -18.41 28.07
C SER A 70 0.37 -19.84 28.62
N PRO A 71 0.95 -19.98 29.80
CA PRO A 71 0.93 -21.27 30.51
C PRO A 71 -0.44 -21.59 31.11
N ILE A 72 -1.36 -20.61 31.16
CA ILE A 72 -2.73 -20.92 31.55
C ILE A 72 -3.39 -21.72 30.41
N PRO A 73 -3.91 -22.92 30.73
CA PRO A 73 -4.44 -23.80 29.69
C PRO A 73 -5.49 -23.06 28.83
N ASN A 74 -5.29 -23.13 27.51
CA ASN A 74 -6.10 -22.28 26.65
C ASN A 74 -6.31 -22.94 25.29
N THR A 75 -7.37 -22.50 24.63
CA THR A 75 -7.72 -22.92 23.30
C THR A 75 -7.66 -21.69 22.39
N HIS A 76 -6.63 -21.63 21.53
CA HIS A 76 -6.42 -20.47 20.62
C HIS A 76 -6.38 -19.16 21.42
N GLY A 77 -5.88 -19.20 22.66
CA GLY A 77 -5.70 -18.00 23.48
C GLY A 77 -6.83 -17.74 24.46
N TYR A 78 -7.94 -18.47 24.36
CA TYR A 78 -9.04 -18.35 25.32
C TYR A 78 -8.84 -19.36 26.46
N ARG A 79 -8.84 -18.88 27.70
CA ARG A 79 -8.59 -19.80 28.82
C ARG A 79 -9.74 -20.83 28.90
N ASN A 80 -9.32 -22.08 29.05
CA ASN A 80 -10.24 -23.24 28.94
C ASN A 80 -11.31 -23.25 30.05
N ASP A 81 -10.90 -22.91 31.27
CA ASP A 81 -11.76 -22.99 32.45
C ASP A 81 -12.98 -22.08 32.25
N VAL A 82 -12.75 -20.86 31.75
CA VAL A 82 -13.82 -19.89 31.56
C VAL A 82 -14.74 -20.35 30.42
N VAL A 83 -14.15 -20.85 29.33
CA VAL A 83 -14.93 -21.35 28.22
C VAL A 83 -15.91 -22.43 28.71
N ALA A 84 -15.41 -23.39 29.49
CA ALA A 84 -16.24 -24.49 29.92
C ALA A 84 -17.37 -23.97 30.84
N ALA A 85 -17.03 -23.04 31.73
CA ALA A 85 -18.01 -22.54 32.68
C ALA A 85 -19.12 -21.75 31.96
N LEU A 86 -18.76 -20.97 30.97
CA LEU A 86 -19.77 -20.17 30.27
C LEU A 86 -20.63 -21.08 29.37
N LYS A 87 -20.02 -22.08 28.75
CA LYS A 87 -20.82 -23.04 27.97
C LYS A 87 -21.85 -23.73 28.89
N ALA A 88 -21.47 -24.03 30.12
CA ALA A 88 -22.35 -24.80 31.00
C ALA A 88 -23.60 -23.98 31.39
N ILE A 89 -23.58 -22.66 31.30
CA ILE A 89 -24.82 -21.88 31.60
C ILE A 89 -25.50 -21.41 30.30
N ALA A 90 -25.02 -21.88 29.14
CA ALA A 90 -25.63 -21.59 27.82
C ALA A 90 -25.81 -20.07 27.63
N VAL A 91 -24.72 -19.34 27.70
CA VAL A 91 -24.74 -17.91 27.45
C VAL A 91 -25.44 -17.65 26.11
N PRO A 92 -26.46 -16.77 26.09
CA PRO A 92 -27.22 -16.55 24.84
C PRO A 92 -26.61 -15.49 23.91
N ASN A 93 -26.01 -14.46 24.50
CA ASN A 93 -25.29 -13.41 23.74
C ASN A 93 -24.30 -12.74 24.69
N ILE A 94 -23.25 -12.16 24.10
CA ILE A 94 -22.32 -11.31 24.81
C ILE A 94 -22.24 -9.97 24.08
N ARG A 95 -22.42 -8.89 24.84
CA ARG A 95 -22.21 -7.54 24.33
C ARG A 95 -20.75 -7.13 24.51
N TRP A 96 -20.15 -6.62 23.45
CA TRP A 96 -18.74 -6.27 23.39
C TRP A 96 -18.54 -5.18 22.34
N PRO A 97 -17.60 -4.23 22.51
CA PRO A 97 -16.61 -4.13 23.58
C PRO A 97 -16.92 -3.09 24.67
N GLY A 98 -18.16 -2.64 24.77
CA GLY A 98 -18.55 -1.75 25.83
C GLY A 98 -20.04 -1.45 25.75
N GLY A 99 -20.58 -0.56 26.60
CA GLY A 99 -19.82 0.15 27.61
C GLY A 99 -19.19 1.42 27.09
N CYS A 100 -18.71 2.25 28.02
CA CYS A 100 -17.98 3.48 27.71
C CYS A 100 -16.82 3.24 26.72
N PHE A 101 -16.11 2.14 26.87
CA PHE A 101 -15.00 1.83 25.95
C PHE A 101 -15.45 1.83 24.48
N ALA A 102 -16.69 1.41 24.20
CA ALA A 102 -17.13 1.25 22.82
C ALA A 102 -17.28 2.60 22.11
N ASP A 103 -17.57 3.66 22.88
CA ASP A 103 -17.79 4.98 22.30
C ASP A 103 -16.46 5.65 21.91
N GLU A 104 -15.32 5.07 22.24
CA GLU A 104 -14.03 5.56 21.83
C GLU A 104 -13.24 4.49 21.04
N TYR A 105 -13.81 3.35 20.77
CA TYR A 105 -13.08 2.25 20.10
C TYR A 105 -13.09 2.43 18.59
N HIS A 106 -11.95 2.14 17.96
CA HIS A 106 -11.79 2.15 16.51
C HIS A 106 -11.50 0.73 16.08
N TRP A 107 -12.46 0.09 15.42
CA TRP A 107 -12.38 -1.35 15.14
C TRP A 107 -11.11 -1.72 14.37
N ARG A 108 -10.59 -0.83 13.52
CA ARG A 108 -9.41 -1.19 12.72
C ARG A 108 -8.19 -1.37 13.62
N ASP A 109 -8.21 -0.79 14.81
CA ASP A 109 -7.12 -0.95 15.78
C ASP A 109 -7.01 -2.42 16.23
N GLY A 110 -8.08 -3.19 16.09
CA GLY A 110 -8.13 -4.52 16.61
C GLY A 110 -8.12 -5.63 15.57
N VAL A 111 -7.73 -5.33 14.33
CA VAL A 111 -7.60 -6.37 13.30
C VAL A 111 -6.20 -6.31 12.70
N GLY A 112 -5.85 -7.41 12.08
CA GLY A 112 -4.59 -7.51 11.37
C GLY A 112 -3.56 -8.17 12.24
N THR A 113 -2.35 -8.31 11.68
CA THR A 113 -1.26 -8.93 12.40
C THR A 113 -1.16 -8.30 13.81
N PRO A 114 -1.10 -9.13 14.88
CA PRO A 114 -1.16 -8.54 16.26
C PRO A 114 -0.07 -7.52 16.53
N ALA A 115 1.18 -7.77 16.04
CA ALA A 115 2.27 -6.85 16.32
C ALA A 115 2.04 -5.48 15.67
N LYS A 116 1.18 -5.38 14.67
CA LYS A 116 0.98 -4.13 14.01
C LYS A 116 -0.25 -3.40 14.57
N ARG A 117 -1.00 -4.00 15.49
CA ARG A 117 -2.13 -3.30 16.07
C ARG A 117 -1.60 -2.24 17.06
N PRO A 118 -2.21 -1.04 17.05
CA PRO A 118 -1.73 0.01 17.91
C PRO A 118 -2.11 -0.25 19.38
N ILE A 119 -1.24 0.17 20.27
CA ILE A 119 -1.54 0.21 21.69
C ILE A 119 -2.28 1.52 21.94
N ARG A 120 -3.45 1.41 22.54
CA ARG A 120 -4.28 2.57 22.85
C ARG A 120 -4.33 2.71 24.36
N VAL A 121 -5.04 3.74 24.81
CA VAL A 121 -5.16 4.03 26.23
C VAL A 121 -6.61 3.76 26.60
N ASN A 122 -6.82 2.98 27.66
CA ASN A 122 -8.15 2.78 28.18
C ASN A 122 -8.47 3.96 29.11
N THR A 123 -9.03 5.03 28.55
CA THR A 123 -9.12 6.30 29.26
C THR A 123 -10.08 6.20 30.46
N HIS A 124 -11.23 5.51 30.31
CA HIS A 124 -12.21 5.51 31.41
C HIS A 124 -11.71 4.63 32.60
N TRP A 125 -10.96 3.57 32.31
CA TRP A 125 -10.81 2.49 33.25
C TRP A 125 -9.34 2.34 33.64
N GLY A 126 -8.81 3.36 34.31
CA GLY A 126 -7.49 3.37 34.88
C GLY A 126 -6.45 4.10 34.03
N GLY A 127 -6.79 4.50 32.82
CA GLY A 127 -5.81 5.11 31.93
C GLY A 127 -4.67 4.16 31.56
N VAL A 128 -4.92 2.85 31.59
CA VAL A 128 -3.90 1.84 31.30
C VAL A 128 -3.86 1.54 29.79
N GLU A 129 -2.81 0.87 29.37
CA GLU A 129 -2.61 0.48 27.99
C GLU A 129 -3.60 -0.62 27.58
N GLU A 130 -4.14 -0.49 26.37
CA GLU A 130 -4.94 -1.49 25.71
C GLU A 130 -4.15 -2.02 24.49
N SER A 131 -3.74 -3.28 24.53
CA SER A 131 -2.87 -3.89 23.49
C SER A 131 -3.63 -4.14 22.18
N ASN A 132 -4.94 -4.20 22.25
CA ASN A 132 -5.79 -4.57 21.12
C ASN A 132 -5.49 -6.01 20.62
N ARG A 133 -4.91 -6.87 21.47
CA ARG A 133 -4.66 -8.22 21.06
C ARG A 133 -5.98 -8.99 20.96
N PHE A 134 -6.96 -8.60 21.77
CA PHE A 134 -8.29 -9.13 21.67
C PHE A 134 -9.12 -8.14 20.86
N GLY A 135 -9.36 -8.47 19.59
CA GLY A 135 -10.06 -7.62 18.67
C GLY A 135 -11.21 -8.35 17.99
N THR A 136 -11.63 -7.86 16.83
CA THR A 136 -12.82 -8.42 16.15
C THR A 136 -12.72 -9.95 15.98
N HIS A 137 -11.63 -10.45 15.44
CA HIS A 137 -11.57 -11.87 15.16
C HIS A 137 -11.58 -12.66 16.46
N GLU A 138 -10.87 -12.16 17.48
CA GLU A 138 -10.75 -12.93 18.70
C GLU A 138 -12.11 -12.98 19.39
N PHE A 139 -12.83 -11.83 19.43
CA PHE A 139 -14.15 -11.85 20.04
C PHE A 139 -15.12 -12.72 19.22
N MET A 140 -15.16 -12.52 17.91
CA MET A 140 -16.19 -13.21 17.14
C MET A 140 -15.94 -14.73 17.15
N ASP A 141 -14.69 -15.15 17.06
CA ASP A 141 -14.39 -16.58 17.11
C ASP A 141 -14.66 -17.12 18.52
N PHE A 142 -14.52 -16.31 19.53
CA PHE A 142 -14.90 -16.71 20.91
C PHE A 142 -16.42 -16.97 20.98
N THR A 143 -17.21 -16.11 20.37
CA THR A 143 -18.67 -16.34 20.38
C THR A 143 -18.98 -17.68 19.70
N GLU A 144 -18.30 -18.01 18.61
CA GLU A 144 -18.57 -19.29 17.94
C GLU A 144 -18.12 -20.46 18.81
N LEU A 145 -17.00 -20.32 19.52
CA LEU A 145 -16.54 -21.40 20.39
C LEU A 145 -17.58 -21.67 21.49
N LEU A 146 -18.21 -20.62 22.02
CA LEU A 146 -19.23 -20.78 23.06
C LEU A 146 -20.56 -21.22 22.46
N GLY A 147 -20.79 -21.05 21.16
CA GLY A 147 -22.11 -21.24 20.57
C GLY A 147 -23.06 -20.11 20.95
N THR A 148 -22.55 -18.91 21.18
CA THR A 148 -23.37 -17.74 21.62
C THR A 148 -23.48 -16.71 20.48
N GLN A 149 -24.39 -15.76 20.66
CA GLN A 149 -24.59 -14.69 19.68
C GLN A 149 -23.73 -13.48 20.04
N ALA A 150 -23.25 -12.77 19.02
CA ALA A 150 -22.50 -11.53 19.20
C ALA A 150 -23.48 -10.36 19.25
N TYR A 151 -23.35 -9.51 20.26
CA TYR A 151 -24.00 -8.24 20.35
C TYR A 151 -22.90 -7.17 20.28
N ILE A 152 -22.71 -6.57 19.12
CA ILE A 152 -21.58 -5.67 18.89
C ILE A 152 -22.01 -4.25 19.26
N ALA A 153 -21.18 -3.55 20.02
CA ALA A 153 -21.42 -2.15 20.42
C ALA A 153 -20.59 -1.24 19.52
N GLY A 154 -21.27 -0.48 18.67
CA GLY A 154 -20.60 0.40 17.71
C GLY A 154 -20.34 1.81 18.24
N ASN A 155 -19.32 2.45 17.66
CA ASN A 155 -18.85 3.77 18.05
C ASN A 155 -19.62 4.84 17.27
N VAL A 156 -20.45 5.59 18.01
CA VAL A 156 -21.13 6.74 17.52
C VAL A 156 -20.51 8.03 18.05
N GLY A 157 -20.01 8.02 19.26
CA GLY A 157 -19.55 9.26 19.91
C GLY A 157 -18.37 9.93 19.24
N ASP A 158 -17.29 9.20 19.02
CA ASP A 158 -16.07 9.87 18.54
C ASP A 158 -15.67 9.48 17.11
N ALA A 159 -16.47 8.68 16.44
CA ALA A 159 -16.20 8.28 15.05
C ALA A 159 -17.24 8.88 14.11
N ALA A 160 -16.89 9.00 12.84
CA ALA A 160 -17.87 9.26 11.76
C ALA A 160 -18.65 7.97 11.45
N PRO A 161 -19.82 8.09 10.81
CA PRO A 161 -20.65 6.90 10.62
C PRO A 161 -19.99 5.82 9.74
N GLU A 162 -19.04 6.23 8.93
CA GLU A 162 -18.41 5.30 8.00
C GLU A 162 -17.71 4.18 8.79
N GLU A 163 -17.27 4.43 10.04
CA GLU A 163 -16.56 3.38 10.75
C GLU A 163 -17.49 2.19 11.05
N ILE A 164 -18.65 2.40 11.66
CA ILE A 164 -19.51 1.27 11.93
C ILE A 164 -20.04 0.65 10.62
N ALA A 165 -20.23 1.44 9.56
CA ALA A 165 -20.66 0.91 8.30
C ALA A 165 -19.63 -0.10 7.76
N GLN A 166 -18.38 0.30 7.82
CA GLN A 166 -17.29 -0.58 7.31
C GLN A 166 -17.13 -1.80 8.23
N TRP A 167 -17.31 -1.60 9.52
CA TRP A 167 -17.14 -2.72 10.45
C TRP A 167 -18.17 -3.82 10.18
N ALA A 168 -19.42 -3.41 9.99
CA ALA A 168 -20.48 -4.35 9.68
C ALA A 168 -20.17 -5.11 8.38
N GLU A 169 -19.68 -4.40 7.36
CA GLU A 169 -19.34 -5.06 6.10
C GLU A 169 -18.19 -6.06 6.31
N TYR A 170 -17.14 -5.61 7.02
CA TYR A 170 -15.99 -6.46 7.29
C TYR A 170 -16.46 -7.79 7.89
N MET A 171 -17.35 -7.71 8.87
CA MET A 171 -17.73 -8.90 9.63
C MET A 171 -18.73 -9.78 8.87
N THR A 172 -19.62 -9.19 8.04
CA THR A 172 -20.81 -9.95 7.53
C THR A 172 -20.84 -10.10 6.00
N ALA A 173 -20.02 -9.41 5.24
CA ALA A 173 -20.13 -9.44 3.77
C ALA A 173 -19.71 -10.81 3.22
N PRO A 174 -20.59 -11.43 2.40
CA PRO A 174 -20.24 -12.67 1.72
C PRO A 174 -19.57 -12.46 0.36
N THR A 175 -19.54 -11.24 -0.14
CA THR A 175 -18.99 -10.94 -1.49
C THR A 175 -17.45 -10.89 -1.42
N ARG A 176 -16.84 -10.53 -2.51
CA ARG A 176 -15.38 -10.38 -2.61
C ARG A 176 -15.00 -8.90 -2.62
N SER A 177 -15.71 -8.08 -1.82
CA SER A 177 -15.30 -6.74 -1.57
C SER A 177 -13.95 -6.70 -0.83
N SER A 178 -13.28 -5.57 -0.89
CA SER A 178 -12.00 -5.39 -0.26
C SER A 178 -12.09 -5.63 1.25
N LEU A 179 -13.15 -5.14 1.91
CA LEU A 179 -13.26 -5.34 3.35
C LEU A 179 -13.51 -6.83 3.65
N ALA A 180 -14.35 -7.50 2.88
CA ALA A 180 -14.56 -8.93 3.08
C ALA A 180 -13.24 -9.68 2.85
N ASN A 181 -12.48 -9.31 1.84
CA ASN A 181 -11.24 -9.99 1.54
C ASN A 181 -10.18 -9.73 2.63
N GLU A 182 -10.27 -8.59 3.31
CA GLU A 182 -9.40 -8.28 4.40
C GLU A 182 -9.72 -9.20 5.60
N ARG A 183 -11.01 -9.41 5.90
CA ARG A 183 -11.41 -10.42 6.86
C ARG A 183 -10.82 -11.80 6.49
N ARG A 184 -10.94 -12.18 5.24
CA ARG A 184 -10.40 -13.46 4.78
C ARG A 184 -8.87 -13.50 4.97
N ALA A 185 -8.17 -12.43 4.63
CA ALA A 185 -6.71 -12.34 4.77
C ALA A 185 -6.32 -12.55 6.25
N ASN A 186 -7.18 -12.05 7.16
CA ASN A 186 -6.93 -12.11 8.58
C ASN A 186 -7.41 -13.45 9.16
N GLY A 187 -7.85 -14.40 8.33
CA GLY A 187 -8.05 -15.78 8.73
C GLY A 187 -9.49 -16.21 8.84
N ARG A 188 -10.48 -15.40 8.46
CA ARG A 188 -11.89 -15.79 8.54
C ARG A 188 -12.53 -15.72 7.15
N ASP A 189 -12.72 -16.87 6.54
CA ASP A 189 -13.22 -16.93 5.18
C ASP A 189 -14.70 -16.55 5.13
N ALA A 190 -15.52 -17.27 5.90
CA ALA A 190 -16.98 -17.03 5.87
C ALA A 190 -17.30 -15.81 6.73
N PRO A 191 -18.39 -15.13 6.40
CA PRO A 191 -18.90 -14.11 7.31
C PRO A 191 -19.20 -14.70 8.71
N TRP A 192 -19.16 -13.86 9.72
CA TRP A 192 -19.75 -14.18 11.00
C TRP A 192 -21.20 -13.68 11.01
N GLN A 193 -21.97 -14.17 11.96
CA GLN A 193 -23.29 -13.66 12.25
C GLN A 193 -23.17 -12.53 13.27
N VAL A 194 -23.81 -11.40 12.95
CA VAL A 194 -23.89 -10.25 13.83
C VAL A 194 -25.37 -9.91 14.04
N PRO A 195 -26.00 -10.60 14.97
CA PRO A 195 -27.45 -10.47 15.07
C PRO A 195 -27.92 -9.18 15.77
N TYR A 196 -27.10 -8.59 16.62
CA TYR A 196 -27.44 -7.38 17.36
C TYR A 196 -26.29 -6.39 17.24
N PHE A 197 -26.65 -5.14 17.00
CA PHE A 197 -25.65 -4.08 16.81
C PHE A 197 -26.15 -2.83 17.55
N GLY A 198 -25.41 -2.44 18.57
CA GLY A 198 -25.72 -1.23 19.38
C GLY A 198 -25.21 0.03 18.69
N VAL A 199 -26.09 0.97 18.48
CA VAL A 199 -25.75 2.21 17.79
C VAL A 199 -25.55 3.32 18.82
N GLY A 200 -24.41 3.21 19.50
CA GLY A 200 -24.03 4.15 20.59
C GLY A 200 -24.36 3.60 21.94
N ASN A 201 -23.55 3.97 22.93
CA ASN A 201 -23.65 3.47 24.32
C ASN A 201 -23.63 4.67 25.28
N GLU A 202 -24.58 4.81 26.15
CA GLU A 202 -24.52 5.85 27.21
C GLU A 202 -24.28 7.24 26.56
N LEU A 203 -25.07 7.60 25.55
CA LEU A 203 -24.83 8.87 24.82
C LEU A 203 -25.11 10.08 25.71
N TRP A 204 -25.91 9.91 26.77
CA TRP A 204 -26.19 10.98 27.74
C TRP A 204 -24.95 11.23 28.62
N GLY A 205 -23.96 10.36 28.58
CA GLY A 205 -22.79 10.45 29.48
C GLY A 205 -21.49 10.26 28.71
N CYS A 206 -20.81 9.13 28.93
CA CYS A 206 -19.46 8.89 28.39
C CYS A 206 -19.47 8.82 26.85
N GLY A 207 -20.61 8.61 26.21
CA GLY A 207 -20.71 8.58 24.75
C GLY A 207 -20.85 9.93 24.09
N GLY A 208 -20.84 11.04 24.85
CA GLY A 208 -20.86 12.37 24.23
C GLY A 208 -21.73 13.39 24.93
N ASN A 209 -22.22 13.11 26.14
CA ASN A 209 -22.93 14.11 26.97
C ASN A 209 -24.07 14.76 26.16
N MET A 210 -24.82 13.94 25.44
CA MET A 210 -25.82 14.41 24.49
C MET A 210 -27.18 14.62 25.18
N ARG A 211 -27.84 15.71 24.86
CA ARG A 211 -29.29 15.82 25.07
C ARG A 211 -29.99 14.79 24.18
N VAL A 212 -31.13 14.28 24.64
CA VAL A 212 -31.82 13.25 23.85
C VAL A 212 -32.22 13.80 22.48
N GLU A 213 -32.58 15.06 22.38
CA GLU A 213 -33.01 15.63 21.08
C GLU A 213 -31.86 15.48 20.05
N TYR A 214 -30.63 15.64 20.50
CA TYR A 214 -29.45 15.52 19.64
C TYR A 214 -29.13 14.05 19.39
N ALA A 215 -29.18 13.24 20.44
CA ALA A 215 -28.92 11.82 20.32
C ALA A 215 -29.88 11.16 19.34
N ALA A 216 -31.14 11.60 19.31
CA ALA A 216 -32.11 10.97 18.40
C ALA A 216 -31.71 11.26 16.95
N ASP A 217 -31.25 12.48 16.67
CA ASP A 217 -30.77 12.86 15.32
C ASP A 217 -29.54 12.05 14.96
N VAL A 218 -28.60 11.94 15.91
CA VAL A 218 -27.38 11.20 15.67
C VAL A 218 -27.69 9.70 15.44
N PHE A 219 -28.54 9.12 16.26
CA PHE A 219 -28.95 7.73 16.10
C PHE A 219 -29.57 7.52 14.71
N ARG A 220 -30.54 8.34 14.36
CA ARG A 220 -31.20 8.20 13.05
C ARG A 220 -30.17 8.19 11.90
N ARG A 221 -29.18 9.08 11.97
CA ARG A 221 -28.15 9.19 10.96
C ARG A 221 -27.25 7.96 10.98
N TYR A 222 -26.67 7.62 12.13
CA TYR A 222 -25.67 6.57 12.15
C TYR A 222 -26.29 5.19 11.84
N GLN A 223 -27.52 4.96 12.26
CA GLN A 223 -28.15 3.65 12.02
C GLN A 223 -28.36 3.45 10.52
N THR A 224 -28.54 4.55 9.78
CA THR A 224 -28.80 4.49 8.34
C THR A 224 -27.69 3.65 7.65
N PHE A 225 -26.46 3.79 8.10
CA PHE A 225 -25.34 3.28 7.38
C PHE A 225 -24.90 1.90 7.89
N VAL A 226 -25.60 1.36 8.86
CA VAL A 226 -25.42 -0.04 9.23
C VAL A 226 -26.49 -0.86 8.49
N LYS A 227 -26.07 -1.50 7.45
CA LYS A 227 -26.98 -2.19 6.54
C LYS A 227 -26.77 -3.71 6.64
N SER A 228 -27.86 -4.43 6.57
CA SER A 228 -27.87 -5.88 6.55
C SER A 228 -27.56 -6.36 5.14
N PRO A 229 -26.63 -7.30 4.98
CA PRO A 229 -26.58 -7.89 3.64
C PRO A 229 -27.81 -8.80 3.42
N ALA A 230 -27.97 -9.34 2.22
CA ALA A 230 -29.11 -10.21 1.89
C ALA A 230 -29.09 -11.49 2.75
N SER A 231 -27.91 -11.86 3.24
CA SER A 231 -27.64 -13.15 3.85
C SER A 231 -27.97 -13.20 5.35
N GLN A 232 -28.18 -12.08 6.03
CA GLN A 232 -28.51 -12.10 7.47
C GLN A 232 -29.09 -10.73 7.87
N LYS A 233 -29.84 -10.75 8.93
CA LYS A 233 -30.45 -9.52 9.47
C LYS A 233 -29.67 -9.05 10.72
N ILE A 234 -29.21 -7.81 10.67
CA ILE A 234 -28.55 -7.13 11.80
C ILE A 234 -29.60 -6.25 12.50
N LEU A 235 -29.98 -6.61 13.72
CA LEU A 235 -30.94 -5.82 14.48
C LEU A 235 -30.22 -4.64 15.13
N LYS A 236 -30.88 -3.50 15.17
CA LYS A 236 -30.24 -2.27 15.67
C LYS A 236 -30.85 -1.86 17.00
N ILE A 237 -30.00 -1.67 17.98
CA ILE A 237 -30.39 -1.25 19.31
C ILE A 237 -30.04 0.23 19.49
N ALA A 238 -31.05 1.05 19.73
CA ALA A 238 -30.89 2.47 19.98
C ALA A 238 -30.48 2.75 21.43
N PRO A 239 -29.73 3.81 21.63
CA PRO A 239 -29.23 4.26 22.94
C PRO A 239 -30.38 4.87 23.75
N GLY A 240 -30.71 4.22 24.85
CA GLY A 240 -31.88 4.58 25.64
C GLY A 240 -31.49 5.18 27.00
N PRO A 241 -32.45 5.24 27.93
CA PRO A 241 -32.33 5.97 29.16
C PRO A 241 -31.43 5.29 30.22
N SER A 242 -30.90 6.12 31.08
CA SER A 242 -30.39 5.71 32.37
C SER A 242 -31.49 5.87 33.43
N ASP A 243 -31.69 4.88 34.31
CA ASP A 243 -32.51 5.06 35.48
C ASP A 243 -33.90 5.54 35.07
N ASP A 244 -34.40 6.58 35.70
CA ASP A 244 -35.77 7.04 35.51
C ASP A 244 -35.80 8.25 34.55
N ASP A 245 -34.97 8.26 33.52
CA ASP A 245 -34.95 9.36 32.54
C ASP A 245 -36.05 9.12 31.51
N TYR A 246 -37.28 9.44 31.90
CA TYR A 246 -38.45 9.18 31.09
C TYR A 246 -38.46 10.10 29.86
N HIS A 247 -37.93 11.31 30.01
CA HIS A 247 -37.87 12.22 28.88
C HIS A 247 -37.02 11.60 27.75
N TRP A 248 -35.96 10.91 28.09
CA TRP A 248 -35.12 10.29 27.09
C TRP A 248 -35.92 9.25 26.29
N THR A 249 -36.63 8.37 26.99
CA THR A 249 -37.45 7.36 26.30
C THR A 249 -38.51 8.03 25.41
N GLU A 250 -39.19 9.03 25.93
CA GLU A 250 -40.23 9.73 25.21
C GLU A 250 -39.67 10.26 23.87
N VAL A 251 -38.53 10.96 23.91
CA VAL A 251 -38.03 11.58 22.69
C VAL A 251 -37.47 10.51 21.76
N MET A 252 -36.70 9.56 22.26
CA MET A 252 -36.12 8.57 21.36
C MET A 252 -37.25 7.82 20.64
N MET A 253 -38.31 7.45 21.37
CA MET A 253 -39.40 6.70 20.74
C MET A 253 -40.18 7.61 19.77
N ARG A 254 -40.52 8.83 20.22
CA ARG A 254 -41.27 9.76 19.39
C ARG A 254 -40.50 9.99 18.07
N GLU A 255 -39.19 10.18 18.16
CA GLU A 255 -38.41 10.64 17.03
C GLU A 255 -37.87 9.48 16.20
N ALA A 256 -37.68 8.30 16.76
CA ALA A 256 -36.86 7.29 16.07
C ALA A 256 -37.41 5.86 16.18
N SER A 257 -38.59 5.63 16.75
CA SER A 257 -39.05 4.25 16.97
C SER A 257 -39.07 3.41 15.68
N LYS A 258 -39.31 4.03 14.53
CA LYS A 258 -39.37 3.26 13.26
C LYS A 258 -37.99 2.78 12.82
N PHE A 259 -36.91 3.28 13.42
CA PHE A 259 -35.57 2.92 12.95
C PHE A 259 -34.82 2.00 13.93
N MET A 260 -35.50 1.48 14.95
CA MET A 260 -34.82 0.65 15.93
C MET A 260 -35.55 -0.68 16.08
N ASP A 261 -34.78 -1.70 16.42
CA ASP A 261 -35.33 -3.04 16.79
C ASP A 261 -35.39 -3.18 18.31
N GLY A 262 -34.62 -2.35 19.00
CA GLY A 262 -34.57 -2.35 20.46
C GLY A 262 -34.15 -1.00 20.98
N LEU A 263 -34.48 -0.71 22.23
CA LEU A 263 -34.09 0.50 22.93
C LEU A 263 -33.41 0.08 24.24
N SER A 264 -32.18 0.50 24.48
CA SER A 264 -31.47 0.05 25.68
C SER A 264 -31.87 0.89 26.89
N MET A 265 -31.94 0.29 28.04
CA MET A 265 -32.05 1.00 29.30
C MET A 265 -30.99 0.43 30.27
N HIS A 266 -30.56 1.26 31.19
CA HIS A 266 -29.48 0.93 32.13
C HIS A 266 -29.98 1.25 33.54
N TYR A 267 -29.80 0.29 34.48
CA TYR A 267 -30.05 0.58 35.89
C TYR A 267 -29.17 -0.31 36.77
N TYR A 268 -28.26 0.33 37.49
CA TYR A 268 -27.41 -0.32 38.46
C TYR A 268 -28.02 -0.23 39.85
N THR A 269 -27.77 -1.29 40.61
CA THR A 269 -28.15 -1.36 41.99
C THR A 269 -26.97 -0.88 42.82
N ILE A 270 -27.09 0.32 43.39
CA ILE A 270 -25.95 0.96 44.03
C ILE A 270 -26.36 1.33 45.45
N PRO A 271 -26.16 0.43 46.40
CA PRO A 271 -26.46 0.79 47.78
C PRO A 271 -25.63 2.00 48.23
N GLY A 272 -26.31 2.95 48.88
CA GLY A 272 -25.70 4.20 49.33
C GLY A 272 -25.66 5.26 48.23
N GLY A 273 -26.07 4.94 46.99
CA GLY A 273 -26.05 5.92 45.92
C GLY A 273 -24.67 6.15 45.32
N TRP A 274 -24.66 6.93 44.27
CA TRP A 274 -23.46 7.31 43.55
C TRP A 274 -22.70 8.35 44.36
N PRO A 275 -21.37 8.32 44.43
CA PRO A 275 -20.50 7.27 43.86
C PRO A 275 -20.48 5.99 44.73
N PRO A 276 -20.17 4.84 44.11
CA PRO A 276 -20.32 3.54 44.80
C PRO A 276 -19.33 3.38 45.96
N ARG A 277 -19.82 3.31 47.18
CA ARG A 277 -18.93 3.22 48.34
C ARG A 277 -19.29 2.04 49.25
N ALA A 278 -20.29 1.25 48.94
CA ALA A 278 -20.72 0.17 49.84
C ALA A 278 -19.79 -1.04 49.73
N SER A 279 -19.51 -1.70 50.85
CA SER A 279 -18.64 -2.91 50.82
C SER A 279 -19.34 -4.05 50.10
N SER A 280 -18.60 -4.77 49.25
CA SER A 280 -19.05 -5.99 48.60
C SER A 280 -18.85 -7.23 49.50
N THR A 281 -18.09 -7.11 50.58
CA THR A 281 -17.69 -8.27 51.41
C THR A 281 -18.30 -8.25 52.80
N THR A 282 -18.59 -7.07 53.36
CA THR A 282 -18.85 -6.92 54.78
C THR A 282 -20.04 -5.98 54.95
N PHE A 283 -21.14 -6.46 55.49
CA PHE A 283 -22.32 -5.64 55.58
C PHE A 283 -23.27 -6.20 56.62
N ASP A 284 -24.12 -5.33 57.12
CA ASP A 284 -25.10 -5.68 58.12
C ASP A 284 -26.49 -5.78 57.45
N GLU A 285 -27.51 -6.02 58.26
CA GLU A 285 -28.83 -6.28 57.71
C GLU A 285 -29.38 -5.02 57.03
N ALA A 286 -29.07 -3.83 57.57
CA ALA A 286 -29.51 -2.55 56.94
C ALA A 286 -29.01 -2.46 55.49
N ALA A 287 -27.73 -2.81 55.26
CA ALA A 287 -27.15 -2.75 53.93
C ALA A 287 -27.75 -3.84 53.02
N TRP A 288 -28.07 -4.99 53.60
CA TRP A 288 -28.74 -6.10 52.90
C TRP A 288 -30.08 -5.63 52.33
N ILE A 289 -30.94 -5.15 53.23
CA ILE A 289 -32.30 -4.80 52.78
C ILE A 289 -32.24 -3.58 51.85
N GLN A 290 -31.33 -2.64 52.10
CA GLN A 290 -31.21 -1.47 51.23
C GLN A 290 -30.84 -1.91 49.80
N THR A 291 -29.94 -2.87 49.66
CA THR A 291 -29.54 -3.35 48.36
C THR A 291 -30.73 -3.99 47.62
N LEU A 292 -31.49 -4.84 48.33
CA LEU A 292 -32.59 -5.51 47.70
C LEU A 292 -33.71 -4.50 47.35
N SER A 293 -33.95 -3.53 48.23
CA SER A 293 -34.93 -2.48 47.97
C SER A 293 -34.54 -1.73 46.68
N ARG A 294 -33.28 -1.34 46.59
CA ARG A 294 -32.82 -0.64 45.41
C ARG A 294 -32.94 -1.51 44.15
N THR A 295 -32.67 -2.81 44.24
CA THR A 295 -32.69 -3.62 43.01
C THR A 295 -34.13 -3.75 42.50
N LEU A 296 -35.10 -3.77 43.43
CA LEU A 296 -36.49 -3.97 43.07
C LEU A 296 -37.09 -2.79 42.29
N VAL A 297 -36.41 -1.66 42.33
CA VAL A 297 -36.85 -0.48 41.60
C VAL A 297 -36.89 -0.78 40.08
N MET A 298 -36.10 -1.76 39.63
CA MET A 298 -36.15 -2.22 38.22
C MET A 298 -37.60 -2.43 37.74
N ASP A 299 -38.48 -2.97 38.60
CA ASP A 299 -39.83 -3.23 38.16
C ASP A 299 -40.58 -1.93 37.80
N GLU A 300 -40.47 -0.91 38.66
CA GLU A 300 -41.09 0.39 38.41
C GLU A 300 -40.52 1.02 37.12
N LEU A 301 -39.19 0.99 36.96
CA LEU A 301 -38.55 1.56 35.77
C LEU A 301 -39.06 0.86 34.51
N ILE A 302 -39.06 -0.46 34.48
CA ILE A 302 -39.54 -1.17 33.30
C ILE A 302 -41.00 -0.80 33.01
N THR A 303 -41.82 -0.76 34.07
CA THR A 303 -43.23 -0.46 33.92
C THR A 303 -43.39 0.88 33.22
N LYS A 304 -42.74 1.89 33.76
CA LYS A 304 -42.94 3.27 33.30
C LYS A 304 -42.29 3.48 31.93
N HIS A 305 -41.08 2.99 31.71
CA HIS A 305 -40.47 3.08 30.36
C HIS A 305 -41.34 2.32 29.34
N SER A 306 -41.87 1.14 29.70
CA SER A 306 -42.74 0.37 28.76
C SER A 306 -43.98 1.19 28.40
N ALA A 307 -44.57 1.87 29.37
CA ALA A 307 -45.80 2.59 29.08
C ALA A 307 -45.52 3.72 28.09
N ILE A 308 -44.37 4.35 28.19
CA ILE A 308 -44.00 5.36 27.20
C ILE A 308 -43.80 4.71 25.82
N MET A 309 -43.11 3.58 25.78
CA MET A 309 -42.90 2.88 24.52
C MET A 309 -44.24 2.47 23.90
N ASP A 310 -45.24 2.13 24.72
CA ASP A 310 -46.54 1.71 24.23
C ASP A 310 -47.23 2.85 23.46
N LYS A 311 -46.97 4.11 23.83
CA LYS A 311 -47.63 5.24 23.19
C LYS A 311 -47.19 5.33 21.73
N TYR A 312 -45.94 5.03 21.43
CA TYR A 312 -45.40 5.20 20.08
C TYR A 312 -45.33 3.86 19.34
N ASP A 313 -45.30 2.76 20.09
CA ASP A 313 -45.09 1.43 19.55
C ASP A 313 -46.04 0.45 20.26
N PRO A 314 -47.36 0.65 20.10
CA PRO A 314 -48.35 -0.16 20.79
C PRO A 314 -48.26 -1.66 20.44
N ALA A 315 -47.73 -2.01 19.27
CA ALA A 315 -47.60 -3.43 18.91
C ALA A 315 -46.36 -4.06 19.56
N LYS A 316 -45.50 -3.28 20.24
CA LYS A 316 -44.32 -3.80 20.90
C LYS A 316 -43.32 -4.40 19.92
N LYS A 317 -43.16 -3.78 18.76
CA LYS A 317 -42.15 -4.22 17.85
C LYS A 317 -40.74 -3.92 18.38
N VAL A 318 -40.58 -2.83 19.12
CA VAL A 318 -39.28 -2.46 19.67
C VAL A 318 -39.11 -3.13 21.04
N ALA A 319 -38.09 -3.96 21.15
CA ALA A 319 -37.74 -4.56 22.45
C ALA A 319 -37.20 -3.49 23.40
N LEU A 320 -37.53 -3.63 24.67
CA LEU A 320 -36.78 -2.94 25.71
C LEU A 320 -35.64 -3.88 26.12
N VAL A 321 -34.44 -3.33 26.04
CA VAL A 321 -33.21 -4.07 26.16
C VAL A 321 -32.50 -3.57 27.43
N VAL A 322 -32.45 -4.37 28.49
CA VAL A 322 -31.86 -3.88 29.72
C VAL A 322 -30.38 -4.20 29.63
N ASP A 323 -29.57 -3.40 28.94
CA ASP A 323 -28.26 -4.03 28.61
C ASP A 323 -27.17 -3.60 29.58
N GLU A 324 -27.54 -2.94 30.68
CA GLU A 324 -26.66 -2.92 31.88
C GLU A 324 -27.55 -2.97 33.12
N TRP A 325 -27.33 -3.96 33.96
CA TRP A 325 -27.91 -4.05 35.27
C TRP A 325 -26.95 -4.82 36.20
N GLY A 326 -27.24 -4.77 37.48
CA GLY A 326 -26.44 -5.44 38.51
C GLY A 326 -25.91 -4.50 39.57
N THR A 327 -25.18 -5.05 40.52
CA THR A 327 -24.70 -4.31 41.65
C THR A 327 -23.40 -3.59 41.30
N TRP A 328 -23.22 -2.44 41.94
CA TRP A 328 -21.98 -1.68 41.87
C TRP A 328 -21.60 -1.24 43.28
N TYR A 329 -20.47 -1.79 43.75
CA TYR A 329 -19.95 -1.56 45.11
C TYR A 329 -18.66 -0.73 45.06
N ALA A 330 -18.12 -0.41 46.24
CA ALA A 330 -16.75 0.08 46.35
C ALA A 330 -15.82 -0.97 45.75
N PRO A 331 -14.73 -0.51 45.16
CA PRO A 331 -13.68 -1.46 44.73
C PRO A 331 -13.05 -2.17 45.93
N LEU A 332 -12.62 -3.42 45.76
CA LEU A 332 -11.97 -4.11 46.84
C LEU A 332 -10.69 -3.34 47.25
N PRO A 333 -10.36 -3.42 48.55
CA PRO A 333 -9.17 -2.75 49.07
C PRO A 333 -7.89 -3.18 48.33
N GLY A 334 -7.05 -2.24 47.96
CA GLY A 334 -5.78 -2.61 47.33
C GLY A 334 -5.92 -2.83 45.82
N THR A 335 -7.11 -2.68 45.25
CA THR A 335 -7.25 -2.87 43.79
C THR A 335 -7.30 -1.52 43.11
N ASN A 336 -6.99 -1.52 41.81
CA ASN A 336 -7.12 -0.29 41.01
C ASN A 336 -8.60 0.04 40.91
N PRO A 337 -9.02 1.19 41.42
CA PRO A 337 -10.44 1.53 41.40
C PRO A 337 -11.03 1.62 39.99
N GLY A 338 -10.20 1.89 38.97
CA GLY A 338 -10.68 1.91 37.61
C GLY A 338 -10.94 0.51 37.04
N PHE A 339 -10.70 -0.58 37.79
CA PHE A 339 -10.91 -1.96 37.29
C PHE A 339 -12.20 -2.60 37.80
N LEU A 340 -12.92 -1.87 38.65
CA LEU A 340 -14.25 -2.26 39.16
C LEU A 340 -14.25 -3.70 39.70
N GLN A 341 -13.29 -4.05 40.54
CA GLN A 341 -13.22 -5.38 41.10
C GLN A 341 -13.93 -5.38 42.44
N GLN A 342 -14.95 -6.23 42.56
CA GLN A 342 -15.73 -6.34 43.77
C GLN A 342 -16.03 -7.83 43.99
N GLN A 343 -16.30 -8.20 45.24
CA GLN A 343 -16.71 -9.56 45.53
C GLN A 343 -18.22 -9.69 45.23
N ASN A 344 -18.65 -10.93 45.31
CA ASN A 344 -19.94 -11.39 44.82
C ASN A 344 -20.48 -12.36 45.87
N SER A 345 -21.49 -11.90 46.64
CA SER A 345 -21.94 -12.61 47.82
C SER A 345 -23.34 -13.18 47.59
N LEU A 346 -23.85 -13.84 48.63
CA LEU A 346 -25.25 -14.30 48.61
C LEU A 346 -26.20 -13.14 48.26
N ARG A 347 -25.87 -11.94 48.73
CA ARG A 347 -26.70 -10.75 48.42
C ARG A 347 -26.83 -10.56 46.89
N ASP A 348 -25.71 -10.74 46.19
CA ASP A 348 -25.66 -10.61 44.71
C ASP A 348 -26.49 -11.70 44.05
N ALA A 349 -26.47 -12.91 44.60
CA ALA A 349 -27.34 -13.98 44.07
C ALA A 349 -28.80 -13.53 44.14
N LEU A 350 -29.24 -13.00 45.30
CA LEU A 350 -30.64 -12.57 45.40
C LEU A 350 -30.92 -11.42 44.41
N VAL A 351 -29.97 -10.50 44.23
CA VAL A 351 -30.16 -9.46 43.25
C VAL A 351 -30.47 -10.09 41.89
N ALA A 352 -29.69 -11.09 41.49
CA ALA A 352 -29.93 -11.72 40.18
C ALA A 352 -31.30 -12.41 40.14
N SER A 353 -31.69 -13.16 41.18
CA SER A 353 -32.98 -13.89 41.12
C SER A 353 -34.13 -12.89 41.05
N LEU A 354 -34.04 -11.79 41.76
CA LEU A 354 -35.14 -10.82 41.75
C LEU A 354 -35.28 -10.16 40.37
N ASN A 355 -34.16 -9.86 39.74
CA ASN A 355 -34.18 -9.27 38.42
C ASN A 355 -34.73 -10.23 37.37
N PHE A 356 -34.30 -11.49 37.41
CA PHE A 356 -34.89 -12.49 36.49
C PHE A 356 -36.41 -12.63 36.68
N ASP A 357 -36.86 -12.62 37.93
CA ASP A 357 -38.30 -12.67 38.20
C ASP A 357 -38.97 -11.48 37.50
N ILE A 358 -38.40 -10.28 37.70
CA ILE A 358 -39.01 -9.07 37.17
C ILE A 358 -39.02 -9.09 35.63
N PHE A 359 -37.89 -9.43 35.02
CA PHE A 359 -37.83 -9.45 33.55
C PHE A 359 -38.88 -10.41 33.00
N SER A 360 -39.00 -11.58 33.64
CA SER A 360 -39.92 -12.59 33.13
C SER A 360 -41.38 -12.14 33.25
N GLN A 361 -41.68 -11.22 34.18
CA GLN A 361 -43.02 -10.65 34.34
C GLN A 361 -43.31 -9.61 33.24
N HIS A 362 -42.30 -9.16 32.50
CA HIS A 362 -42.45 -8.12 31.48
C HIS A 362 -42.00 -8.67 30.14
N ALA A 363 -42.24 -9.96 29.91
CA ALA A 363 -41.56 -10.70 28.83
C ALA A 363 -42.06 -10.26 27.45
N GLU A 364 -43.24 -9.66 27.34
CA GLU A 364 -43.68 -9.22 25.99
C GLU A 364 -42.83 -8.04 25.49
N ARG A 365 -42.36 -7.20 26.40
CA ARG A 365 -41.62 -6.00 25.97
C ARG A 365 -40.12 -6.17 26.24
N VAL A 366 -39.76 -6.68 27.42
CA VAL A 366 -38.36 -6.84 27.76
C VAL A 366 -37.87 -8.18 27.20
N ARG A 367 -37.07 -8.11 26.15
CA ARG A 367 -36.73 -9.32 25.42
C ARG A 367 -35.20 -9.51 25.34
N MET A 368 -34.44 -8.63 25.95
CA MET A 368 -32.99 -8.79 26.09
C MET A 368 -32.55 -8.10 27.39
N ALA A 369 -31.53 -8.65 28.03
CA ALA A 369 -30.87 -8.03 29.17
C ALA A 369 -29.44 -8.53 29.24
N ASN A 370 -28.57 -7.71 29.78
CA ASN A 370 -27.14 -8.04 29.91
C ASN A 370 -26.65 -7.54 31.27
N ILE A 371 -26.21 -8.48 32.10
CA ILE A 371 -25.67 -8.14 33.42
C ILE A 371 -24.27 -7.56 33.25
N ALA A 372 -23.93 -6.59 34.07
CA ALA A 372 -22.61 -5.98 34.09
C ALA A 372 -21.75 -6.58 35.21
N GLN A 373 -20.63 -7.25 34.93
CA GLN A 373 -20.11 -7.66 33.63
C GLN A 373 -19.68 -9.12 33.79
N MET A 374 -19.02 -9.71 32.79
CA MET A 374 -19.01 -11.15 32.67
C MET A 374 -17.93 -11.78 33.57
N VAL A 375 -16.67 -11.31 33.49
CA VAL A 375 -15.58 -11.86 34.24
C VAL A 375 -14.81 -10.73 34.94
N ASN A 376 -14.54 -10.86 36.22
CA ASN A 376 -13.61 -9.98 36.97
C ASN A 376 -14.11 -8.54 37.15
N VAL A 377 -15.30 -8.20 36.69
CA VAL A 377 -15.73 -6.78 36.64
C VAL A 377 -17.18 -6.72 37.13
N LEU A 378 -17.43 -5.81 38.06
CA LEU A 378 -18.75 -5.58 38.63
C LEU A 378 -19.36 -6.92 39.08
N GLN A 379 -20.63 -7.22 38.74
CA GLN A 379 -21.34 -8.38 39.32
C GLN A 379 -21.04 -9.62 38.47
N ALA A 380 -19.78 -10.09 38.53
CA ALA A 380 -19.26 -11.04 37.58
C ALA A 380 -19.81 -12.46 37.75
N MET A 381 -19.76 -13.24 36.65
CA MET A 381 -20.01 -14.66 36.71
C MET A 381 -18.82 -15.39 37.34
N ILE A 382 -17.64 -14.91 37.04
CA ILE A 382 -16.40 -15.63 37.28
C ILE A 382 -15.34 -14.64 37.73
N LEU A 383 -14.50 -15.04 38.68
CA LEU A 383 -13.33 -14.28 39.08
C LEU A 383 -12.09 -15.14 38.77
N THR A 384 -11.07 -14.54 38.19
CA THR A 384 -9.82 -15.24 37.88
C THR A 384 -8.65 -14.46 38.47
N ASP A 385 -7.58 -15.19 38.72
CA ASP A 385 -6.34 -14.61 39.16
C ASP A 385 -5.20 -15.54 38.74
N GLY A 386 -4.59 -15.25 37.60
CA GLY A 386 -3.72 -16.19 36.97
C GLY A 386 -4.48 -17.47 36.67
N ASP A 387 -3.91 -18.63 36.99
CA ASP A 387 -4.58 -19.87 36.62
C ASP A 387 -5.74 -20.19 37.58
N LYS A 388 -5.98 -19.40 38.62
CA LYS A 388 -7.10 -19.65 39.54
C LYS A 388 -8.41 -19.09 38.97
N MET A 389 -9.50 -19.79 39.25
CA MET A 389 -10.82 -19.39 38.80
C MET A 389 -11.86 -19.74 39.87
N VAL A 390 -12.83 -18.87 40.09
CA VAL A 390 -13.93 -19.19 40.99
C VAL A 390 -15.26 -18.74 40.36
N LEU A 391 -16.29 -19.55 40.55
CA LEU A 391 -17.64 -19.28 40.13
C LEU A 391 -18.36 -18.51 41.25
N THR A 392 -19.04 -17.44 40.90
CA THR A 392 -19.68 -16.59 41.92
C THR A 392 -21.09 -17.09 42.24
N PRO A 393 -21.65 -16.61 43.35
CA PRO A 393 -23.04 -16.87 43.63
C PRO A 393 -23.96 -16.45 42.47
N THR A 394 -23.64 -15.37 41.79
CA THR A 394 -24.46 -14.89 40.69
C THR A 394 -24.43 -15.90 39.55
N TYR A 395 -23.30 -16.48 39.22
CA TYR A 395 -23.18 -17.55 38.23
C TYR A 395 -24.21 -18.64 38.49
N HIS A 396 -24.28 -19.06 39.76
CA HIS A 396 -25.16 -20.16 40.13
C HIS A 396 -26.62 -19.76 39.92
N VAL A 397 -26.97 -18.48 40.05
CA VAL A 397 -28.36 -18.09 39.76
C VAL A 397 -28.64 -18.17 38.25
N PHE A 398 -27.70 -17.75 37.41
CA PHE A 398 -27.83 -17.97 35.94
C PHE A 398 -28.03 -19.46 35.65
N ALA A 399 -27.25 -20.32 36.33
CA ALA A 399 -27.40 -21.77 36.16
C ALA A 399 -28.79 -22.24 36.60
N LEU A 400 -29.27 -21.80 37.76
CA LEU A 400 -30.58 -22.25 38.28
C LEU A 400 -31.70 -21.83 37.33
N TYR A 401 -31.59 -20.66 36.73
CA TYR A 401 -32.65 -20.14 35.89
C TYR A 401 -32.48 -20.57 34.42
N LYS A 402 -31.57 -21.45 34.10
CA LYS A 402 -31.43 -21.94 32.71
C LYS A 402 -32.76 -22.42 32.09
N PRO A 403 -33.63 -23.12 32.86
CA PRO A 403 -34.89 -23.54 32.28
C PRO A 403 -35.80 -22.39 31.82
N TYR A 404 -35.56 -21.15 32.28
CA TYR A 404 -36.29 -19.98 31.82
C TYR A 404 -35.93 -19.60 30.37
N GLN A 405 -34.82 -20.11 29.82
CA GLN A 405 -34.38 -19.68 28.49
C GLN A 405 -35.39 -20.13 27.43
N ASP A 406 -36.07 -19.16 26.81
CA ASP A 406 -37.09 -19.42 25.79
C ASP A 406 -38.27 -20.22 26.36
N ALA A 407 -38.50 -20.08 27.64
CA ALA A 407 -39.65 -20.73 28.29
C ALA A 407 -40.89 -19.88 28.06
N THR A 408 -42.01 -20.37 28.57
CA THR A 408 -43.28 -19.68 28.54
C THR A 408 -43.58 -19.14 29.96
N HIS A 409 -43.84 -17.86 30.06
CA HIS A 409 -44.23 -17.24 31.32
C HIS A 409 -45.53 -17.86 31.86
N LEU A 410 -45.57 -18.16 33.16
CA LEU A 410 -46.80 -18.53 33.83
C LEU A 410 -47.08 -17.53 34.96
N PRO A 411 -48.33 -17.08 35.08
CA PRO A 411 -48.69 -16.14 36.15
C PRO A 411 -48.50 -16.79 37.51
N LEU A 412 -47.75 -16.14 38.37
CA LEU A 412 -47.58 -16.55 39.78
C LEU A 412 -47.92 -15.34 40.64
N GLN A 413 -49.00 -15.39 41.39
CA GLN A 413 -49.41 -14.29 42.29
C GLN A 413 -49.08 -14.70 43.73
N LEU A 414 -48.29 -13.93 44.45
CA LEU A 414 -47.96 -14.25 45.85
C LEU A 414 -48.61 -13.20 46.75
N GLN A 415 -49.21 -13.63 47.83
CA GLN A 415 -49.67 -12.75 48.89
C GLN A 415 -48.69 -12.90 50.06
N THR A 416 -47.84 -11.91 50.20
CA THR A 416 -46.67 -11.95 51.07
C THR A 416 -46.76 -10.76 52.01
N PRO A 417 -46.38 -10.95 53.27
CA PRO A 417 -46.14 -9.80 54.13
C PRO A 417 -44.86 -9.08 53.66
N GLN A 418 -44.67 -7.87 54.19
CA GLN A 418 -43.42 -7.17 53.99
C GLN A 418 -42.38 -7.68 55.00
N TYR A 419 -41.14 -7.71 54.53
CA TYR A 419 -39.96 -7.79 55.37
C TYR A 419 -39.50 -6.36 55.65
N ARG A 420 -39.46 -5.99 56.93
CA ARG A 420 -39.12 -4.62 57.31
C ARG A 420 -37.89 -4.64 58.22
N HIS A 421 -36.97 -3.73 57.99
CA HIS A 421 -35.85 -3.52 58.86
C HIS A 421 -35.54 -2.04 58.85
N GLY A 422 -35.59 -1.42 60.02
CA GLY A 422 -35.53 0.04 60.12
C GLY A 422 -36.61 0.71 59.30
N ASP A 423 -36.26 1.67 58.48
CA ASP A 423 -37.26 2.42 57.72
C ASP A 423 -37.42 1.82 56.29
N THR A 424 -36.93 0.61 56.04
CA THR A 424 -37.01 0.01 54.70
C THR A 424 -37.91 -1.22 54.74
N GLN A 425 -38.73 -1.39 53.69
CA GLN A 425 -39.52 -2.59 53.56
C GLN A 425 -39.45 -3.09 52.11
N VAL A 426 -39.45 -4.42 52.01
CA VAL A 426 -39.51 -5.15 50.74
C VAL A 426 -40.47 -6.33 50.92
N PRO A 427 -40.93 -6.92 49.82
CA PRO A 427 -41.69 -8.17 49.96
C PRO A 427 -40.84 -9.24 50.66
N ALA A 428 -41.42 -9.99 51.60
CA ALA A 428 -40.70 -11.03 52.28
C ALA A 428 -40.28 -12.12 51.26
N VAL A 429 -41.19 -12.47 50.35
CA VAL A 429 -40.92 -13.49 49.35
C VAL A 429 -41.33 -12.96 47.98
N HIS A 430 -40.51 -13.32 47.01
CA HIS A 430 -40.69 -12.93 45.63
C HIS A 430 -40.47 -14.16 44.77
N GLY A 431 -41.12 -14.24 43.60
CA GLY A 431 -40.95 -15.44 42.79
C GLY A 431 -41.45 -15.27 41.37
N SER A 432 -41.32 -16.32 40.57
CA SER A 432 -41.80 -16.34 39.22
C SER A 432 -41.93 -17.81 38.81
N ALA A 433 -42.56 -18.06 37.66
CA ALA A 433 -42.71 -19.43 37.19
C ALA A 433 -42.72 -19.45 35.65
N VAL A 434 -42.33 -20.60 35.09
CA VAL A 434 -42.39 -20.82 33.65
C VAL A 434 -42.80 -22.28 33.37
N LYS A 435 -43.24 -22.49 32.14
CA LYS A 435 -43.21 -23.80 31.52
C LYS A 435 -42.04 -23.85 30.53
N ALA A 436 -41.08 -24.71 30.82
CA ALA A 436 -39.84 -24.74 30.07
C ALA A 436 -40.04 -25.50 28.75
N LYS A 437 -39.08 -25.38 27.85
CA LYS A 437 -39.11 -26.14 26.60
C LYS A 437 -38.99 -27.64 26.87
N ASP A 438 -38.41 -28.08 28.01
CA ASP A 438 -38.38 -29.52 28.34
C ASP A 438 -39.77 -30.02 28.77
N GLY A 439 -40.78 -29.16 28.86
CA GLY A 439 -42.15 -29.58 29.13
C GLY A 439 -42.52 -29.52 30.61
N HIS A 440 -41.57 -29.24 31.49
CA HIS A 440 -41.82 -29.17 32.94
C HIS A 440 -42.10 -27.73 33.37
N VAL A 441 -42.87 -27.62 34.43
CA VAL A 441 -43.11 -26.35 35.08
C VAL A 441 -42.03 -26.13 36.15
N TYR A 442 -41.48 -24.92 36.18
CA TYR A 442 -40.49 -24.52 37.16
C TYR A 442 -40.99 -23.30 37.93
N ILE A 443 -40.72 -23.29 39.25
CA ILE A 443 -41.10 -22.19 40.13
C ILE A 443 -39.87 -21.74 40.89
N ALA A 444 -39.55 -20.44 40.75
CA ALA A 444 -38.47 -19.81 41.50
C ALA A 444 -39.07 -19.05 42.67
N LEU A 445 -38.48 -19.22 43.86
CA LEU A 445 -38.87 -18.43 45.03
C LEU A 445 -37.60 -17.92 45.73
N THR A 446 -37.66 -16.68 46.19
CA THR A 446 -36.62 -16.04 46.93
C THR A 446 -37.18 -15.52 48.25
N ASN A 447 -36.53 -15.87 49.35
CA ASN A 447 -36.85 -15.31 50.67
C ASN A 447 -35.84 -14.19 50.94
N LEU A 448 -36.32 -12.96 50.94
CA LEU A 448 -35.48 -11.75 51.08
C LEU A 448 -35.11 -11.50 52.53
N ASP A 449 -35.80 -12.10 53.47
CA ASP A 449 -35.58 -11.82 54.89
C ASP A 449 -34.20 -12.38 55.29
N ALA A 450 -33.39 -11.56 55.96
CA ALA A 450 -32.05 -11.96 56.40
C ALA A 450 -32.13 -13.01 57.52
N SER A 451 -33.24 -13.14 58.24
CA SER A 451 -33.22 -14.12 59.33
C SER A 451 -34.51 -14.94 59.47
N ALA A 452 -35.65 -14.54 58.91
CA ALA A 452 -36.91 -15.29 59.12
C ALA A 452 -37.17 -16.26 57.96
N SER A 453 -37.43 -17.53 58.28
CA SER A 453 -37.90 -18.48 57.28
C SER A 453 -39.35 -18.17 56.90
N ALA A 454 -39.82 -18.75 55.81
CA ALA A 454 -41.18 -18.57 55.35
C ALA A 454 -41.78 -19.94 55.00
N THR A 455 -43.09 -20.04 55.19
CA THR A 455 -43.87 -21.15 54.69
C THR A 455 -44.66 -20.66 53.47
N VAL A 456 -44.40 -21.22 52.31
CA VAL A 456 -45.07 -20.76 51.10
C VAL A 456 -46.03 -21.86 50.64
N SER A 457 -47.28 -21.49 50.43
CA SER A 457 -48.31 -22.43 50.02
C SER A 457 -48.91 -21.95 48.68
N VAL A 458 -48.60 -22.69 47.61
CA VAL A 458 -48.99 -22.30 46.26
C VAL A 458 -50.06 -23.27 45.74
N GLN A 459 -51.22 -22.69 45.46
CA GLN A 459 -52.32 -23.37 44.79
C GLN A 459 -51.99 -23.43 43.27
N VAL A 460 -51.94 -24.62 42.70
CA VAL A 460 -51.56 -24.80 41.31
C VAL A 460 -52.82 -25.12 40.51
N GLU A 461 -53.12 -24.31 39.49
CA GLU A 461 -54.22 -24.56 38.57
C GLU A 461 -53.66 -25.04 37.22
N GLY A 462 -54.32 -26.05 36.64
CA GLY A 462 -54.05 -26.47 35.29
C GLY A 462 -52.92 -27.48 35.17
N LEU A 463 -52.57 -28.16 36.25
CA LEU A 463 -51.52 -29.16 36.22
C LEU A 463 -51.74 -30.15 37.36
N PRO A 464 -52.05 -31.42 37.03
CA PRO A 464 -52.06 -32.45 38.08
C PRO A 464 -50.66 -32.60 38.69
N LEU A 465 -50.53 -32.59 40.02
CA LEU A 465 -49.22 -32.63 40.67
C LEU A 465 -48.88 -34.05 41.10
N ARG A 466 -47.68 -34.48 40.79
CA ARG A 466 -47.23 -35.81 41.16
C ARG A 466 -46.04 -35.70 42.12
N ALA A 467 -45.09 -34.87 41.74
CA ALA A 467 -43.85 -34.81 42.48
C ALA A 467 -43.22 -33.42 42.31
N VAL A 468 -42.30 -33.11 43.20
CA VAL A 468 -41.53 -31.89 43.09
C VAL A 468 -40.10 -32.17 43.55
N GLU A 469 -39.15 -31.57 42.86
CA GLU A 469 -37.78 -31.62 43.32
C GLU A 469 -37.22 -30.22 43.13
N GLY A 470 -36.01 -29.98 43.61
CA GLY A 470 -35.49 -28.63 43.44
C GLY A 470 -34.09 -28.48 43.96
N GLN A 471 -33.60 -27.26 43.78
CA GLN A 471 -32.30 -26.86 44.27
C GLN A 471 -32.44 -25.57 45.09
N ILE A 472 -31.52 -25.41 46.03
CA ILE A 472 -31.50 -24.25 46.93
C ILE A 472 -30.10 -23.64 46.87
N LEU A 473 -30.10 -22.32 46.75
CA LEU A 473 -28.90 -21.53 46.90
C LEU A 473 -29.05 -20.65 48.15
N THR A 474 -28.18 -20.92 49.13
CA THR A 474 -28.17 -20.21 50.39
C THR A 474 -26.75 -20.35 50.97
N ALA A 475 -26.58 -19.84 52.16
CA ALA A 475 -25.34 -19.95 52.90
C ALA A 475 -25.68 -19.69 54.37
N PRO A 476 -24.77 -20.03 55.28
CA PRO A 476 -25.05 -19.83 56.71
C PRO A 476 -25.17 -18.33 57.07
N ALA A 477 -24.47 -17.46 56.38
CA ALA A 477 -24.51 -16.01 56.70
C ALA A 477 -24.80 -15.20 55.43
N ILE A 478 -25.46 -14.06 55.58
CA ILE A 478 -25.81 -13.23 54.43
C ILE A 478 -24.56 -12.75 53.68
N ALA A 479 -23.48 -12.45 54.40
CA ALA A 479 -22.28 -11.90 53.78
C ALA A 479 -21.29 -13.03 53.45
N THR A 480 -21.72 -14.06 52.77
CA THR A 480 -20.82 -15.15 52.41
C THR A 480 -20.56 -15.01 50.92
N TYR A 481 -19.31 -15.25 50.51
CA TYR A 481 -18.93 -15.20 49.12
C TYR A 481 -17.92 -16.32 48.84
N ASN A 482 -17.67 -16.58 47.58
CA ASN A 482 -16.76 -17.63 47.17
C ASN A 482 -15.36 -17.05 46.96
N THR A 483 -14.35 -17.81 47.32
CA THR A 483 -12.94 -17.47 47.09
C THR A 483 -12.23 -18.69 46.47
N TYR A 484 -11.01 -18.49 46.00
CA TYR A 484 -10.17 -19.58 45.45
C TYR A 484 -9.95 -20.65 46.54
N ALA A 485 -9.77 -20.23 47.79
CA ALA A 485 -9.56 -21.15 48.92
C ALA A 485 -10.87 -21.83 49.33
N GLN A 486 -12.02 -21.16 49.18
CA GLN A 486 -13.35 -21.66 49.59
C GLN A 486 -14.32 -21.48 48.40
N PRO A 487 -14.14 -22.29 47.36
CA PRO A 487 -14.78 -22.02 46.09
C PRO A 487 -16.26 -22.36 46.06
N GLN A 488 -16.74 -23.15 47.02
CA GLN A 488 -18.15 -23.55 47.04
C GLN A 488 -18.78 -23.16 48.38
N ALA A 489 -18.37 -22.06 48.95
CA ALA A 489 -19.03 -21.56 50.17
C ALA A 489 -20.49 -21.25 49.87
N VAL A 490 -20.80 -20.78 48.65
CA VAL A 490 -22.16 -20.46 48.23
C VAL A 490 -22.41 -21.22 46.93
N ALA A 491 -23.20 -22.31 46.99
CA ALA A 491 -23.38 -23.12 45.77
C ALA A 491 -24.63 -23.97 45.95
N PRO A 492 -25.29 -24.29 44.82
CA PRO A 492 -26.59 -24.88 44.91
C PRO A 492 -26.50 -26.35 45.31
N VAL A 493 -27.45 -26.82 46.09
CA VAL A 493 -27.55 -28.21 46.50
C VAL A 493 -29.01 -28.64 46.38
N ALA A 494 -29.25 -29.95 46.49
CA ALA A 494 -30.61 -30.47 46.45
C ALA A 494 -31.45 -29.87 47.57
N PHE A 495 -32.66 -29.44 47.24
CA PHE A 495 -33.58 -28.86 48.19
C PHE A 495 -34.65 -29.89 48.55
N LYS A 496 -34.88 -30.08 49.83
CA LYS A 496 -35.78 -31.13 50.35
C LYS A 496 -37.03 -30.54 51.00
N GLY A 497 -37.25 -29.22 50.90
CA GLY A 497 -38.30 -28.58 51.68
C GLY A 497 -39.58 -28.28 50.91
N ALA A 498 -39.75 -28.83 49.69
CA ALA A 498 -40.97 -28.74 48.93
C ALA A 498 -41.73 -30.08 48.93
N ARG A 499 -43.05 -29.97 49.00
CA ARG A 499 -43.93 -31.13 48.98
C ARG A 499 -45.18 -30.77 48.17
N VAL A 500 -45.77 -31.82 47.61
CA VAL A 500 -46.99 -31.66 46.88
C VAL A 500 -48.12 -32.32 47.68
N GLN A 501 -49.27 -31.69 47.71
CA GLN A 501 -50.45 -32.36 48.22
C GLN A 501 -51.66 -31.80 47.48
N GLY A 502 -52.36 -32.70 46.78
CA GLY A 502 -53.49 -32.30 46.01
C GLY A 502 -53.07 -31.32 44.94
N LYS A 503 -53.65 -30.13 44.97
CA LYS A 503 -53.28 -29.08 44.04
C LYS A 503 -52.32 -28.06 44.69
N THR A 504 -51.71 -28.37 45.82
CA THR A 504 -50.87 -27.41 46.54
C THR A 504 -49.39 -27.84 46.48
N VAL A 505 -48.52 -26.84 46.23
CA VAL A 505 -47.11 -26.99 46.51
C VAL A 505 -46.79 -26.24 47.81
N ASN A 506 -46.29 -26.95 48.80
CA ASN A 506 -45.95 -26.35 50.10
C ASN A 506 -44.42 -26.30 50.19
N VAL A 507 -43.89 -25.13 50.54
CA VAL A 507 -42.45 -24.93 50.56
C VAL A 507 -42.04 -24.36 51.93
N ALA A 508 -41.15 -25.04 52.61
CA ALA A 508 -40.44 -24.50 53.78
C ALA A 508 -39.18 -23.78 53.26
N LEU A 509 -39.26 -22.46 53.20
CA LEU A 509 -38.27 -21.63 52.50
C LEU A 509 -37.36 -20.96 53.54
N PRO A 510 -36.10 -21.38 53.61
CA PRO A 510 -35.23 -20.78 54.62
C PRO A 510 -34.97 -19.28 54.36
N ALA A 511 -34.57 -18.60 55.42
CA ALA A 511 -34.14 -17.18 55.34
C ALA A 511 -33.07 -17.04 54.25
N HIS A 512 -33.01 -15.87 53.61
CA HIS A 512 -31.95 -15.50 52.69
C HIS A 512 -31.59 -16.66 51.72
N SER A 513 -32.58 -17.10 50.94
CA SER A 513 -32.38 -18.26 50.10
C SER A 513 -33.18 -18.08 48.79
N ILE A 514 -32.69 -18.79 47.77
CA ILE A 514 -33.31 -18.93 46.51
C ILE A 514 -33.56 -20.42 46.24
N VAL A 515 -34.77 -20.79 45.86
CA VAL A 515 -35.01 -22.17 45.41
C VAL A 515 -35.56 -22.13 43.98
N MET A 516 -35.21 -23.15 43.22
CA MET A 516 -35.76 -23.41 41.91
C MET A 516 -36.37 -24.81 41.94
N LEU A 517 -37.69 -24.88 41.79
CA LEU A 517 -38.49 -26.11 41.90
C LEU A 517 -38.92 -26.59 40.52
N LYS A 518 -38.83 -27.88 40.32
CA LYS A 518 -39.26 -28.52 39.09
C LYS A 518 -40.42 -29.44 39.41
N LEU A 519 -41.58 -29.19 38.81
CA LEU A 519 -42.74 -30.05 38.98
C LEU A 519 -42.69 -31.20 37.98
N GLN A 520 -43.01 -32.40 38.41
CA GLN A 520 -43.40 -33.45 37.49
C GLN A 520 -44.90 -33.23 37.19
N GLU B 28 -6.04 72.61 33.85
CA GLU B 28 -7.49 72.71 33.55
C GLU B 28 -8.17 71.33 33.67
N VAL B 29 -7.62 70.19 33.24
CA VAL B 29 -8.34 68.97 33.46
C VAL B 29 -7.87 68.35 34.78
N LYS B 30 -8.75 68.28 35.76
CA LYS B 30 -8.45 67.78 37.10
C LYS B 30 -9.21 66.47 37.35
N VAL B 31 -8.49 65.47 37.81
CA VAL B 31 -9.06 64.16 38.10
C VAL B 31 -8.71 63.82 39.56
N ASN B 32 -9.74 63.39 40.30
CA ASN B 32 -9.57 63.00 41.70
C ASN B 32 -9.88 61.51 41.81
N GLY B 33 -9.14 60.82 42.65
CA GLY B 33 -9.46 59.42 42.84
C GLY B 33 -9.12 58.91 44.23
N THR B 34 -9.51 57.67 44.46
CA THR B 34 -9.30 56.98 45.70
C THR B 34 -8.81 55.57 45.41
N LEU B 35 -7.71 55.19 46.06
CA LEU B 35 -7.14 53.86 45.96
C LEU B 35 -7.27 53.15 47.30
N ARG B 36 -7.92 52.00 47.29
CA ARG B 36 -8.17 51.25 48.54
C ARG B 36 -7.22 50.04 48.61
N VAL B 37 -6.02 50.30 49.09
CA VAL B 37 -5.03 49.25 49.30
C VAL B 37 -5.55 48.29 50.41
N ASP B 38 -6.39 48.81 51.28
CA ASP B 38 -6.98 48.09 52.38
C ASP B 38 -8.18 47.24 51.94
N GLN B 39 -8.57 47.25 50.68
CA GLN B 39 -9.73 46.42 50.22
C GLN B 39 -9.30 45.55 49.04
N PRO B 40 -8.31 44.66 49.26
CA PRO B 40 -7.79 43.88 48.12
C PRO B 40 -8.87 42.95 47.56
N GLY B 41 -8.86 42.77 46.23
CA GLY B 41 -9.85 41.95 45.54
C GLY B 41 -9.26 40.68 44.99
N ALA B 42 -9.69 40.27 43.83
CA ALA B 42 -9.31 39.02 43.23
C ALA B 42 -7.90 39.11 42.63
N GLN B 43 -7.31 37.95 42.38
CA GLN B 43 -6.04 37.86 41.69
C GLN B 43 -6.23 38.31 40.24
N VAL B 44 -5.31 39.14 39.78
CA VAL B 44 -5.20 39.50 38.37
C VAL B 44 -4.33 38.45 37.66
N SER B 45 -4.97 37.51 36.99
CA SER B 45 -4.23 36.37 36.45
C SER B 45 -3.18 36.83 35.44
N ARG B 46 -2.01 36.25 35.52
CA ARG B 46 -1.01 36.50 34.52
C ARG B 46 -1.52 36.11 33.13
N GLN B 47 -2.49 35.21 33.04
CA GLN B 47 -2.96 34.73 31.72
C GLN B 47 -3.76 35.83 31.00
N LEU B 48 -4.03 36.96 31.67
CA LEU B 48 -4.61 38.11 30.97
C LEU B 48 -3.66 38.68 29.92
N PHE B 49 -2.39 38.30 29.98
CA PHE B 49 -1.37 38.80 29.05
C PHE B 49 -1.03 37.75 27.97
N GLY B 50 -1.97 36.86 27.68
CA GLY B 50 -1.75 35.83 26.68
C GLY B 50 -1.55 36.41 25.27
N GLN B 51 -0.84 35.61 24.48
CA GLN B 51 -0.56 35.88 23.09
C GLN B 51 -1.28 34.83 22.23
N PHE B 52 -1.31 35.09 20.95
CA PHE B 52 -2.09 34.33 19.98
C PHE B 52 -1.33 34.32 18.65
N ALA B 53 -0.87 33.14 18.23
CA ALA B 53 -0.06 32.97 17.04
C ALA B 53 -0.73 32.02 16.05
N GLU B 54 -1.61 32.53 15.20
CA GLU B 54 -2.25 31.76 14.14
C GLU B 54 -1.28 31.54 13.00
N HIS B 55 -1.49 30.46 12.26
CA HIS B 55 -0.83 30.26 10.96
C HIS B 55 -1.47 31.22 9.96
N LEU B 56 -0.88 32.41 9.82
CA LEU B 56 -1.50 33.50 9.11
C LEU B 56 -0.38 34.43 8.65
N GLY B 57 -0.28 34.67 7.33
CA GLY B 57 0.70 35.59 6.82
C GLY B 57 2.11 35.19 7.21
N THR B 58 2.84 36.12 7.82
CA THR B 58 4.18 35.87 8.29
C THR B 58 4.20 35.80 9.82
N GLY B 59 3.07 35.48 10.44
CA GLY B 59 2.98 35.38 11.89
C GLY B 59 3.78 34.22 12.44
N ILE B 60 3.84 33.11 11.71
CA ILE B 60 4.62 31.97 12.09
C ILE B 60 5.88 31.88 11.24
N TYR B 61 5.69 31.78 9.94
CA TYR B 61 6.77 31.68 8.99
C TYR B 61 7.36 33.08 8.76
N GLY B 62 8.57 33.31 9.25
CA GLY B 62 9.19 34.63 9.24
C GLY B 62 9.13 35.25 10.62
N GLY B 63 7.96 35.27 11.22
CA GLY B 63 7.80 35.95 12.52
C GLY B 63 8.39 35.15 13.69
N VAL B 64 8.32 33.80 13.63
CA VAL B 64 8.77 32.93 14.71
C VAL B 64 9.76 31.90 14.17
N TRP B 65 9.30 31.17 13.16
CA TRP B 65 10.03 30.07 12.57
C TRP B 65 10.73 30.54 11.31
N VAL B 66 12.04 30.39 11.26
CA VAL B 66 12.79 30.71 10.04
C VAL B 66 13.42 29.44 9.48
N GLY B 67 13.52 28.38 10.26
CA GLY B 67 14.16 27.15 9.79
C GLY B 67 15.61 27.13 10.18
N GLU B 68 16.10 25.91 10.34
CA GLU B 68 17.47 25.65 10.75
C GLU B 68 18.45 26.13 9.68
N GLU B 69 18.03 26.17 8.43
CA GLU B 69 18.88 26.57 7.31
C GLU B 69 18.90 28.10 7.06
N SER B 70 18.13 28.86 7.82
CA SER B 70 18.00 30.30 7.58
C SER B 70 19.30 30.99 7.99
N PRO B 71 19.69 32.03 7.25
CA PRO B 71 20.75 32.95 7.71
C PRO B 71 20.28 33.90 8.82
N ILE B 72 18.99 33.97 9.10
CA ILE B 72 18.51 34.78 10.22
C ILE B 72 18.91 34.05 11.52
N PRO B 73 19.65 34.70 12.43
CA PRO B 73 20.20 33.98 13.58
C PRO B 73 19.06 33.29 14.36
N ASN B 74 19.25 32.00 14.59
CA ASN B 74 18.17 31.20 15.11
C ASN B 74 18.71 30.08 16.00
N THR B 75 17.84 29.60 16.84
CA THR B 75 18.08 28.47 17.72
C THR B 75 17.13 27.34 17.31
N HIS B 76 17.66 26.31 16.65
CA HIS B 76 16.88 25.17 16.16
C HIS B 76 15.71 25.65 15.28
N GLY B 77 15.90 26.75 14.56
CA GLY B 77 14.90 27.24 13.61
C GLY B 77 14.04 28.37 14.15
N TYR B 78 14.10 28.67 15.44
CA TYR B 78 13.40 29.80 16.02
C TYR B 78 14.29 31.05 16.03
N ARG B 79 13.82 32.14 15.44
CA ARG B 79 14.67 33.34 15.33
C ARG B 79 14.95 33.89 16.74
N ASN B 80 16.22 34.20 16.97
CA ASN B 80 16.75 34.52 18.30
C ASN B 80 16.18 35.84 18.83
N ASP B 81 16.03 36.82 17.93
CA ASP B 81 15.62 38.17 18.34
C ASP B 81 14.20 38.10 18.95
N VAL B 82 13.30 37.35 18.31
CA VAL B 82 11.93 37.24 18.79
C VAL B 82 11.89 36.46 20.13
N VAL B 83 12.67 35.39 20.23
CA VAL B 83 12.71 34.61 21.46
C VAL B 83 13.11 35.52 22.63
N ALA B 84 14.17 36.30 22.44
CA ALA B 84 14.66 37.14 23.53
C ALA B 84 13.61 38.20 23.92
N ALA B 85 12.97 38.78 22.90
CA ALA B 85 12.01 39.83 23.18
C ALA B 85 10.78 39.29 23.92
N LEU B 86 10.33 38.10 23.55
CA LEU B 86 9.15 37.55 24.19
C LEU B 86 9.47 37.08 25.61
N LYS B 87 10.66 36.51 25.81
CA LYS B 87 11.07 36.16 27.17
C LYS B 87 11.08 37.40 28.06
N ALA B 88 11.49 38.55 27.52
CA ALA B 88 11.66 39.74 28.37
C ALA B 88 10.29 40.25 28.84
N ILE B 89 9.17 39.93 28.19
CA ILE B 89 7.86 40.36 28.75
C ILE B 89 7.13 39.19 29.44
N ALA B 90 7.80 38.06 29.61
CA ALA B 90 7.26 36.89 30.39
C ALA B 90 5.88 36.49 29.85
N VAL B 91 5.85 36.13 28.56
CA VAL B 91 4.62 35.66 27.95
C VAL B 91 4.06 34.51 28.79
N PRO B 92 2.78 34.58 29.19
CA PRO B 92 2.23 33.56 30.08
C PRO B 92 1.67 32.32 29.34
N ASN B 93 1.10 32.54 28.17
CA ASN B 93 0.63 31.45 27.29
C ASN B 93 0.56 31.97 25.86
N ILE B 94 0.62 31.05 24.91
CA ILE B 94 0.37 31.30 23.52
C ILE B 94 -0.71 30.34 23.01
N ARG B 95 -1.75 30.91 22.36
CA ARG B 95 -2.77 30.14 21.70
C ARG B 95 -2.32 29.85 20.26
N TRP B 96 -2.43 28.61 19.83
CA TRP B 96 -1.95 28.15 18.56
C TRP B 96 -2.75 26.89 18.18
N PRO B 97 -3.03 26.63 16.90
CA PRO B 97 -2.63 27.39 15.71
C PRO B 97 -3.74 28.28 15.10
N GLY B 98 -4.74 28.64 15.88
CA GLY B 98 -5.79 29.55 15.37
C GLY B 98 -6.83 29.79 16.44
N GLY B 99 -7.89 30.55 16.17
CA GLY B 99 -8.15 31.19 14.91
C GLY B 99 -8.85 30.27 13.91
N CYS B 100 -9.29 30.86 12.80
CA CYS B 100 -9.95 30.16 11.70
C CYS B 100 -9.09 28.98 11.20
N PHE B 101 -7.79 29.15 11.14
CA PHE B 101 -6.92 28.06 10.69
C PHE B 101 -7.14 26.78 11.50
N ALA B 102 -7.41 26.91 12.80
CA ALA B 102 -7.46 25.75 13.69
C ALA B 102 -8.67 24.87 13.41
N ASP B 103 -9.74 25.47 12.86
CA ASP B 103 -10.95 24.70 12.56
C ASP B 103 -10.84 23.91 11.27
N GLU B 104 -9.75 24.01 10.55
CA GLU B 104 -9.50 23.17 9.39
C GLU B 104 -8.16 22.43 9.54
N TYR B 105 -7.48 22.53 10.67
CA TYR B 105 -6.16 21.93 10.82
C TYR B 105 -6.27 20.46 11.21
N HIS B 106 -5.40 19.63 10.62
CA HIS B 106 -5.28 18.23 10.95
C HIS B 106 -3.90 18.02 11.56
N TRP B 107 -3.86 17.79 12.86
CA TRP B 107 -2.59 17.80 13.61
C TRP B 107 -1.59 16.79 13.03
N ARG B 108 -2.04 15.68 12.49
CA ARG B 108 -1.14 14.64 11.96
C ARG B 108 -0.32 15.19 10.80
N ASP B 109 -0.84 16.21 10.12
CA ASP B 109 -0.12 16.81 8.99
C ASP B 109 1.15 17.51 9.48
N GLY B 110 1.23 17.83 10.76
CA GLY B 110 2.33 18.59 11.29
C GLY B 110 3.27 17.81 12.18
N VAL B 111 3.25 16.47 12.15
CA VAL B 111 4.21 15.65 12.88
C VAL B 111 4.89 14.69 11.93
N GLY B 112 6.03 14.18 12.40
CA GLY B 112 6.79 13.20 11.62
C GLY B 112 7.89 13.91 10.89
N THR B 113 8.71 13.13 10.19
CA THR B 113 9.78 13.67 9.41
C THR B 113 9.26 14.83 8.55
N PRO B 114 9.95 16.01 8.58
CA PRO B 114 9.45 17.15 7.84
C PRO B 114 9.23 16.89 6.35
N ALA B 115 10.13 16.14 5.72
CA ALA B 115 10.06 15.75 4.32
C ALA B 115 8.75 15.04 3.98
N LYS B 116 8.14 14.36 4.92
CA LYS B 116 6.98 13.56 4.62
C LYS B 116 5.69 14.32 4.98
N ARG B 117 5.76 15.51 5.59
CA ARG B 117 4.54 16.20 5.95
C ARG B 117 3.86 16.78 4.69
N PRO B 118 2.54 16.70 4.63
CA PRO B 118 1.85 17.19 3.42
C PRO B 118 1.81 18.73 3.36
N ILE B 119 1.81 19.24 2.17
CA ILE B 119 1.59 20.66 1.93
C ILE B 119 0.08 20.87 1.82
N ARG B 120 -0.42 21.76 2.65
CA ARG B 120 -1.84 22.06 2.69
C ARG B 120 -2.04 23.48 2.18
N VAL B 121 -3.30 23.91 2.15
CA VAL B 121 -3.64 25.23 1.65
C VAL B 121 -4.17 26.02 2.83
N ASN B 122 -3.65 27.23 3.04
CA ASN B 122 -4.20 28.13 4.03
C ASN B 122 -5.38 28.88 3.40
N THR B 123 -6.56 28.30 3.52
CA THR B 123 -7.71 28.78 2.67
C THR B 123 -8.16 30.17 3.13
N HIS B 124 -8.15 30.45 4.43
CA HIS B 124 -8.67 31.73 4.90
C HIS B 124 -7.71 32.90 4.58
N TRP B 125 -6.41 32.63 4.59
CA TRP B 125 -5.43 33.72 4.70
C TRP B 125 -4.53 33.71 3.46
N GLY B 126 -5.16 34.02 2.33
CA GLY B 126 -4.43 34.18 1.06
C GLY B 126 -4.47 32.98 0.14
N GLY B 127 -5.00 31.85 0.61
CA GLY B 127 -5.00 30.61 -0.21
C GLY B 127 -3.59 30.13 -0.52
N VAL B 128 -2.63 30.44 0.35
CA VAL B 128 -1.20 30.10 0.10
C VAL B 128 -0.89 28.72 0.67
N GLU B 129 0.25 28.20 0.24
CA GLU B 129 0.71 26.90 0.73
C GLU B 129 1.13 26.97 2.18
N GLU B 130 0.77 25.93 2.94
CA GLU B 130 1.21 25.71 4.28
C GLU B 130 2.10 24.46 4.27
N SER B 131 3.39 24.62 4.55
CA SER B 131 4.39 23.53 4.48
C SER B 131 4.23 22.53 5.63
N ASN B 132 3.59 22.97 6.69
CA ASN B 132 3.49 22.21 7.94
C ASN B 132 4.88 21.93 8.56
N ARG B 133 5.87 22.75 8.25
CA ARG B 133 7.19 22.60 8.88
C ARG B 133 7.09 22.99 10.34
N PHE B 134 6.22 23.95 10.65
CA PHE B 134 5.97 24.30 12.05
C PHE B 134 4.71 23.57 12.51
N GLY B 135 4.93 22.49 13.27
CA GLY B 135 3.87 21.65 13.72
C GLY B 135 3.93 21.46 15.23
N THR B 136 3.33 20.38 15.72
CA THR B 136 3.17 20.18 17.16
C THR B 136 4.52 20.23 17.90
N HIS B 137 5.53 19.53 17.43
CA HIS B 137 6.82 19.52 18.17
C HIS B 137 7.43 20.91 18.14
N GLU B 138 7.34 21.59 16.99
CA GLU B 138 8.03 22.86 16.88
C GLU B 138 7.34 23.87 17.79
N PHE B 139 5.98 23.87 17.81
CA PHE B 139 5.30 24.82 18.69
C PHE B 139 5.55 24.46 20.16
N MET B 140 5.39 23.19 20.52
CA MET B 140 5.46 22.85 21.91
C MET B 140 6.88 23.09 22.47
N ASP B 141 7.91 22.76 21.69
CA ASP B 141 9.27 23.00 22.11
C ASP B 141 9.55 24.51 22.17
N PHE B 142 8.89 25.30 21.31
CA PHE B 142 9.00 26.76 21.39
C PHE B 142 8.44 27.26 22.73
N THR B 143 7.29 26.74 23.15
CA THR B 143 6.72 27.17 24.44
C THR B 143 7.71 26.86 25.56
N GLU B 144 8.37 25.70 25.53
CA GLU B 144 9.33 25.38 26.59
C GLU B 144 10.54 26.33 26.53
N LEU B 145 10.99 26.70 25.33
CA LEU B 145 12.12 27.63 25.21
C LEU B 145 11.76 28.98 25.84
N LEU B 146 10.51 29.43 25.67
CA LEU B 146 10.07 30.69 26.25
C LEU B 146 9.76 30.55 27.74
N GLY B 147 9.55 29.35 28.24
CA GLY B 147 9.05 29.14 29.60
C GLY B 147 7.57 29.51 29.71
N THR B 148 6.80 29.37 28.63
CA THR B 148 5.38 29.76 28.58
C THR B 148 4.47 28.52 28.50
N GLN B 149 3.18 28.73 28.69
CA GLN B 149 2.19 27.65 28.63
C GLN B 149 1.61 27.55 27.21
N ALA B 150 1.27 26.32 26.81
CA ALA B 150 0.60 26.08 25.53
C ALA B 150 -0.91 26.16 25.72
N TYR B 151 -1.56 26.89 24.83
CA TYR B 151 -3.01 26.91 24.72
C TYR B 151 -3.34 26.39 23.33
N ILE B 152 -3.71 25.13 23.25
CA ILE B 152 -3.89 24.45 21.96
C ILE B 152 -5.32 24.66 21.47
N ALA B 153 -5.47 25.00 20.21
CA ALA B 153 -6.79 25.22 19.59
C ALA B 153 -7.13 24.02 18.72
N GLY B 154 -8.16 23.27 19.13
CA GLY B 154 -8.55 22.05 18.50
C GLY B 154 -9.60 22.22 17.40
N ASN B 155 -9.61 21.26 16.49
CA ASN B 155 -10.49 21.23 15.32
C ASN B 155 -11.76 20.48 15.68
N VAL B 156 -12.87 21.22 15.72
CA VAL B 156 -14.17 20.68 15.90
C VAL B 156 -14.98 20.73 14.59
N GLY B 157 -14.79 21.77 13.80
CA GLY B 157 -15.67 21.99 12.63
C GLY B 157 -15.53 20.92 11.56
N ASP B 158 -14.31 20.59 11.14
CA ASP B 158 -14.17 19.71 9.99
C ASP B 158 -13.54 18.35 10.33
N ALA B 159 -13.32 18.07 11.60
CA ALA B 159 -12.82 16.79 12.04
C ALA B 159 -13.86 16.02 12.86
N ALA B 160 -13.72 14.70 12.95
CA ALA B 160 -14.46 13.90 13.97
C ALA B 160 -13.76 14.06 15.33
N PRO B 161 -14.44 13.77 16.45
CA PRO B 161 -13.83 14.02 17.75
C PRO B 161 -12.57 13.19 18.03
N GLU B 162 -12.38 12.09 17.31
CA GLU B 162 -11.21 11.26 17.56
C GLU B 162 -9.93 12.05 17.27
N GLU B 163 -9.96 13.02 16.40
CA GLU B 163 -8.72 13.79 16.12
C GLU B 163 -8.22 14.56 17.33
N ILE B 164 -9.07 15.38 17.97
CA ILE B 164 -8.55 16.09 19.15
C ILE B 164 -8.24 15.11 20.28
N ALA B 165 -8.97 13.99 20.38
CA ALA B 165 -8.70 13.02 21.43
C ALA B 165 -7.28 12.46 21.24
N GLN B 166 -6.95 12.11 20.02
CA GLN B 166 -5.64 11.51 19.73
C GLN B 166 -4.55 12.59 19.89
N TRP B 167 -4.85 13.82 19.55
CA TRP B 167 -3.84 14.88 19.65
C TRP B 167 -3.43 15.08 21.10
N ALA B 168 -4.42 15.17 21.98
CA ALA B 168 -4.15 15.35 23.39
C ALA B 168 -3.33 14.17 23.94
N GLU B 169 -3.65 12.94 23.55
CA GLU B 169 -2.89 11.78 23.97
C GLU B 169 -1.44 11.86 23.45
N TYR B 170 -1.28 12.16 22.18
CA TYR B 170 0.04 12.28 21.58
C TYR B 170 0.92 13.23 22.41
N MET B 171 0.36 14.35 22.77
CA MET B 171 1.13 15.39 23.45
C MET B 171 1.37 15.08 24.94
N THR B 172 0.43 14.43 25.63
CA THR B 172 0.44 14.38 27.10
C THR B 172 0.59 12.96 27.69
N ALA B 173 0.44 11.90 26.91
CA ALA B 173 0.42 10.54 27.48
C ALA B 173 1.81 10.16 28.01
N PRO B 174 1.89 9.70 29.27
CA PRO B 174 3.14 9.19 29.84
C PRO B 174 3.33 7.68 29.60
N THR B 175 2.32 6.99 29.07
CA THR B 175 2.34 5.54 28.89
C THR B 175 3.14 5.13 27.64
N ARG B 176 3.12 3.85 27.32
CA ARG B 176 3.75 3.33 26.10
C ARG B 176 2.66 3.02 25.04
N SER B 177 1.66 3.87 24.95
CA SER B 177 0.68 3.82 23.90
C SER B 177 1.36 4.13 22.55
N SER B 178 0.73 3.75 21.45
CA SER B 178 1.30 3.97 20.12
C SER B 178 1.48 5.47 19.87
N LEU B 179 0.54 6.29 20.29
CA LEU B 179 0.64 7.73 20.10
C LEU B 179 1.78 8.31 20.92
N ALA B 180 1.90 7.88 22.17
CA ALA B 180 3.02 8.34 23.00
C ALA B 180 4.35 7.88 22.38
N ASN B 181 4.40 6.66 21.89
CA ASN B 181 5.64 6.13 21.31
C ASN B 181 6.01 6.89 20.03
N GLU B 182 5.01 7.35 19.30
CA GLU B 182 5.22 8.11 18.10
C GLU B 182 5.80 9.49 18.44
N ARG B 183 5.28 10.16 19.48
CA ARG B 183 5.90 11.37 20.01
C ARG B 183 7.36 11.11 20.37
N ARG B 184 7.64 10.03 21.07
CA ARG B 184 9.02 9.71 21.42
C ARG B 184 9.89 9.49 20.17
N ALA B 185 9.36 8.76 19.17
CA ALA B 185 10.10 8.52 17.93
C ALA B 185 10.41 9.84 17.22
N ASN B 186 9.52 10.82 17.37
CA ASN B 186 9.65 12.12 16.74
C ASN B 186 10.52 13.07 17.59
N GLY B 187 11.09 12.59 18.69
CA GLY B 187 12.15 13.28 19.40
C GLY B 187 11.73 13.84 20.76
N ARG B 188 10.50 13.60 21.26
CA ARG B 188 10.10 14.10 22.57
C ARG B 188 9.75 12.93 23.50
N ASP B 189 10.64 12.64 24.44
CA ASP B 189 10.46 11.47 25.31
C ASP B 189 9.35 11.72 26.33
N ALA B 190 9.49 12.77 27.13
CA ALA B 190 8.50 13.10 28.16
C ALA B 190 7.29 13.78 27.53
N PRO B 191 6.14 13.63 28.14
CA PRO B 191 4.98 14.44 27.73
C PRO B 191 5.29 15.93 27.82
N TRP B 192 4.59 16.73 27.03
CA TRP B 192 4.51 18.15 27.27
C TRP B 192 3.33 18.46 28.19
N GLN B 193 3.32 19.66 28.74
CA GLN B 193 2.15 20.17 29.46
C GLN B 193 1.23 20.87 28.45
N VAL B 194 -0.04 20.49 28.49
CA VAL B 194 -1.10 21.12 27.70
C VAL B 194 -2.19 21.61 28.67
N PRO B 195 -1.97 22.82 29.22
CA PRO B 195 -2.83 23.23 30.28
C PRO B 195 -4.18 23.77 29.82
N TYR B 196 -4.28 24.23 28.58
CA TYR B 196 -5.50 24.81 28.03
C TYR B 196 -5.72 24.21 26.64
N PHE B 197 -6.97 23.86 26.38
CA PHE B 197 -7.36 23.26 25.12
C PHE B 197 -8.68 23.87 24.67
N GLY B 198 -8.66 24.56 23.51
CA GLY B 198 -9.85 25.16 22.93
C GLY B 198 -10.63 24.15 22.10
N VAL B 199 -11.90 23.97 22.42
CA VAL B 199 -12.75 23.01 21.76
C VAL B 199 -13.60 23.75 20.74
N GLY B 200 -12.94 24.10 19.64
CA GLY B 200 -13.54 24.86 18.52
C GLY B 200 -13.27 26.34 18.64
N ASN B 201 -13.20 27.00 17.51
CA ASN B 201 -12.84 28.44 17.39
C ASN B 201 -13.87 29.11 16.46
N GLU B 202 -14.53 30.16 16.88
CA GLU B 202 -15.41 30.91 15.91
C GLU B 202 -16.39 29.92 15.22
N LEU B 203 -17.11 29.13 16.03
CA LEU B 203 -18.04 28.12 15.44
C LEU B 203 -19.23 28.80 14.75
N TRP B 204 -19.53 30.06 15.13
CA TRP B 204 -20.59 30.85 14.52
C TRP B 204 -20.19 31.28 13.12
N GLY B 205 -18.93 31.14 12.75
CA GLY B 205 -18.45 31.64 11.44
C GLY B 205 -17.56 30.63 10.76
N CYS B 206 -16.26 30.89 10.70
CA CYS B 206 -15.31 30.07 9.93
C CYS B 206 -15.21 28.62 10.45
N GLY B 207 -15.61 28.36 11.69
CA GLY B 207 -15.62 27.02 12.26
C GLY B 207 -16.84 26.17 11.95
N GLY B 208 -17.76 26.64 11.08
CA GLY B 208 -18.89 25.81 10.68
C GLY B 208 -20.23 26.52 10.63
N ASN B 209 -20.28 27.84 10.76
CA ASN B 209 -21.52 28.61 10.57
C ASN B 209 -22.64 28.02 11.42
N MET B 210 -22.32 27.73 12.67
CA MET B 210 -23.24 27.02 13.56
C MET B 210 -24.11 28.02 14.33
N ARG B 211 -25.39 27.75 14.44
CA ARG B 211 -26.15 28.44 15.47
C ARG B 211 -25.77 27.82 16.83
N VAL B 212 -25.95 28.64 17.86
CA VAL B 212 -25.48 28.28 19.18
C VAL B 212 -26.15 26.97 19.64
N GLU B 213 -27.40 26.74 19.33
CA GLU B 213 -28.08 25.52 19.80
C GLU B 213 -27.34 24.26 19.28
N TYR B 214 -26.82 24.33 18.07
CA TYR B 214 -26.05 23.24 17.47
C TYR B 214 -24.63 23.20 18.03
N ALA B 215 -23.99 24.37 18.14
CA ALA B 215 -22.67 24.45 18.69
C ALA B 215 -22.62 23.90 20.12
N ALA B 216 -23.65 24.12 20.90
CA ALA B 216 -23.66 23.63 22.30
C ALA B 216 -23.65 22.11 22.31
N ASP B 217 -24.44 21.50 21.42
CA ASP B 217 -24.47 20.03 21.28
C ASP B 217 -23.11 19.52 20.80
N VAL B 218 -22.52 20.20 19.81
CA VAL B 218 -21.24 19.78 19.28
C VAL B 218 -20.15 19.90 20.36
N PHE B 219 -20.11 21.04 21.06
CA PHE B 219 -19.13 21.24 22.15
C PHE B 219 -19.29 20.12 23.18
N ARG B 220 -20.49 19.89 23.66
CA ARG B 220 -20.71 18.85 24.68
C ARG B 220 -20.14 17.51 24.23
N ARG B 221 -20.38 17.15 22.97
CA ARG B 221 -19.88 15.90 22.43
C ARG B 221 -18.35 15.90 22.31
N TYR B 222 -17.78 16.91 21.68
CA TYR B 222 -16.35 16.86 21.38
C TYR B 222 -15.52 17.00 22.66
N GLN B 223 -15.96 17.80 23.63
CA GLN B 223 -15.18 17.98 24.85
C GLN B 223 -15.11 16.65 25.61
N THR B 224 -16.11 15.78 25.46
CA THR B 224 -16.13 14.50 26.14
C THR B 224 -14.82 13.73 25.91
N PHE B 225 -14.29 13.81 24.70
CA PHE B 225 -13.22 12.95 24.28
C PHE B 225 -11.85 13.60 24.45
N VAL B 226 -11.80 14.82 24.96
CA VAL B 226 -10.52 15.37 25.42
C VAL B 226 -10.37 15.07 26.92
N LYS B 227 -9.56 14.10 27.22
CA LYS B 227 -9.43 13.58 28.57
C LYS B 227 -8.03 13.90 29.10
N SER B 228 -7.99 14.27 30.38
CA SER B 228 -6.75 14.50 31.11
C SER B 228 -6.16 13.16 31.54
N PRO B 229 -4.88 12.94 31.30
CA PRO B 229 -4.31 11.78 32.01
C PRO B 229 -4.19 12.06 33.51
N ALA B 230 -3.80 11.08 34.29
CA ALA B 230 -3.68 11.24 35.78
C ALA B 230 -2.59 12.27 36.10
N SER B 231 -1.67 12.50 35.18
CA SER B 231 -0.42 13.22 35.42
C SER B 231 -0.57 14.73 35.22
N GLN B 232 -1.63 15.22 34.60
CA GLN B 232 -1.84 16.67 34.41
C GLN B 232 -3.29 16.95 34.08
N LYS B 233 -3.71 18.16 34.36
CA LYS B 233 -5.07 18.59 34.06
C LYS B 233 -5.10 19.48 32.79
N ILE B 234 -5.90 19.07 31.82
CA ILE B 234 -6.17 19.82 30.57
C ILE B 234 -7.48 20.60 30.75
N LEU B 235 -7.42 21.91 30.85
CA LEU B 235 -8.61 22.73 30.99
C LEU B 235 -9.24 22.92 29.59
N LYS B 236 -10.55 22.91 29.51
CA LYS B 236 -11.25 22.98 28.25
C LYS B 236 -11.99 24.31 28.13
N ILE B 237 -11.73 25.00 27.04
CA ILE B 237 -12.34 26.28 26.75
C ILE B 237 -13.42 26.08 25.67
N ALA B 238 -14.64 26.43 26.00
CA ALA B 238 -15.77 26.34 25.11
C ALA B 238 -15.86 27.57 24.20
N PRO B 239 -16.34 27.37 22.96
CA PRO B 239 -16.49 28.39 21.96
C PRO B 239 -17.64 29.34 22.34
N GLY B 240 -17.26 30.60 22.59
CA GLY B 240 -18.21 31.60 23.08
C GLY B 240 -18.56 32.65 22.03
N PRO B 241 -19.13 33.76 22.48
CA PRO B 241 -19.72 34.79 21.63
C PRO B 241 -18.68 35.66 20.92
N SER B 242 -19.11 36.20 19.81
CA SER B 242 -18.52 37.39 19.22
C SER B 242 -19.26 38.64 19.71
N ASP B 243 -18.55 39.70 20.09
CA ASP B 243 -19.16 41.01 20.29
C ASP B 243 -20.29 40.90 21.31
N ASP B 244 -21.46 41.43 21.00
CA ASP B 244 -22.58 41.50 21.94
C ASP B 244 -23.59 40.36 21.64
N ASP B 245 -23.13 39.18 21.25
CA ASP B 245 -24.05 38.04 21.00
C ASP B 245 -24.41 37.37 22.35
N TYR B 246 -25.34 38.00 23.06
CA TYR B 246 -25.74 37.56 24.39
C TYR B 246 -26.51 36.25 24.29
N HIS B 247 -27.25 36.04 23.19
CA HIS B 247 -27.96 34.78 23.02
C HIS B 247 -26.97 33.62 23.00
N TRP B 248 -25.80 33.80 22.39
CA TRP B 248 -24.81 32.75 22.33
C TRP B 248 -24.36 32.37 23.75
N THR B 249 -24.01 33.38 24.54
CA THR B 249 -23.59 33.11 25.93
C THR B 249 -24.69 32.40 26.72
N GLU B 250 -25.91 32.87 26.58
CA GLU B 250 -27.04 32.31 27.30
C GLU B 250 -27.17 30.81 27.01
N VAL B 251 -27.17 30.44 25.74
CA VAL B 251 -27.39 29.04 25.38
C VAL B 251 -26.14 28.22 25.77
N MET B 252 -24.97 28.69 25.47
CA MET B 252 -23.79 27.87 25.77
C MET B 252 -23.72 27.60 27.29
N MET B 253 -23.98 28.62 28.09
CA MET B 253 -23.91 28.45 29.55
C MET B 253 -25.06 27.57 30.03
N ARG B 254 -26.29 27.84 29.55
CA ARG B 254 -27.46 27.07 29.97
C ARG B 254 -27.21 25.60 29.67
N GLU B 255 -26.70 25.30 28.48
CA GLU B 255 -26.64 23.93 28.02
C GLU B 255 -25.33 23.24 28.45
N ALA B 256 -24.23 23.96 28.67
CA ALA B 256 -22.93 23.31 28.75
C ALA B 256 -22.01 23.83 29.85
N SER B 257 -22.46 24.72 30.75
CA SER B 257 -21.53 25.32 31.73
C SER B 257 -20.82 24.25 32.58
N LYS B 258 -21.47 23.12 32.84
CA LYS B 258 -20.87 22.07 33.69
C LYS B 258 -19.73 21.35 32.95
N PHE B 259 -19.58 21.55 31.64
CA PHE B 259 -18.56 20.82 30.90
C PHE B 259 -17.39 21.71 30.47
N MET B 260 -17.29 22.93 30.96
CA MET B 260 -16.25 23.83 30.48
C MET B 260 -15.48 24.39 31.67
N ASP B 261 -14.21 24.68 31.46
CA ASP B 261 -13.38 25.41 32.43
C ASP B 261 -13.32 26.90 32.09
N GLY B 262 -13.65 27.22 30.85
CA GLY B 262 -13.68 28.58 30.37
C GLY B 262 -14.59 28.74 29.16
N LEU B 263 -15.07 29.97 28.95
CA LEU B 263 -15.85 30.33 27.78
C LEU B 263 -15.15 31.47 27.04
N SER B 264 -14.85 31.29 25.75
CA SER B 264 -14.14 32.32 25.02
C SER B 264 -15.11 33.43 24.56
N MET B 265 -14.65 34.66 24.55
CA MET B 265 -15.34 35.72 23.88
C MET B 265 -14.34 36.49 23.02
N HIS B 266 -14.82 37.11 21.96
CA HIS B 266 -14.01 37.79 20.99
C HIS B 266 -14.58 39.20 20.78
N TYR B 267 -13.71 40.21 20.78
CA TYR B 267 -14.11 41.58 20.48
C TYR B 267 -12.91 42.34 19.93
N TYR B 268 -13.01 42.69 18.65
CA TYR B 268 -12.03 43.51 17.96
C TYR B 268 -12.47 44.97 17.97
N THR B 269 -11.45 45.82 18.06
CA THR B 269 -11.65 47.26 17.99
C THR B 269 -11.44 47.67 16.53
N ILE B 270 -12.53 48.00 15.84
CA ILE B 270 -12.46 48.22 14.41
C ILE B 270 -13.03 49.61 14.10
N PRO B 271 -12.14 50.61 14.09
CA PRO B 271 -12.64 51.94 13.75
C PRO B 271 -13.23 51.95 12.35
N GLY B 272 -14.39 52.60 12.24
CA GLY B 272 -15.13 52.67 10.96
C GLY B 272 -16.03 51.45 10.75
N GLY B 273 -15.96 50.43 11.59
CA GLY B 273 -16.76 49.23 11.43
C GLY B 273 -16.22 48.29 10.35
N TRP B 274 -16.84 47.12 10.28
CA TRP B 274 -16.52 46.06 9.35
C TRP B 274 -16.99 46.46 7.95
N PRO B 275 -16.26 46.19 6.88
CA PRO B 275 -14.90 45.60 6.90
C PRO B 275 -13.82 46.62 7.26
N PRO B 276 -12.67 46.15 7.78
CA PRO B 276 -11.65 47.06 8.32
C PRO B 276 -10.99 47.92 7.23
N ARG B 277 -11.23 49.23 7.28
CA ARG B 277 -10.70 50.12 6.28
C ARG B 277 -9.98 51.32 6.89
N ALA B 278 -9.84 51.41 8.21
CA ALA B 278 -9.17 52.59 8.82
C ALA B 278 -7.65 52.44 8.71
N SER B 279 -6.93 53.54 8.43
CA SER B 279 -5.47 53.52 8.36
C SER B 279 -4.88 53.24 9.74
N SER B 280 -3.85 52.40 9.76
CA SER B 280 -3.04 52.10 10.94
C SER B 280 -1.92 53.13 11.11
N THR B 281 -1.65 53.96 10.11
CA THR B 281 -0.50 54.85 10.12
C THR B 281 -0.90 56.33 10.18
N THR B 282 -2.05 56.71 9.63
CA THR B 282 -2.33 58.11 9.30
C THR B 282 -3.76 58.40 9.76
N PHE B 283 -3.90 59.25 10.77
CA PHE B 283 -5.20 59.50 11.29
C PHE B 283 -5.23 60.83 12.04
N ASP B 284 -6.44 61.37 12.13
CA ASP B 284 -6.67 62.64 12.82
C ASP B 284 -7.30 62.36 14.19
N GLU B 285 -7.64 63.43 14.90
CA GLU B 285 -8.11 63.28 16.28
C GLU B 285 -9.46 62.55 16.30
N ALA B 286 -10.31 62.76 15.28
CA ALA B 286 -11.62 62.06 15.21
C ALA B 286 -11.40 60.55 15.19
N ALA B 287 -10.45 60.07 14.40
CA ALA B 287 -10.16 58.63 14.30
C ALA B 287 -9.53 58.12 15.60
N TRP B 288 -8.72 58.97 16.24
CA TRP B 288 -8.13 58.67 17.59
C TRP B 288 -9.24 58.38 18.60
N ILE B 289 -10.12 59.35 18.79
CA ILE B 289 -11.12 59.20 19.85
C ILE B 289 -12.13 58.11 19.47
N GLN B 290 -12.45 57.94 18.19
CA GLN B 290 -13.36 56.87 17.75
C GLN B 290 -12.77 55.50 18.13
N THR B 291 -11.47 55.31 17.92
CA THR B 291 -10.83 54.06 18.21
C THR B 291 -10.87 53.77 19.72
N LEU B 292 -10.57 54.78 20.54
CA LEU B 292 -10.57 54.56 21.99
C LEU B 292 -12.00 54.31 22.49
N SER B 293 -12.96 55.05 21.94
CA SER B 293 -14.38 54.84 22.27
C SER B 293 -14.78 53.38 21.97
N ARG B 294 -14.44 52.91 20.77
CA ARG B 294 -14.77 51.55 20.40
C ARG B 294 -14.08 50.54 21.31
N THR B 295 -12.82 50.77 21.71
CA THR B 295 -12.13 49.76 22.49
C THR B 295 -12.76 49.67 23.88
N LEU B 296 -13.27 50.77 24.39
CA LEU B 296 -13.81 50.80 25.77
C LEU B 296 -15.11 50.01 25.89
N VAL B 297 -15.73 49.69 24.78
CA VAL B 297 -16.94 48.88 24.73
C VAL B 297 -16.67 47.52 25.39
N MET B 298 -15.41 47.06 25.38
CA MET B 298 -15.02 45.83 26.07
C MET B 298 -15.61 45.76 27.49
N ASP B 299 -15.64 46.88 28.21
CA ASP B 299 -16.12 46.84 29.59
C ASP B 299 -17.61 46.46 29.63
N GLU B 300 -18.43 47.07 28.75
CA GLU B 300 -19.87 46.76 28.70
C GLU B 300 -20.06 45.27 28.32
N LEU B 301 -19.33 44.79 27.31
CA LEU B 301 -19.45 43.41 26.88
C LEU B 301 -19.10 42.45 28.02
N ILE B 302 -17.97 42.65 28.68
CA ILE B 302 -17.60 41.77 29.77
C ILE B 302 -18.68 41.81 30.88
N THR B 303 -19.17 43.00 31.21
CA THR B 303 -20.17 43.14 32.24
C THR B 303 -21.39 42.28 31.91
N LYS B 304 -21.91 42.42 30.70
CA LYS B 304 -23.16 41.79 30.34
C LYS B 304 -22.95 40.29 30.13
N HIS B 305 -21.87 39.87 29.46
CA HIS B 305 -21.60 38.45 29.34
C HIS B 305 -21.38 37.81 30.73
N SER B 306 -20.68 38.50 31.63
CA SER B 306 -20.46 37.98 33.00
C SER B 306 -21.80 37.78 33.72
N ALA B 307 -22.73 38.71 33.55
CA ALA B 307 -23.98 38.61 34.27
C ALA B 307 -24.75 37.36 33.80
N ILE B 308 -24.67 37.07 32.50
CA ILE B 308 -25.32 35.86 32.00
C ILE B 308 -24.63 34.62 32.60
N MET B 309 -23.29 34.63 32.63
CA MET B 309 -22.56 33.51 33.19
C MET B 309 -22.94 33.28 34.66
N ASP B 310 -23.19 34.36 35.40
CA ASP B 310 -23.54 34.26 36.80
C ASP B 310 -24.84 33.50 37.03
N LYS B 311 -25.79 33.57 36.08
CA LYS B 311 -27.07 32.90 36.24
C LYS B 311 -26.88 31.38 36.28
N TYR B 312 -25.96 30.86 35.49
CA TYR B 312 -25.79 29.42 35.36
C TYR B 312 -24.58 28.92 36.13
N ASP B 313 -23.66 29.84 36.44
CA ASP B 313 -22.40 29.51 37.14
C ASP B 313 -22.15 30.57 38.23
N PRO B 314 -23.04 30.61 39.23
CA PRO B 314 -22.95 31.62 40.29
C PRO B 314 -21.66 31.52 41.10
N ALA B 315 -21.03 30.35 41.15
CA ALA B 315 -19.73 30.20 41.84
C ALA B 315 -18.57 30.83 41.06
N LYS B 316 -18.77 31.18 39.76
CA LYS B 316 -17.72 31.68 38.92
C LYS B 316 -16.62 30.65 38.71
N LYS B 317 -16.99 29.40 38.59
CA LYS B 317 -16.00 28.39 38.31
C LYS B 317 -15.50 28.53 36.86
N VAL B 318 -16.35 28.95 35.94
CA VAL B 318 -15.99 29.06 34.54
C VAL B 318 -15.36 30.44 34.29
N ALA B 319 -14.14 30.44 33.82
CA ALA B 319 -13.48 31.69 33.43
C ALA B 319 -14.10 32.26 32.17
N LEU B 320 -14.20 33.59 32.11
CA LEU B 320 -14.41 34.25 30.85
C LEU B 320 -13.03 34.52 30.25
N VAL B 321 -12.85 34.09 29.04
CA VAL B 321 -11.57 34.03 28.34
C VAL B 321 -11.67 34.92 27.12
N VAL B 322 -10.97 36.06 27.13
CA VAL B 322 -11.11 36.98 26.01
C VAL B 322 -10.04 36.57 25.01
N ASP B 323 -10.28 35.56 24.20
CA ASP B 323 -9.07 35.05 23.52
C ASP B 323 -8.87 35.63 22.11
N GLU B 324 -9.65 36.63 21.74
CA GLU B 324 -9.27 37.56 20.65
C GLU B 324 -9.72 38.97 21.05
N TRP B 325 -8.78 39.91 21.07
CA TRP B 325 -9.04 41.32 21.20
C TRP B 325 -7.90 42.07 20.51
N GLY B 326 -8.12 43.38 20.33
CA GLY B 326 -7.15 44.28 19.73
C GLY B 326 -7.71 44.95 18.49
N THR B 327 -6.87 45.79 17.89
CA THR B 327 -7.30 46.61 16.78
C THR B 327 -7.20 45.85 15.45
N TRP B 328 -8.11 46.18 14.55
CA TRP B 328 -8.09 45.65 13.20
C TRP B 328 -8.27 46.80 12.21
N TYR B 329 -7.21 47.06 11.44
CA TYR B 329 -7.16 48.19 10.51
C TYR B 329 -7.16 47.69 9.05
N ALA B 330 -7.17 48.63 8.10
CA ALA B 330 -6.83 48.31 6.72
C ALA B 330 -5.42 47.71 6.68
N PRO B 331 -5.21 46.76 5.77
CA PRO B 331 -3.88 46.26 5.52
C PRO B 331 -2.96 47.36 4.96
N LEU B 332 -1.68 47.30 5.28
CA LEU B 332 -0.74 48.26 4.77
C LEU B 332 -0.70 48.18 3.23
N PRO B 333 -0.43 49.31 2.59
CA PRO B 333 -0.21 49.38 1.15
C PRO B 333 0.85 48.38 0.67
N GLY B 334 0.57 47.69 -0.41
CA GLY B 334 1.52 46.80 -1.01
C GLY B 334 1.51 45.42 -0.34
N THR B 335 0.70 45.18 0.69
CA THR B 335 0.76 43.89 1.35
C THR B 335 -0.42 43.03 0.88
N ASN B 336 -0.24 41.72 0.99
CA ASN B 336 -1.33 40.79 0.73
C ASN B 336 -2.42 41.01 1.80
N PRO B 337 -3.62 41.37 1.40
CA PRO B 337 -4.66 41.68 2.37
C PRO B 337 -5.05 40.46 3.24
N GLY B 338 -4.80 39.24 2.77
CA GLY B 338 -5.06 38.07 3.57
C GLY B 338 -3.99 37.84 4.66
N PHE B 339 -2.95 38.71 4.78
CA PHE B 339 -1.87 38.52 5.77
C PHE B 339 -2.05 39.46 6.97
N LEU B 340 -3.06 40.30 6.94
CA LEU B 340 -3.45 41.19 8.04
C LEU B 340 -2.26 41.98 8.60
N GLN B 341 -1.44 42.58 7.73
CA GLN B 341 -0.29 43.36 8.21
C GLN B 341 -0.70 44.81 8.38
N GLN B 342 -0.54 45.34 9.57
CA GLN B 342 -0.86 46.71 9.89
C GLN B 342 0.22 47.30 10.80
N GLN B 343 0.32 48.63 10.83
CA GLN B 343 1.22 49.25 11.77
C GLN B 343 0.54 49.35 13.15
N ASN B 344 1.34 49.85 14.08
CA ASN B 344 1.09 49.75 15.51
C ASN B 344 1.61 51.06 16.12
N SER B 345 0.69 51.95 16.46
CA SER B 345 1.00 53.32 16.83
C SER B 345 0.75 53.56 18.33
N LEU B 346 1.00 54.77 18.77
CA LEU B 346 0.68 55.17 20.14
C LEU B 346 -0.80 54.88 20.43
N ARG B 347 -1.66 55.03 19.44
CA ARG B 347 -3.09 54.73 19.58
C ARG B 347 -3.29 53.27 20.04
N ASP B 348 -2.53 52.36 19.47
CA ASP B 348 -2.57 50.93 19.80
C ASP B 348 -2.05 50.68 21.21
N ALA B 349 -1.03 51.42 21.63
CA ALA B 349 -0.55 51.33 23.01
C ALA B 349 -1.69 51.68 23.97
N LEU B 350 -2.39 52.77 23.71
CA LEU B 350 -3.50 53.16 24.63
C LEU B 350 -4.61 52.12 24.58
N VAL B 351 -4.90 51.55 23.40
CA VAL B 351 -5.87 50.44 23.33
C VAL B 351 -5.44 49.35 24.30
N ALA B 352 -4.18 48.95 24.29
CA ALA B 352 -3.72 47.89 25.19
C ALA B 352 -3.87 48.32 26.66
N SER B 353 -3.47 49.54 27.04
CA SER B 353 -3.54 49.91 28.47
C SER B 353 -5.00 49.95 28.92
N LEU B 354 -5.91 50.43 28.06
CA LEU B 354 -7.31 50.52 28.48
C LEU B 354 -7.91 49.10 28.66
N ASN B 355 -7.56 48.18 27.79
CA ASN B 355 -8.02 46.81 27.90
C ASN B 355 -7.46 46.12 29.16
N PHE B 356 -6.17 46.27 29.43
CA PHE B 356 -5.60 45.72 30.68
C PHE B 356 -6.31 46.31 31.91
N ASP B 357 -6.58 47.59 31.91
CA ASP B 357 -7.32 48.21 33.03
C ASP B 357 -8.66 47.48 33.19
N ILE B 358 -9.37 47.31 32.07
CA ILE B 358 -10.70 46.74 32.11
C ILE B 358 -10.65 45.28 32.58
N PHE B 359 -9.74 44.49 32.03
CA PHE B 359 -9.64 43.11 32.42
C PHE B 359 -9.35 43.00 33.93
N SER B 360 -8.46 43.84 34.42
CA SER B 360 -8.06 43.78 35.81
C SER B 360 -9.22 44.19 36.73
N GLN B 361 -10.18 44.98 36.24
CA GLN B 361 -11.39 45.36 37.03
C GLN B 361 -12.41 44.20 37.06
N HIS B 362 -12.27 43.22 36.18
CA HIS B 362 -13.18 42.10 36.08
C HIS B 362 -12.45 40.80 36.37
N ALA B 363 -11.40 40.85 37.19
CA ALA B 363 -10.47 39.77 37.40
C ALA B 363 -11.13 38.58 38.11
N GLU B 364 -12.25 38.81 38.80
CA GLU B 364 -12.97 37.73 39.48
C GLU B 364 -13.52 36.72 38.47
N ARG B 365 -13.83 37.13 37.23
CA ARG B 365 -14.42 36.29 36.21
C ARG B 365 -13.47 36.16 35.01
N VAL B 366 -12.88 37.27 34.56
CA VAL B 366 -11.96 37.26 33.40
C VAL B 366 -10.57 36.83 33.86
N ARG B 367 -10.17 35.66 33.48
CA ARG B 367 -8.94 35.08 33.99
C ARG B 367 -7.98 34.69 32.87
N MET B 368 -8.34 34.94 31.62
CA MET B 368 -7.45 34.73 30.49
C MET B 368 -7.83 35.72 29.39
N ALA B 369 -6.81 36.19 28.66
CA ALA B 369 -7.04 36.99 27.46
C ALA B 369 -5.85 36.81 26.53
N ASN B 370 -6.12 36.92 25.24
CA ASN B 370 -5.10 36.74 24.23
C ASN B 370 -5.29 37.81 23.14
N ILE B 371 -4.28 38.65 22.99
CA ILE B 371 -4.32 39.72 22.01
C ILE B 371 -4.05 39.09 20.63
N ALA B 372 -4.73 39.62 19.62
CA ALA B 372 -4.54 39.18 18.26
C ALA B 372 -3.60 40.17 17.54
N GLN B 373 -2.43 39.75 17.03
CA GLN B 373 -1.79 38.46 17.17
C GLN B 373 -0.31 38.75 17.48
N MET B 374 0.54 37.75 17.59
CA MET B 374 1.79 37.92 18.34
C MET B 374 2.87 38.62 17.49
N VAL B 375 3.12 38.14 16.27
CA VAL B 375 4.14 38.69 15.40
C VAL B 375 3.54 38.93 14.00
N ASN B 376 3.74 40.12 13.44
CA ASN B 376 3.48 40.43 12.02
C ASN B 376 1.99 40.43 11.66
N VAL B 377 1.08 40.21 12.60
CA VAL B 377 -0.34 40.05 12.31
C VAL B 377 -1.15 40.89 13.29
N LEU B 378 -2.09 41.64 12.75
CA LEU B 378 -3.01 42.48 13.55
C LEU B 378 -2.20 43.29 14.57
N GLN B 379 -2.59 43.36 15.84
CA GLN B 379 -1.98 44.29 16.80
C GLN B 379 -0.77 43.63 17.45
N ALA B 380 0.29 43.45 16.66
CA ALA B 380 1.41 42.61 16.99
C ALA B 380 2.32 43.18 18.09
N MET B 381 3.04 42.28 18.76
CA MET B 381 4.13 42.67 19.67
C MET B 381 5.35 43.10 18.85
N ILE B 382 5.58 42.44 17.74
CA ILE B 382 6.81 42.46 17.02
C ILE B 382 6.50 42.45 15.52
N LEU B 383 7.29 43.19 14.74
CA LEU B 383 7.23 43.13 13.28
C LEU B 383 8.61 42.70 12.81
N THR B 384 8.66 41.77 11.86
CA THR B 384 9.93 41.33 11.30
C THR B 384 9.87 41.45 9.77
N ASP B 385 11.06 41.58 9.20
CA ASP B 385 11.20 41.60 7.76
C ASP B 385 12.59 41.09 7.41
N GLY B 386 12.70 39.82 7.07
CA GLY B 386 14.01 39.21 6.96
C GLY B 386 14.67 39.27 8.35
N ASP B 387 15.96 39.65 8.36
CA ASP B 387 16.65 39.66 9.65
C ASP B 387 16.30 40.91 10.47
N LYS B 388 15.47 41.81 9.98
CA LYS B 388 15.10 43.02 10.76
C LYS B 388 13.94 42.73 11.70
N MET B 389 13.93 43.40 12.83
CA MET B 389 12.87 43.22 13.84
C MET B 389 12.62 44.57 14.52
N VAL B 390 11.37 44.87 14.80
CA VAL B 390 11.03 46.05 15.60
C VAL B 390 9.98 45.70 16.66
N LEU B 391 10.13 46.30 17.82
CA LEU B 391 9.16 46.19 18.92
C LEU B 391 8.11 47.28 18.77
N THR B 392 6.84 46.92 18.92
CA THR B 392 5.78 47.88 18.73
C THR B 392 5.44 48.63 20.04
N PRO B 393 4.70 49.72 19.92
CA PRO B 393 4.18 50.41 21.11
C PRO B 393 3.39 49.46 22.00
N THR B 394 2.64 48.53 21.40
CA THR B 394 1.85 47.58 22.15
C THR B 394 2.76 46.69 23.02
N TYR B 395 3.87 46.22 22.46
CA TYR B 395 4.84 45.44 23.22
C TYR B 395 5.24 46.16 24.52
N HIS B 396 5.52 47.46 24.40
CA HIS B 396 5.96 48.24 25.53
C HIS B 396 4.88 48.34 26.61
N VAL B 397 3.63 48.29 26.23
CA VAL B 397 2.55 48.29 27.24
C VAL B 397 2.52 46.93 27.98
N PHE B 398 2.70 45.82 27.25
CA PHE B 398 2.84 44.52 27.90
C PHE B 398 4.01 44.56 28.91
N ALA B 399 5.13 45.20 28.52
CA ALA B 399 6.28 45.34 29.42
C ALA B 399 5.89 46.19 30.65
N LEU B 400 5.25 47.33 30.45
CA LEU B 400 4.89 48.21 31.58
C LEU B 400 3.96 47.50 32.58
N TYR B 401 3.04 46.68 32.07
CA TYR B 401 2.06 46.02 32.91
C TYR B 401 2.56 44.67 33.47
N LYS B 402 3.81 44.32 33.26
CA LYS B 402 4.33 43.06 33.84
C LYS B 402 4.04 42.89 35.34
N PRO B 403 4.14 43.94 36.15
CA PRO B 403 3.81 43.80 37.57
C PRO B 403 2.38 43.35 37.86
N TYR B 404 1.46 43.48 36.89
CA TYR B 404 0.08 43.00 37.06
C TYR B 404 0.01 41.47 37.02
N GLN B 405 1.05 40.76 36.54
CA GLN B 405 0.96 39.31 36.38
C GLN B 405 0.82 38.62 37.74
N ASP B 406 -0.34 38.01 37.99
CA ASP B 406 -0.65 37.32 39.24
C ASP B 406 -0.62 38.30 40.43
N ALA B 407 -0.91 39.55 40.18
CA ALA B 407 -1.04 40.56 41.23
C ALA B 407 -2.42 40.44 41.88
N THR B 408 -2.67 41.29 42.87
CA THR B 408 -3.97 41.45 43.53
C THR B 408 -4.61 42.75 43.05
N HIS B 409 -5.84 42.66 42.57
CA HIS B 409 -6.62 43.84 42.20
C HIS B 409 -6.86 44.74 43.41
N LEU B 410 -6.66 46.03 43.23
CA LEU B 410 -7.04 47.03 44.28
C LEU B 410 -8.06 47.99 43.64
N PRO B 411 -9.13 48.29 44.38
CA PRO B 411 -10.13 49.22 43.87
C PRO B 411 -9.53 50.62 43.70
N LEU B 412 -9.68 51.16 42.50
CA LEU B 412 -9.29 52.52 42.17
C LEU B 412 -10.51 53.21 41.58
N GLN B 413 -11.05 54.20 42.26
CA GLN B 413 -12.16 54.99 41.71
C GLN B 413 -11.60 56.32 41.20
N LEU B 414 -11.80 56.67 39.96
CA LEU B 414 -11.39 57.97 39.43
C LEU B 414 -12.64 58.77 39.11
N GLN B 415 -12.66 60.03 39.51
CA GLN B 415 -13.68 60.95 39.09
C GLN B 415 -13.04 61.89 38.04
N THR B 416 -13.36 61.62 36.77
CA THR B 416 -12.72 62.26 35.65
C THR B 416 -13.78 63.00 34.83
N PRO B 417 -13.44 64.19 34.32
CA PRO B 417 -14.19 64.81 33.26
C PRO B 417 -14.10 63.97 31.99
N GLN B 418 -15.02 64.24 31.06
CA GLN B 418 -14.98 63.59 29.75
C GLN B 418 -13.99 64.34 28.87
N TYR B 419 -13.36 63.56 27.99
CA TYR B 419 -12.66 64.08 26.82
C TYR B 419 -13.65 64.01 25.65
N ARG B 420 -13.95 65.13 25.02
CA ARG B 420 -14.89 65.18 23.88
C ARG B 420 -14.17 65.71 22.64
N HIS B 421 -14.39 65.08 21.51
CA HIS B 421 -14.05 65.65 20.22
C HIS B 421 -15.18 65.30 19.25
N GLY B 422 -15.78 66.34 18.72
CA GLY B 422 -17.00 66.23 17.94
C GLY B 422 -18.09 65.53 18.73
N ASP B 423 -18.71 64.53 18.11
CA ASP B 423 -19.87 63.89 18.71
C ASP B 423 -19.46 62.64 19.54
N THR B 424 -18.17 62.49 19.85
CA THR B 424 -17.70 61.36 20.67
C THR B 424 -17.14 61.89 21.99
N GLN B 425 -17.45 61.17 23.07
CA GLN B 425 -16.82 61.44 24.37
C GLN B 425 -16.38 60.13 25.00
N VAL B 426 -15.25 60.22 25.72
CA VAL B 426 -14.65 59.14 26.49
C VAL B 426 -14.17 59.75 27.82
N PRO B 427 -13.90 58.92 28.82
CA PRO B 427 -13.23 59.47 30.03
C PRO B 427 -11.88 60.09 29.67
N ALA B 428 -11.56 61.23 30.23
CA ALA B 428 -10.29 61.89 29.96
C ALA B 428 -9.15 61.02 30.47
N VAL B 429 -9.32 60.43 31.65
CA VAL B 429 -8.29 59.58 32.24
C VAL B 429 -8.94 58.27 32.69
N HIS B 430 -8.19 57.21 32.50
CA HIS B 430 -8.58 55.87 32.87
C HIS B 430 -7.42 55.21 33.61
N GLY B 431 -7.67 54.28 34.49
CA GLY B 431 -6.56 53.68 35.24
C GLY B 431 -6.94 52.42 35.97
N SER B 432 -5.96 51.82 36.64
CA SER B 432 -6.17 50.63 37.42
C SER B 432 -5.00 50.52 38.40
N ALA B 433 -5.10 49.66 39.40
CA ALA B 433 -4.05 49.49 40.38
C ALA B 433 -4.02 48.04 40.87
N VAL B 434 -2.83 47.64 41.34
CA VAL B 434 -2.64 46.32 41.90
C VAL B 434 -1.63 46.38 43.05
N LYS B 435 -1.67 45.35 43.87
CA LYS B 435 -0.53 45.00 44.71
C LYS B 435 0.19 43.80 44.08
N ALA B 436 1.42 44.00 43.64
CA ALA B 436 2.13 43.00 42.88
C ALA B 436 2.71 41.92 43.81
N LYS B 437 3.16 40.83 43.20
CA LYS B 437 3.85 39.79 43.98
C LYS B 437 5.16 40.31 44.58
N ASP B 438 5.79 41.33 44.01
CA ASP B 438 7.02 41.91 44.64
C ASP B 438 6.69 42.72 45.90
N GLY B 439 5.41 42.85 46.28
CA GLY B 439 5.03 43.52 47.51
C GLY B 439 4.73 45.02 47.33
N HIS B 440 4.95 45.58 46.14
CA HIS B 440 4.71 46.99 45.88
C HIS B 440 3.33 47.21 45.25
N VAL B 441 2.79 48.40 45.53
CA VAL B 441 1.59 48.84 44.86
C VAL B 441 1.95 49.57 43.57
N TYR B 442 1.21 49.25 42.51
CA TYR B 442 1.40 49.88 41.21
C TYR B 442 0.08 50.50 40.74
N ILE B 443 0.19 51.69 40.13
CA ILE B 443 -0.96 52.43 39.59
C ILE B 443 -0.66 52.76 38.14
N ALA B 444 -1.58 52.35 37.26
CA ALA B 444 -1.51 52.67 35.85
C ALA B 444 -2.52 53.79 35.57
N LEU B 445 -2.09 54.81 34.83
CA LEU B 445 -2.99 55.88 34.39
C LEU B 445 -2.74 56.12 32.88
N THR B 446 -3.85 56.35 32.18
CA THR B 446 -3.82 56.71 30.77
C THR B 446 -4.58 58.01 30.57
N ASN B 447 -3.95 58.95 29.88
CA ASN B 447 -4.59 60.19 29.44
C ASN B 447 -5.03 60.00 27.98
N LEU B 448 -6.35 59.90 27.76
CA LEU B 448 -6.90 59.60 26.45
C LEU B 448 -6.93 60.85 25.57
N ASP B 449 -6.83 62.04 26.16
CA ASP B 449 -6.95 63.28 25.42
C ASP B 449 -5.76 63.42 24.46
N ALA B 450 -6.05 63.70 23.19
CA ALA B 450 -5.02 63.87 22.15
C ALA B 450 -4.19 65.14 22.40
N SER B 451 -4.66 66.12 23.16
CA SER B 451 -3.84 67.33 23.28
C SER B 451 -3.82 67.93 24.70
N ALA B 452 -4.75 67.62 25.60
CA ALA B 452 -4.80 68.27 26.90
C ALA B 452 -4.14 67.38 27.97
N SER B 453 -3.26 67.95 28.75
CA SER B 453 -2.71 67.28 29.93
C SER B 453 -3.78 67.18 31.02
N ALA B 454 -3.53 66.37 32.04
CA ALA B 454 -4.43 66.24 33.16
C ALA B 454 -3.60 66.27 34.46
N THR B 455 -4.24 66.76 35.51
CA THR B 455 -3.69 66.71 36.87
C THR B 455 -4.47 65.66 37.64
N VAL B 456 -3.81 64.62 38.09
CA VAL B 456 -4.49 63.51 38.76
C VAL B 456 -4.06 63.51 40.23
N SER B 457 -5.03 63.50 41.14
CA SER B 457 -4.78 63.46 42.55
C SER B 457 -5.47 62.22 43.15
N VAL B 458 -4.68 61.22 43.55
CA VAL B 458 -5.20 59.96 44.09
C VAL B 458 -4.92 59.88 45.60
N GLN B 459 -6.00 59.86 46.38
CA GLN B 459 -5.97 59.60 47.82
C GLN B 459 -5.76 58.11 48.05
N VAL B 460 -4.71 57.74 48.77
CA VAL B 460 -4.35 56.34 49.00
C VAL B 460 -4.73 55.97 50.44
N GLU B 461 -5.57 54.94 50.58
CA GLU B 461 -5.95 54.40 51.89
C GLU B 461 -5.26 53.05 52.10
N GLY B 462 -4.76 52.79 53.31
CA GLY B 462 -4.25 51.50 53.70
C GLY B 462 -2.79 51.30 53.33
N LEU B 463 -2.06 52.36 53.07
CA LEU B 463 -0.62 52.27 52.73
C LEU B 463 0.05 53.61 53.06
N PRO B 464 0.96 53.63 54.03
CA PRO B 464 1.74 54.86 54.25
C PRO B 464 2.60 55.18 53.03
N LEU B 465 2.59 56.42 52.53
CA LEU B 465 3.32 56.77 51.31
C LEU B 465 4.66 57.40 51.64
N ARG B 466 5.71 56.96 50.97
CA ARG B 466 7.03 57.54 51.18
C ARG B 466 7.54 58.18 49.88
N ALA B 467 7.44 57.44 48.80
CA ALA B 467 7.99 57.87 47.53
C ALA B 467 7.25 57.18 46.40
N VAL B 468 7.45 57.71 45.19
CA VAL B 468 6.84 57.15 43.99
C VAL B 468 7.84 57.31 42.83
N GLU B 469 7.90 56.31 41.96
CA GLU B 469 8.67 56.41 40.76
C GLU B 469 7.83 55.82 39.62
N GLY B 470 8.27 55.98 38.38
CA GLY B 470 7.50 55.34 37.33
C GLY B 470 8.10 55.50 35.96
N GLN B 471 7.35 54.99 34.98
CA GLN B 471 7.71 55.05 33.59
C GLN B 471 6.53 55.60 32.78
N ILE B 472 6.86 56.26 31.67
CA ILE B 472 5.86 56.87 30.79
C ILE B 472 6.09 56.37 29.37
N LEU B 473 4.98 56.03 28.73
CA LEU B 473 4.97 55.72 27.31
C LEU B 473 4.13 56.77 26.60
N THR B 474 4.78 57.56 25.75
CA THR B 474 4.16 58.60 24.98
C THR B 474 5.03 58.85 23.74
N ALA B 475 4.66 59.86 22.99
CA ALA B 475 5.38 60.28 21.80
C ALA B 475 4.94 61.70 21.49
N PRO B 476 5.67 62.40 20.63
CA PRO B 476 5.33 63.80 20.35
C PRO B 476 3.99 63.92 19.62
N ALA B 477 3.58 62.94 18.83
CA ALA B 477 2.33 63.03 18.08
C ALA B 477 1.52 61.74 18.26
N ILE B 478 0.20 61.85 18.15
CA ILE B 478 -0.66 60.67 18.35
C ILE B 478 -0.37 59.59 17.29
N ALA B 479 -0.07 59.98 16.06
CA ALA B 479 0.13 58.98 14.99
C ALA B 479 1.63 58.66 14.87
N THR B 480 2.26 58.27 15.96
CA THR B 480 3.65 57.88 15.92
C THR B 480 3.71 56.37 16.03
N TYR B 481 4.56 55.75 15.21
CA TYR B 481 4.71 54.29 15.28
C TYR B 481 6.18 53.97 15.06
N ASN B 482 6.57 52.75 15.38
CA ASN B 482 7.93 52.33 15.28
C ASN B 482 8.16 51.65 13.92
N THR B 483 9.31 51.89 13.31
CA THR B 483 9.72 51.29 12.05
C THR B 483 11.16 50.75 12.18
N TYR B 484 11.61 50.00 11.20
CA TYR B 484 13.01 49.49 11.20
C TYR B 484 13.99 50.67 11.22
N ALA B 485 13.67 51.75 10.52
CA ALA B 485 14.54 52.96 10.47
C ALA B 485 14.48 53.73 11.81
N GLN B 486 13.31 53.75 12.46
CA GLN B 486 13.07 54.50 13.71
C GLN B 486 12.41 53.56 14.73
N PRO B 487 13.19 52.64 15.28
CA PRO B 487 12.64 51.57 16.06
C PRO B 487 12.21 52.02 17.47
N GLN B 488 12.63 53.20 17.90
CA GLN B 488 12.26 53.65 19.26
C GLN B 488 11.54 55.00 19.21
N ALA B 489 10.76 55.24 18.17
CA ALA B 489 9.95 56.45 18.14
C ALA B 489 8.97 56.47 19.32
N VAL B 490 8.46 55.30 19.73
CA VAL B 490 7.55 55.15 20.85
C VAL B 490 8.16 54.12 21.80
N ALA B 491 8.68 54.57 22.93
CA ALA B 491 9.37 53.70 23.85
C ALA B 491 9.38 54.35 25.25
N PRO B 492 9.42 53.52 26.27
CA PRO B 492 9.23 53.98 27.62
C PRO B 492 10.48 54.72 28.12
N VAL B 493 10.27 55.73 28.93
CA VAL B 493 11.34 56.42 29.64
C VAL B 493 10.89 56.65 31.11
N ALA B 494 11.84 57.03 31.95
CA ALA B 494 11.53 57.37 33.34
C ALA B 494 10.55 58.53 33.37
N PHE B 495 9.56 58.44 34.24
CA PHE B 495 8.55 59.47 34.40
C PHE B 495 8.86 60.27 35.67
N LYS B 496 8.87 61.59 35.54
CA LYS B 496 9.26 62.47 36.66
C LYS B 496 8.07 63.32 37.13
N GLY B 497 6.85 63.01 36.70
CA GLY B 497 5.71 63.89 37.01
C GLY B 497 4.81 63.42 38.16
N ALA B 498 5.25 62.43 38.95
CA ALA B 498 4.49 61.97 40.12
C ALA B 498 5.18 62.41 41.43
N ARG B 499 4.38 62.78 42.41
CA ARG B 499 4.90 63.14 43.73
C ARG B 499 3.90 62.69 44.80
N VAL B 500 4.40 62.51 46.01
CA VAL B 500 3.56 62.12 47.10
C VAL B 500 3.41 63.30 48.07
N GLN B 501 2.21 63.55 48.54
CA GLN B 501 2.01 64.55 49.56
C GLN B 501 0.93 64.04 50.54
N GLY B 502 1.31 63.85 51.79
CA GLY B 502 0.37 63.32 52.76
C GLY B 502 -0.06 61.93 52.36
N LYS B 503 -1.34 61.72 52.15
CA LYS B 503 -1.84 60.42 51.66
C LYS B 503 -2.18 60.50 50.18
N THR B 504 -1.70 61.50 49.45
CA THR B 504 -2.09 61.71 48.06
C THR B 504 -0.90 61.46 47.13
N VAL B 505 -1.16 60.79 46.00
CA VAL B 505 -0.25 60.78 44.87
C VAL B 505 -0.74 61.80 43.83
N ASN B 506 0.09 62.78 43.52
CA ASN B 506 -0.26 63.84 42.57
C ASN B 506 0.53 63.57 41.28
N VAL B 507 -0.15 63.59 40.16
CA VAL B 507 0.45 63.24 38.88
C VAL B 507 0.15 64.33 37.85
N ALA B 508 1.19 64.88 37.27
CA ALA B 508 1.05 65.72 36.07
C ALA B 508 1.15 64.80 34.83
N LEU B 509 0.00 64.48 34.27
CA LEU B 509 -0.12 63.43 33.27
C LEU B 509 -0.23 64.06 31.87
N PRO B 510 0.81 63.85 31.04
CA PRO B 510 0.78 64.47 29.71
C PRO B 510 -0.37 63.92 28.83
N ALA B 511 -0.73 64.73 27.84
CA ALA B 511 -1.68 64.29 26.79
C ALA B 511 -1.21 62.97 26.19
N HIS B 512 -2.16 62.12 25.76
CA HIS B 512 -1.89 60.92 25.00
C HIS B 512 -0.72 60.12 25.57
N SER B 513 -0.83 59.71 26.83
CA SER B 513 0.25 59.05 27.51
C SER B 513 -0.26 57.96 28.44
N ILE B 514 0.62 57.02 28.71
CA ILE B 514 0.42 55.96 29.68
C ILE B 514 1.53 56.04 30.72
N VAL B 515 1.18 56.04 31.99
CA VAL B 515 2.22 55.93 33.03
C VAL B 515 1.93 54.69 33.90
N MET B 516 3.01 54.10 34.38
CA MET B 516 2.95 53.04 35.37
C MET B 516 3.80 53.49 36.56
N LEU B 517 3.14 53.67 37.70
CA LEU B 517 3.74 54.20 38.92
C LEU B 517 3.91 53.10 39.95
N LYS B 518 5.06 53.12 40.62
CA LYS B 518 5.37 52.17 41.65
C LYS B 518 5.52 52.92 42.96
N LEU B 519 4.70 52.57 43.95
CA LEU B 519 4.79 53.21 45.26
C LEU B 519 5.81 52.46 46.13
N GLN B 520 6.55 53.20 46.92
CA GLN B 520 7.48 52.58 47.88
C GLN B 520 6.62 52.04 49.04
N GLU C 28 -62.68 19.05 -33.85
CA GLU C 28 -63.56 18.80 -32.68
C GLU C 28 -62.86 19.16 -31.35
N VAL C 29 -61.59 18.83 -31.08
CA VAL C 29 -60.96 19.47 -29.92
C VAL C 29 -60.27 20.75 -30.39
N LYS C 30 -60.75 21.88 -29.88
CA LYS C 30 -60.27 23.20 -30.36
C LYS C 30 -59.50 23.90 -29.27
N VAL C 31 -58.31 24.37 -29.61
CA VAL C 31 -57.43 25.05 -28.66
C VAL C 31 -57.06 26.41 -29.28
N ASN C 32 -57.26 27.47 -28.50
CA ASN C 32 -56.95 28.84 -28.86
C ASN C 32 -55.78 29.30 -28.00
N GLY C 33 -55.02 30.26 -28.43
CA GLY C 33 -54.00 30.80 -27.53
C GLY C 33 -53.40 32.08 -28.03
N THR C 34 -52.49 32.60 -27.22
CA THR C 34 -51.79 33.84 -27.51
C THR C 34 -50.31 33.64 -27.20
N LEU C 35 -49.45 34.08 -28.11
CA LEU C 35 -48.01 34.14 -27.91
C LEU C 35 -47.59 35.60 -27.86
N ARG C 36 -46.97 36.01 -26.77
CA ARG C 36 -46.50 37.40 -26.61
C ARG C 36 -45.00 37.46 -26.85
N VAL C 37 -44.63 37.58 -28.13
CA VAL C 37 -43.22 37.75 -28.48
C VAL C 37 -42.74 39.11 -27.94
N ASP C 38 -43.66 40.04 -27.76
CA ASP C 38 -43.37 41.37 -27.27
C ASP C 38 -43.23 41.41 -25.73
N GLN C 39 -43.36 40.29 -25.03
CA GLN C 39 -43.20 40.30 -23.57
C GLN C 39 -42.14 39.27 -23.15
N PRO C 40 -40.91 39.43 -23.62
CA PRO C 40 -39.90 38.42 -23.32
C PRO C 40 -39.60 38.38 -21.80
N GLY C 41 -39.32 37.17 -21.30
CA GLY C 41 -39.07 36.95 -19.89
C GLY C 41 -37.62 36.57 -19.61
N ALA C 42 -37.43 35.64 -18.68
CA ALA C 42 -36.09 35.31 -18.20
C ALA C 42 -35.46 34.30 -19.16
N GLN C 43 -34.16 34.12 -18.98
CA GLN C 43 -33.42 33.11 -19.68
C GLN C 43 -33.86 31.72 -19.24
N VAL C 44 -34.11 30.88 -20.23
CA VAL C 44 -34.37 29.46 -20.01
C VAL C 44 -32.99 28.77 -20.00
N SER C 45 -32.50 28.44 -18.80
CA SER C 45 -31.12 27.99 -18.69
C SER C 45 -30.94 26.68 -19.43
N ARG C 46 -29.82 26.57 -20.13
CA ARG C 46 -29.46 25.30 -20.70
C ARG C 46 -29.35 24.21 -19.64
N GLN C 47 -29.08 24.56 -18.39
CA GLN C 47 -28.89 23.56 -17.33
C GLN C 47 -30.22 22.88 -16.96
N LEU C 48 -31.35 23.34 -17.51
CA LEU C 48 -32.61 22.61 -17.37
C LEU C 48 -32.55 21.24 -18.07
N PHE C 49 -31.56 21.04 -18.93
CA PHE C 49 -31.42 19.80 -19.67
C PHE C 49 -30.28 18.92 -19.09
N GLY C 50 -30.02 19.06 -17.79
CA GLY C 50 -29.00 18.27 -17.15
C GLY C 50 -29.32 16.77 -17.13
N GLN C 51 -28.24 15.99 -17.06
CA GLN C 51 -28.28 14.56 -16.96
C GLN C 51 -27.73 14.13 -15.59
N PHE C 52 -27.93 12.88 -15.28
CA PHE C 52 -27.67 12.32 -13.94
C PHE C 52 -27.21 10.88 -14.10
N ALA C 53 -25.93 10.62 -13.77
CA ALA C 53 -25.35 9.31 -13.95
C ALA C 53 -24.86 8.73 -12.61
N GLU C 54 -25.74 8.04 -11.90
CA GLU C 54 -25.38 7.39 -10.65
C GLU C 54 -24.64 6.08 -10.97
N HIS C 55 -23.81 5.66 -10.02
CA HIS C 55 -23.26 4.31 -10.04
C HIS C 55 -24.34 3.32 -9.65
N LEU C 56 -25.02 2.80 -10.67
CA LEU C 56 -26.27 2.05 -10.48
C LEU C 56 -26.44 1.17 -11.72
N GLY C 57 -26.58 -0.14 -11.51
CA GLY C 57 -26.84 -1.07 -12.56
C GLY C 57 -25.81 -0.99 -13.66
N THR C 58 -26.26 -0.77 -14.91
CA THR C 58 -25.30 -0.66 -16.03
C THR C 58 -25.25 0.80 -16.52
N GLY C 59 -25.60 1.76 -15.63
CA GLY C 59 -25.60 3.14 -15.98
C GLY C 59 -24.22 3.71 -16.27
N ILE C 60 -23.21 3.20 -15.54
CA ILE C 60 -21.84 3.60 -15.75
C ILE C 60 -21.08 2.50 -16.49
N TYR C 61 -21.07 1.32 -15.89
CA TYR C 61 -20.34 0.19 -16.47
C TYR C 61 -21.21 -0.46 -17.55
N GLY C 62 -20.78 -0.34 -18.80
CA GLY C 62 -21.57 -0.77 -19.95
C GLY C 62 -22.22 0.44 -20.62
N GLY C 63 -22.89 1.30 -19.83
CA GLY C 63 -23.59 2.42 -20.41
C GLY C 63 -22.66 3.53 -20.89
N VAL C 64 -21.56 3.76 -20.15
CA VAL C 64 -20.60 4.83 -20.46
C VAL C 64 -19.18 4.27 -20.62
N TRP C 65 -18.75 3.57 -19.58
CA TRP C 65 -17.42 3.01 -19.46
C TRP C 65 -17.38 1.56 -19.95
N VAL C 66 -16.56 1.27 -20.96
CA VAL C 66 -16.38 -0.10 -21.38
C VAL C 66 -14.93 -0.54 -21.12
N GLY C 67 -14.01 0.39 -20.88
CA GLY C 67 -12.61 0.05 -20.69
C GLY C 67 -11.83 0.15 -21.99
N GLU C 68 -10.56 0.52 -21.87
CA GLU C 68 -9.70 0.87 -23.03
C GLU C 68 -9.51 -0.35 -23.93
N GLU C 69 -9.52 -1.54 -23.35
CA GLU C 69 -9.27 -2.80 -24.06
C GLU C 69 -10.57 -3.43 -24.64
N SER C 70 -11.71 -2.78 -24.47
CA SER C 70 -12.98 -3.32 -24.95
C SER C 70 -12.97 -3.37 -26.48
N PRO C 71 -13.59 -4.41 -27.06
CA PRO C 71 -13.82 -4.40 -28.51
C PRO C 71 -14.97 -3.46 -28.92
N ILE C 72 -15.74 -2.94 -27.97
CA ILE C 72 -16.70 -1.90 -28.28
C ILE C 72 -15.92 -0.62 -28.59
N PRO C 73 -16.10 -0.02 -29.78
CA PRO C 73 -15.30 1.14 -30.17
C PRO C 73 -15.40 2.24 -29.09
N ASN C 74 -14.22 2.70 -28.65
CA ASN C 74 -14.22 3.57 -27.46
C ASN C 74 -13.04 4.54 -27.57
N THR C 75 -13.16 5.64 -26.84
CA THR C 75 -12.12 6.65 -26.73
C THR C 75 -11.65 6.67 -25.27
N HIS C 76 -10.46 6.14 -25.00
CA HIS C 76 -9.90 6.07 -23.62
C HIS C 76 -10.87 5.36 -22.67
N GLY C 77 -11.66 4.41 -23.20
CA GLY C 77 -12.56 3.61 -22.38
C GLY C 77 -14.01 4.04 -22.39
N TYR C 78 -14.29 5.20 -22.94
CA TYR C 78 -15.66 5.71 -23.09
C TYR C 78 -16.22 5.28 -24.44
N ARG C 79 -17.37 4.60 -24.44
CA ARG C 79 -17.89 4.04 -25.70
C ARG C 79 -18.28 5.20 -26.63
N ASN C 80 -17.86 5.08 -27.88
CA ASN C 80 -17.95 6.16 -28.88
C ASN C 80 -19.39 6.48 -29.23
N ASP C 81 -20.25 5.47 -29.32
CA ASP C 81 -21.64 5.67 -29.75
C ASP C 81 -22.37 6.60 -28.74
N VAL C 82 -22.15 6.37 -27.44
CA VAL C 82 -22.80 7.17 -26.41
C VAL C 82 -22.20 8.58 -26.41
N VAL C 83 -20.89 8.70 -26.56
CA VAL C 83 -20.25 10.01 -26.59
C VAL C 83 -20.85 10.83 -27.73
N ALA C 84 -20.98 10.25 -28.93
CA ALA C 84 -21.49 10.99 -30.06
C ALA C 84 -22.93 11.42 -29.82
N ALA C 85 -23.73 10.51 -29.26
CA ALA C 85 -25.15 10.79 -29.07
C ALA C 85 -25.34 11.89 -28.05
N LEU C 86 -24.54 11.89 -26.99
CA LEU C 86 -24.71 12.91 -25.95
C LEU C 86 -24.18 14.26 -26.45
N LYS C 87 -23.11 14.26 -27.20
CA LYS C 87 -22.62 15.51 -27.80
C LYS C 87 -23.70 16.09 -28.73
N ALA C 88 -24.44 15.26 -29.44
CA ALA C 88 -25.40 15.74 -30.41
C ALA C 88 -26.58 16.45 -29.72
N ILE C 89 -26.85 16.18 -28.45
CA ILE C 89 -27.93 16.94 -27.75
C ILE C 89 -27.35 18.03 -26.83
N ALA C 90 -26.03 18.24 -26.90
CA ALA C 90 -25.30 19.28 -26.13
C ALA C 90 -25.66 19.20 -24.64
N VAL C 91 -25.39 18.04 -24.05
CA VAL C 91 -25.56 17.85 -22.61
C VAL C 91 -24.87 19.01 -21.87
N PRO C 92 -25.61 19.72 -21.01
CA PRO C 92 -25.06 20.88 -20.34
C PRO C 92 -24.26 20.59 -19.06
N ASN C 93 -24.72 19.58 -18.31
CA ASN C 93 -24.02 19.12 -17.10
C ASN C 93 -24.47 17.67 -16.83
N ILE C 94 -23.61 16.95 -16.11
CA ILE C 94 -23.90 15.64 -15.62
C ILE C 94 -23.63 15.62 -14.10
N ARG C 95 -24.63 15.19 -13.34
CA ARG C 95 -24.50 14.96 -11.91
C ARG C 95 -23.97 13.55 -11.66
N TRP C 96 -22.95 13.43 -10.82
CA TRP C 96 -22.27 12.17 -10.55
C TRP C 96 -21.62 12.26 -9.17
N PRO C 97 -21.52 11.16 -8.40
CA PRO C 97 -21.89 9.78 -8.71
C PRO C 97 -23.22 9.32 -8.08
N GLY C 98 -24.07 10.24 -7.62
CA GLY C 98 -25.36 9.89 -7.10
C GLY C 98 -26.15 11.15 -6.74
N GLY C 99 -27.34 11.04 -6.15
CA GLY C 99 -27.99 9.80 -5.84
C GLY C 99 -27.56 9.24 -4.50
N CYS C 100 -28.28 8.20 -4.06
CA CYS C 100 -28.00 7.51 -2.81
C CYS C 100 -26.55 7.00 -2.77
N PHE C 101 -26.01 6.53 -3.87
CA PHE C 101 -24.59 6.09 -3.90
C PHE C 101 -23.65 7.16 -3.35
N ALA C 102 -23.92 8.44 -3.59
CA ALA C 102 -23.01 9.51 -3.27
C ALA C 102 -22.90 9.72 -1.77
N ASP C 103 -23.95 9.37 -1.02
CA ASP C 103 -23.94 9.57 0.44
C ASP C 103 -23.17 8.47 1.15
N GLU C 104 -22.66 7.46 0.44
CA GLU C 104 -21.77 6.48 1.02
C GLU C 104 -20.44 6.42 0.26
N TYR C 105 -20.21 7.29 -0.71
CA TYR C 105 -19.02 7.20 -1.55
C TYR C 105 -17.82 7.85 -0.87
N HIS C 106 -16.65 7.20 -0.99
CA HIS C 106 -15.40 7.74 -0.52
C HIS C 106 -14.53 7.99 -1.77
N TRP C 107 -14.31 9.28 -2.08
CA TRP C 107 -13.67 9.64 -3.35
C TRP C 107 -12.27 9.02 -3.49
N ARG C 108 -11.56 8.81 -2.38
CA ARG C 108 -10.19 8.26 -2.49
C ARG C 108 -10.21 6.84 -3.05
N ASP C 109 -11.33 6.15 -2.95
CA ASP C 109 -11.46 4.79 -3.45
C ASP C 109 -11.40 4.79 -4.99
N GLY C 110 -11.66 5.95 -5.60
CA GLY C 110 -11.73 6.04 -7.06
C GLY C 110 -10.54 6.77 -7.71
N VAL C 111 -9.44 6.98 -6.98
CA VAL C 111 -8.24 7.60 -7.60
C VAL C 111 -7.03 6.70 -7.39
N GLY C 112 -6.02 6.96 -8.21
CA GLY C 112 -4.78 6.21 -8.19
C GLY C 112 -4.84 5.03 -9.14
N THR C 113 -3.76 4.27 -9.19
CA THR C 113 -3.68 3.15 -10.11
C THR C 113 -4.95 2.28 -9.97
N PRO C 114 -5.59 1.92 -11.08
CA PRO C 114 -6.79 1.08 -11.00
C PRO C 114 -6.62 -0.25 -10.25
N ALA C 115 -5.47 -0.90 -10.41
CA ALA C 115 -5.12 -2.14 -9.70
C ALA C 115 -5.16 -1.96 -8.17
N LYS C 116 -4.98 -0.75 -7.65
CA LYS C 116 -4.92 -0.61 -6.24
C LYS C 116 -6.24 -0.07 -5.69
N ARG C 117 -7.22 0.20 -6.53
CA ARG C 117 -8.48 0.75 -6.00
C ARG C 117 -9.29 -0.35 -5.31
N PRO C 118 -9.92 -0.05 -4.21
CA PRO C 118 -10.67 -1.09 -3.50
C PRO C 118 -12.00 -1.43 -4.18
N ILE C 119 -12.40 -2.70 -4.05
CA ILE C 119 -13.73 -3.09 -4.44
C ILE C 119 -14.68 -2.78 -3.27
N ARG C 120 -15.72 -2.04 -3.54
CA ARG C 120 -16.71 -1.68 -2.53
C ARG C 120 -18.03 -2.36 -2.87
N VAL C 121 -19.01 -2.17 -2.00
CA VAL C 121 -20.33 -2.76 -2.19
C VAL C 121 -21.30 -1.62 -2.50
N ASN C 122 -22.08 -1.80 -3.56
CA ASN C 122 -23.14 -0.87 -3.88
C ASN C 122 -24.39 -1.28 -3.08
N THR C 123 -24.51 -0.73 -1.87
CA THR C 123 -25.51 -1.28 -0.90
C THR C 123 -26.95 -1.00 -1.38
N HIS C 124 -27.22 0.16 -1.97
CA HIS C 124 -28.60 0.48 -2.33
C HIS C 124 -29.07 -0.31 -3.57
N TRP C 125 -28.15 -0.61 -4.49
CA TRP C 125 -28.54 -0.99 -5.84
C TRP C 125 -28.04 -2.41 -6.13
N GLY C 126 -28.60 -3.37 -5.38
CA GLY C 126 -28.39 -4.79 -5.60
C GLY C 126 -27.35 -5.41 -4.67
N GLY C 127 -26.64 -4.59 -3.89
CA GLY C 127 -25.58 -5.13 -3.04
C GLY C 127 -24.43 -5.73 -3.84
N VAL C 128 -24.23 -5.25 -5.06
CA VAL C 128 -23.20 -5.81 -5.98
C VAL C 128 -21.87 -5.07 -5.74
N GLU C 129 -20.82 -5.68 -6.26
CA GLU C 129 -19.48 -5.12 -6.18
C GLU C 129 -19.35 -3.90 -7.09
N GLU C 130 -18.65 -2.89 -6.58
CA GLU C 130 -18.28 -1.67 -7.29
C GLU C 130 -16.74 -1.67 -7.42
N SER C 131 -16.22 -1.79 -8.63
CA SER C 131 -14.78 -1.88 -8.92
C SER C 131 -14.04 -0.57 -8.68
N ASN C 132 -14.76 0.52 -8.71
CA ASN C 132 -14.19 1.89 -8.67
C ASN C 132 -13.24 2.17 -9.86
N ARG C 133 -13.40 1.45 -10.97
CA ARG C 133 -12.59 1.70 -12.16
C ARG C 133 -12.96 3.06 -12.75
N PHE C 134 -14.23 3.45 -12.64
CA PHE C 134 -14.67 4.74 -13.03
C PHE C 134 -14.73 5.64 -11.80
N GLY C 135 -13.70 6.49 -11.66
CA GLY C 135 -13.56 7.36 -10.53
C GLY C 135 -13.39 8.80 -10.97
N THR C 136 -12.78 9.62 -10.10
CA THR C 136 -12.73 11.06 -10.33
C THR C 136 -12.12 11.39 -11.68
N HIS C 137 -10.95 10.81 -12.02
CA HIS C 137 -10.31 11.21 -13.29
C HIS C 137 -11.18 10.74 -14.46
N GLU C 138 -11.75 9.54 -14.36
CA GLU C 138 -12.49 9.01 -15.49
C GLU C 138 -13.75 9.85 -15.72
N PHE C 139 -14.46 10.22 -14.64
CA PHE C 139 -15.63 11.05 -14.82
C PHE C 139 -15.25 12.45 -15.30
N MET C 140 -14.27 13.08 -14.65
CA MET C 140 -13.96 14.47 -15.02
C MET C 140 -13.44 14.57 -16.46
N ASP C 141 -12.60 13.62 -16.89
CA ASP C 141 -12.10 13.62 -18.24
C ASP C 141 -13.25 13.31 -19.23
N PHE C 142 -14.24 12.52 -18.81
CA PHE C 142 -15.43 12.29 -19.63
C PHE C 142 -16.18 13.60 -19.86
N THR C 143 -16.36 14.40 -18.80
CA THR C 143 -17.06 15.68 -18.96
C THR C 143 -16.31 16.55 -19.97
N GLU C 144 -14.99 16.56 -19.94
CA GLU C 144 -14.23 17.39 -20.89
C GLU C 144 -14.37 16.84 -22.30
N LEU C 145 -14.42 15.54 -22.49
CA LEU C 145 -14.59 14.96 -23.83
C LEU C 145 -15.95 15.40 -24.40
N LEU C 146 -16.98 15.43 -23.59
CA LEU C 146 -18.31 15.86 -24.03
C LEU C 146 -18.41 17.37 -24.15
N GLY C 147 -17.51 18.13 -23.55
CA GLY C 147 -17.64 19.59 -23.47
C GLY C 147 -18.76 19.99 -22.51
N THR C 148 -19.01 19.20 -21.46
CA THR C 148 -20.12 19.42 -20.52
C THR C 148 -19.53 19.83 -19.15
N GLN C 149 -20.41 20.33 -18.27
CA GLN C 149 -20.03 20.71 -16.95
C GLN C 149 -20.20 19.55 -15.96
N ALA C 150 -19.33 19.52 -14.95
CA ALA C 150 -19.39 18.53 -13.89
C ALA C 150 -20.25 19.08 -12.74
N TYR C 151 -21.22 18.29 -12.30
CA TYR C 151 -22.00 18.52 -11.10
C TYR C 151 -21.69 17.38 -10.13
N ILE C 152 -20.81 17.63 -9.17
CA ILE C 152 -20.28 16.60 -8.27
C ILE C 152 -21.20 16.50 -7.06
N ALA C 153 -21.56 15.28 -6.70
CA ALA C 153 -22.41 15.01 -5.51
C ALA C 153 -21.50 14.52 -4.38
N GLY C 154 -21.40 15.35 -3.34
CA GLY C 154 -20.52 15.06 -2.20
C GLY C 154 -21.20 14.27 -1.09
N ASN C 155 -20.37 13.56 -0.31
CA ASN C 155 -20.78 12.74 0.81
C ASN C 155 -20.84 13.57 2.10
N VAL C 156 -22.06 13.79 2.60
CA VAL C 156 -22.28 14.42 3.88
C VAL C 156 -22.78 13.39 4.92
N GLY C 157 -23.54 12.41 4.50
CA GLY C 157 -24.17 11.48 5.45
C GLY C 157 -23.20 10.62 6.22
N ASP C 158 -22.25 9.94 5.56
CA ASP C 158 -21.43 8.98 6.29
C ASP C 158 -19.95 9.41 6.41
N ALA C 159 -19.60 10.57 5.88
CA ALA C 159 -18.23 11.07 5.97
C ALA C 159 -18.18 12.29 6.90
N ALA C 160 -16.99 12.57 7.43
CA ALA C 160 -16.68 13.84 8.11
C ALA C 160 -16.46 14.94 7.05
N PRO C 161 -16.57 16.23 7.40
CA PRO C 161 -16.51 17.27 6.41
C PRO C 161 -15.19 17.34 5.63
N GLU C 162 -14.13 16.82 6.21
CA GLU C 162 -12.84 16.91 5.58
C GLU C 162 -12.85 16.14 4.26
N GLU C 163 -13.69 15.13 4.09
CA GLU C 163 -13.67 14.41 2.83
C GLU C 163 -14.08 15.27 1.63
N ILE C 164 -15.23 15.95 1.69
CA ILE C 164 -15.59 16.79 0.55
C ILE C 164 -14.62 17.98 0.43
N ALA C 165 -14.06 18.48 1.54
CA ALA C 165 -13.13 19.58 1.47
C ALA C 165 -11.89 19.12 0.68
N GLN C 166 -11.39 17.93 0.99
CA GLN C 166 -10.19 17.45 0.29
C GLN C 166 -10.52 17.13 -1.17
N TRP C 167 -11.71 16.60 -1.43
CA TRP C 167 -12.07 16.25 -2.80
C TRP C 167 -12.06 17.49 -3.68
N ALA C 168 -12.70 18.55 -3.22
CA ALA C 168 -12.72 19.81 -3.96
C ALA C 168 -11.30 20.34 -4.21
N GLU C 169 -10.43 20.25 -3.23
CA GLU C 169 -9.04 20.73 -3.39
C GLU C 169 -8.34 19.85 -4.44
N TYR C 170 -8.49 18.53 -4.31
CA TYR C 170 -7.87 17.62 -5.26
C TYR C 170 -8.21 18.00 -6.69
N MET C 171 -9.48 18.28 -6.92
CA MET C 171 -9.97 18.50 -8.29
C MET C 171 -9.65 19.91 -8.79
N THR C 172 -9.60 20.94 -7.94
CA THR C 172 -9.64 22.33 -8.38
C THR C 172 -8.39 23.13 -7.97
N ALA C 173 -7.54 22.66 -7.08
CA ALA C 173 -6.45 23.49 -6.58
C ALA C 173 -5.41 23.72 -7.67
N PRO C 174 -5.02 25.00 -7.89
CA PRO C 174 -3.95 25.32 -8.83
C PRO C 174 -2.58 25.38 -8.13
N THR C 175 -2.53 25.30 -6.79
CA THR C 175 -1.27 25.41 -6.07
C THR C 175 -0.49 24.07 -6.13
N ARG C 176 0.65 24.02 -5.45
CA ARG C 176 1.42 22.78 -5.34
C ARG C 176 1.22 22.11 -3.98
N SER C 177 -0.01 22.11 -3.50
CA SER C 177 -0.39 21.36 -2.28
C SER C 177 -0.27 19.84 -2.56
N SER C 178 -0.21 19.06 -1.53
CA SER C 178 -0.12 17.59 -1.66
C SER C 178 -1.30 17.04 -2.47
N LEU C 179 -2.51 17.51 -2.23
CA LEU C 179 -3.67 16.99 -2.94
C LEU C 179 -3.60 17.40 -4.41
N ALA C 180 -3.22 18.64 -4.70
CA ALA C 180 -3.09 19.04 -6.09
C ALA C 180 -1.98 18.21 -6.76
N ASN C 181 -0.86 17.99 -6.06
CA ASN C 181 0.24 17.25 -6.65
C ASN C 181 -0.15 15.77 -6.89
N GLU C 182 -1.03 15.25 -6.05
CA GLU C 182 -1.51 13.90 -6.20
C GLU C 182 -2.38 13.79 -7.48
N ARG C 183 -3.24 14.77 -7.72
CA ARG C 183 -3.95 14.85 -9.00
C ARG C 183 -2.95 14.87 -10.16
N ARG C 184 -1.92 15.70 -10.07
CA ARG C 184 -0.91 15.77 -11.13
C ARG C 184 -0.22 14.40 -11.31
N ALA C 185 0.16 13.74 -10.22
CA ALA C 185 0.80 12.43 -10.26
C ALA C 185 -0.13 11.41 -10.96
N ASN C 186 -1.43 11.56 -10.77
CA ASN C 186 -2.43 10.67 -11.34
C ASN C 186 -2.79 11.08 -12.78
N GLY C 187 -2.10 12.07 -13.37
CA GLY C 187 -2.14 12.33 -14.79
C GLY C 187 -2.89 13.60 -15.17
N ARG C 188 -3.36 14.44 -14.23
CA ARG C 188 -4.07 15.66 -14.56
C ARG C 188 -3.32 16.88 -14.00
N ASP C 189 -2.65 17.61 -14.88
CA ASP C 189 -1.78 18.70 -14.42
C ASP C 189 -2.63 19.90 -13.98
N ALA C 190 -3.50 20.38 -14.88
CA ALA C 190 -4.30 21.55 -14.58
C ALA C 190 -5.49 21.13 -13.74
N PRO C 191 -6.01 22.04 -12.91
CA PRO C 191 -7.28 21.78 -12.29
C PRO C 191 -8.39 21.47 -13.30
N TRP C 192 -9.39 20.71 -12.89
CA TRP C 192 -10.65 20.67 -13.63
C TRP C 192 -11.56 21.80 -13.14
N GLN C 193 -12.56 22.11 -13.93
CA GLN C 193 -13.64 22.97 -13.47
C GLN C 193 -14.71 22.12 -12.77
N VAL C 194 -15.10 22.55 -11.58
CA VAL C 194 -16.17 21.95 -10.81
C VAL C 194 -17.20 23.03 -10.47
N PRO C 195 -18.09 23.31 -11.43
CA PRO C 195 -18.94 24.46 -11.27
C PRO C 195 -20.10 24.26 -10.29
N TYR C 196 -20.50 23.01 -10.04
CA TYR C 196 -21.62 22.71 -9.14
C TYR C 196 -21.18 21.57 -8.22
N PHE C 197 -21.49 21.74 -6.95
CA PHE C 197 -21.12 20.77 -5.93
C PHE C 197 -22.30 20.58 -4.98
N GLY C 198 -22.85 19.37 -4.98
CA GLY C 198 -23.98 19.00 -4.10
C GLY C 198 -23.51 18.65 -2.71
N VAL C 199 -24.04 19.31 -1.71
CA VAL C 199 -23.64 19.11 -0.34
C VAL C 199 -24.66 18.21 0.35
N GLY C 200 -24.62 16.93 -0.02
CA GLY C 200 -25.53 15.89 0.49
C GLY C 200 -26.67 15.63 -0.48
N ASN C 201 -27.17 14.42 -0.49
CA ASN C 201 -28.20 13.94 -1.43
C ASN C 201 -29.30 13.24 -0.60
N GLU C 202 -30.53 13.60 -0.73
CA GLU C 202 -31.64 12.83 -0.07
C GLU C 202 -31.35 12.65 1.44
N LEU C 203 -31.04 13.74 2.15
CA LEU C 203 -30.68 13.63 3.58
C LEU C 203 -31.88 13.21 4.43
N TRP C 204 -33.10 13.41 3.93
CA TRP C 204 -34.32 12.96 4.61
C TRP C 204 -34.46 11.44 4.54
N GLY C 205 -33.66 10.77 3.72
CA GLY C 205 -33.80 9.33 3.47
C GLY C 205 -32.46 8.62 3.49
N CYS C 206 -32.01 8.18 2.31
CA CYS C 206 -30.78 7.34 2.21
C CYS C 206 -29.51 8.09 2.68
N GLY C 207 -29.54 9.42 2.74
CA GLY C 207 -28.39 10.20 3.20
C GLY C 207 -28.34 10.38 4.71
N GLY C 208 -29.21 9.77 5.51
CA GLY C 208 -29.08 9.82 6.96
C GLY C 208 -30.41 10.01 7.72
N ASN C 209 -31.56 9.89 7.06
CA ASN C 209 -32.86 9.92 7.74
C ASN C 209 -32.98 11.16 8.66
N MET C 210 -32.56 12.31 8.15
CA MET C 210 -32.46 13.52 8.95
C MET C 210 -33.78 14.32 8.95
N ARG C 211 -34.19 14.81 10.09
CA ARG C 211 -35.14 15.90 10.16
C ARG C 211 -34.50 17.17 9.53
N VAL C 212 -35.31 18.02 8.92
CA VAL C 212 -34.75 19.19 8.26
C VAL C 212 -33.99 20.08 9.26
N GLU C 213 -34.45 20.19 10.48
CA GLU C 213 -33.77 21.03 11.52
C GLU C 213 -32.31 20.59 11.67
N TYR C 214 -32.07 19.30 11.64
CA TYR C 214 -30.72 18.72 11.77
C TYR C 214 -29.97 18.85 10.45
N ALA C 215 -30.63 18.56 9.32
CA ALA C 215 -30.01 18.67 8.05
C ALA C 215 -29.52 20.10 7.78
N ALA C 216 -30.29 21.11 8.19
CA ALA C 216 -29.90 22.50 7.94
C ALA C 216 -28.59 22.80 8.70
N ASP C 217 -28.47 22.30 9.96
CA ASP C 217 -27.27 22.49 10.75
C ASP C 217 -26.09 21.77 10.08
N VAL C 218 -26.33 20.55 9.61
CA VAL C 218 -25.28 19.76 8.99
C VAL C 218 -24.83 20.45 7.68
N PHE C 219 -25.78 20.88 6.86
CA PHE C 219 -25.47 21.58 5.62
C PHE C 219 -24.62 22.82 5.91
N ARG C 220 -25.07 23.66 6.83
CA ARG C 220 -24.35 24.89 7.16
C ARG C 220 -22.88 24.57 7.52
N ARG C 221 -22.67 23.51 8.30
CA ARG C 221 -21.35 23.12 8.73
C ARG C 221 -20.54 22.58 7.53
N TYR C 222 -21.06 21.60 6.81
CA TYR C 222 -20.26 20.92 5.77
C TYR C 222 -19.95 21.87 4.60
N GLN C 223 -20.90 22.75 4.25
CA GLN C 223 -20.67 23.67 3.13
C GLN C 223 -19.51 24.63 3.46
N THR C 224 -19.31 24.93 4.74
CA THR C 224 -18.27 25.87 5.18
C THR C 224 -16.90 25.44 4.59
N PHE C 225 -16.65 24.14 4.54
CA PHE C 225 -15.32 23.66 4.27
C PHE C 225 -15.14 23.31 2.79
N VAL C 226 -16.14 23.55 1.97
CA VAL C 226 -15.95 23.47 0.52
C VAL C 226 -15.67 24.88 0.01
N LYS C 227 -14.43 25.14 -0.27
CA LYS C 227 -13.98 26.48 -0.58
C LYS C 227 -13.55 26.54 -2.06
N SER C 228 -13.91 27.66 -2.68
CA SER C 228 -13.52 27.97 -4.06
C SER C 228 -12.08 28.49 -4.04
N PRO C 229 -11.22 27.97 -4.91
CA PRO C 229 -9.95 28.69 -5.02
C PRO C 229 -10.16 30.04 -5.73
N ALA C 230 -9.11 30.84 -5.84
CA ALA C 230 -9.19 32.16 -6.51
C ALA C 230 -9.58 32.01 -7.98
N SER C 231 -9.29 30.84 -8.56
CA SER C 231 -9.28 30.64 -10.01
C SER C 231 -10.64 30.21 -10.55
N GLN C 232 -11.61 29.82 -9.71
CA GLN C 232 -12.93 29.41 -10.18
C GLN C 232 -13.91 29.44 -9.02
N LYS C 233 -15.16 29.59 -9.35
CA LYS C 233 -16.25 29.55 -8.36
C LYS C 233 -16.95 28.19 -8.39
N ILE C 234 -16.99 27.54 -7.24
CA ILE C 234 -17.75 26.30 -7.02
C ILE C 234 -19.11 26.66 -6.39
N LEU C 235 -20.19 26.47 -7.12
CA LEU C 235 -21.52 26.77 -6.61
C LEU C 235 -21.98 25.59 -5.75
N LYS C 236 -22.65 25.87 -4.65
CA LYS C 236 -23.03 24.86 -3.68
C LYS C 236 -24.54 24.65 -3.72
N ILE C 237 -24.93 23.40 -3.90
CA ILE C 237 -26.34 23.05 -3.94
C ILE C 237 -26.70 22.36 -2.61
N ALA C 238 -27.63 22.97 -1.88
CA ALA C 238 -28.13 22.43 -0.64
C ALA C 238 -29.18 21.34 -0.87
N PRO C 239 -29.25 20.39 0.06
CA PRO C 239 -30.14 19.23 0.01
C PRO C 239 -31.57 19.70 0.32
N GLY C 240 -32.46 19.58 -0.67
CA GLY C 240 -33.79 20.12 -0.56
C GLY C 240 -34.85 19.02 -0.46
N PRO C 241 -36.12 19.39 -0.66
CA PRO C 241 -37.26 18.54 -0.38
C PRO C 241 -37.47 17.42 -1.41
N SER C 242 -38.15 16.39 -0.93
CA SER C 242 -38.84 15.47 -1.81
C SER C 242 -40.30 15.91 -2.00
N ASP C 243 -40.82 15.87 -3.22
CA ASP C 243 -42.28 15.97 -3.46
C ASP C 243 -42.80 17.26 -2.80
N ASP C 244 -43.84 17.16 -2.00
CA ASP C 244 -44.50 18.35 -1.43
C ASP C 244 -44.05 18.60 0.02
N ASP C 245 -42.77 18.33 0.34
CA ASP C 245 -42.28 18.56 1.73
C ASP C 245 -41.95 20.05 1.90
N TYR C 246 -43.00 20.85 2.11
CA TYR C 246 -42.84 22.29 2.18
C TYR C 246 -42.12 22.71 3.46
N HIS C 247 -42.29 21.95 4.51
CA HIS C 247 -41.59 22.22 5.76
C HIS C 247 -40.08 22.16 5.54
N TRP C 248 -39.62 21.23 4.74
CA TRP C 248 -38.21 21.09 4.48
C TRP C 248 -37.67 22.37 3.82
N THR C 249 -38.35 22.84 2.76
CA THR C 249 -37.95 24.04 2.08
C THR C 249 -37.93 25.24 3.04
N GLU C 250 -38.97 25.39 3.84
CA GLU C 250 -39.10 26.48 4.78
C GLU C 250 -37.87 26.55 5.70
N VAL C 251 -37.51 25.42 6.29
CA VAL C 251 -36.43 25.42 7.27
C VAL C 251 -35.09 25.60 6.55
N MET C 252 -34.87 24.90 5.46
CA MET C 252 -33.58 25.02 4.79
C MET C 252 -33.34 26.48 4.37
N MET C 253 -34.38 27.13 3.83
CA MET C 253 -34.23 28.49 3.36
C MET C 253 -34.09 29.45 4.55
N ARG C 254 -34.94 29.29 5.55
CA ARG C 254 -34.90 30.18 6.72
C ARG C 254 -33.51 30.10 7.36
N GLU C 255 -32.97 28.88 7.47
CA GLU C 255 -31.75 28.68 8.24
C GLU C 255 -30.50 28.89 7.39
N ALA C 256 -30.55 28.64 6.08
CA ALA C 256 -29.30 28.50 5.33
C ALA C 256 -29.30 29.18 3.95
N SER C 257 -30.31 29.96 3.58
CA SER C 257 -30.37 30.53 2.22
C SER C 257 -29.10 31.33 1.87
N LYS C 258 -28.46 31.96 2.85
CA LYS C 258 -27.27 32.78 2.58
C LYS C 258 -26.06 31.90 2.25
N PHE C 259 -26.12 30.59 2.48
CA PHE C 259 -24.97 29.72 2.30
C PHE C 259 -25.13 28.79 1.10
N MET C 260 -26.11 29.00 0.24
CA MET C 260 -26.35 28.08 -0.85
C MET C 260 -26.51 28.90 -2.13
N ASP C 261 -26.12 28.29 -3.26
CA ASP C 261 -26.34 28.86 -4.58
C ASP C 261 -27.56 28.21 -5.24
N GLY C 262 -27.96 27.05 -4.73
CA GLY C 262 -29.11 26.32 -5.23
C GLY C 262 -29.68 25.39 -4.16
N LEU C 263 -30.94 25.02 -4.30
CA LEU C 263 -31.63 24.12 -3.41
C LEU C 263 -32.23 22.99 -4.27
N SER C 264 -31.89 21.74 -4.00
CA SER C 264 -32.37 20.66 -4.84
C SER C 264 -33.80 20.26 -4.45
N MET C 265 -34.60 19.87 -5.39
CA MET C 265 -35.87 19.23 -5.14
C MET C 265 -35.95 18.00 -6.03
N HIS C 266 -36.71 17.00 -5.58
CA HIS C 266 -36.83 15.74 -6.23
C HIS C 266 -38.32 15.42 -6.41
N TYR C 267 -38.73 15.02 -7.62
CA TYR C 267 -40.10 14.55 -7.81
C TYR C 267 -40.12 13.55 -8.98
N TYR C 268 -40.41 12.29 -8.63
CA TYR C 268 -40.57 11.23 -9.62
C TYR C 268 -42.04 11.08 -9.99
N THR C 269 -42.23 10.71 -11.26
CA THR C 269 -43.56 10.41 -11.78
C THR C 269 -43.77 8.90 -11.65
N ILE C 270 -44.62 8.49 -10.71
CA ILE C 270 -44.70 7.06 -10.38
C ILE C 270 -46.16 6.64 -10.48
N PRO C 271 -46.58 6.21 -11.66
CA PRO C 271 -47.97 5.77 -11.76
C PRO C 271 -48.21 4.58 -10.80
N GLY C 272 -49.34 4.65 -10.10
CA GLY C 272 -49.70 3.65 -9.11
C GLY C 272 -49.11 3.93 -7.74
N GLY C 273 -48.22 4.92 -7.61
CA GLY C 273 -47.62 5.21 -6.33
C GLY C 273 -46.49 4.26 -5.96
N TRP C 274 -45.82 4.58 -4.85
CA TRP C 274 -44.72 3.79 -4.33
C TRP C 274 -45.27 2.52 -3.68
N PRO C 275 -44.63 1.35 -3.84
CA PRO C 275 -43.45 1.12 -4.67
C PRO C 275 -43.81 0.99 -6.16
N PRO C 276 -42.83 1.28 -7.06
CA PRO C 276 -43.13 1.33 -8.50
C PRO C 276 -43.51 -0.06 -9.05
N ARG C 277 -44.75 -0.19 -9.52
CA ARG C 277 -45.20 -1.48 -10.03
C ARG C 277 -45.84 -1.35 -11.42
N ALA C 278 -45.90 -0.15 -12.01
CA ALA C 278 -46.54 0.01 -13.32
C ALA C 278 -45.62 -0.47 -14.45
N SER C 279 -46.18 -1.13 -15.48
CA SER C 279 -45.39 -1.63 -16.60
C SER C 279 -44.88 -0.45 -17.43
N SER C 280 -43.62 -0.55 -17.84
CA SER C 280 -42.98 0.42 -18.75
C SER C 280 -43.28 0.10 -20.23
N THR C 281 -43.81 -1.10 -20.52
CA THR C 281 -43.94 -1.58 -21.88
C THR C 281 -45.41 -1.71 -22.32
N THR C 282 -46.32 -1.99 -21.38
CA THR C 282 -47.65 -2.47 -21.73
C THR C 282 -48.66 -1.75 -20.83
N PHE C 283 -49.53 -0.96 -21.41
CA PHE C 283 -50.44 -0.17 -20.60
C PHE C 283 -51.62 0.30 -21.45
N ASP C 284 -52.70 0.61 -20.76
CA ASP C 284 -53.92 1.07 -21.39
C ASP C 284 -54.04 2.60 -21.20
N GLU C 285 -55.15 3.14 -21.65
CA GLU C 285 -55.37 4.58 -21.62
C GLU C 285 -55.44 5.11 -20.19
N ALA C 286 -56.01 4.35 -19.26
CA ALA C 286 -56.08 4.74 -17.84
C ALA C 286 -54.66 4.98 -17.28
N ALA C 287 -53.73 4.08 -17.59
CA ALA C 287 -52.35 4.19 -17.10
C ALA C 287 -51.64 5.36 -17.80
N TRP C 288 -51.99 5.59 -19.08
CA TRP C 288 -51.47 6.75 -19.84
C TRP C 288 -51.83 8.06 -19.14
N ILE C 289 -53.14 8.28 -18.94
CA ILE C 289 -53.57 9.56 -18.42
C ILE C 289 -53.11 9.71 -16.96
N GLN C 290 -53.09 8.62 -16.20
CA GLN C 290 -52.62 8.68 -14.81
C GLN C 290 -51.16 9.15 -14.76
N THR C 291 -50.33 8.65 -15.68
CA THR C 291 -48.95 9.02 -15.71
C THR C 291 -48.79 10.52 -16.01
N LEU C 292 -49.53 11.02 -17.00
CA LEU C 292 -49.42 12.41 -17.39
C LEU C 292 -49.96 13.31 -16.26
N SER C 293 -51.05 12.89 -15.64
CA SER C 293 -51.63 13.63 -14.51
C SER C 293 -50.58 13.75 -13.37
N ARG C 294 -49.94 12.63 -13.05
CA ARG C 294 -48.94 12.66 -12.01
C ARG C 294 -47.77 13.56 -12.40
N THR C 295 -47.33 13.54 -13.67
CA THR C 295 -46.13 14.29 -14.01
C THR C 295 -46.42 15.80 -13.91
N LEU C 296 -47.67 16.19 -14.20
CA LEU C 296 -48.03 17.61 -14.23
C LEU C 296 -48.02 18.24 -12.83
N VAL C 297 -48.03 17.42 -11.81
CA VAL C 297 -47.98 17.89 -10.42
C VAL C 297 -46.70 18.73 -10.20
N MET C 298 -45.65 18.46 -11.00
CA MET C 298 -44.41 19.26 -10.95
C MET C 298 -44.70 20.76 -10.94
N ASP C 299 -45.70 21.22 -11.67
CA ASP C 299 -45.96 22.65 -11.75
C ASP C 299 -46.39 23.19 -10.38
N GLU C 300 -47.29 22.50 -9.70
CA GLU C 300 -47.77 22.91 -8.38
C GLU C 300 -46.61 22.88 -7.38
N LEU C 301 -45.81 21.83 -7.41
CA LEU C 301 -44.65 21.70 -6.50
C LEU C 301 -43.69 22.87 -6.70
N ILE C 302 -43.29 23.14 -7.94
CA ILE C 302 -42.37 24.25 -8.19
C ILE C 302 -42.98 25.56 -7.69
N THR C 303 -44.27 25.78 -7.99
CA THR C 303 -44.94 27.04 -7.61
C THR C 303 -44.81 27.21 -6.10
N LYS C 304 -45.18 26.20 -5.36
CA LYS C 304 -45.28 26.33 -3.89
C LYS C 304 -43.89 26.36 -3.25
N HIS C 305 -42.95 25.51 -3.71
CA HIS C 305 -41.58 25.62 -3.18
C HIS C 305 -40.97 27.00 -3.52
N SER C 306 -41.21 27.53 -4.74
CA SER C 306 -40.68 28.83 -5.14
C SER C 306 -41.24 29.93 -4.22
N ALA C 307 -42.52 29.85 -3.86
CA ALA C 307 -43.10 30.90 -3.05
C ALA C 307 -42.44 30.92 -1.66
N ILE C 308 -42.11 29.75 -1.14
CA ILE C 308 -41.41 29.70 0.14
C ILE C 308 -40.00 30.32 -0.03
N MET C 309 -39.31 29.97 -1.12
CA MET C 309 -37.99 30.51 -1.37
C MET C 309 -38.06 32.06 -1.48
N ASP C 310 -39.13 32.59 -2.03
CA ASP C 310 -39.26 34.04 -2.21
C ASP C 310 -39.30 34.77 -0.85
N LYS C 311 -39.81 34.12 0.21
CA LYS C 311 -39.92 34.76 1.50
C LYS C 311 -38.54 35.05 2.05
N TYR C 312 -37.57 34.18 1.80
CA TYR C 312 -36.23 34.29 2.39
C TYR C 312 -35.24 34.85 1.37
N ASP C 313 -35.55 34.70 0.09
CA ASP C 313 -34.63 35.02 -1.00
C ASP C 313 -35.42 35.70 -2.12
N PRO C 314 -35.99 36.88 -1.83
CA PRO C 314 -36.84 37.56 -2.82
C PRO C 314 -36.07 37.94 -4.11
N ALA C 315 -34.76 38.10 -4.05
CA ALA C 315 -34.00 38.43 -5.28
C ALA C 315 -33.73 37.17 -6.12
N LYS C 316 -34.08 35.97 -5.64
CA LYS C 316 -33.92 34.74 -6.39
C LYS C 316 -32.44 34.44 -6.66
N LYS C 317 -31.58 34.73 -5.69
CA LYS C 317 -30.19 34.34 -5.82
C LYS C 317 -30.06 32.81 -5.79
N VAL C 318 -30.92 32.14 -5.03
CA VAL C 318 -30.84 30.69 -4.91
C VAL C 318 -31.68 30.04 -6.00
N ALA C 319 -31.05 29.27 -6.86
CA ALA C 319 -31.76 28.50 -7.88
C ALA C 319 -32.55 27.35 -7.21
N LEU C 320 -33.75 27.09 -7.74
CA LEU C 320 -34.40 25.84 -7.49
C LEU C 320 -33.89 24.84 -8.54
N VAL C 321 -33.35 23.74 -8.04
CA VAL C 321 -32.60 22.77 -8.82
C VAL C 321 -33.37 21.46 -8.80
N VAL C 322 -34.01 21.08 -9.90
CA VAL C 322 -34.81 19.91 -9.88
C VAL C 322 -33.89 18.76 -10.24
N ASP C 323 -33.14 18.21 -9.28
CA ASP C 323 -32.03 17.39 -9.82
C ASP C 323 -32.36 15.89 -9.79
N GLU C 324 -33.61 15.53 -9.52
CA GLU C 324 -34.14 14.21 -9.91
C GLU C 324 -35.61 14.41 -10.36
N TRP C 325 -35.90 14.02 -11.60
CA TRP C 325 -37.24 13.94 -12.10
C TRP C 325 -37.31 12.84 -13.16
N GLY C 326 -38.51 12.46 -13.53
CA GLY C 326 -38.72 11.42 -14.55
C GLY C 326 -39.59 10.30 -14.02
N THR C 327 -39.83 9.32 -14.89
CA THR C 327 -40.70 8.23 -14.58
C THR C 327 -39.94 7.11 -13.86
N TRP C 328 -40.67 6.40 -13.02
CA TRP C 328 -40.18 5.24 -12.32
C TRP C 328 -41.24 4.14 -12.39
N TYR C 329 -40.89 3.06 -13.12
CA TYR C 329 -41.79 1.95 -13.39
C TYR C 329 -41.32 0.68 -12.66
N ALA C 330 -42.12 -0.40 -12.76
CA ALA C 330 -41.63 -1.71 -12.42
C ALA C 330 -40.38 -2.03 -13.24
N PRO C 331 -39.46 -2.79 -12.65
CA PRO C 331 -38.31 -3.25 -13.42
C PRO C 331 -38.74 -4.23 -14.52
N LEU C 332 -38.03 -4.26 -15.64
CA LEU C 332 -38.35 -5.19 -16.68
C LEU C 332 -38.23 -6.64 -16.18
N PRO C 333 -39.05 -7.53 -16.71
CA PRO C 333 -38.99 -8.96 -16.38
C PRO C 333 -37.59 -9.55 -16.58
N GLY C 334 -37.12 -10.33 -15.63
CA GLY C 334 -35.83 -10.99 -15.80
C GLY C 334 -34.67 -10.09 -15.37
N THR C 335 -34.90 -8.83 -14.98
CA THR C 335 -33.77 -7.98 -14.65
C THR C 335 -33.60 -7.88 -13.13
N ASN C 336 -32.39 -7.56 -12.71
CA ASN C 336 -32.14 -7.31 -11.27
C ASN C 336 -32.90 -6.05 -10.88
N PRO C 337 -33.86 -6.17 -9.96
CA PRO C 337 -34.67 -4.99 -9.60
C PRO C 337 -33.85 -3.84 -9.00
N GLY C 338 -32.67 -4.12 -8.44
CA GLY C 338 -31.81 -3.06 -7.96
C GLY C 338 -31.11 -2.27 -9.08
N PHE C 339 -31.30 -2.62 -10.37
CA PHE C 339 -30.62 -1.94 -11.51
C PHE C 339 -31.55 -0.95 -12.23
N LEU C 340 -32.81 -0.88 -11.81
CA LEU C 340 -33.80 0.07 -12.29
C LEU C 340 -33.86 0.12 -13.82
N GLN C 341 -33.92 -1.04 -14.48
CA GLN C 341 -34.01 -1.09 -15.94
C GLN C 341 -35.49 -1.09 -16.34
N GLN C 342 -35.86 -0.11 -17.15
CA GLN C 342 -37.24 -0.01 -17.63
C GLN C 342 -37.20 0.42 -19.11
N GLN C 343 -38.26 0.13 -19.84
CA GLN C 343 -38.37 0.66 -21.20
C GLN C 343 -38.87 2.11 -21.16
N ASN C 344 -38.85 2.71 -22.33
CA ASN C 344 -38.96 4.14 -22.54
C ASN C 344 -39.84 4.30 -23.78
N SER C 345 -41.11 4.68 -23.56
CA SER C 345 -42.11 4.69 -24.59
C SER C 345 -42.50 6.12 -24.97
N LEU C 346 -43.43 6.22 -25.90
CA LEU C 346 -44.00 7.53 -26.27
C LEU C 346 -44.51 8.26 -25.03
N ARG C 347 -45.05 7.52 -24.07
CA ARG C 347 -45.54 8.10 -22.81
C ARG C 347 -44.40 8.88 -22.11
N ASP C 348 -43.20 8.29 -22.11
CA ASP C 348 -42.03 8.90 -21.50
C ASP C 348 -41.61 10.18 -22.27
N ALA C 349 -41.72 10.16 -23.60
CA ALA C 349 -41.46 11.36 -24.39
C ALA C 349 -42.39 12.49 -23.93
N LEU C 350 -43.69 12.21 -23.78
CA LEU C 350 -44.61 13.26 -23.35
C LEU C 350 -44.28 13.73 -21.94
N VAL C 351 -43.87 12.82 -21.06
CA VAL C 351 -43.44 13.23 -19.73
C VAL C 351 -42.32 14.26 -19.86
N ALA C 352 -41.34 14.01 -20.71
CA ALA C 352 -40.23 14.95 -20.87
C ALA C 352 -40.72 16.30 -21.43
N SER C 353 -41.58 16.30 -22.48
CA SER C 353 -41.99 17.57 -23.06
C SER C 353 -42.80 18.39 -22.04
N LEU C 354 -43.63 17.74 -21.26
CA LEU C 354 -44.45 18.47 -20.30
C LEU C 354 -43.58 19.11 -19.21
N ASN C 355 -42.57 18.38 -18.75
CA ASN C 355 -41.68 18.91 -17.72
C ASN C 355 -40.85 20.07 -18.28
N PHE C 356 -40.32 19.96 -19.51
CA PHE C 356 -39.60 21.09 -20.10
C PHE C 356 -40.50 22.32 -20.22
N ASP C 357 -41.75 22.14 -20.65
CA ASP C 357 -42.69 23.24 -20.72
C ASP C 357 -42.77 23.90 -19.33
N ILE C 358 -42.98 23.09 -18.29
CA ILE C 358 -43.18 23.60 -16.94
C ILE C 358 -41.93 24.32 -16.44
N PHE C 359 -40.77 23.73 -16.62
CA PHE C 359 -39.54 24.35 -16.16
C PHE C 359 -39.38 25.73 -16.82
N SER C 360 -39.64 25.79 -18.12
CA SER C 360 -39.46 27.02 -18.88
C SER C 360 -40.44 28.11 -18.42
N GLN C 361 -41.59 27.73 -17.85
CA GLN C 361 -42.57 28.70 -17.30
C GLN C 361 -42.09 29.24 -15.94
N HIS C 362 -41.09 28.63 -15.32
CA HIS C 362 -40.58 29.04 -13.99
C HIS C 362 -39.10 29.42 -14.09
N ALA C 363 -38.72 29.97 -15.23
CA ALA C 363 -37.28 30.05 -15.61
C ALA C 363 -36.51 31.02 -14.73
N GLU C 364 -37.15 31.98 -14.06
CA GLU C 364 -36.41 32.91 -13.21
C GLU C 364 -35.82 32.20 -11.98
N ARG C 365 -36.56 31.20 -11.48
CA ARG C 365 -36.16 30.52 -10.25
C ARG C 365 -35.59 29.14 -10.56
N VAL C 366 -36.24 28.39 -11.44
CA VAL C 366 -35.77 27.04 -11.78
C VAL C 366 -34.71 27.18 -12.88
N ARG C 367 -33.47 26.98 -12.52
CA ARG C 367 -32.36 27.26 -13.40
C ARG C 367 -31.50 26.01 -13.63
N MET C 368 -31.84 24.89 -12.98
CA MET C 368 -31.17 23.63 -13.27
C MET C 368 -32.17 22.48 -13.06
N ALA C 369 -32.04 21.43 -13.86
CA ALA C 369 -32.77 20.19 -13.67
C ALA C 369 -31.95 19.03 -14.23
N ASN C 370 -32.15 17.86 -13.67
CA ASN C 370 -31.44 16.66 -14.10
C ASN C 370 -32.42 15.48 -14.10
N ILE C 371 -32.62 14.92 -15.28
CA ILE C 371 -33.48 13.77 -15.43
C ILE C 371 -32.77 12.53 -14.87
N ALA C 372 -33.55 11.65 -14.26
CA ALA C 372 -33.03 10.37 -13.76
C ALA C 372 -33.34 9.25 -14.77
N GLN C 373 -32.35 8.57 -15.35
CA GLN C 373 -30.93 8.80 -15.31
C GLN C 373 -30.42 8.67 -16.75
N MET C 374 -29.11 8.74 -16.98
CA MET C 374 -28.64 9.06 -18.31
C MET C 374 -28.66 7.84 -19.25
N VAL C 375 -28.08 6.71 -18.83
CA VAL C 375 -27.99 5.53 -19.69
C VAL C 375 -28.45 4.32 -18.86
N ASN C 376 -29.33 3.50 -19.41
CA ASN C 376 -29.66 2.16 -18.88
C ASN C 376 -30.41 2.19 -17.54
N VAL C 377 -30.75 3.37 -17.00
CA VAL C 377 -31.34 3.47 -15.66
C VAL C 377 -32.51 4.45 -15.73
N LEU C 378 -33.64 4.04 -15.16
CA LEU C 378 -34.85 4.85 -15.08
C LEU C 378 -35.17 5.44 -16.48
N GLN C 379 -35.45 6.75 -16.60
CA GLN C 379 -35.98 7.31 -17.84
C GLN C 379 -34.81 7.73 -18.74
N ALA C 380 -34.08 6.74 -19.25
CA ALA C 380 -32.79 6.94 -19.85
C ALA C 380 -32.84 7.61 -21.23
N MET C 381 -31.73 8.24 -21.61
CA MET C 381 -31.52 8.76 -22.95
C MET C 381 -31.23 7.59 -23.91
N ILE C 382 -30.50 6.61 -23.40
CA ILE C 382 -29.86 5.60 -24.22
C ILE C 382 -29.95 4.27 -23.48
N LEU C 383 -30.16 3.20 -24.22
CA LEU C 383 -30.07 1.84 -23.69
C LEU C 383 -28.94 1.14 -24.45
N THR C 384 -28.10 0.42 -23.73
CA THR C 384 -27.01 -0.33 -24.35
C THR C 384 -27.06 -1.78 -23.88
N ASP C 385 -26.51 -2.63 -24.73
CA ASP C 385 -26.34 -4.03 -24.40
C ASP C 385 -25.14 -4.56 -25.21
N GLY C 386 -23.98 -4.61 -24.59
CA GLY C 386 -22.76 -4.84 -25.33
C GLY C 386 -22.60 -3.78 -26.39
N ASP C 387 -22.28 -4.15 -27.63
CA ASP C 387 -22.01 -3.12 -28.63
C ASP C 387 -23.31 -2.52 -29.17
N LYS C 388 -24.49 -3.00 -28.77
CA LYS C 388 -25.75 -2.44 -29.24
C LYS C 388 -26.13 -1.19 -28.44
N MET C 389 -26.77 -0.23 -29.11
CA MET C 389 -27.19 0.99 -28.50
C MET C 389 -28.49 1.44 -29.17
N VAL C 390 -29.42 1.97 -28.37
CA VAL C 390 -30.62 2.56 -28.95
C VAL C 390 -30.94 3.88 -28.25
N LEU C 391 -31.41 4.84 -29.04
CA LEU C 391 -31.87 6.11 -28.55
C LEU C 391 -33.35 6.03 -28.18
N THR C 392 -33.70 6.52 -27.01
CA THR C 392 -35.08 6.39 -26.52
C THR C 392 -35.96 7.54 -27.03
N PRO C 393 -37.27 7.38 -26.90
CA PRO C 393 -38.16 8.52 -27.21
C PRO C 393 -37.81 9.75 -26.37
N THR C 394 -37.36 9.56 -25.13
CA THR C 394 -37.01 10.68 -24.27
C THR C 394 -35.81 11.43 -24.87
N TYR C 395 -34.80 10.72 -25.35
CA TYR C 395 -33.65 11.34 -26.02
C TYR C 395 -34.12 12.31 -27.12
N HIS C 396 -35.08 11.86 -27.93
CA HIS C 396 -35.55 12.66 -29.04
C HIS C 396 -36.23 13.93 -28.56
N VAL C 397 -36.85 13.90 -27.37
CA VAL C 397 -37.43 15.13 -26.84
C VAL C 397 -36.33 16.13 -26.42
N PHE C 398 -35.27 15.64 -25.78
CA PHE C 398 -34.09 16.48 -25.49
C PHE C 398 -33.55 17.10 -26.78
N ALA C 399 -33.48 16.30 -27.87
CA ALA C 399 -33.05 16.82 -29.18
C ALA C 399 -34.01 17.88 -29.69
N LEU C 400 -35.31 17.65 -29.64
CA LEU C 400 -36.30 18.63 -30.16
C LEU C 400 -36.20 19.96 -29.42
N TYR C 401 -35.95 19.90 -28.11
CA TYR C 401 -35.95 21.09 -27.28
C TYR C 401 -34.57 21.73 -27.20
N LYS C 402 -33.59 21.28 -27.98
CA LYS C 402 -32.29 21.93 -27.97
C LYS C 402 -32.33 23.46 -28.15
N PRO C 403 -33.19 23.99 -29.01
CA PRO C 403 -33.28 25.44 -29.16
C PRO C 403 -33.66 26.19 -27.87
N TYR C 404 -34.22 25.51 -26.88
CA TYR C 404 -34.56 26.11 -25.58
C TYR C 404 -33.29 26.40 -24.75
N GLN C 405 -32.13 25.80 -25.08
CA GLN C 405 -30.93 25.96 -24.27
C GLN C 405 -30.45 27.42 -24.29
N ASP C 406 -30.55 28.09 -23.14
CA ASP C 406 -30.16 29.50 -22.99
C ASP C 406 -31.02 30.41 -23.87
N ALA C 407 -32.24 29.98 -24.18
CA ALA C 407 -33.19 30.81 -24.90
C ALA C 407 -33.83 31.81 -23.92
N THR C 408 -34.72 32.65 -24.45
CA THR C 408 -35.53 33.59 -23.69
C THR C 408 -36.98 33.06 -23.65
N HIS C 409 -37.53 32.94 -22.47
CA HIS C 409 -38.93 32.57 -22.28
C HIS C 409 -39.87 33.60 -22.95
N LEU C 410 -40.87 33.11 -23.65
CA LEU C 410 -41.96 33.93 -24.14
C LEU C 410 -43.29 33.42 -23.58
N PRO C 411 -44.18 34.31 -23.15
CA PRO C 411 -45.46 33.87 -22.63
C PRO C 411 -46.29 33.22 -23.75
N LEU C 412 -46.71 31.98 -23.53
CA LEU C 412 -47.66 31.30 -24.41
C LEU C 412 -48.86 30.85 -23.55
N GLN C 413 -50.01 31.46 -23.77
CA GLN C 413 -51.20 31.23 -22.93
C GLN C 413 -52.16 30.42 -23.80
N LEU C 414 -52.47 29.19 -23.44
CA LEU C 414 -53.36 28.35 -24.23
C LEU C 414 -54.72 28.24 -23.55
N GLN C 415 -55.75 28.26 -24.36
CA GLN C 415 -57.12 28.04 -23.89
C GLN C 415 -57.52 26.65 -24.36
N THR C 416 -57.44 25.66 -23.48
CA THR C 416 -57.59 24.26 -23.87
C THR C 416 -58.74 23.65 -23.07
N PRO C 417 -59.52 22.76 -23.69
CA PRO C 417 -60.40 21.91 -22.92
C PRO C 417 -59.57 20.89 -22.13
N GLN C 418 -60.22 20.20 -21.22
CA GLN C 418 -59.64 19.06 -20.55
C GLN C 418 -59.79 17.80 -21.41
N TYR C 419 -58.77 16.96 -21.36
CA TYR C 419 -58.84 15.55 -21.77
C TYR C 419 -59.22 14.73 -20.53
N ARG C 420 -60.33 14.02 -20.60
CA ARG C 420 -60.82 13.23 -19.46
C ARG C 420 -60.91 11.76 -19.87
N HIS C 421 -60.48 10.87 -18.99
CA HIS C 421 -60.70 9.47 -19.15
C HIS C 421 -60.95 8.89 -17.75
N GLY C 422 -62.11 8.26 -17.59
CA GLY C 422 -62.54 7.85 -16.26
C GLY C 422 -62.59 9.01 -15.28
N ASP C 423 -61.99 8.85 -14.12
CA ASP C 423 -62.04 9.87 -13.07
C ASP C 423 -60.82 10.80 -13.13
N THR C 424 -60.03 10.78 -14.21
CA THR C 424 -58.86 11.65 -14.33
C THR C 424 -59.06 12.66 -15.46
N GLN C 425 -58.61 13.89 -15.26
CA GLN C 425 -58.56 14.90 -16.28
C GLN C 425 -57.22 15.63 -16.25
N VAL C 426 -56.77 15.99 -17.46
CA VAL C 426 -55.57 16.78 -17.71
C VAL C 426 -55.88 17.76 -18.83
N PRO C 427 -55.06 18.80 -18.99
CA PRO C 427 -55.23 19.65 -20.19
C PRO C 427 -55.05 18.82 -21.48
N ALA C 428 -55.91 19.04 -22.46
CA ALA C 428 -55.83 18.34 -23.71
C ALA C 428 -54.51 18.67 -24.42
N VAL C 429 -54.14 19.96 -24.42
CA VAL C 429 -52.90 20.41 -25.06
C VAL C 429 -52.14 21.27 -24.08
N HIS C 430 -50.83 21.10 -24.11
CA HIS C 430 -49.90 21.81 -23.28
C HIS C 430 -48.77 22.33 -24.17
N GLY C 431 -48.14 23.43 -23.82
CA GLY C 431 -47.06 23.94 -24.72
C GLY C 431 -46.22 25.00 -24.02
N SER C 432 -45.22 25.47 -24.74
CA SER C 432 -44.36 26.53 -24.28
C SER C 432 -43.70 27.15 -25.51
N ALA C 433 -43.05 28.29 -25.33
CA ALA C 433 -42.39 28.99 -26.41
C ALA C 433 -41.18 29.72 -25.89
N VAL C 434 -40.20 29.89 -26.80
CA VAL C 434 -39.02 30.66 -26.53
C VAL C 434 -38.61 31.46 -27.75
N LYS C 435 -37.76 32.45 -27.52
CA LYS C 435 -36.91 33.02 -28.56
C LYS C 435 -35.50 32.49 -28.37
N ALA C 436 -35.02 31.73 -29.33
CA ALA C 436 -33.73 31.04 -29.23
C ALA C 436 -32.58 32.03 -29.42
N LYS C 437 -31.36 31.56 -29.14
CA LYS C 437 -30.18 32.44 -29.31
C LYS C 437 -29.98 32.82 -30.78
N ASP C 438 -30.43 32.00 -31.72
CA ASP C 438 -30.32 32.36 -33.17
C ASP C 438 -31.37 33.43 -33.54
N GLY C 439 -32.24 33.84 -32.64
CA GLY C 439 -33.23 34.89 -32.90
C GLY C 439 -34.58 34.39 -33.43
N HIS C 440 -34.72 33.09 -33.66
CA HIS C 440 -35.99 32.51 -34.09
C HIS C 440 -36.86 32.10 -32.90
N VAL C 441 -38.15 32.25 -33.09
CA VAL C 441 -39.13 31.86 -32.13
C VAL C 441 -39.51 30.40 -32.37
N TYR C 442 -39.55 29.64 -31.29
CA TYR C 442 -39.95 28.21 -31.29
C TYR C 442 -41.17 28.02 -30.38
N ILE C 443 -42.09 27.20 -30.84
CA ILE C 443 -43.29 26.81 -30.08
C ILE C 443 -43.34 25.30 -30.02
N ALA C 444 -43.42 24.79 -28.77
CA ALA C 444 -43.61 23.38 -28.51
C ALA C 444 -45.07 23.16 -28.16
N LEU C 445 -45.68 22.11 -28.72
CA LEU C 445 -47.04 21.72 -28.36
C LEU C 445 -47.08 20.20 -28.15
N THR C 446 -47.83 19.77 -27.16
CA THR C 446 -48.06 18.39 -26.85
C THR C 446 -49.57 18.14 -26.78
N ASN C 447 -50.05 17.11 -27.50
CA ASN C 447 -51.43 16.65 -27.39
C ASN C 447 -51.45 15.43 -26.46
N LEU C 448 -52.02 15.59 -25.27
CA LEU C 448 -51.99 14.57 -24.23
C LEU C 448 -53.06 13.49 -24.49
N ASP C 449 -54.04 13.76 -25.34
CA ASP C 449 -55.13 12.82 -25.57
C ASP C 449 -54.59 11.57 -26.29
N ALA C 450 -54.94 10.39 -25.76
CA ALA C 450 -54.50 9.12 -26.35
C ALA C 450 -55.16 8.87 -27.71
N SER C 451 -56.25 9.51 -28.04
CA SER C 451 -56.88 9.16 -29.34
C SER C 451 -57.45 10.37 -30.11
N ALA C 452 -57.71 11.53 -29.50
CA ALA C 452 -58.36 12.65 -30.21
C ALA C 452 -57.30 13.64 -30.68
N SER C 453 -57.35 14.01 -31.96
CA SER C 453 -56.52 15.11 -32.48
C SER C 453 -57.05 16.44 -31.94
N ALA C 454 -56.27 17.50 -32.09
CA ALA C 454 -56.66 18.84 -31.71
C ALA C 454 -56.33 19.83 -32.83
N THR C 455 -57.16 20.86 -32.92
CA THR C 455 -56.88 21.99 -33.82
C THR C 455 -56.44 23.18 -32.97
N VAL C 456 -55.21 23.63 -33.12
CA VAL C 456 -54.68 24.69 -32.29
C VAL C 456 -54.51 25.96 -33.12
N SER C 457 -55.00 27.07 -32.61
CA SER C 457 -54.89 28.35 -33.24
C SER C 457 -54.24 29.35 -32.27
N VAL C 458 -53.00 29.74 -32.57
CA VAL C 458 -52.24 30.65 -31.68
C VAL C 458 -52.06 32.00 -32.40
N GLN C 459 -52.60 33.02 -31.75
CA GLN C 459 -52.44 34.40 -32.16
C GLN C 459 -51.05 34.91 -31.72
N VAL C 460 -50.21 35.36 -32.63
CA VAL C 460 -48.85 35.78 -32.30
C VAL C 460 -48.79 37.31 -32.30
N GLU C 461 -48.40 37.88 -31.16
CA GLU C 461 -48.24 39.33 -31.01
C GLU C 461 -46.75 39.68 -31.00
N GLY C 462 -46.39 40.72 -31.73
CA GLY C 462 -45.03 41.26 -31.65
C GLY C 462 -44.09 40.61 -32.68
N LEU C 463 -44.59 39.89 -33.68
CA LEU C 463 -43.70 39.30 -34.71
C LEU C 463 -44.50 38.94 -35.96
N PRO C 464 -44.28 39.64 -37.07
CA PRO C 464 -44.86 39.28 -38.34
C PRO C 464 -44.38 37.89 -38.81
N LEU C 465 -45.29 37.08 -39.32
CA LEU C 465 -45.03 35.69 -39.71
C LEU C 465 -45.05 35.58 -41.24
N ARG C 466 -44.19 34.75 -41.84
CA ARG C 466 -44.33 34.32 -43.20
C ARG C 466 -44.49 32.80 -43.31
N ALA C 467 -43.95 32.03 -42.39
CA ALA C 467 -43.85 30.61 -42.56
C ALA C 467 -43.60 29.95 -41.21
N VAL C 468 -43.75 28.63 -41.18
CA VAL C 468 -43.47 27.82 -39.98
C VAL C 468 -43.02 26.45 -40.46
N GLU C 469 -41.97 25.96 -39.83
CA GLU C 469 -41.39 24.64 -40.14
C GLU C 469 -41.46 23.80 -38.86
N GLY C 470 -41.62 22.49 -38.96
CA GLY C 470 -41.73 21.77 -37.70
C GLY C 470 -41.33 20.31 -37.81
N GLN C 471 -41.16 19.72 -36.64
CA GLN C 471 -40.97 18.30 -36.48
C GLN C 471 -42.01 17.74 -35.51
N ILE C 472 -42.33 16.47 -35.69
CA ILE C 472 -43.32 15.80 -34.86
C ILE C 472 -42.69 14.50 -34.32
N LEU C 473 -42.92 14.26 -33.05
CA LEU C 473 -42.59 13.01 -32.42
C LEU C 473 -43.91 12.37 -31.97
N THR C 474 -44.22 11.24 -32.60
CA THR C 474 -45.39 10.46 -32.31
C THR C 474 -45.08 9.01 -32.71
N ALA C 475 -46.10 8.17 -32.63
CA ALA C 475 -46.01 6.77 -32.98
C ALA C 475 -47.43 6.27 -33.21
N PRO C 476 -47.57 5.09 -33.81
CA PRO C 476 -48.92 4.60 -34.12
C PRO C 476 -49.72 4.26 -32.85
N ALA C 477 -49.05 3.84 -31.78
CA ALA C 477 -49.74 3.44 -30.55
C ALA C 477 -49.07 4.14 -29.35
N ILE C 478 -49.84 4.39 -28.29
CA ILE C 478 -49.29 5.07 -27.10
C ILE C 478 -48.18 4.23 -26.47
N ALA C 479 -48.27 2.91 -26.50
CA ALA C 479 -47.27 2.07 -25.85
C ALA C 479 -46.21 1.65 -26.87
N THR C 480 -45.61 2.56 -27.60
CA THR C 480 -44.59 2.18 -28.57
C THR C 480 -43.24 2.60 -27.97
N TYR C 481 -42.23 1.75 -28.12
CA TYR C 481 -40.92 2.05 -27.61
C TYR C 481 -39.87 1.58 -28.62
N ASN C 482 -38.64 2.03 -28.44
CA ASN C 482 -37.57 1.67 -29.36
C ASN C 482 -36.80 0.45 -28.84
N THR C 483 -36.38 -0.40 -29.76
CA THR C 483 -35.55 -1.56 -29.45
C THR C 483 -34.36 -1.59 -30.40
N TYR C 484 -33.38 -2.46 -30.10
CA TYR C 484 -32.19 -2.63 -30.96
C TYR C 484 -32.64 -3.05 -32.37
N ALA C 485 -33.65 -3.93 -32.42
CA ALA C 485 -34.16 -4.45 -33.71
C ALA C 485 -35.00 -3.40 -34.44
N GLN C 486 -35.72 -2.54 -33.70
CA GLN C 486 -36.61 -1.49 -34.27
C GLN C 486 -36.27 -0.15 -33.59
N PRO C 487 -35.14 0.41 -33.98
CA PRO C 487 -34.57 1.53 -33.27
C PRO C 487 -35.28 2.86 -33.55
N GLN C 488 -36.13 2.91 -34.57
CA GLN C 488 -36.80 4.14 -34.95
C GLN C 488 -38.32 3.99 -34.90
N ALA C 489 -38.85 3.12 -34.05
CA ALA C 489 -40.30 3.04 -33.91
C ALA C 489 -40.86 4.39 -33.44
N VAL C 490 -40.10 5.10 -32.58
CA VAL C 490 -40.51 6.43 -32.11
C VAL C 490 -39.35 7.38 -32.40
N ALA C 491 -39.50 8.22 -33.39
CA ALA C 491 -38.42 9.11 -33.82
C ALA C 491 -39.04 10.26 -34.61
N PRO C 492 -38.37 11.40 -34.61
CA PRO C 492 -38.96 12.60 -35.15
C PRO C 492 -38.94 12.56 -36.68
N VAL C 493 -39.98 13.11 -37.27
CA VAL C 493 -40.05 13.32 -38.73
C VAL C 493 -40.57 14.74 -38.98
N ALA C 494 -40.44 15.18 -40.23
CA ALA C 494 -40.98 16.48 -40.64
C ALA C 494 -42.49 16.52 -40.39
N PHE C 495 -42.96 17.64 -39.84
CA PHE C 495 -44.38 17.80 -39.54
C PHE C 495 -45.07 18.63 -40.61
N LYS C 496 -46.22 18.17 -41.06
CA LYS C 496 -46.95 18.79 -42.17
C LYS C 496 -48.22 19.52 -41.75
N GLY C 497 -48.46 19.65 -40.45
CA GLY C 497 -49.75 20.17 -40.01
C GLY C 497 -49.71 21.60 -39.48
N ALA C 498 -48.63 22.35 -39.70
CA ALA C 498 -48.60 23.74 -39.21
C ALA C 498 -48.62 24.73 -40.37
N ARG C 499 -49.38 25.82 -40.22
CA ARG C 499 -49.38 26.89 -41.25
C ARG C 499 -49.60 28.23 -40.58
N VAL C 500 -49.19 29.28 -41.26
CA VAL C 500 -49.34 30.62 -40.79
C VAL C 500 -50.41 31.30 -41.63
N GLN C 501 -51.29 32.07 -40.99
CA GLN C 501 -52.26 32.85 -41.68
C GLN C 501 -52.45 34.17 -40.93
N GLY C 502 -52.10 35.29 -41.56
CA GLY C 502 -52.11 36.57 -40.87
C GLY C 502 -51.14 36.54 -39.70
N LYS C 503 -51.64 36.76 -38.51
CA LYS C 503 -50.85 36.69 -37.29
C LYS C 503 -51.10 35.36 -36.54
N THR C 504 -51.70 34.37 -37.19
CA THR C 504 -52.12 33.16 -36.49
C THR C 504 -51.27 31.97 -36.97
N VAL C 505 -50.81 31.15 -36.03
CA VAL C 505 -50.25 29.85 -36.35
C VAL C 505 -51.34 28.79 -36.11
N ASN C 506 -51.71 28.05 -37.17
CA ASN C 506 -52.73 27.04 -37.08
C ASN C 506 -52.00 25.69 -37.11
N VAL C 507 -52.36 24.80 -36.18
CA VAL C 507 -51.73 23.52 -36.05
C VAL C 507 -52.79 22.42 -35.99
N ALA C 508 -52.75 21.49 -36.91
CA ALA C 508 -53.52 20.23 -36.81
C ALA C 508 -52.62 19.23 -36.07
N LEU C 509 -52.91 19.06 -34.79
CA LEU C 509 -52.04 18.36 -33.86
C LEU C 509 -52.59 16.94 -33.59
N PRO C 510 -51.89 15.91 -34.04
CA PRO C 510 -52.38 14.57 -33.86
C PRO C 510 -52.44 14.16 -32.39
N ALA C 511 -53.27 13.16 -32.12
CA ALA C 511 -53.33 12.52 -30.79
C ALA C 511 -51.94 12.09 -30.37
N HIS C 512 -51.67 12.11 -29.05
CA HIS C 512 -50.47 11.57 -28.46
C HIS C 512 -49.21 11.98 -29.22
N SER C 513 -48.98 13.29 -29.35
CA SER C 513 -47.88 13.77 -30.16
C SER C 513 -47.26 15.02 -29.55
N ILE C 514 -46.02 15.25 -29.92
CA ILE C 514 -45.26 16.43 -29.56
C ILE C 514 -44.77 17.06 -30.87
N VAL C 515 -45.00 18.35 -31.03
CA VAL C 515 -44.39 19.06 -32.18
C VAL C 515 -43.51 20.20 -31.65
N MET C 516 -42.48 20.50 -32.42
CA MET C 516 -41.62 21.63 -32.19
C MET C 516 -41.59 22.44 -33.48
N LEU C 517 -42.09 23.67 -33.40
CA LEU C 517 -42.29 24.55 -34.54
C LEU C 517 -41.29 25.70 -34.46
N LYS C 518 -40.73 26.05 -35.60
CA LYS C 518 -39.86 27.18 -35.73
C LYS C 518 -40.56 28.19 -36.64
N LEU C 519 -40.79 29.40 -36.13
CA LEU C 519 -41.42 30.45 -36.90
C LEU C 519 -40.37 31.18 -37.76
N GLN C 520 -40.79 31.60 -38.93
CA GLN C 520 -39.96 32.37 -39.81
C GLN C 520 -40.89 33.29 -40.62
N GLU D 28 56.80 -31.22 35.64
CA GLU D 28 56.46 -29.76 35.47
C GLU D 28 56.53 -29.41 33.98
N VAL D 29 55.56 -28.64 33.52
CA VAL D 29 55.51 -28.29 32.10
C VAL D 29 56.25 -26.98 31.91
N LYS D 30 57.33 -27.01 31.15
CA LYS D 30 58.22 -25.87 30.96
C LYS D 30 58.13 -25.34 29.54
N VAL D 31 57.90 -24.04 29.40
CA VAL D 31 57.78 -23.40 28.10
C VAL D 31 58.77 -22.23 28.06
N ASN D 32 59.56 -22.16 27.00
CA ASN D 32 60.53 -21.10 26.77
C ASN D 32 60.07 -20.31 25.54
N GLY D 33 60.36 -19.03 25.50
CA GLY D 33 60.08 -18.29 24.30
C GLY D 33 60.93 -17.05 24.15
N THR D 34 60.74 -16.40 23.00
CA THR D 34 61.45 -15.20 22.63
C THR D 34 60.47 -14.20 22.03
N LEU D 35 60.52 -12.97 22.54
CA LEU D 35 59.72 -11.86 22.04
C LEU D 35 60.63 -10.82 21.40
N ARG D 36 60.38 -10.49 20.13
CA ARG D 36 61.21 -9.52 19.40
C ARG D 36 60.46 -8.19 19.29
N VAL D 37 60.61 -7.37 20.32
CA VAL D 37 60.01 -6.03 20.33
C VAL D 37 60.69 -5.19 19.24
N ASP D 38 61.92 -5.52 18.92
CA ASP D 38 62.72 -4.82 17.92
C ASP D 38 62.35 -5.26 16.49
N GLN D 39 61.42 -6.20 16.29
CA GLN D 39 61.04 -6.60 14.93
C GLN D 39 59.54 -6.46 14.71
N PRO D 40 59.00 -5.24 14.84
CA PRO D 40 57.58 -5.05 14.67
C PRO D 40 57.08 -5.43 13.26
N GLY D 41 55.88 -6.00 13.19
CA GLY D 41 55.28 -6.45 11.93
C GLY D 41 54.07 -5.61 11.54
N ALA D 42 53.04 -6.25 11.03
CA ALA D 42 51.92 -5.52 10.43
C ALA D 42 50.95 -5.11 11.54
N GLN D 43 50.02 -4.23 11.15
CA GLN D 43 48.96 -3.82 12.01
C GLN D 43 47.99 -4.99 12.24
N VAL D 44 47.66 -5.20 13.51
CA VAL D 44 46.61 -6.12 13.92
C VAL D 44 45.28 -5.35 13.88
N SER D 45 44.51 -5.54 12.82
CA SER D 45 43.37 -4.68 12.58
C SER D 45 42.34 -4.85 13.70
N ARG D 46 41.77 -3.74 14.13
CA ARG D 46 40.66 -3.80 15.06
C ARG D 46 39.49 -4.62 14.45
N GLN D 47 39.40 -4.72 13.13
CA GLN D 47 38.27 -5.41 12.51
C GLN D 47 38.38 -6.93 12.71
N LEU D 48 39.49 -7.41 13.28
CA LEU D 48 39.57 -8.82 13.68
C LEU D 48 38.59 -9.14 14.81
N PHE D 49 38.04 -8.13 15.46
CA PHE D 49 37.10 -8.31 16.57
C PHE D 49 35.66 -8.05 16.13
N GLY D 50 35.36 -8.24 14.84
CA GLY D 50 34.03 -8.06 14.33
C GLY D 50 33.01 -9.01 14.94
N GLN D 51 31.74 -8.53 14.94
CA GLN D 51 30.61 -9.26 15.38
C GLN D 51 29.69 -9.53 14.19
N PHE D 52 28.70 -10.40 14.44
CA PHE D 52 27.86 -10.95 13.36
C PHE D 52 26.48 -11.19 13.96
N ALA D 53 25.48 -10.45 13.48
CA ALA D 53 24.13 -10.54 14.01
C ALA D 53 23.13 -10.91 12.91
N GLU D 54 22.92 -12.20 12.69
CA GLU D 54 21.95 -12.68 11.74
C GLU D 54 20.55 -12.58 12.33
N HIS D 55 19.55 -12.48 11.45
CA HIS D 55 18.15 -12.67 11.87
C HIS D 55 17.90 -14.16 12.13
N LEU D 56 18.11 -14.55 13.37
CA LEU D 56 18.18 -15.95 13.76
C LEU D 56 17.81 -16.05 15.25
N GLY D 57 16.79 -16.84 15.56
CA GLY D 57 16.36 -17.08 16.90
C GLY D 57 16.06 -15.79 17.65
N THR D 58 16.73 -15.58 18.79
CA THR D 58 16.55 -14.36 19.57
C THR D 58 17.78 -13.46 19.45
N GLY D 59 18.56 -13.63 18.38
CA GLY D 59 19.76 -12.83 18.19
C GLY D 59 19.47 -11.37 17.93
N ILE D 60 18.38 -11.08 17.24
CA ILE D 60 17.94 -9.72 16.99
C ILE D 60 16.75 -9.40 17.89
N TYR D 61 15.69 -10.19 17.74
CA TYR D 61 14.47 -9.94 18.52
C TYR D 61 14.65 -10.53 19.92
N GLY D 62 14.77 -9.68 20.92
CA GLY D 62 15.07 -10.08 22.30
C GLY D 62 16.52 -9.73 22.62
N GLY D 63 17.44 -10.14 21.75
CA GLY D 63 18.85 -9.92 22.04
C GLY D 63 19.31 -8.47 21.85
N VAL D 64 18.71 -7.77 20.85
CA VAL D 64 19.09 -6.39 20.52
C VAL D 64 17.86 -5.48 20.56
N TRP D 65 16.85 -5.87 19.77
CA TRP D 65 15.62 -5.14 19.60
C TRP D 65 14.54 -5.64 20.56
N VAL D 66 14.02 -4.77 21.41
CA VAL D 66 12.90 -5.13 22.27
C VAL D 66 11.65 -4.32 21.88
N GLY D 67 11.80 -3.25 21.11
CA GLY D 67 10.64 -2.49 20.71
C GLY D 67 10.42 -1.30 21.59
N GLU D 68 9.76 -0.34 20.95
CA GLU D 68 9.48 0.98 21.54
C GLU D 68 8.58 0.82 22.76
N GLU D 69 7.71 -0.18 22.76
CA GLU D 69 6.71 -0.38 23.81
C GLU D 69 7.24 -1.23 24.98
N SER D 70 8.48 -1.73 24.90
CA SER D 70 8.92 -2.73 25.86
C SER D 70 9.12 -2.08 27.25
N PRO D 71 8.80 -2.80 28.31
CA PRO D 71 9.21 -2.40 29.67
C PRO D 71 10.71 -2.67 29.95
N ILE D 72 11.38 -3.40 29.08
CA ILE D 72 12.84 -3.54 29.23
C ILE D 72 13.48 -2.20 28.86
N PRO D 73 14.29 -1.63 29.74
CA PRO D 73 14.86 -0.30 29.47
C PRO D 73 15.57 -0.26 28.10
N ASN D 74 15.19 0.71 27.29
CA ASN D 74 15.62 0.71 25.91
C ASN D 74 15.73 2.16 25.41
N THR D 75 16.53 2.33 24.36
CA THR D 75 16.70 3.57 23.66
C THR D 75 16.15 3.38 22.24
N HIS D 76 14.98 3.95 21.95
CA HIS D 76 14.30 3.82 20.64
C HIS D 76 14.16 2.35 20.23
N GLY D 77 13.97 1.45 21.21
CA GLY D 77 13.70 0.05 20.95
C GLY D 77 14.94 -0.85 21.11
N TYR D 78 16.13 -0.29 21.25
CA TYR D 78 17.35 -1.06 21.49
C TYR D 78 17.59 -1.22 23.01
N ARG D 79 17.72 -2.45 23.50
CA ARG D 79 17.81 -2.64 24.96
C ARG D 79 19.14 -2.04 25.45
N ASN D 80 19.05 -1.29 26.53
CA ASN D 80 20.16 -0.43 27.00
C ASN D 80 21.32 -1.30 27.55
N ASP D 81 21.02 -2.43 28.19
CA ASP D 81 22.04 -3.25 28.82
C ASP D 81 23.02 -3.79 27.75
N VAL D 82 22.47 -4.23 26.63
CA VAL D 82 23.29 -4.77 25.55
C VAL D 82 24.11 -3.65 24.89
N VAL D 83 23.48 -2.49 24.68
CA VAL D 83 24.20 -1.36 24.10
C VAL D 83 25.43 -1.02 24.95
N ALA D 84 25.25 -0.93 26.28
CA ALA D 84 26.35 -0.57 27.16
C ALA D 84 27.46 -1.63 27.09
N ALA D 85 27.07 -2.90 27.10
CA ALA D 85 28.06 -3.97 27.14
C ALA D 85 28.86 -4.01 25.83
N LEU D 86 28.21 -3.78 24.70
CA LEU D 86 28.92 -3.83 23.44
C LEU D 86 29.82 -2.61 23.26
N LYS D 87 29.37 -1.44 23.72
CA LYS D 87 30.23 -0.27 23.69
C LYS D 87 31.49 -0.52 24.53
N ALA D 88 31.36 -1.22 25.66
CA ALA D 88 32.50 -1.40 26.56
C ALA D 88 33.58 -2.28 25.91
N ILE D 89 33.28 -3.10 24.91
CA ILE D 89 34.37 -3.86 24.25
C ILE D 89 34.74 -3.25 22.88
N ALA D 90 34.18 -2.08 22.58
CA ALA D 90 34.48 -1.30 21.35
C ALA D 90 34.36 -2.19 20.10
N VAL D 91 33.15 -2.69 19.91
CA VAL D 91 32.82 -3.49 18.72
C VAL D 91 33.21 -2.67 17.48
N PRO D 92 34.02 -3.24 16.58
CA PRO D 92 34.54 -2.49 15.44
C PRO D 92 33.59 -2.47 14.21
N ASN D 93 32.90 -3.57 14.01
CA ASN D 93 31.89 -3.70 12.94
C ASN D 93 30.92 -4.82 13.33
N ILE D 94 29.72 -4.73 12.77
CA ILE D 94 28.73 -5.79 12.86
C ILE D 94 28.27 -6.15 11.45
N ARG D 95 28.34 -7.43 11.12
CA ARG D 95 27.81 -7.98 9.86
C ARG D 95 26.33 -8.33 10.07
N TRP D 96 25.49 -7.90 9.14
CA TRP D 96 24.04 -8.04 9.19
C TRP D 96 23.49 -7.99 7.77
N PRO D 97 22.42 -8.71 7.43
CA PRO D 97 21.57 -9.54 8.30
C PRO D 97 21.81 -11.05 8.21
N GLY D 98 22.96 -11.45 7.69
CA GLY D 98 23.30 -12.87 7.60
C GLY D 98 24.67 -13.04 6.97
N GLY D 99 25.12 -14.26 6.72
CA GLY D 99 24.43 -15.48 7.05
C GLY D 99 23.48 -15.91 5.95
N CYS D 100 22.95 -17.12 6.10
CA CYS D 100 21.96 -17.69 5.18
C CYS D 100 20.75 -16.77 5.00
N PHE D 101 20.31 -16.12 6.06
CA PHE D 101 19.16 -15.19 5.94
C PHE D 101 19.38 -14.14 4.86
N ALA D 102 20.62 -13.67 4.68
CA ALA D 102 20.91 -12.56 3.80
C ALA D 102 20.72 -12.94 2.32
N ASP D 103 20.91 -14.23 1.99
CA ASP D 103 20.79 -14.67 0.60
C ASP D 103 19.34 -14.84 0.17
N GLU D 104 18.39 -14.63 1.07
CA GLU D 104 16.97 -14.62 0.72
C GLU D 104 16.30 -13.32 1.16
N TYR D 105 17.04 -12.37 1.68
CA TYR D 105 16.46 -11.13 2.19
C TYR D 105 16.21 -10.12 1.07
N HIS D 106 15.07 -9.44 1.16
CA HIS D 106 14.70 -8.37 0.26
C HIS D 106 14.62 -7.10 1.08
N TRP D 107 15.58 -6.19 0.86
CA TRP D 107 15.75 -5.05 1.73
C TRP D 107 14.48 -4.18 1.79
N ARG D 108 13.70 -4.11 0.72
CA ARG D 108 12.51 -3.25 0.73
C ARG D 108 11.48 -3.74 1.75
N ASP D 109 11.55 -5.02 2.12
CA ASP D 109 10.64 -5.56 3.12
C ASP D 109 10.89 -4.93 4.50
N GLY D 110 12.07 -4.35 4.70
CA GLY D 110 12.47 -3.81 5.99
C GLY D 110 12.51 -2.29 6.07
N VAL D 111 11.93 -1.57 5.11
CA VAL D 111 11.86 -0.11 5.18
C VAL D 111 10.40 0.34 5.07
N GLY D 112 10.19 1.58 5.50
CA GLY D 112 8.90 2.21 5.49
C GLY D 112 8.22 1.99 6.81
N THR D 113 7.02 2.51 6.92
CA THR D 113 6.23 2.39 8.15
C THR D 113 6.21 0.91 8.58
N PRO D 114 6.48 0.64 9.87
CA PRO D 114 6.47 -0.77 10.34
C PRO D 114 5.16 -1.53 10.03
N ALA D 115 4.02 -0.88 10.15
CA ALA D 115 2.70 -1.44 9.88
C ALA D 115 2.57 -1.89 8.42
N LYS D 116 3.35 -1.35 7.49
CA LYS D 116 3.20 -1.74 6.11
C LYS D 116 4.27 -2.75 5.70
N ARG D 117 5.18 -3.12 6.59
CA ARG D 117 6.22 -4.08 6.20
C ARG D 117 5.61 -5.49 6.16
N PRO D 118 5.99 -6.28 5.15
CA PRO D 118 5.43 -7.63 5.06
C PRO D 118 6.03 -8.58 6.11
N ILE D 119 5.23 -9.55 6.50
CA ILE D 119 5.71 -10.66 7.28
C ILE D 119 6.26 -11.72 6.33
N ARG D 120 7.52 -12.08 6.54
CA ARG D 120 8.18 -13.10 5.72
C ARG D 120 8.42 -14.33 6.60
N VAL D 121 8.96 -15.36 5.98
CA VAL D 121 9.26 -16.61 6.65
C VAL D 121 10.78 -16.73 6.73
N ASN D 122 11.27 -17.00 7.94
CA ASN D 122 12.70 -17.27 8.13
C ASN D 122 12.90 -18.75 7.85
N THR D 123 13.17 -19.08 6.59
CA THR D 123 13.08 -20.50 6.15
C THR D 123 14.21 -21.33 6.79
N HIS D 124 15.41 -20.78 6.94
CA HIS D 124 16.52 -21.58 7.46
C HIS D 124 16.38 -21.85 8.98
N TRP D 125 15.81 -20.92 9.70
CA TRP D 125 16.00 -20.89 11.18
C TRP D 125 14.63 -21.03 11.86
N GLY D 126 14.03 -22.20 11.67
CA GLY D 126 12.80 -22.62 12.33
C GLY D 126 11.57 -22.47 11.46
N GLY D 127 11.67 -21.82 10.31
CA GLY D 127 10.49 -21.56 9.46
C GLY D 127 9.51 -20.60 10.16
N VAL D 128 10.01 -19.75 11.05
CA VAL D 128 9.18 -18.85 11.83
C VAL D 128 8.95 -17.54 11.07
N GLU D 129 7.95 -16.79 11.51
CA GLU D 129 7.64 -15.49 10.94
C GLU D 129 8.75 -14.48 11.27
N GLU D 130 9.07 -13.65 10.29
CA GLU D 130 9.97 -12.51 10.38
C GLU D 130 9.12 -11.25 10.16
N SER D 131 8.98 -10.43 11.22
CA SER D 131 8.13 -9.23 11.21
C SER D 131 8.74 -8.10 10.36
N ASN D 132 10.04 -8.18 10.14
CA ASN D 132 10.82 -7.10 9.50
C ASN D 132 10.74 -5.78 10.27
N ARG D 133 10.49 -5.83 11.57
CA ARG D 133 10.46 -4.62 12.38
C ARG D 133 11.87 -4.07 12.51
N PHE D 134 12.87 -4.95 12.51
CA PHE D 134 14.24 -4.55 12.53
C PHE D 134 14.77 -4.65 11.09
N GLY D 135 14.86 -3.49 10.45
CA GLY D 135 15.24 -3.37 9.06
C GLY D 135 16.38 -2.41 8.90
N THR D 136 16.54 -1.87 7.69
CA THR D 136 17.70 -1.06 7.35
C THR D 136 17.90 0.09 8.34
N HIS D 137 16.86 0.88 8.61
CA HIS D 137 17.05 2.05 9.47
C HIS D 137 17.40 1.58 10.90
N GLU D 138 16.75 0.54 11.37
CA GLU D 138 16.94 0.12 12.74
C GLU D 138 18.37 -0.41 12.90
N PHE D 139 18.84 -1.21 11.95
CA PHE D 139 20.22 -1.69 12.06
C PHE D 139 21.22 -0.53 11.89
N MET D 140 21.05 0.29 10.89
CA MET D 140 22.07 1.32 10.63
C MET D 140 22.13 2.33 11.78
N ASP D 141 20.99 2.71 12.32
CA ASP D 141 20.96 3.64 13.45
C ASP D 141 21.53 2.95 14.69
N PHE D 142 21.37 1.63 14.81
CA PHE D 142 22.00 0.88 15.92
C PHE D 142 23.53 0.98 15.81
N THR D 143 24.07 0.80 14.59
CA THR D 143 25.52 0.90 14.44
C THR D 143 26.00 2.30 14.87
N GLU D 144 25.25 3.35 14.53
CA GLU D 144 25.68 4.70 14.92
C GLU D 144 25.57 4.86 16.44
N LEU D 145 24.58 4.27 17.10
CA LEU D 145 24.46 4.37 18.55
C LEU D 145 25.69 3.72 19.21
N LEU D 146 26.16 2.60 18.68
CA LEU D 146 27.35 1.93 19.22
C LEU D 146 28.64 2.62 18.79
N GLY D 147 28.62 3.46 17.77
CA GLY D 147 29.83 4.03 17.19
C GLY D 147 30.61 2.98 16.40
N THR D 148 29.93 1.96 15.83
CA THR D 148 30.59 0.86 15.12
C THR D 148 30.31 0.97 13.61
N GLN D 149 31.02 0.16 12.81
CA GLN D 149 30.87 0.17 11.37
C GLN D 149 29.84 -0.88 10.94
N ALA D 150 29.10 -0.59 9.86
CA ALA D 150 28.14 -1.51 9.29
C ALA D 150 28.85 -2.38 8.24
N TYR D 151 28.67 -3.68 8.33
CA TYR D 151 29.11 -4.63 7.32
C TYR D 151 27.83 -5.29 6.76
N ILE D 152 27.36 -4.82 5.61
CA ILE D 152 26.07 -5.23 5.09
C ILE D 152 26.26 -6.47 4.22
N ALA D 153 25.40 -7.47 4.41
CA ALA D 153 25.43 -8.69 3.61
C ALA D 153 24.30 -8.62 2.56
N GLY D 154 24.71 -8.55 1.29
CA GLY D 154 23.76 -8.41 0.18
C GLY D 154 23.29 -9.74 -0.38
N ASN D 155 22.13 -9.70 -1.02
CA ASN D 155 21.47 -10.86 -1.62
C ASN D 155 21.91 -10.99 -3.08
N VAL D 156 22.66 -12.04 -3.37
CA VAL D 156 23.04 -12.40 -4.72
C VAL D 156 22.26 -13.63 -5.20
N GLY D 157 21.99 -14.57 -4.31
CA GLY D 157 21.42 -15.86 -4.74
C GLY D 157 20.01 -15.77 -5.31
N ASP D 158 19.09 -15.07 -4.64
CA ASP D 158 17.71 -15.10 -5.08
C ASP D 158 17.20 -13.77 -5.65
N ALA D 159 18.05 -12.76 -5.71
CA ALA D 159 17.69 -11.46 -6.30
C ALA D 159 18.45 -11.21 -7.60
N ALA D 160 17.92 -10.31 -8.44
CA ALA D 160 18.69 -9.73 -9.58
C ALA D 160 19.64 -8.65 -9.06
N PRO D 161 20.68 -8.27 -9.82
CA PRO D 161 21.68 -7.34 -9.26
C PRO D 161 21.12 -5.96 -8.91
N GLU D 162 19.98 -5.61 -9.49
CA GLU D 162 19.44 -4.28 -9.25
C GLU D 162 19.08 -4.14 -7.78
N GLU D 163 18.75 -5.23 -7.06
CA GLU D 163 18.36 -5.07 -5.68
C GLU D 163 19.51 -4.57 -4.79
N ILE D 164 20.69 -5.19 -4.85
CA ILE D 164 21.77 -4.64 -4.02
C ILE D 164 22.20 -3.28 -4.55
N ALA D 165 22.11 -3.01 -5.83
CA ALA D 165 22.47 -1.67 -6.36
C ALA D 165 21.55 -0.62 -5.74
N GLN D 166 20.28 -0.90 -5.70
CA GLN D 166 19.30 0.06 -5.14
C GLN D 166 19.50 0.17 -3.63
N TRP D 167 19.82 -0.91 -2.97
CA TRP D 167 20.00 -0.86 -1.53
C TRP D 167 21.16 0.07 -1.17
N ALA D 168 22.28 -0.10 -1.87
CA ALA D 168 23.45 0.74 -1.66
C ALA D 168 23.11 2.21 -1.92
N GLU D 169 22.35 2.52 -2.96
CA GLU D 169 21.95 3.88 -3.24
C GLU D 169 21.07 4.41 -2.10
N TYR D 170 20.07 3.63 -1.70
CA TYR D 170 19.18 4.05 -0.63
C TYR D 170 19.98 4.46 0.60
N MET D 171 20.95 3.66 0.96
CA MET D 171 21.69 3.88 2.21
C MET D 171 22.75 5.00 2.08
N THR D 172 23.37 5.17 0.91
CA THR D 172 24.60 5.99 0.81
C THR D 172 24.45 7.23 -0.09
N ALA D 173 23.40 7.35 -0.91
CA ALA D 173 23.35 8.42 -1.89
C ALA D 173 23.15 9.77 -1.20
N PRO D 174 24.01 10.75 -1.56
CA PRO D 174 23.83 12.12 -1.02
C PRO D 174 22.95 12.98 -1.95
N THR D 175 22.58 12.48 -3.12
CA THR D 175 21.80 13.27 -4.10
C THR D 175 20.32 13.29 -3.74
N ARG D 176 19.51 13.89 -4.59
CA ARG D 176 18.05 13.93 -4.41
C ARG D 176 17.36 12.93 -5.35
N SER D 177 17.96 11.77 -5.52
CA SER D 177 17.33 10.67 -6.24
C SER D 177 16.11 10.16 -5.46
N SER D 178 15.21 9.46 -6.13
CA SER D 178 14.04 8.87 -5.48
C SER D 178 14.43 7.97 -4.29
N LEU D 179 15.44 7.14 -4.45
CA LEU D 179 15.84 6.24 -3.38
C LEU D 179 16.42 7.04 -2.20
N ALA D 180 17.23 8.03 -2.45
CA ALA D 180 17.76 8.84 -1.39
C ALA D 180 16.61 9.59 -0.71
N ASN D 181 15.66 10.12 -1.48
CA ASN D 181 14.57 10.86 -0.91
C ASN D 181 13.65 9.95 -0.07
N GLU D 182 13.56 8.69 -0.44
CA GLU D 182 12.79 7.72 0.30
C GLU D 182 13.46 7.45 1.66
N ARG D 183 14.79 7.31 1.70
CA ARG D 183 15.51 7.25 2.94
C ARG D 183 15.20 8.48 3.80
N ARG D 184 15.26 9.67 3.20
CA ARG D 184 14.96 10.89 3.95
C ARG D 184 13.52 10.86 4.49
N ALA D 185 12.55 10.45 3.66
CA ALA D 185 11.15 10.39 4.07
C ALA D 185 10.98 9.41 5.25
N ASN D 186 11.81 8.37 5.29
CA ASN D 186 11.76 7.36 6.32
C ASN D 186 12.57 7.79 7.56
N GLY D 187 13.10 9.00 7.58
CA GLY D 187 13.61 9.61 8.81
C GLY D 187 15.12 9.77 8.83
N ARG D 188 15.87 9.45 7.77
CA ARG D 188 17.32 9.61 7.78
C ARG D 188 17.76 10.56 6.66
N ASP D 189 18.12 11.76 7.02
CA ASP D 189 18.43 12.80 6.03
C ASP D 189 19.78 12.51 5.38
N ALA D 190 20.83 12.38 6.19
CA ALA D 190 22.18 12.17 5.68
C ALA D 190 22.34 10.70 5.29
N PRO D 191 23.21 10.44 4.32
CA PRO D 191 23.61 9.06 4.09
C PRO D 191 24.20 8.41 5.35
N TRP D 192 24.06 7.10 5.45
CA TRP D 192 24.86 6.34 6.37
C TRP D 192 26.18 5.94 5.68
N GLN D 193 27.12 5.55 6.51
CA GLN D 193 28.37 4.96 5.98
C GLN D 193 28.17 3.45 5.87
N VAL D 194 28.52 2.92 4.71
CA VAL D 194 28.48 1.48 4.46
C VAL D 194 29.88 1.05 4.00
N PRO D 195 30.76 0.80 4.97
CA PRO D 195 32.15 0.63 4.60
C PRO D 195 32.48 -0.74 4.02
N TYR D 196 31.67 -1.76 4.35
CA TYR D 196 31.88 -3.12 3.88
C TYR D 196 30.55 -3.66 3.37
N PHE D 197 30.63 -4.32 2.22
CA PHE D 197 29.43 -4.87 1.58
C PHE D 197 29.76 -6.27 1.06
N GLY D 198 29.08 -7.27 1.61
CA GLY D 198 29.25 -8.67 1.21
C GLY D 198 28.44 -8.96 -0.04
N VAL D 199 29.08 -9.44 -1.07
CA VAL D 199 28.42 -9.73 -2.33
C VAL D 199 28.14 -11.23 -2.40
N GLY D 200 27.11 -11.62 -1.62
CA GLY D 200 26.70 -13.03 -1.46
C GLY D 200 27.33 -13.67 -0.22
N ASN D 201 26.67 -14.65 0.34
CA ASN D 201 27.04 -15.33 1.58
C ASN D 201 26.92 -16.86 1.35
N GLU D 202 27.92 -17.63 1.62
CA GLU D 202 27.72 -19.13 1.53
C GLU D 202 27.13 -19.55 0.15
N LEU D 203 27.68 -19.06 -0.94
CA LEU D 203 27.12 -19.35 -2.29
C LEU D 203 27.26 -20.83 -2.65
N TRP D 204 28.22 -21.52 -2.01
CA TRP D 204 28.40 -22.98 -2.21
C TRP D 204 27.27 -23.76 -1.56
N GLY D 205 26.44 -23.13 -0.74
CA GLY D 205 25.41 -23.80 0.03
C GLY D 205 24.10 -23.05 0.00
N CYS D 206 23.71 -22.44 1.12
CA CYS D 206 22.36 -21.81 1.26
C CYS D 206 22.18 -20.62 0.29
N GLY D 207 23.27 -20.06 -0.24
CA GLY D 207 23.18 -18.96 -1.20
C GLY D 207 22.95 -19.40 -2.66
N GLY D 208 22.80 -20.68 -2.94
CA GLY D 208 22.50 -21.11 -4.33
C GLY D 208 23.22 -22.36 -4.78
N ASN D 209 23.90 -23.08 -3.89
CA ASN D 209 24.51 -24.37 -4.24
C ASN D 209 25.39 -24.24 -5.50
N MET D 210 26.18 -23.18 -5.55
CA MET D 210 26.93 -22.85 -6.75
C MET D 210 28.29 -23.54 -6.76
N ARG D 211 28.72 -24.07 -7.89
CA ARG D 211 30.14 -24.33 -8.04
C ARG D 211 30.90 -22.99 -8.18
N VAL D 212 32.15 -23.00 -7.78
CA VAL D 212 32.92 -21.80 -7.71
C VAL D 212 33.04 -21.16 -9.11
N GLU D 213 33.14 -21.95 -10.16
CA GLU D 213 33.27 -21.37 -11.53
C GLU D 213 32.07 -20.46 -11.83
N TYR D 214 30.88 -20.87 -11.37
CA TYR D 214 29.66 -20.10 -11.57
C TYR D 214 29.61 -18.92 -10.59
N ALA D 215 29.97 -19.17 -9.32
CA ALA D 215 29.97 -18.13 -8.34
C ALA D 215 30.92 -16.98 -8.74
N ALA D 216 32.04 -17.28 -9.35
CA ALA D 216 33.01 -16.23 -9.72
C ALA D 216 32.40 -15.34 -10.80
N ASP D 217 31.68 -15.93 -11.75
CA ASP D 217 30.99 -15.18 -12.81
C ASP D 217 29.90 -14.31 -12.20
N VAL D 218 29.13 -14.91 -11.28
CA VAL D 218 28.02 -14.17 -10.64
C VAL D 218 28.60 -13.02 -9.80
N PHE D 219 29.64 -13.28 -9.01
CA PHE D 219 30.26 -12.24 -8.20
C PHE D 219 30.72 -11.09 -9.11
N ARG D 220 31.48 -11.40 -10.16
CA ARG D 220 31.98 -10.38 -11.06
C ARG D 220 30.84 -9.48 -11.57
N ARG D 221 29.71 -10.09 -11.93
CA ARG D 221 28.57 -9.37 -12.45
C ARG D 221 27.92 -8.54 -11.34
N TYR D 222 27.57 -9.15 -10.22
CA TYR D 222 26.80 -8.42 -9.18
C TYR D 222 27.65 -7.31 -8.55
N GLN D 223 28.95 -7.51 -8.37
CA GLN D 223 29.80 -6.48 -7.74
C GLN D 223 29.86 -5.24 -8.64
N THR D 224 29.71 -5.41 -9.94
CA THR D 224 29.76 -4.31 -10.89
C THR D 224 28.74 -3.22 -10.48
N PHE D 225 27.57 -3.63 -10.00
CA PHE D 225 26.48 -2.73 -9.82
C PHE D 225 26.39 -2.20 -8.39
N VAL D 226 27.32 -2.57 -7.54
CA VAL D 226 27.44 -1.92 -6.24
C VAL D 226 28.51 -0.83 -6.37
N LYS D 227 28.07 0.38 -6.51
CA LYS D 227 28.94 1.49 -6.83
C LYS D 227 29.03 2.44 -5.62
N SER D 228 30.24 2.92 -5.42
CA SER D 228 30.53 3.91 -4.40
C SER D 228 30.13 5.28 -4.91
N PRO D 229 29.39 6.06 -4.13
CA PRO D 229 29.29 7.44 -4.55
C PRO D 229 30.62 8.17 -4.34
N ALA D 230 30.75 9.39 -4.79
CA ALA D 230 31.99 10.19 -4.64
C ALA D 230 32.30 10.42 -3.16
N SER D 231 31.27 10.37 -2.31
CA SER D 231 31.35 10.79 -0.91
C SER D 231 31.84 9.69 0.04
N GLN D 232 31.93 8.42 -0.38
CA GLN D 232 32.46 7.37 0.50
C GLN D 232 32.83 6.13 -0.34
N LYS D 233 33.74 5.35 0.17
CA LYS D 233 34.17 4.13 -0.49
C LYS D 233 33.51 2.89 0.17
N ILE D 234 32.80 2.11 -0.64
CA ILE D 234 32.19 0.86 -0.21
C ILE D 234 33.10 -0.29 -0.64
N LEU D 235 33.70 -0.98 0.35
CA LEU D 235 34.58 -2.09 0.06
C LEU D 235 33.72 -3.34 -0.20
N LYS D 236 34.12 -4.16 -1.14
CA LYS D 236 33.35 -5.30 -1.56
C LYS D 236 34.06 -6.59 -1.12
N ILE D 237 33.32 -7.43 -0.42
CA ILE D 237 33.83 -8.70 0.05
C ILE D 237 33.21 -9.81 -0.82
N ALA D 238 34.07 -10.55 -1.52
CA ALA D 238 33.66 -11.67 -2.34
C ALA D 238 33.41 -12.92 -1.48
N PRO D 239 32.49 -13.77 -1.95
CA PRO D 239 32.09 -14.99 -1.29
C PRO D 239 33.19 -16.05 -1.43
N GLY D 240 33.76 -16.44 -0.31
CA GLY D 240 34.93 -17.33 -0.30
C GLY D 240 34.59 -18.70 0.23
N PRO D 241 35.65 -19.48 0.57
CA PRO D 241 35.54 -20.90 0.88
C PRO D 241 34.95 -21.16 2.27
N SER D 242 34.39 -22.35 2.38
CA SER D 242 34.16 -23.01 3.65
C SER D 242 35.34 -23.93 3.96
N ASP D 243 35.86 -23.91 5.19
CA ASP D 243 36.79 -24.95 5.65
C ASP D 243 37.98 -25.03 4.68
N ASP D 244 38.31 -26.22 4.24
CA ASP D 244 39.53 -26.43 3.43
C ASP D 244 39.17 -26.52 1.93
N ASP D 245 38.22 -25.73 1.46
CA ASP D 245 37.86 -25.72 0.03
C ASP D 245 38.85 -24.82 -0.73
N TYR D 246 40.03 -25.37 -0.99
CA TYR D 246 41.12 -24.62 -1.63
C TYR D 246 40.79 -24.35 -3.09
N HIS D 247 40.03 -25.25 -3.71
CA HIS D 247 39.64 -25.03 -5.10
C HIS D 247 38.79 -23.76 -5.20
N TRP D 248 37.95 -23.50 -4.22
CA TRP D 248 37.13 -22.31 -4.23
C TRP D 248 38.02 -21.04 -4.23
N THR D 249 38.97 -21.01 -3.33
CA THR D 249 39.89 -19.88 -3.24
C THR D 249 40.66 -19.68 -4.55
N GLU D 250 41.18 -20.76 -5.12
CA GLU D 250 41.95 -20.71 -6.33
C GLU D 250 41.12 -20.04 -7.45
N VAL D 251 39.89 -20.49 -7.65
CA VAL D 251 39.11 -19.97 -8.75
C VAL D 251 38.67 -18.54 -8.47
N MET D 252 38.18 -18.26 -7.27
CA MET D 252 37.72 -16.92 -7.00
C MET D 252 38.87 -15.92 -7.20
N MET D 253 40.07 -16.25 -6.73
CA MET D 253 41.19 -15.34 -6.85
C MET D 253 41.64 -15.24 -8.33
N ARG D 254 41.77 -16.39 -9.00
CA ARG D 254 42.21 -16.41 -10.40
C ARG D 254 41.27 -15.56 -11.23
N GLU D 255 39.97 -15.72 -11.00
CA GLU D 255 38.97 -15.14 -11.91
C GLU D 255 38.61 -13.72 -11.46
N ALA D 256 38.71 -13.35 -10.19
CA ALA D 256 38.04 -12.12 -9.75
C ALA D 256 38.86 -11.30 -8.75
N SER D 257 40.13 -11.61 -8.48
CA SER D 257 40.88 -10.88 -7.44
C SER D 257 40.90 -9.37 -7.71
N LYS D 258 40.86 -8.94 -8.95
CA LYS D 258 40.93 -7.50 -9.26
C LYS D 258 39.62 -6.79 -8.89
N PHE D 259 38.54 -7.52 -8.61
CA PHE D 259 37.25 -6.89 -8.35
C PHE D 259 36.83 -6.99 -6.88
N MET D 260 37.72 -7.38 -5.98
CA MET D 260 37.33 -7.57 -4.59
C MET D 260 38.30 -6.82 -3.69
N ASP D 261 37.80 -6.37 -2.56
CA ASP D 261 38.63 -5.77 -1.49
C ASP D 261 38.94 -6.82 -0.41
N GLY D 262 38.13 -7.87 -0.36
CA GLY D 262 38.27 -8.94 0.58
C GLY D 262 37.64 -10.23 0.06
N LEU D 263 38.08 -11.36 0.59
CA LEU D 263 37.54 -12.67 0.30
C LEU D 263 37.13 -13.32 1.62
N SER D 264 35.87 -13.72 1.76
CA SER D 264 35.43 -14.27 3.03
C SER D 264 35.80 -15.75 3.13
N MET D 265 36.10 -16.21 4.32
CA MET D 265 36.31 -17.62 4.60
C MET D 265 35.51 -17.95 5.86
N HIS D 266 35.07 -19.19 6.00
CA HIS D 266 34.24 -19.61 7.10
C HIS D 266 34.84 -20.89 7.70
N TYR D 267 35.01 -20.93 9.03
CA TYR D 267 35.43 -22.17 9.69
C TYR D 267 34.87 -22.21 11.11
N TYR D 268 33.97 -23.16 11.36
CA TYR D 268 33.40 -23.41 12.66
C TYR D 268 34.16 -24.53 13.35
N THR D 269 34.26 -24.38 14.67
CA THR D 269 34.82 -25.39 15.53
C THR D 269 33.68 -26.29 16.01
N ILE D 270 33.62 -27.50 15.47
CA ILE D 270 32.48 -28.38 15.71
C ILE D 270 33.00 -29.71 16.24
N PRO D 271 33.13 -29.80 17.57
CA PRO D 271 33.58 -31.08 18.11
C PRO D 271 32.59 -32.20 17.73
N GLY D 272 33.16 -33.32 17.31
CA GLY D 272 32.40 -34.50 16.84
C GLY D 272 32.01 -34.38 15.39
N GLY D 273 32.27 -33.26 14.72
CA GLY D 273 31.91 -33.12 13.31
C GLY D 273 30.44 -32.81 13.10
N TRP D 274 30.12 -32.48 11.83
CA TRP D 274 28.77 -32.14 11.41
C TRP D 274 27.92 -33.41 11.39
N PRO D 275 26.66 -33.40 11.80
CA PRO D 275 25.97 -32.25 12.39
C PRO D 275 26.33 -32.01 13.86
N PRO D 276 26.18 -30.78 14.36
CA PRO D 276 26.63 -30.44 15.71
C PRO D 276 25.86 -31.19 16.81
N ARG D 277 26.54 -32.05 17.54
CA ARG D 277 25.88 -32.86 18.55
C ARG D 277 26.61 -32.79 19.90
N ALA D 278 27.70 -32.04 20.03
CA ALA D 278 28.44 -32.01 21.30
C ALA D 278 27.76 -31.08 22.31
N SER D 279 27.75 -31.47 23.59
CA SER D 279 27.16 -30.63 24.64
C SER D 279 27.99 -29.34 24.83
N SER D 280 27.30 -28.23 24.99
CA SER D 280 27.89 -26.94 25.33
C SER D 280 28.09 -26.79 26.85
N THR D 281 27.50 -27.66 27.65
CA THR D 281 27.45 -27.46 29.11
C THR D 281 28.22 -28.55 29.86
N THR D 282 28.30 -29.77 29.29
CA THR D 282 28.71 -30.93 30.03
C THR D 282 29.70 -31.71 29.19
N PHE D 283 30.94 -31.81 29.67
CA PHE D 283 31.95 -32.47 28.85
C PHE D 283 33.12 -32.89 29.73
N ASP D 284 33.85 -33.87 29.24
CA ASP D 284 35.02 -34.41 29.90
C ASP D 284 36.29 -33.89 29.19
N GLU D 285 37.43 -34.37 29.64
CA GLU D 285 38.71 -33.85 29.13
C GLU D 285 38.89 -34.21 27.65
N ALA D 286 38.42 -35.37 27.22
CA ALA D 286 38.50 -35.77 25.79
C ALA D 286 37.79 -34.74 24.91
N ALA D 287 36.59 -34.31 25.32
CA ALA D 287 35.82 -33.34 24.53
C ALA D 287 36.50 -31.96 24.58
N TRP D 288 37.11 -31.64 25.72
CA TRP D 288 37.91 -30.40 25.87
C TRP D 288 39.03 -30.35 24.82
N ILE D 289 39.91 -31.36 24.85
CA ILE D 289 41.07 -31.30 23.98
C ILE D 289 40.65 -31.43 22.50
N GLN D 290 39.60 -32.20 22.21
CA GLN D 290 39.12 -32.34 20.84
C GLN D 290 38.66 -30.97 20.32
N THR D 291 37.96 -30.19 21.15
CA THR D 291 37.49 -28.88 20.75
C THR D 291 38.66 -27.96 20.43
N LEU D 292 39.66 -27.94 21.29
CA LEU D 292 40.80 -27.05 21.09
C LEU D 292 41.61 -27.51 19.87
N SER D 293 41.76 -28.81 19.68
CA SER D 293 42.43 -29.35 18.51
C SER D 293 41.71 -28.87 17.22
N ARG D 294 40.41 -29.00 17.21
CA ARG D 294 39.65 -28.56 16.04
C ARG D 294 39.78 -27.06 15.83
N THR D 295 39.80 -26.25 16.89
CA THR D 295 39.80 -24.82 16.65
C THR D 295 41.16 -24.39 16.05
N LEU D 296 42.22 -25.07 16.43
CA LEU D 296 43.59 -24.71 16.00
C LEU D 296 43.80 -24.95 14.49
N VAL D 297 42.92 -25.72 13.88
CA VAL D 297 42.98 -25.99 12.45
C VAL D 297 42.85 -24.66 11.68
N MET D 298 42.24 -23.64 12.28
CA MET D 298 42.17 -22.29 11.66
C MET D 298 43.53 -21.86 11.13
N ASP D 299 44.62 -22.14 11.85
CA ASP D 299 45.94 -21.69 11.42
C ASP D 299 46.33 -22.36 10.09
N GLU D 300 46.11 -23.66 9.96
CA GLU D 300 46.45 -24.40 8.72
C GLU D 300 45.60 -23.86 7.56
N LEU D 301 44.30 -23.65 7.79
CA LEU D 301 43.41 -23.10 6.76
C LEU D 301 43.88 -21.72 6.30
N ILE D 302 44.14 -20.81 7.25
CA ILE D 302 44.59 -19.46 6.87
C ILE D 302 45.91 -19.57 6.07
N THR D 303 46.82 -20.42 6.52
CA THR D 303 48.11 -20.56 5.88
C THR D 303 47.89 -20.93 4.41
N LYS D 304 47.12 -21.98 4.19
CA LYS D 304 46.99 -22.52 2.83
C LYS D 304 46.11 -21.60 1.95
N HIS D 305 45.02 -21.05 2.49
CA HIS D 305 44.24 -20.08 1.72
C HIS D 305 45.08 -18.83 1.38
N SER D 306 45.91 -18.36 2.32
CA SER D 306 46.76 -17.19 2.08
C SER D 306 47.76 -17.49 0.95
N ALA D 307 48.32 -18.70 0.93
CA ALA D 307 49.33 -19.00 -0.08
C ALA D 307 48.69 -18.97 -1.48
N ILE D 308 47.43 -19.41 -1.58
CA ILE D 308 46.74 -19.34 -2.86
C ILE D 308 46.50 -17.88 -3.26
N MET D 309 46.06 -17.07 -2.29
CA MET D 309 45.82 -15.66 -2.55
C MET D 309 47.13 -14.97 -2.99
N ASP D 310 48.26 -15.37 -2.45
CA ASP D 310 49.54 -14.76 -2.79
C ASP D 310 49.89 -14.96 -4.27
N LYS D 311 49.46 -16.06 -4.88
CA LYS D 311 49.76 -16.35 -6.28
C LYS D 311 49.15 -15.29 -7.18
N TYR D 312 47.95 -14.82 -6.84
CA TYR D 312 47.23 -13.90 -7.70
C TYR D 312 47.35 -12.46 -7.19
N ASP D 313 47.62 -12.30 -5.89
CA ASP D 313 47.60 -11.02 -5.22
C ASP D 313 48.80 -10.91 -4.27
N PRO D 314 50.03 -10.94 -4.85
CA PRO D 314 51.25 -10.95 -4.02
C PRO D 314 51.37 -9.68 -3.16
N ALA D 315 50.77 -8.56 -3.56
CA ALA D 315 50.87 -7.34 -2.72
C ALA D 315 49.86 -7.38 -1.57
N LYS D 316 48.97 -8.36 -1.49
CA LYS D 316 48.02 -8.53 -0.40
C LYS D 316 47.03 -7.37 -0.38
N LYS D 317 46.60 -6.90 -1.54
CA LYS D 317 45.55 -5.91 -1.58
C LYS D 317 44.22 -6.52 -1.09
N VAL D 318 43.99 -7.79 -1.35
CA VAL D 318 42.74 -8.44 -0.95
C VAL D 318 42.89 -9.00 0.47
N ALA D 319 42.07 -8.51 1.39
CA ALA D 319 42.03 -9.06 2.73
C ALA D 319 41.42 -10.47 2.72
N LEU D 320 41.95 -11.35 3.55
CA LEU D 320 41.25 -12.53 3.94
C LEU D 320 40.37 -12.17 5.14
N VAL D 321 39.08 -12.43 4.99
CA VAL D 321 38.05 -11.97 5.91
C VAL D 321 37.42 -13.22 6.52
N VAL D 322 37.68 -13.49 7.82
CA VAL D 322 37.17 -14.72 8.38
C VAL D 322 35.80 -14.36 8.94
N ASP D 323 34.76 -14.35 8.12
CA ASP D 323 33.57 -13.67 8.67
C ASP D 323 32.56 -14.63 9.27
N GLU D 324 32.92 -15.89 9.44
CA GLU D 324 32.24 -16.80 10.40
C GLU D 324 33.31 -17.69 11.04
N TRP D 325 33.41 -17.64 12.36
CA TRP D 325 34.21 -18.59 13.15
C TRP D 325 33.55 -18.71 14.53
N GLY D 326 34.00 -19.70 15.26
CA GLY D 326 33.54 -20.00 16.59
C GLY D 326 32.97 -21.39 16.73
N THR D 327 32.51 -21.72 17.94
CA THR D 327 32.07 -23.06 18.24
C THR D 327 30.59 -23.23 17.85
N TRP D 328 30.26 -24.46 17.48
CA TRP D 328 28.92 -24.85 17.18
C TRP D 328 28.63 -26.19 17.85
N TYR D 329 27.72 -26.15 18.83
CA TYR D 329 27.36 -27.28 19.68
C TYR D 329 25.93 -27.76 19.39
N ALA D 330 25.53 -28.86 20.00
CA ALA D 330 24.12 -29.21 20.09
C ALA D 330 23.35 -28.05 20.73
N PRO D 331 22.11 -27.86 20.30
CA PRO D 331 21.25 -26.86 20.92
C PRO D 331 20.94 -27.26 22.38
N LEU D 332 20.75 -26.29 23.26
CA LEU D 332 20.40 -26.59 24.62
C LEU D 332 19.05 -27.35 24.66
N PRO D 333 18.91 -28.24 25.64
CA PRO D 333 17.67 -29.03 25.81
C PRO D 333 16.43 -28.13 25.91
N GLY D 334 15.37 -28.48 25.21
CA GLY D 334 14.12 -27.74 25.31
C GLY D 334 14.11 -26.49 24.44
N THR D 335 15.18 -26.19 23.68
CA THR D 335 15.16 -25.00 22.85
C THR D 335 14.84 -25.41 21.40
N ASN D 336 14.32 -24.47 20.63
CA ASN D 336 14.08 -24.70 19.19
C ASN D 336 15.46 -24.88 18.52
N PRO D 337 15.72 -26.04 17.93
CA PRO D 337 17.01 -26.28 17.32
C PRO D 337 17.36 -25.30 16.19
N GLY D 338 16.35 -24.70 15.54
CA GLY D 338 16.61 -23.68 14.53
C GLY D 338 17.11 -22.34 15.11
N PHE D 339 17.19 -22.19 16.45
CA PHE D 339 17.59 -20.91 17.10
C PHE D 339 19.05 -20.92 17.58
N LEU D 340 19.71 -22.05 17.45
CA LEU D 340 21.16 -22.22 17.72
C LEU D 340 21.53 -21.65 19.09
N GLN D 341 20.80 -22.00 20.12
CA GLN D 341 21.08 -21.53 21.48
C GLN D 341 21.99 -22.56 22.16
N GLN D 342 23.14 -22.11 22.61
CA GLN D 342 24.10 -22.96 23.30
C GLN D 342 24.71 -22.16 24.45
N GLN D 343 25.23 -22.86 25.45
CA GLN D 343 25.99 -22.19 26.52
C GLN D 343 27.41 -21.92 26.03
N ASN D 344 28.12 -21.21 26.88
CA ASN D 344 29.39 -20.56 26.57
C ASN D 344 30.25 -20.72 27.82
N SER D 345 31.24 -21.62 27.75
CA SER D 345 32.00 -22.04 28.91
C SER D 345 33.43 -21.53 28.80
N LEU D 346 34.24 -21.87 29.80
CA LEU D 346 35.66 -21.59 29.78
C LEU D 346 36.30 -22.13 28.48
N ARG D 347 35.80 -23.27 27.99
CA ARG D 347 36.29 -23.87 26.76
C ARG D 347 36.15 -22.87 25.60
N ASP D 348 35.02 -22.17 25.55
CA ASP D 348 34.73 -21.17 24.52
C ASP D 348 35.67 -19.96 24.66
N ALA D 349 35.98 -19.55 25.89
CA ALA D 349 36.96 -18.50 26.12
C ALA D 349 38.29 -18.89 25.48
N LEU D 350 38.76 -20.10 25.73
CA LEU D 350 40.05 -20.52 25.13
C LEU D 350 39.96 -20.58 23.60
N VAL D 351 38.82 -21.02 23.07
CA VAL D 351 38.63 -20.99 21.61
C VAL D 351 38.85 -19.54 21.12
N ALA D 352 38.27 -18.55 21.77
CA ALA D 352 38.43 -17.16 21.33
C ALA D 352 39.90 -16.73 21.45
N SER D 353 40.60 -17.02 22.57
CA SER D 353 41.97 -16.54 22.71
C SER D 353 42.87 -17.20 21.66
N LEU D 354 42.66 -18.47 21.38
CA LEU D 354 43.51 -19.15 20.39
C LEU D 354 43.30 -18.58 18.98
N ASN D 355 42.06 -18.24 18.65
CA ASN D 355 41.77 -17.66 17.34
C ASN D 355 42.37 -16.26 17.23
N PHE D 356 42.23 -15.43 18.26
CA PHE D 356 42.87 -14.09 18.23
C PHE D 356 44.39 -14.22 18.07
N ASP D 357 45.01 -15.16 18.77
CA ASP D 357 46.44 -15.40 18.61
C ASP D 357 46.74 -15.69 17.14
N ILE D 358 45.97 -16.61 16.58
CA ILE D 358 46.22 -17.07 15.18
C ILE D 358 46.02 -15.90 14.20
N PHE D 359 44.93 -15.17 14.33
CA PHE D 359 44.67 -14.08 13.42
C PHE D 359 45.82 -13.07 13.46
N SER D 360 46.27 -12.75 14.68
CA SER D 360 47.31 -11.75 14.85
C SER D 360 48.64 -12.21 14.24
N GLN D 361 48.87 -13.52 14.11
CA GLN D 361 50.08 -14.08 13.46
C GLN D 361 49.99 -13.97 11.93
N HIS D 362 48.80 -13.69 11.38
CA HIS D 362 48.58 -13.61 9.94
C HIS D 362 48.08 -12.20 9.57
N ALA D 363 48.53 -11.20 10.31
CA ALA D 363 47.88 -9.87 10.31
C ALA D 363 48.05 -9.12 8.98
N GLU D 364 49.05 -9.46 8.18
CA GLU D 364 49.21 -8.74 6.89
C GLU D 364 48.06 -9.08 5.92
N ARG D 365 47.58 -10.32 6.00
CA ARG D 365 46.55 -10.78 5.06
C ARG D 365 45.18 -10.82 5.76
N VAL D 366 45.12 -11.33 6.98
CA VAL D 366 43.83 -11.47 7.67
C VAL D 366 43.55 -10.15 8.38
N ARG D 367 42.61 -9.39 7.85
CA ARG D 367 42.41 -8.02 8.32
C ARG D 367 40.97 -7.80 8.80
N MET D 368 40.13 -8.83 8.75
CA MET D 368 38.80 -8.77 9.31
C MET D 368 38.41 -10.18 9.76
N ALA D 369 37.63 -10.25 10.84
CA ALA D 369 37.00 -11.49 11.27
C ALA D 369 35.72 -11.14 12.03
N ASN D 370 34.79 -12.07 12.01
CA ASN D 370 33.50 -11.90 12.68
C ASN D 370 33.10 -13.23 13.33
N ILE D 371 33.00 -13.20 14.67
CA ILE D 371 32.59 -14.37 15.42
C ILE D 371 31.07 -14.57 15.25
N ALA D 372 30.67 -15.84 15.17
CA ALA D 372 29.28 -16.20 15.09
C ALA D 372 28.75 -16.60 16.47
N GLN D 373 27.74 -15.90 17.05
CA GLN D 373 27.12 -14.68 16.62
C GLN D 373 27.03 -13.78 17.86
N MET D 374 26.37 -12.63 17.78
CA MET D 374 26.63 -11.58 18.75
C MET D 374 25.88 -11.80 20.06
N VAL D 375 24.57 -12.03 19.98
CA VAL D 375 23.71 -12.20 21.16
C VAL D 375 22.84 -13.45 20.95
N ASN D 376 22.79 -14.33 21.94
CA ASN D 376 21.80 -15.41 22.03
C ASN D 376 21.96 -16.51 20.96
N VAL D 377 22.99 -16.45 20.14
CA VAL D 377 23.16 -17.37 19.00
C VAL D 377 24.61 -17.82 18.93
N LEU D 378 24.82 -19.11 18.82
CA LEU D 378 26.12 -19.73 18.69
C LEU D 378 27.05 -19.18 19.80
N GLN D 379 28.28 -18.77 19.50
CA GLN D 379 29.29 -18.46 20.53
C GLN D 379 29.14 -16.98 20.93
N ALA D 380 28.06 -16.67 21.61
CA ALA D 380 27.59 -15.31 21.81
C ALA D 380 28.45 -14.52 22.82
N MET D 381 28.39 -13.19 22.68
CA MET D 381 28.94 -12.29 23.66
C MET D 381 28.04 -12.24 24.90
N ILE D 382 26.75 -12.29 24.65
CA ILE D 382 25.73 -11.95 25.64
C ILE D 382 24.58 -12.94 25.46
N LEU D 383 24.00 -13.35 26.58
CA LEU D 383 22.75 -14.10 26.58
C LEU D 383 21.70 -13.25 27.31
N THR D 384 20.49 -13.17 26.74
CA THR D 384 19.40 -12.45 27.36
C THR D 384 18.19 -13.35 27.49
N ASP D 385 17.36 -13.01 28.47
CA ASP D 385 16.09 -13.68 28.65
C ASP D 385 15.14 -12.68 29.35
N GLY D 386 14.32 -12.03 28.55
CA GLY D 386 13.56 -10.89 29.05
C GLY D 386 14.52 -9.83 29.54
N ASP D 387 14.28 -9.27 30.74
CA ASP D 387 15.14 -8.18 31.18
C ASP D 387 16.48 -8.73 31.73
N LYS D 388 16.69 -10.03 31.78
CA LYS D 388 17.95 -10.58 32.29
C LYS D 388 19.02 -10.61 31.18
N MET D 389 20.25 -10.40 31.59
CA MET D 389 21.37 -10.39 30.67
C MET D 389 22.59 -10.98 31.38
N VAL D 390 23.39 -11.77 30.66
CA VAL D 390 24.63 -12.26 31.21
C VAL D 390 25.74 -12.13 30.16
N LEU D 391 26.94 -11.77 30.64
CA LEU D 391 28.11 -11.72 29.81
C LEU D 391 28.79 -13.09 29.81
N THR D 392 29.18 -13.56 28.65
CA THR D 392 29.76 -14.90 28.54
C THR D 392 31.28 -14.87 28.75
N PRO D 393 31.88 -16.03 28.99
CA PRO D 393 33.33 -16.12 29.00
C PRO D 393 33.96 -15.56 27.72
N THR D 394 33.30 -15.76 26.58
CA THR D 394 33.85 -15.26 25.31
C THR D 394 33.91 -13.73 25.30
N TYR D 395 32.86 -13.08 25.78
CA TYR D 395 32.85 -11.62 25.96
C TYR D 395 34.11 -11.14 26.68
N HIS D 396 34.44 -11.82 27.78
CA HIS D 396 35.58 -11.40 28.60
C HIS D 396 36.89 -11.53 27.82
N VAL D 397 36.98 -12.48 26.91
CA VAL D 397 38.20 -12.58 26.08
C VAL D 397 38.28 -11.41 25.08
N PHE D 398 37.15 -11.03 24.46
CA PHE D 398 37.12 -9.81 23.65
C PHE D 398 37.60 -8.60 24.46
N ALA D 399 37.13 -8.49 25.72
CA ALA D 399 37.56 -7.40 26.60
C ALA D 399 39.06 -7.49 26.85
N LEU D 400 39.60 -8.66 27.22
CA LEU D 400 41.03 -8.81 27.53
C LEU D 400 41.91 -8.42 26.33
N TYR D 401 41.44 -8.73 25.12
CA TYR D 401 42.26 -8.47 23.94
C TYR D 401 42.00 -7.08 23.34
N LYS D 402 41.26 -6.21 24.01
CA LYS D 402 41.06 -4.85 23.48
C LYS D 402 42.35 -4.11 23.10
N PRO D 403 43.42 -4.24 23.88
CA PRO D 403 44.69 -3.63 23.48
C PRO D 403 45.23 -4.08 22.10
N TYR D 404 44.78 -5.21 21.59
CA TYR D 404 45.17 -5.69 20.24
C TYR D 404 44.53 -4.84 19.13
N GLN D 405 43.49 -4.05 19.41
CA GLN D 405 42.75 -3.35 18.33
C GLN D 405 43.66 -2.29 17.70
N ASP D 406 44.04 -2.50 16.44
CA ASP D 406 44.93 -1.61 15.67
C ASP D 406 46.32 -1.54 16.32
N ALA D 407 46.71 -2.59 17.03
CA ALA D 407 48.05 -2.71 17.56
C ALA D 407 49.02 -3.17 16.46
N THR D 408 50.28 -3.29 16.80
CA THR D 408 51.34 -3.77 15.93
C THR D 408 51.74 -5.18 16.37
N HIS D 409 51.72 -6.12 15.45
CA HIS D 409 52.19 -7.48 15.70
C HIS D 409 53.66 -7.50 16.13
N LEU D 410 53.98 -8.26 17.15
CA LEU D 410 55.39 -8.53 17.52
C LEU D 410 55.62 -10.06 17.47
N PRO D 411 56.73 -10.49 16.89
CA PRO D 411 57.05 -11.91 16.81
C PRO D 411 57.25 -12.50 18.21
N LEU D 412 56.49 -13.54 18.51
CA LEU D 412 56.62 -14.30 19.75
C LEU D 412 56.79 -15.77 19.36
N GLN D 413 57.95 -16.35 19.61
CA GLN D 413 58.17 -17.78 19.35
C GLN D 413 58.13 -18.53 20.68
N LEU D 414 57.27 -19.53 20.81
CA LEU D 414 57.24 -20.36 22.02
C LEU D 414 57.75 -21.75 21.67
N GLN D 415 58.58 -22.31 22.54
CA GLN D 415 58.93 -23.71 22.51
C GLN D 415 58.13 -24.39 23.63
N THR D 416 57.13 -25.16 23.25
CA THR D 416 56.21 -25.76 24.19
C THR D 416 56.17 -27.27 23.99
N PRO D 417 56.06 -28.05 25.07
CA PRO D 417 55.69 -29.46 24.93
C PRO D 417 54.24 -29.57 24.45
N GLN D 418 53.87 -30.77 24.02
CA GLN D 418 52.48 -31.04 23.69
C GLN D 418 51.72 -31.39 24.96
N TYR D 419 50.45 -30.96 24.97
CA TYR D 419 49.45 -31.49 25.88
C TYR D 419 48.76 -32.66 25.16
N ARG D 420 48.80 -33.85 25.74
CA ARG D 420 48.24 -35.04 25.10
C ARG D 420 47.17 -35.63 26.03
N HIS D 421 46.07 -36.07 25.45
CA HIS D 421 45.07 -36.83 26.16
C HIS D 421 44.47 -37.81 25.17
N GLY D 422 44.54 -39.09 25.48
CA GLY D 422 44.18 -40.13 24.53
C GLY D 422 45.01 -40.00 23.25
N ASP D 423 44.34 -40.03 22.11
CA ASP D 423 45.01 -39.98 20.83
C ASP D 423 45.06 -38.55 20.28
N THR D 424 44.82 -37.53 21.09
CA THR D 424 44.88 -36.13 20.62
C THR D 424 46.04 -35.39 21.31
N GLN D 425 46.71 -34.53 20.57
CA GLN D 425 47.75 -33.67 21.06
C GLN D 425 47.52 -32.24 20.55
N VAL D 426 47.77 -31.26 21.42
CA VAL D 426 47.81 -29.84 21.08
C VAL D 426 49.01 -29.21 21.78
N PRO D 427 49.43 -28.03 21.34
CA PRO D 427 50.45 -27.30 22.14
C PRO D 427 49.95 -27.06 23.58
N ALA D 428 50.80 -27.27 24.57
CA ALA D 428 50.41 -27.05 25.93
C ALA D 428 50.11 -25.56 26.15
N VAL D 429 50.94 -24.69 25.58
CA VAL D 429 50.76 -23.24 25.72
C VAL D 429 50.83 -22.59 24.34
N HIS D 430 49.97 -21.60 24.18
CA HIS D 430 49.86 -20.84 22.97
C HIS D 430 49.82 -19.36 23.35
N GLY D 431 50.28 -18.47 22.48
CA GLY D 431 50.29 -17.06 22.85
C GLY D 431 50.50 -16.14 21.67
N SER D 432 50.47 -14.84 21.92
CA SER D 432 50.73 -13.84 20.93
C SER D 432 51.16 -12.55 21.65
N ALA D 433 51.66 -11.58 20.89
CA ALA D 433 52.09 -10.33 21.51
C ALA D 433 51.93 -9.18 20.50
N VAL D 434 51.74 -8.00 21.06
CA VAL D 434 51.62 -6.78 20.28
C VAL D 434 52.29 -5.61 21.01
N LYS D 435 52.55 -4.56 20.23
CA LYS D 435 52.72 -3.24 20.78
C LYS D 435 51.43 -2.44 20.53
N ALA D 436 50.77 -2.07 21.61
CA ALA D 436 49.46 -1.44 21.53
C ALA D 436 49.60 0.04 21.14
N LYS D 437 48.48 0.66 20.83
CA LYS D 437 48.50 2.10 20.52
C LYS D 437 48.93 2.94 21.71
N ASP D 438 48.76 2.47 22.94
CA ASP D 438 49.25 3.23 24.14
C ASP D 438 50.77 3.14 24.25
N GLY D 439 51.46 2.39 23.37
CA GLY D 439 52.92 2.34 23.37
C GLY D 439 53.51 1.20 24.23
N HIS D 440 52.68 0.49 24.96
CA HIS D 440 53.12 -0.64 25.78
C HIS D 440 52.96 -1.96 25.05
N VAL D 441 53.83 -2.88 25.43
CA VAL D 441 53.82 -4.22 24.91
C VAL D 441 52.87 -5.08 25.75
N TYR D 442 52.04 -5.87 25.06
CA TYR D 442 51.12 -6.83 25.69
C TYR D 442 51.46 -8.24 25.21
N ILE D 443 51.40 -9.19 26.14
CA ILE D 443 51.61 -10.63 25.82
C ILE D 443 50.38 -11.39 26.33
N ALA D 444 49.75 -12.15 25.43
CA ALA D 444 48.69 -13.07 25.77
C ALA D 444 49.24 -14.49 25.83
N LEU D 445 48.86 -15.25 26.85
CA LEU D 445 49.21 -16.66 26.94
C LEU D 445 47.98 -17.46 27.35
N THR D 446 47.86 -18.66 26.79
CA THR D 446 46.81 -19.59 27.09
C THR D 446 47.43 -20.94 27.44
N ASN D 447 47.00 -21.51 28.56
CA ASN D 447 47.37 -22.88 28.94
C ASN D 447 46.21 -23.80 28.56
N LEU D 448 46.42 -24.64 27.56
CA LEU D 448 45.37 -25.50 26.99
C LEU D 448 45.15 -26.76 27.85
N ASP D 449 46.09 -27.08 28.74
CA ASP D 449 46.00 -28.30 29.54
C ASP D 449 44.84 -28.17 30.53
N ALA D 450 43.98 -29.19 30.58
CA ALA D 450 42.83 -29.22 31.49
C ALA D 450 43.27 -29.34 32.95
N SER D 451 44.47 -29.80 33.25
CA SER D 451 44.80 -29.97 34.68
C SER D 451 46.24 -29.58 35.04
N ALA D 452 47.18 -29.49 34.11
CA ALA D 452 48.59 -29.21 34.48
C ALA D 452 48.89 -27.70 34.32
N SER D 453 49.49 -27.09 35.34
CA SER D 453 50.02 -25.75 35.20
C SER D 453 51.28 -25.77 34.31
N ALA D 454 51.72 -24.59 33.87
CA ALA D 454 52.94 -24.46 33.09
C ALA D 454 53.79 -23.31 33.64
N THR D 455 55.09 -23.45 33.48
CA THR D 455 56.05 -22.39 33.80
C THR D 455 56.54 -21.81 32.47
N VAL D 456 56.27 -20.55 32.20
CA VAL D 456 56.64 -19.96 30.94
C VAL D 456 57.74 -18.92 31.18
N SER D 457 58.81 -19.01 30.41
CA SER D 457 59.91 -18.08 30.48
C SER D 457 60.16 -17.42 29.11
N VAL D 458 59.84 -16.15 28.99
CA VAL D 458 59.96 -15.41 27.72
C VAL D 458 61.10 -14.39 27.81
N GLN D 459 62.10 -14.60 26.96
CA GLN D 459 63.21 -13.69 26.77
C GLN D 459 62.76 -12.54 25.87
N VAL D 460 62.85 -11.31 26.36
CA VAL D 460 62.36 -10.13 25.62
C VAL D 460 63.55 -9.37 25.03
N GLU D 461 63.57 -9.18 23.73
CA GLU D 461 64.60 -8.40 23.04
C GLU D 461 64.05 -7.05 22.58
N GLY D 462 64.87 -6.02 22.70
CA GLY D 462 64.60 -4.70 22.19
C GLY D 462 63.80 -3.84 23.17
N LEU D 463 63.69 -4.20 24.45
CA LEU D 463 62.91 -3.40 25.40
C LEU D 463 63.34 -3.75 26.84
N PRO D 464 63.97 -2.82 27.55
CA PRO D 464 64.22 -3.02 28.97
C PRO D 464 62.91 -3.11 29.77
N LEU D 465 62.84 -4.05 30.70
CA LEU D 465 61.65 -4.33 31.49
C LEU D 465 61.92 -3.89 32.94
N ARG D 466 60.91 -3.33 33.63
CA ARG D 466 60.95 -3.19 35.06
C ARG D 466 59.81 -3.96 35.73
N ALA D 467 58.69 -4.17 35.06
CA ALA D 467 57.49 -4.61 35.72
C ALA D 467 56.54 -5.24 34.72
N VAL D 468 55.57 -5.98 35.24
CA VAL D 468 54.54 -6.61 34.44
C VAL D 468 53.28 -6.68 35.30
N GLU D 469 52.18 -6.32 34.67
CA GLU D 469 50.85 -6.34 35.31
C GLU D 469 49.96 -7.27 34.47
N GLY D 470 48.97 -7.93 35.03
CA GLY D 470 48.18 -8.78 34.19
C GLY D 470 46.84 -9.14 34.80
N GLN D 471 46.03 -9.74 33.94
CA GLN D 471 44.74 -10.28 34.30
C GLN D 471 44.67 -11.74 33.83
N ILE D 472 43.86 -12.52 34.55
CA ILE D 472 43.69 -13.95 34.27
C ILE D 472 42.20 -14.23 34.15
N LEU D 473 41.87 -15.02 33.14
CA LEU D 473 40.54 -15.58 32.98
C LEU D 473 40.67 -17.09 33.12
N THR D 474 40.05 -17.61 34.17
CA THR D 474 40.03 -19.04 34.44
C THR D 474 38.76 -19.33 35.25
N ALA D 475 38.64 -20.56 35.71
CA ALA D 475 37.52 -20.98 36.54
C ALA D 475 37.96 -22.26 37.26
N PRO D 476 37.19 -22.69 38.27
CA PRO D 476 37.61 -23.86 39.04
C PRO D 476 37.59 -25.15 38.18
N ALA D 477 36.68 -25.24 37.24
CA ALA D 477 36.48 -26.46 36.43
C ALA D 477 36.39 -26.07 34.96
N ILE D 478 36.82 -26.95 34.07
CA ILE D 478 36.82 -26.66 32.64
C ILE D 478 35.39 -26.40 32.14
N ALA D 479 34.39 -27.09 32.66
CA ALA D 479 33.01 -26.93 32.17
C ALA D 479 32.28 -25.88 33.02
N THR D 480 32.84 -24.71 33.20
CA THR D 480 32.16 -23.68 33.99
C THR D 480 31.64 -22.64 32.98
N TYR D 481 30.40 -22.17 33.20
CA TYR D 481 29.82 -21.19 32.35
C TYR D 481 29.03 -20.21 33.22
N ASN D 482 28.67 -19.07 32.64
CA ASN D 482 27.95 -18.04 33.36
C ASN D 482 26.44 -18.23 33.17
N THR D 483 25.68 -17.99 34.22
CA THR D 483 24.21 -18.00 34.19
C THR D 483 23.68 -16.72 34.84
N TYR D 484 22.38 -16.47 34.72
CA TYR D 484 21.74 -15.29 35.34
C TYR D 484 21.92 -15.39 36.86
N ALA D 485 21.83 -16.58 37.42
CA ALA D 485 22.00 -16.79 38.89
C ALA D 485 23.46 -16.68 39.31
N GLN D 486 24.41 -17.09 38.44
CA GLN D 486 25.85 -17.08 38.70
C GLN D 486 26.58 -16.37 37.56
N PRO D 487 26.42 -15.05 37.48
CA PRO D 487 26.85 -14.32 36.30
C PRO D 487 28.36 -14.12 36.22
N GLN D 488 29.09 -14.36 37.30
CA GLN D 488 30.54 -14.16 37.32
C GLN D 488 31.27 -15.44 37.68
N ALA D 489 30.74 -16.60 37.34
CA ALA D 489 31.45 -17.82 37.55
C ALA D 489 32.78 -17.80 36.76
N VAL D 490 32.78 -17.19 35.56
CA VAL D 490 33.98 -17.07 34.74
C VAL D 490 34.16 -15.59 34.42
N ALA D 491 35.15 -14.96 35.03
CA ALA D 491 35.33 -13.51 34.83
C ALA D 491 36.76 -13.15 35.25
N PRO D 492 37.29 -12.09 34.68
CA PRO D 492 38.72 -11.81 34.82
C PRO D 492 39.02 -11.24 36.21
N VAL D 493 40.18 -11.59 36.75
CA VAL D 493 40.68 -11.02 37.99
C VAL D 493 42.17 -10.65 37.79
N ALA D 494 42.71 -9.91 38.75
CA ALA D 494 44.15 -9.57 38.74
C ALA D 494 44.95 -10.86 38.78
N PHE D 495 46.01 -10.92 37.98
CA PHE D 495 46.87 -12.10 37.95
C PHE D 495 48.14 -11.84 38.75
N LYS D 496 48.54 -12.79 39.58
CA LYS D 496 49.68 -12.63 40.49
C LYS D 496 50.88 -13.48 40.10
N GLY D 497 50.83 -14.15 38.94
CA GLY D 497 51.87 -15.12 38.61
C GLY D 497 52.89 -14.64 37.59
N ALA D 498 52.97 -13.37 37.28
CA ALA D 498 53.99 -12.88 36.32
C ALA D 498 55.04 -12.03 37.02
N ARG D 499 56.30 -12.20 36.64
CA ARG D 499 57.38 -11.34 37.17
C ARG D 499 58.43 -11.13 36.09
N VAL D 500 59.18 -10.06 36.24
CA VAL D 500 60.24 -9.73 35.31
C VAL D 500 61.56 -9.95 36.03
N GLN D 501 62.52 -10.56 35.37
CA GLN D 501 63.86 -10.76 35.92
C GLN D 501 64.86 -10.60 34.77
N GLY D 502 65.70 -9.57 34.86
CA GLY D 502 66.60 -9.23 33.78
C GLY D 502 65.81 -8.91 32.52
N LYS D 503 66.03 -9.67 31.46
CA LYS D 503 65.27 -9.48 30.22
C LYS D 503 64.17 -10.55 30.07
N THR D 504 63.83 -11.25 31.15
CA THR D 504 62.95 -12.41 31.06
C THR D 504 61.62 -12.10 31.76
N VAL D 505 60.49 -12.46 31.13
CA VAL D 505 59.21 -12.51 31.80
C VAL D 505 58.93 -13.96 32.21
N ASN D 506 58.75 -14.20 33.50
CA ASN D 506 58.49 -15.54 34.02
C ASN D 506 57.01 -15.59 34.43
N VAL D 507 56.32 -16.63 34.00
CA VAL D 507 54.89 -16.73 34.21
C VAL D 507 54.57 -18.11 34.80
N ALA D 508 53.95 -18.12 35.97
CA ALA D 508 53.35 -19.35 36.52
C ALA D 508 51.90 -19.39 36.02
N LEU D 509 51.67 -20.20 35.00
CA LEU D 509 50.42 -20.15 34.24
C LEU D 509 49.53 -21.33 34.65
N PRO D 510 48.41 -21.06 35.32
CA PRO D 510 47.56 -22.14 35.78
C PRO D 510 46.96 -22.96 34.62
N ALA D 511 46.55 -24.17 34.95
CA ALA D 511 45.81 -25.01 33.99
C ALA D 511 44.59 -24.25 33.45
N HIS D 512 44.19 -24.54 32.21
CA HIS D 512 42.97 -24.05 31.60
C HIS D 512 42.74 -22.55 31.87
N SER D 513 43.68 -21.73 31.45
CA SER D 513 43.64 -20.30 31.79
C SER D 513 44.20 -19.45 30.65
N ILE D 514 43.74 -18.22 30.63
CA ILE D 514 44.19 -17.20 29.70
C ILE D 514 44.72 -16.03 30.52
N VAL D 515 45.90 -15.54 30.20
CA VAL D 515 46.39 -14.32 30.84
C VAL D 515 46.70 -13.28 29.76
N MET D 516 46.52 -12.02 30.12
CA MET D 516 46.90 -10.88 29.32
C MET D 516 47.81 -10.00 30.16
N LEU D 517 49.07 -9.89 29.73
CA LEU D 517 50.11 -9.20 30.48
C LEU D 517 50.47 -7.89 29.79
N LYS D 518 50.70 -6.86 30.57
CA LYS D 518 51.18 -5.58 30.10
C LYS D 518 52.57 -5.33 30.65
N LEU D 519 53.56 -5.19 29.78
CA LEU D 519 54.93 -4.93 30.19
C LEU D 519 55.16 -3.44 30.40
N GLN D 520 55.97 -3.13 31.40
CA GLN D 520 56.33 -1.74 31.68
C GLN D 520 57.72 -1.73 32.31
N ALA E 26 -2.57 -68.37 -45.01
CA ALA E 26 -3.25 -67.85 -43.75
C ALA E 26 -2.59 -68.43 -42.48
N ALA E 27 -1.27 -68.38 -42.37
CA ALA E 27 -0.58 -68.96 -41.21
C ALA E 27 -0.74 -68.05 -39.99
N GLU E 28 -0.87 -68.64 -38.82
CA GLU E 28 -0.89 -67.90 -37.54
C GLU E 28 0.55 -67.39 -37.27
N VAL E 29 0.68 -66.20 -36.73
CA VAL E 29 1.94 -65.75 -36.16
C VAL E 29 2.02 -66.28 -34.74
N LYS E 30 3.06 -67.03 -34.41
CA LYS E 30 3.13 -67.72 -33.09
C LYS E 30 4.10 -67.03 -32.14
N VAL E 31 3.59 -66.74 -30.95
CA VAL E 31 4.38 -66.07 -29.92
C VAL E 31 4.33 -66.95 -28.66
N ASN E 32 5.49 -67.23 -28.10
CA ASN E 32 5.63 -67.98 -26.86
C ASN E 32 6.17 -67.05 -25.78
N GLY E 33 5.77 -67.26 -24.55
CA GLY E 33 6.28 -66.38 -23.49
C GLY E 33 6.26 -67.08 -22.13
N THR E 34 6.88 -66.38 -21.17
CA THR E 34 6.98 -66.84 -19.82
C THR E 34 6.65 -65.67 -18.88
N LEU E 35 5.75 -65.91 -17.94
CA LEU E 35 5.37 -64.97 -16.91
C LEU E 35 5.84 -65.51 -15.56
N ARG E 36 6.65 -64.71 -14.86
CA ARG E 36 7.18 -65.10 -13.55
C ARG E 36 6.43 -64.37 -12.43
N VAL E 37 5.29 -64.93 -12.04
CA VAL E 37 4.52 -64.37 -10.91
C VAL E 37 5.33 -64.54 -9.62
N ASP E 38 6.22 -65.54 -9.60
CA ASP E 38 7.09 -65.82 -8.47
C ASP E 38 8.32 -64.90 -8.41
N GLN E 39 8.49 -63.97 -9.34
CA GLN E 39 9.65 -63.03 -9.29
C GLN E 39 9.14 -61.59 -9.34
N PRO E 40 8.33 -61.19 -8.35
CA PRO E 40 7.81 -59.81 -8.39
C PRO E 40 8.93 -58.76 -8.30
N GLY E 41 8.75 -57.64 -8.99
CA GLY E 41 9.74 -56.56 -9.04
C GLY E 41 9.24 -55.31 -8.34
N ALA E 42 9.61 -54.15 -8.87
CA ALA E 42 9.32 -52.89 -8.25
C ALA E 42 7.86 -52.47 -8.50
N GLN E 43 7.45 -51.46 -7.72
CA GLN E 43 6.15 -50.86 -7.91
C GLN E 43 6.10 -50.12 -9.25
N VAL E 44 5.03 -50.33 -9.97
CA VAL E 44 4.68 -49.57 -11.18
C VAL E 44 3.86 -48.36 -10.71
N SER E 45 4.52 -47.21 -10.63
CA SER E 45 3.93 -46.05 -9.98
C SER E 45 2.68 -45.61 -10.74
N ARG E 46 1.67 -45.24 -9.99
CA ARG E 46 0.49 -44.65 -10.61
C ARG E 46 0.87 -43.37 -11.35
N GLN E 47 1.97 -42.72 -10.99
CA GLN E 47 2.32 -41.43 -11.61
C GLN E 47 2.81 -41.65 -13.06
N LEU E 48 2.97 -42.90 -13.50
CA LEU E 48 3.26 -43.17 -14.91
C LEU E 48 2.08 -42.75 -15.81
N PHE E 49 0.91 -42.53 -15.21
CA PHE E 49 -0.30 -42.16 -15.94
C PHE E 49 -0.61 -40.67 -15.78
N GLY E 50 0.42 -39.85 -15.55
CA GLY E 50 0.24 -38.41 -15.42
C GLY E 50 -0.26 -37.77 -16.72
N GLN E 51 -0.93 -36.62 -16.52
CA GLN E 51 -1.45 -35.79 -17.58
C GLN E 51 -0.69 -34.45 -17.57
N PHE E 52 -0.92 -33.66 -18.61
CA PHE E 52 -0.16 -32.45 -18.88
C PHE E 52 -1.09 -31.46 -19.56
N ALA E 53 -1.38 -30.34 -18.90
CA ALA E 53 -2.32 -29.35 -19.44
C ALA E 53 -1.65 -27.98 -19.56
N GLU E 54 -1.04 -27.72 -20.70
CA GLU E 54 -0.43 -26.42 -20.98
C GLU E 54 -1.50 -25.41 -21.35
N HIS E 55 -1.22 -24.12 -21.12
CA HIS E 55 -2.03 -23.05 -21.66
C HIS E 55 -1.74 -22.92 -23.15
N LEU E 56 -2.51 -23.63 -23.94
CA LEU E 56 -2.23 -23.82 -25.37
C LEU E 56 -3.55 -24.15 -26.05
N GLY E 57 -3.90 -23.37 -27.06
CA GLY E 57 -5.08 -23.62 -27.86
C GLY E 57 -6.33 -23.67 -27.01
N THR E 58 -7.08 -24.76 -27.11
CA THR E 58 -8.30 -24.92 -26.31
C THR E 58 -8.07 -26.00 -25.22
N GLY E 59 -6.83 -26.21 -24.84
CA GLY E 59 -6.51 -27.19 -23.82
C GLY E 59 -7.02 -26.79 -22.44
N ILE E 60 -7.03 -25.49 -22.14
CA ILE E 60 -7.52 -25.02 -20.86
C ILE E 60 -8.89 -24.36 -21.04
N TYR E 61 -8.91 -23.32 -21.88
CA TYR E 61 -10.12 -22.56 -22.15
C TYR E 61 -10.93 -23.36 -23.20
N GLY E 62 -12.08 -23.87 -22.76
CA GLY E 62 -12.93 -24.74 -23.58
C GLY E 62 -12.74 -26.19 -23.17
N GLY E 63 -11.49 -26.64 -23.08
CA GLY E 63 -11.24 -28.05 -22.73
C GLY E 63 -11.50 -28.37 -21.25
N VAL E 64 -11.22 -27.42 -20.35
CA VAL E 64 -11.36 -27.62 -18.89
C VAL E 64 -12.25 -26.52 -18.29
N TRP E 65 -11.84 -25.28 -18.52
CA TRP E 65 -12.46 -24.08 -17.96
C TRP E 65 -13.48 -23.52 -18.96
N VAL E 66 -14.74 -23.41 -18.56
CA VAL E 66 -15.75 -22.76 -19.38
C VAL E 66 -16.24 -21.48 -18.69
N GLY E 67 -15.98 -21.32 -17.39
CA GLY E 67 -16.49 -20.15 -16.66
C GLY E 67 -17.84 -20.44 -16.01
N GLU E 68 -18.09 -19.80 -14.89
CA GLU E 68 -19.23 -20.13 -14.02
C GLU E 68 -20.57 -19.82 -14.73
N GLU E 69 -20.56 -18.85 -15.62
CA GLU E 69 -21.76 -18.39 -16.34
C GLU E 69 -21.96 -19.15 -17.66
N SER E 70 -21.13 -20.15 -17.99
CA SER E 70 -21.27 -20.89 -19.22
C SER E 70 -22.56 -21.71 -19.19
N PRO E 71 -23.24 -21.84 -20.33
CA PRO E 71 -24.36 -22.80 -20.44
C PRO E 71 -23.87 -24.25 -20.54
N ILE E 72 -22.58 -24.48 -20.73
CA ILE E 72 -22.05 -25.84 -20.63
C ILE E 72 -22.07 -26.24 -19.15
N PRO E 73 -22.74 -27.36 -18.81
CA PRO E 73 -22.88 -27.72 -17.39
C PRO E 73 -21.50 -27.80 -16.72
N ASN E 74 -21.38 -27.10 -15.60
CA ASN E 74 -20.07 -26.91 -15.00
C ASN E 74 -20.20 -26.82 -13.47
N THR E 75 -19.10 -27.09 -12.81
CA THR E 75 -18.99 -26.96 -11.37
C THR E 75 -17.93 -25.90 -11.08
N HIS E 76 -18.37 -24.72 -10.64
CA HIS E 76 -17.45 -23.59 -10.37
C HIS E 76 -16.60 -23.25 -11.59
N GLY E 77 -17.16 -23.46 -12.79
CA GLY E 77 -16.47 -23.06 -14.03
C GLY E 77 -15.74 -24.20 -14.73
N TYR E 78 -15.63 -25.37 -14.08
CA TYR E 78 -15.02 -26.54 -14.69
C TYR E 78 -16.11 -27.40 -15.34
N ARG E 79 -15.98 -27.69 -16.63
CA ARG E 79 -17.05 -28.43 -17.32
C ARG E 79 -17.18 -29.84 -16.73
N ASN E 80 -18.41 -30.23 -16.47
CA ASN E 80 -18.73 -31.46 -15.70
C ASN E 80 -18.34 -32.72 -16.48
N ASP E 81 -18.53 -32.72 -17.77
CA ASP E 81 -18.26 -33.93 -18.60
C ASP E 81 -16.77 -34.31 -18.50
N VAL E 82 -15.88 -33.34 -18.56
CA VAL E 82 -14.45 -33.56 -18.48
C VAL E 82 -14.07 -34.02 -17.07
N VAL E 83 -14.64 -33.38 -16.06
CA VAL E 83 -14.36 -33.75 -14.69
C VAL E 83 -14.70 -35.23 -14.47
N ALA E 84 -15.88 -35.65 -14.91
CA ALA E 84 -16.32 -37.03 -14.71
C ALA E 84 -15.39 -37.99 -15.45
N ALA E 85 -15.03 -37.65 -16.67
CA ALA E 85 -14.23 -38.54 -17.49
C ALA E 85 -12.82 -38.71 -16.88
N LEU E 86 -12.25 -37.63 -16.36
CA LEU E 86 -10.91 -37.73 -15.80
C LEU E 86 -10.94 -38.47 -14.46
N LYS E 87 -11.97 -38.24 -13.66
CA LYS E 87 -12.12 -39.00 -12.42
C LYS E 87 -12.24 -40.51 -12.72
N ALA E 88 -12.90 -40.87 -13.82
CA ALA E 88 -13.14 -42.29 -14.10
C ALA E 88 -11.81 -42.99 -14.44
N ILE E 89 -10.77 -42.28 -14.88
CA ILE E 89 -9.49 -42.97 -15.13
C ILE E 89 -8.49 -42.71 -14.00
N ALA E 90 -8.94 -42.08 -12.94
CA ALA E 90 -8.12 -41.80 -11.71
C ALA E 90 -6.79 -41.14 -12.10
N VAL E 91 -6.89 -39.99 -12.75
CA VAL E 91 -5.73 -39.18 -13.07
C VAL E 91 -4.89 -38.99 -11.81
N PRO E 92 -3.59 -39.34 -11.88
CA PRO E 92 -2.75 -39.31 -10.67
C PRO E 92 -2.11 -37.94 -10.39
N ASN E 93 -1.76 -37.24 -11.48
CA ASN E 93 -1.23 -35.86 -11.38
C ASN E 93 -1.45 -35.16 -12.71
N ILE E 94 -1.51 -33.84 -12.66
CA ILE E 94 -1.53 -32.98 -13.85
C ILE E 94 -0.39 -31.97 -13.72
N ARG E 95 0.44 -31.89 -14.76
CA ARG E 95 1.47 -30.87 -14.89
C ARG E 95 0.88 -29.61 -15.55
N TRP E 96 1.12 -28.46 -14.94
CA TRP E 96 0.56 -27.19 -15.37
C TRP E 96 1.50 -26.07 -14.93
N PRO E 97 1.66 -24.97 -15.66
CA PRO E 97 0.95 -24.60 -16.89
C PRO E 97 1.73 -24.80 -18.20
N GLY E 98 2.78 -25.60 -18.18
CA GLY E 98 3.56 -25.88 -19.37
C GLY E 98 4.69 -26.85 -19.04
N GLY E 99 5.59 -27.15 -20.00
CA GLY E 99 5.53 -26.67 -21.36
C GLY E 99 6.24 -25.33 -21.50
N CYS E 100 6.43 -24.92 -22.76
CA CYS E 100 7.03 -23.61 -23.11
C CYS E 100 6.31 -22.45 -22.42
N PHE E 101 5.01 -22.50 -22.28
CA PHE E 101 4.27 -21.41 -21.62
C PHE E 101 4.82 -21.14 -20.19
N ALA E 102 5.24 -22.22 -19.49
CA ALA E 102 5.63 -22.08 -18.09
C ALA E 102 6.94 -21.29 -17.94
N ASP E 103 7.79 -21.32 -18.97
CA ASP E 103 9.08 -20.63 -18.92
C ASP E 103 8.95 -19.13 -19.12
N GLU E 104 7.76 -18.64 -19.46
CA GLU E 104 7.52 -17.23 -19.58
C GLU E 104 6.37 -16.79 -18.66
N TYR E 105 5.85 -17.67 -17.84
CA TYR E 105 4.67 -17.33 -17.00
C TYR E 105 5.11 -16.66 -15.71
N HIS E 106 4.33 -15.66 -15.30
CA HIS E 106 4.51 -14.95 -14.04
C HIS E 106 3.27 -15.24 -13.20
N TRP E 107 3.46 -16.01 -12.13
CA TRP E 107 2.33 -16.51 -11.36
C TRP E 107 1.43 -15.40 -10.83
N ARG E 108 1.96 -14.23 -10.54
CA ARG E 108 1.15 -13.14 -9.98
C ARG E 108 0.14 -12.65 -11.00
N ASP E 109 0.38 -12.89 -12.29
CA ASP E 109 -0.56 -12.51 -13.32
C ASP E 109 -1.85 -13.32 -13.21
N GLY E 110 -1.83 -14.44 -12.51
CA GLY E 110 -2.96 -15.35 -12.44
C GLY E 110 -3.64 -15.41 -11.07
N VAL E 111 -3.38 -14.45 -10.19
CA VAL E 111 -4.07 -14.43 -8.89
C VAL E 111 -4.72 -13.06 -8.70
N GLY E 112 -5.67 -13.03 -7.79
CA GLY E 112 -6.36 -11.80 -7.45
C GLY E 112 -7.62 -11.65 -8.27
N THR E 113 -8.33 -10.58 -8.03
CA THR E 113 -9.58 -10.29 -8.72
C THR E 113 -9.39 -10.50 -10.23
N PRO E 114 -10.26 -11.26 -10.89
CA PRO E 114 -10.04 -11.54 -12.33
C PRO E 114 -9.92 -10.28 -13.19
N ALA E 115 -10.71 -9.24 -12.91
CA ALA E 115 -10.68 -8.00 -13.68
C ALA E 115 -9.32 -7.29 -13.55
N LYS E 116 -8.53 -7.55 -12.53
CA LYS E 116 -7.28 -6.86 -12.39
C LYS E 116 -6.12 -7.71 -12.90
N ARG E 117 -6.35 -8.95 -13.34
CA ARG E 117 -5.27 -9.76 -13.86
C ARG E 117 -4.91 -9.24 -15.27
N PRO E 118 -3.62 -9.18 -15.59
CA PRO E 118 -3.22 -8.66 -16.89
C PRO E 118 -3.53 -9.63 -18.03
N ILE E 119 -3.81 -9.06 -19.19
CA ILE E 119 -3.89 -9.82 -20.40
C ILE E 119 -2.45 -9.93 -20.94
N ARG E 120 -2.02 -11.16 -21.14
CA ARG E 120 -0.69 -11.41 -21.63
C ARG E 120 -0.84 -12.01 -23.02
N VAL E 121 0.32 -12.19 -23.64
CA VAL E 121 0.40 -12.75 -24.97
C VAL E 121 0.97 -14.16 -24.82
N ASN E 122 0.28 -15.13 -25.44
CA ASN E 122 0.79 -16.48 -25.48
C ASN E 122 1.74 -16.54 -26.69
N THR E 123 3.02 -16.24 -26.48
CA THR E 123 3.95 -15.98 -27.59
C THR E 123 4.20 -17.26 -28.39
N HIS E 124 4.31 -18.41 -27.74
CA HIS E 124 4.65 -19.65 -28.47
C HIS E 124 3.47 -20.16 -29.29
N TRP E 125 2.26 -19.98 -28.81
CA TRP E 125 1.11 -20.78 -29.31
C TRP E 125 0.07 -19.84 -29.93
N GLY E 126 0.48 -19.21 -31.04
CA GLY E 126 -0.39 -18.40 -31.87
C GLY E 126 -0.25 -16.90 -31.62
N GLY E 127 0.49 -16.49 -30.60
CA GLY E 127 0.59 -15.07 -30.25
C GLY E 127 -0.75 -14.49 -29.81
N VAL E 128 -1.65 -15.33 -29.27
CA VAL E 128 -3.02 -14.87 -28.90
C VAL E 128 -3.03 -14.39 -27.44
N GLU E 129 -4.12 -13.73 -27.10
CA GLU E 129 -4.31 -13.20 -25.77
C GLU E 129 -4.53 -14.35 -24.76
N GLU E 130 -3.90 -14.18 -23.60
CA GLU E 130 -4.11 -15.01 -22.43
C GLU E 130 -4.76 -14.13 -21.36
N SER E 131 -6.03 -14.44 -21.01
CA SER E 131 -6.82 -13.64 -20.05
C SER E 131 -6.29 -13.83 -18.61
N ASN E 132 -5.62 -14.93 -18.37
CA ASN E 132 -5.20 -15.36 -17.03
C ASN E 132 -6.42 -15.60 -16.10
N ARG E 133 -7.58 -15.90 -16.64
CA ARG E 133 -8.75 -16.22 -15.83
C ARG E 133 -8.53 -17.56 -15.13
N PHE E 134 -7.81 -18.47 -15.78
CA PHE E 134 -7.44 -19.72 -15.18
C PHE E 134 -6.02 -19.58 -14.64
N GLY E 135 -5.91 -19.40 -13.32
CA GLY E 135 -4.65 -19.14 -12.65
C GLY E 135 -4.45 -20.11 -11.50
N THR E 136 -3.60 -19.73 -10.55
CA THR E 136 -3.23 -20.62 -9.45
C THR E 136 -4.46 -21.22 -8.74
N HIS E 137 -5.40 -20.38 -8.30
CA HIS E 137 -6.50 -20.89 -7.52
C HIS E 137 -7.37 -21.83 -8.39
N GLU E 138 -7.58 -21.43 -9.64
CA GLU E 138 -8.48 -22.22 -10.49
C GLU E 138 -7.85 -23.60 -10.77
N PHE E 139 -6.56 -23.64 -11.04
CA PHE E 139 -5.90 -24.92 -11.30
C PHE E 139 -5.86 -25.76 -10.01
N MET E 140 -5.42 -25.15 -8.91
CA MET E 140 -5.25 -25.95 -7.71
C MET E 140 -6.60 -26.49 -7.20
N ASP E 141 -7.65 -25.70 -7.26
CA ASP E 141 -8.95 -26.16 -6.84
C ASP E 141 -9.48 -27.23 -7.82
N PHE E 142 -9.08 -27.14 -9.09
CA PHE E 142 -9.42 -28.20 -10.05
C PHE E 142 -8.78 -29.53 -9.64
N THR E 143 -7.50 -29.50 -9.25
CA THR E 143 -6.84 -30.73 -8.82
C THR E 143 -7.59 -31.34 -7.62
N GLU E 144 -8.07 -30.51 -6.69
CA GLU E 144 -8.75 -31.04 -5.52
C GLU E 144 -10.11 -31.63 -5.93
N LEU E 145 -10.81 -31.01 -6.89
CA LEU E 145 -12.08 -31.55 -7.33
C LEU E 145 -11.86 -32.94 -7.94
N LEU E 146 -10.77 -33.14 -8.69
CA LEU E 146 -10.49 -34.44 -9.31
C LEU E 146 -9.91 -35.43 -8.29
N GLY E 147 -9.42 -34.96 -7.15
CA GLY E 147 -8.69 -35.82 -6.22
C GLY E 147 -7.30 -36.18 -6.77
N THR E 148 -6.69 -35.31 -7.59
CA THR E 148 -5.39 -35.58 -8.24
C THR E 148 -4.30 -34.69 -7.61
N GLN E 149 -3.04 -35.01 -7.91
CA GLN E 149 -1.91 -34.25 -7.41
C GLN E 149 -1.51 -33.14 -8.41
N ALA E 150 -1.06 -32.00 -7.87
CA ALA E 150 -0.56 -30.91 -8.68
C ALA E 150 0.93 -31.10 -8.97
N TYR E 151 1.30 -30.97 -10.23
CA TYR E 151 2.70 -30.91 -10.65
C TYR E 151 2.91 -29.53 -11.27
N ILE E 152 3.49 -28.61 -10.51
CA ILE E 152 3.58 -27.21 -10.93
C ILE E 152 4.87 -27.01 -11.71
N ALA E 153 4.77 -26.34 -12.84
CA ALA E 153 5.93 -26.04 -13.70
C ALA E 153 6.34 -24.58 -13.50
N GLY E 154 7.53 -24.39 -12.91
CA GLY E 154 8.00 -23.05 -12.54
C GLY E 154 8.86 -22.38 -13.59
N ASN E 155 8.92 -21.06 -13.53
CA ASN E 155 9.66 -20.22 -14.47
C ASN E 155 11.09 -19.98 -13.98
N VAL E 156 12.07 -20.52 -14.67
CA VAL E 156 13.46 -20.20 -14.36
C VAL E 156 14.13 -19.36 -15.46
N GLY E 157 13.73 -19.50 -16.66
CA GLY E 157 14.42 -18.83 -17.77
C GLY E 157 14.25 -17.33 -17.78
N ASP E 158 13.04 -16.82 -17.57
CA ASP E 158 12.74 -15.43 -17.70
C ASP E 158 12.26 -14.87 -16.33
N ALA E 159 12.57 -15.44 -15.23
CA ALA E 159 12.30 -14.84 -13.94
C ALA E 159 13.56 -14.93 -13.07
N ALA E 160 13.65 -14.11 -12.03
CA ALA E 160 14.65 -14.28 -10.95
C ALA E 160 14.14 -15.37 -9.99
N PRO E 161 15.03 -15.97 -9.17
CA PRO E 161 14.59 -17.11 -8.36
C PRO E 161 13.49 -16.79 -7.36
N GLU E 162 13.39 -15.53 -7.01
CA GLU E 162 12.43 -15.13 -5.97
C GLU E 162 11.01 -15.42 -6.48
N GLU E 163 10.74 -15.45 -7.78
CA GLU E 163 9.41 -15.70 -8.23
C GLU E 163 8.92 -17.13 -7.89
N ILE E 164 9.66 -18.18 -8.24
CA ILE E 164 9.19 -19.49 -7.88
C ILE E 164 9.23 -19.66 -6.34
N ALA E 165 10.17 -19.02 -5.64
CA ALA E 165 10.22 -19.15 -4.18
C ALA E 165 8.93 -18.57 -3.59
N GLN E 166 8.51 -17.42 -4.08
CA GLN E 166 7.29 -16.79 -3.54
C GLN E 166 6.06 -17.60 -3.94
N TRP E 167 6.08 -18.17 -5.14
CA TRP E 167 4.92 -18.95 -5.59
C TRP E 167 4.70 -20.15 -4.67
N ALA E 168 5.77 -20.87 -4.38
CA ALA E 168 5.70 -22.03 -3.50
C ALA E 168 5.17 -21.63 -2.12
N GLU E 169 5.64 -20.49 -1.58
CA GLU E 169 5.18 -20.04 -0.28
C GLU E 169 3.68 -19.68 -0.36
N TYR E 170 3.29 -18.95 -1.38
CA TYR E 170 1.90 -18.56 -1.56
C TYR E 170 1.00 -19.79 -1.50
N MET E 171 1.40 -20.85 -2.20
CA MET E 171 0.54 -22.02 -2.32
C MET E 171 0.56 -22.92 -1.07
N THR E 172 1.70 -22.99 -0.35
CA THR E 172 1.91 -24.07 0.65
C THR E 172 2.08 -23.55 2.09
N ALA E 173 2.32 -22.25 2.30
CA ALA E 173 2.66 -21.78 3.66
C ALA E 173 1.44 -21.90 4.58
N PRO E 174 1.62 -22.55 5.75
CA PRO E 174 0.56 -22.60 6.77
C PRO E 174 0.62 -21.44 7.75
N THR E 175 1.68 -20.63 7.71
CA THR E 175 1.88 -19.55 8.67
C THR E 175 1.00 -18.34 8.28
N ARG E 176 1.14 -17.26 9.03
CA ARG E 176 0.46 -16.00 8.73
C ARG E 176 1.43 -15.00 8.07
N SER E 177 2.27 -15.49 7.18
CA SER E 177 3.09 -14.65 6.35
C SER E 177 2.21 -13.83 5.38
N SER E 178 2.75 -12.74 4.86
CA SER E 178 1.99 -11.90 3.95
C SER E 178 1.56 -12.66 2.69
N LEU E 179 2.41 -13.53 2.16
CA LEU E 179 2.05 -14.29 0.96
C LEU E 179 0.95 -15.32 1.29
N ALA E 180 1.04 -15.97 2.44
CA ALA E 180 0.01 -16.91 2.84
C ALA E 180 -1.30 -16.11 3.04
N ASN E 181 -1.23 -14.93 3.63
CA ASN E 181 -2.44 -14.17 3.90
C ASN E 181 -3.06 -13.66 2.58
N GLU E 182 -2.25 -13.43 1.57
CA GLU E 182 -2.72 -13.05 0.28
C GLU E 182 -3.49 -14.22 -0.39
N ARG E 183 -2.98 -15.43 -0.28
CA ARG E 183 -3.76 -16.62 -0.66
C ARG E 183 -5.11 -16.66 0.06
N ARG E 184 -5.09 -16.44 1.38
CA ARG E 184 -6.32 -16.42 2.15
C ARG E 184 -7.26 -15.31 1.65
N ALA E 185 -6.74 -14.12 1.36
CA ALA E 185 -7.56 -12.99 0.88
C ALA E 185 -8.22 -13.36 -0.45
N ASN E 186 -7.52 -14.18 -1.25
CA ASN E 186 -7.99 -14.61 -2.56
C ASN E 186 -8.91 -15.84 -2.45
N GLY E 187 -9.22 -16.29 -1.24
CA GLY E 187 -10.30 -17.23 -1.02
C GLY E 187 -9.84 -18.62 -0.60
N ARG E 188 -8.53 -18.88 -0.40
CA ARG E 188 -8.08 -20.20 0.01
C ARG E 188 -7.37 -20.12 1.37
N ASP E 189 -8.03 -20.57 2.40
CA ASP E 189 -7.55 -20.45 3.78
C ASP E 189 -6.38 -21.43 3.99
N ALA E 190 -6.61 -22.70 3.80
CA ALA E 190 -5.59 -23.73 4.05
C ALA E 190 -4.61 -23.78 2.87
N PRO E 191 -3.38 -24.16 3.13
CA PRO E 191 -2.48 -24.45 2.03
C PRO E 191 -3.03 -25.53 1.08
N TRP E 192 -2.60 -25.49 -0.16
CA TRP E 192 -2.76 -26.64 -1.05
C TRP E 192 -1.53 -27.55 -0.90
N GLN E 193 -1.66 -28.76 -1.41
CA GLN E 193 -0.52 -29.66 -1.54
C GLN E 193 0.11 -29.44 -2.92
N VAL E 194 1.43 -29.25 -2.93
CA VAL E 194 2.24 -29.13 -4.12
C VAL E 194 3.34 -30.19 -4.09
N PRO E 195 3.00 -31.40 -4.51
CA PRO E 195 3.93 -32.50 -4.29
C PRO E 195 5.09 -32.55 -5.30
N TYR E 196 4.90 -31.95 -6.48
CA TYR E 196 5.94 -31.94 -7.50
C TYR E 196 6.08 -30.51 -8.04
N PHE E 197 7.32 -30.11 -8.21
CA PHE E 197 7.64 -28.76 -8.71
C PHE E 197 8.76 -28.85 -9.75
N GLY E 198 8.45 -28.51 -11.00
CA GLY E 198 9.43 -28.49 -12.06
C GLY E 198 10.23 -27.20 -12.08
N VAL E 199 11.55 -27.32 -11.99
CA VAL E 199 12.42 -26.17 -11.92
C VAL E 199 12.99 -25.91 -13.33
N GLY E 200 12.14 -25.32 -14.16
CA GLY E 200 12.42 -25.02 -15.56
C GLY E 200 11.91 -26.13 -16.49
N ASN E 201 11.57 -25.75 -17.71
CA ASN E 201 10.97 -26.64 -18.72
C ASN E 201 11.74 -26.44 -20.06
N GLU E 202 12.27 -27.44 -20.67
CA GLU E 202 12.86 -27.22 -22.07
C GLU E 202 13.85 -26.03 -22.05
N LEU E 203 14.77 -26.06 -21.09
CA LEU E 203 15.79 -25.00 -20.94
C LEU E 203 16.75 -25.00 -22.14
N TRP E 204 16.87 -26.15 -22.84
CA TRP E 204 17.72 -26.24 -24.04
C TRP E 204 17.08 -25.46 -25.20
N GLY E 205 15.81 -25.06 -25.08
CA GLY E 205 15.08 -24.41 -26.18
C GLY E 205 14.32 -23.19 -25.71
N CYS E 206 12.99 -23.27 -25.66
CA CYS E 206 12.11 -22.11 -25.37
C CYS E 206 12.35 -21.56 -23.96
N GLY E 207 12.95 -22.33 -23.04
CA GLY E 207 13.25 -21.84 -21.68
C GLY E 207 14.56 -21.06 -21.56
N GLY E 208 15.28 -20.78 -22.66
CA GLY E 208 16.48 -19.96 -22.59
C GLY E 208 17.64 -20.44 -23.41
N ASN E 209 17.47 -21.42 -24.31
CA ASN E 209 18.51 -21.84 -25.25
C ASN E 209 19.83 -22.13 -24.51
N MET E 210 19.72 -22.83 -23.38
CA MET E 210 20.86 -23.05 -22.50
C MET E 210 21.65 -24.30 -22.89
N ARG E 211 22.96 -24.19 -22.91
CA ARG E 211 23.83 -25.36 -22.83
C ARG E 211 23.63 -26.05 -21.47
N VAL E 212 23.79 -27.37 -21.43
CA VAL E 212 23.54 -28.08 -20.18
C VAL E 212 24.49 -27.58 -19.07
N GLU E 213 25.69 -27.21 -19.37
CA GLU E 213 26.63 -26.74 -18.33
C GLU E 213 26.05 -25.51 -17.60
N TYR E 214 25.36 -24.65 -18.35
CA TYR E 214 24.73 -23.46 -17.81
C TYR E 214 23.42 -23.82 -17.12
N ALA E 215 22.61 -24.67 -17.74
CA ALA E 215 21.37 -25.10 -17.15
C ALA E 215 21.58 -25.78 -15.80
N ALA E 216 22.66 -26.55 -15.66
CA ALA E 216 22.93 -27.25 -14.39
C ALA E 216 23.18 -26.21 -13.28
N ASP E 217 23.93 -25.15 -13.61
CA ASP E 217 24.22 -24.07 -12.65
C ASP E 217 22.93 -23.35 -12.28
N VAL E 218 22.11 -23.05 -13.29
CA VAL E 218 20.87 -22.34 -13.06
C VAL E 218 19.94 -23.21 -12.20
N PHE E 219 19.80 -24.49 -12.55
CA PHE E 219 18.97 -25.40 -11.77
C PHE E 219 19.43 -25.43 -10.31
N ARG E 220 20.73 -25.65 -10.09
CA ARG E 220 21.26 -25.74 -8.71
C ARG E 220 20.87 -24.48 -7.91
N ARG E 221 21.00 -23.32 -8.52
CA ARG E 221 20.69 -22.06 -7.88
C ARG E 221 19.18 -21.94 -7.62
N TYR E 222 18.36 -22.09 -8.63
CA TYR E 222 16.93 -21.83 -8.49
C TYR E 222 16.26 -22.86 -7.56
N GLN E 223 16.68 -24.11 -7.61
CA GLN E 223 16.04 -25.14 -6.76
C GLN E 223 16.31 -24.82 -5.28
N THR E 224 17.42 -24.14 -4.98
CA THR E 224 17.79 -23.80 -3.61
C THR E 224 16.62 -23.08 -2.92
N PHE E 225 15.95 -22.20 -3.65
CA PHE E 225 15.02 -21.27 -3.06
C PHE E 225 13.58 -21.79 -3.12
N VAL E 226 13.36 -22.97 -3.62
CA VAL E 226 12.07 -23.62 -3.46
C VAL E 226 12.14 -24.55 -2.24
N LYS E 227 11.56 -24.09 -1.16
CA LYS E 227 11.72 -24.76 0.12
C LYS E 227 10.37 -25.35 0.55
N SER E 228 10.48 -26.54 1.12
CA SER E 228 9.34 -27.25 1.70
C SER E 228 9.04 -26.68 3.08
N PRO E 229 7.79 -26.32 3.36
CA PRO E 229 7.54 -26.05 4.77
C PRO E 229 7.58 -27.35 5.59
N ALA E 230 7.47 -27.25 6.91
CA ALA E 230 7.52 -28.46 7.79
C ALA E 230 6.35 -29.41 7.48
N SER E 231 5.28 -28.86 6.92
CA SER E 231 3.98 -29.52 6.83
C SER E 231 3.84 -30.37 5.56
N GLN E 232 4.72 -30.26 4.57
CA GLN E 232 4.62 -31.09 3.36
C GLN E 232 5.95 -31.03 2.60
N LYS E 233 6.21 -32.04 1.82
CA LYS E 233 7.43 -32.15 1.04
C LYS E 233 7.15 -31.82 -0.44
N ILE E 234 7.88 -30.84 -0.96
CA ILE E 234 7.81 -30.47 -2.40
C ILE E 234 8.99 -31.13 -3.13
N LEU E 235 8.72 -32.10 -3.97
CA LEU E 235 9.76 -32.78 -4.73
C LEU E 235 10.12 -31.92 -5.95
N LYS E 236 11.40 -31.86 -6.27
CA LYS E 236 11.89 -30.97 -7.30
C LYS E 236 12.37 -31.79 -8.50
N ILE E 237 11.83 -31.42 -9.67
CA ILE E 237 12.18 -32.10 -10.90
C ILE E 237 13.11 -31.19 -11.70
N ALA E 238 14.31 -31.68 -11.98
CA ALA E 238 15.28 -30.98 -12.80
C ALA E 238 15.00 -31.13 -14.30
N PRO E 239 15.32 -30.11 -15.07
CA PRO E 239 15.14 -30.04 -16.53
C PRO E 239 16.16 -30.97 -17.22
N GLY E 240 15.64 -31.99 -17.87
CA GLY E 240 16.47 -33.04 -18.44
C GLY E 240 16.48 -33.01 -19.97
N PRO E 241 16.95 -34.12 -20.59
CA PRO E 241 17.20 -34.18 -22.00
C PRO E 241 15.95 -34.24 -22.86
N SER E 242 16.09 -33.74 -24.08
CA SER E 242 15.22 -34.10 -25.18
C SER E 242 15.83 -35.31 -25.94
N ASP E 243 15.02 -36.30 -26.30
CA ASP E 243 15.42 -37.35 -27.23
C ASP E 243 16.70 -38.03 -26.71
N ASP E 244 17.71 -38.18 -27.57
CA ASP E 244 18.91 -38.94 -27.23
C ASP E 244 20.05 -37.98 -26.85
N ASP E 245 19.75 -36.89 -26.14
CA ASP E 245 20.80 -35.96 -25.70
C ASP E 245 21.44 -36.51 -24.42
N TYR E 246 22.35 -37.47 -24.61
CA TYR E 246 22.99 -38.16 -23.49
C TYR E 246 23.96 -37.20 -22.78
N HIS E 247 24.54 -36.26 -23.50
CA HIS E 247 25.42 -35.30 -22.88
C HIS E 247 24.66 -34.49 -21.82
N TRP E 248 23.42 -34.15 -22.10
CA TRP E 248 22.60 -33.39 -21.16
C TRP E 248 22.44 -34.20 -19.85
N THR E 249 22.06 -35.46 -19.98
CA THR E 249 21.88 -36.31 -18.82
C THR E 249 23.17 -36.44 -18.01
N GLU E 250 24.28 -36.66 -18.70
CA GLU E 250 25.56 -36.83 -18.07
C GLU E 250 25.86 -35.60 -17.19
N VAL E 251 25.74 -34.40 -17.76
CA VAL E 251 26.13 -33.22 -17.02
C VAL E 251 25.13 -32.93 -15.91
N MET E 252 23.85 -33.01 -16.19
CA MET E 252 22.89 -32.69 -15.12
C MET E 252 23.08 -33.65 -13.93
N MET E 253 23.30 -34.93 -14.20
CA MET E 253 23.46 -35.89 -13.09
C MET E 253 24.81 -35.66 -12.39
N ARG E 254 25.88 -35.50 -13.17
CA ARG E 254 27.20 -35.30 -12.60
C ARG E 254 27.18 -34.08 -11.69
N GLU E 255 26.55 -33.00 -12.15
CA GLU E 255 26.65 -31.72 -11.46
C GLU E 255 25.57 -31.58 -10.39
N ALA E 256 24.42 -32.20 -10.54
CA ALA E 256 23.24 -31.78 -9.73
C ALA E 256 22.41 -32.95 -9.19
N SER E 257 22.83 -34.20 -9.33
CA SER E 257 21.98 -35.34 -8.89
C SER E 257 21.61 -35.20 -7.40
N LYS E 258 22.49 -34.61 -6.57
CA LYS E 258 22.20 -34.51 -5.14
C LYS E 258 21.10 -33.50 -4.85
N PHE E 259 20.72 -32.66 -5.81
CA PHE E 259 19.76 -31.58 -5.57
C PHE E 259 18.42 -31.84 -6.26
N MET E 260 18.16 -33.03 -6.77
CA MET E 260 16.92 -33.26 -7.53
C MET E 260 16.25 -34.51 -6.99
N ASP E 261 14.92 -34.54 -7.07
CA ASP E 261 14.12 -35.73 -6.76
C ASP E 261 13.77 -36.49 -8.06
N GLY E 262 13.86 -35.78 -9.19
CA GLY E 262 13.61 -36.35 -10.49
C GLY E 262 14.30 -35.58 -11.58
N LEU E 263 14.51 -36.25 -12.72
CA LEU E 263 15.08 -35.64 -13.91
C LEU E 263 14.09 -35.84 -15.05
N SER E 264 13.65 -34.78 -15.72
CA SER E 264 12.68 -34.94 -16.76
C SER E 264 13.37 -35.35 -18.06
N MET E 265 12.69 -36.16 -18.87
CA MET E 265 13.10 -36.41 -20.21
C MET E 265 11.86 -36.26 -21.10
N HIS E 266 12.10 -35.91 -22.36
CA HIS E 266 11.04 -35.63 -23.33
C HIS E 266 11.33 -36.47 -24.57
N TYR E 267 10.33 -37.20 -25.05
CA TYR E 267 10.44 -37.84 -26.38
C TYR E 267 9.06 -37.94 -27.03
N TYR E 268 8.90 -37.21 -28.12
CA TYR E 268 7.70 -37.25 -28.94
C TYR E 268 7.88 -38.27 -30.07
N THR E 269 6.75 -38.91 -30.41
CA THR E 269 6.70 -39.82 -31.52
C THR E 269 6.21 -39.02 -32.74
N ILE E 270 7.13 -38.74 -33.67
CA ILE E 270 6.84 -37.81 -34.75
C ILE E 270 7.12 -38.53 -36.07
N PRO E 271 6.10 -39.18 -36.63
CA PRO E 271 6.35 -39.86 -37.91
C PRO E 271 6.76 -38.82 -38.97
N GLY E 272 7.80 -39.16 -39.73
CA GLY E 272 8.35 -38.25 -40.75
C GLY E 272 9.36 -37.26 -40.18
N GLY E 273 9.55 -37.22 -38.85
CA GLY E 273 10.52 -36.30 -38.24
C GLY E 273 10.01 -34.85 -38.19
N TRP E 274 10.80 -34.00 -37.56
CA TRP E 274 10.49 -32.59 -37.34
C TRP E 274 10.68 -31.84 -38.65
N PRO E 275 9.84 -30.87 -39.02
CA PRO E 275 8.60 -30.50 -38.31
C PRO E 275 7.45 -31.48 -38.59
N PRO E 276 6.47 -31.54 -37.68
CA PRO E 276 5.41 -32.56 -37.79
C PRO E 276 4.51 -32.34 -39.01
N ARG E 277 4.54 -33.28 -39.95
CA ARG E 277 3.74 -33.12 -41.18
C ARG E 277 2.88 -34.36 -41.44
N ALA E 278 2.90 -35.39 -40.59
CA ALA E 278 2.16 -36.62 -40.87
C ALA E 278 0.67 -36.44 -40.53
N SER E 279 -0.23 -37.01 -41.36
CA SER E 279 -1.66 -36.93 -41.09
C SER E 279 -2.01 -37.74 -39.83
N SER E 280 -2.88 -37.16 -39.01
CA SER E 280 -3.46 -37.84 -37.83
C SER E 280 -4.67 -38.70 -38.20
N THR E 281 -5.22 -38.53 -39.40
CA THR E 281 -6.49 -39.12 -39.77
C THR E 281 -6.35 -40.16 -40.90
N THR E 282 -5.36 -40.01 -41.77
CA THR E 282 -5.34 -40.72 -43.05
C THR E 282 -3.94 -41.26 -43.28
N PHE E 283 -3.78 -42.57 -43.30
CA PHE E 283 -2.46 -43.14 -43.39
C PHE E 283 -2.54 -44.59 -43.84
N ASP E 284 -1.45 -45.05 -44.41
CA ASP E 284 -1.35 -46.42 -44.93
C ASP E 284 -0.51 -47.26 -43.95
N GLU E 285 -0.23 -48.50 -44.34
CA GLU E 285 0.48 -49.42 -43.46
C GLU E 285 1.92 -48.93 -43.19
N ALA E 286 2.56 -48.32 -44.17
CA ALA E 286 3.93 -47.79 -44.02
C ALA E 286 3.96 -46.75 -42.89
N ALA E 287 2.99 -45.84 -42.86
CA ALA E 287 2.93 -44.80 -41.85
C ALA E 287 2.58 -45.40 -40.48
N TRP E 288 1.75 -46.45 -40.48
CA TRP E 288 1.42 -47.22 -39.26
C TRP E 288 2.70 -47.79 -38.62
N ILE E 289 3.43 -48.60 -39.39
CA ILE E 289 4.57 -49.28 -38.80
C ILE E 289 5.68 -48.25 -38.48
N GLN E 290 5.83 -47.20 -39.29
CA GLN E 290 6.83 -46.14 -39.01
C GLN E 290 6.53 -45.50 -37.64
N THR E 291 5.26 -45.22 -37.36
CA THR E 291 4.89 -44.59 -36.12
C THR E 291 5.22 -45.50 -34.93
N LEU E 292 4.88 -46.78 -35.05
CA LEU E 292 5.11 -47.70 -33.95
C LEU E 292 6.62 -47.92 -33.77
N SER E 293 7.36 -48.00 -34.87
CA SER E 293 8.82 -48.12 -34.80
C SER E 293 9.41 -46.92 -34.05
N ARG E 294 8.99 -45.74 -34.42
CA ARG E 294 9.47 -44.52 -33.74
C ARG E 294 9.08 -44.53 -32.25
N THR E 295 7.88 -44.97 -31.90
CA THR E 295 7.49 -44.84 -30.49
C THR E 295 8.32 -45.81 -29.65
N LEU E 296 8.72 -46.96 -30.23
CA LEU E 296 9.43 -47.98 -29.48
C LEU E 296 10.85 -47.53 -29.12
N VAL E 297 11.33 -46.48 -29.74
CA VAL E 297 12.65 -45.91 -29.44
C VAL E 297 12.68 -45.47 -27.97
N MET E 298 11.53 -45.16 -27.37
CA MET E 298 11.46 -44.82 -25.94
C MET E 298 12.22 -45.85 -25.09
N ASP E 299 12.17 -47.14 -25.44
CA ASP E 299 12.83 -48.14 -24.61
C ASP E 299 14.35 -47.94 -24.65
N GLU E 300 14.93 -47.73 -25.83
CA GLU E 300 16.38 -47.47 -25.96
C GLU E 300 16.77 -46.20 -25.20
N LEU E 301 15.99 -45.13 -25.35
CA LEU E 301 16.27 -43.86 -24.66
C LEU E 301 16.25 -44.06 -23.13
N ILE E 302 15.22 -44.69 -22.60
CA ILE E 302 15.16 -44.90 -21.17
C ILE E 302 16.35 -45.74 -20.71
N THR E 303 16.68 -46.80 -21.46
CA THR E 303 17.77 -47.68 -21.10
C THR E 303 19.05 -46.86 -20.98
N LYS E 304 19.35 -46.08 -22.00
CA LYS E 304 20.64 -45.39 -22.07
C LYS E 304 20.68 -44.21 -21.09
N HIS E 305 19.61 -43.43 -20.98
CA HIS E 305 19.57 -42.38 -19.96
C HIS E 305 19.68 -42.98 -18.55
N SER E 306 18.99 -44.11 -18.28
CA SER E 306 19.04 -44.77 -16.97
C SER E 306 20.47 -45.19 -16.65
N ALA E 307 21.21 -45.70 -17.63
CA ALA E 307 22.54 -46.19 -17.34
C ALA E 307 23.45 -45.02 -16.96
N ILE E 308 23.26 -43.87 -17.57
CA ILE E 308 24.02 -42.68 -17.15
C ILE E 308 23.63 -42.28 -15.72
N MET E 309 22.34 -42.30 -15.41
CA MET E 309 21.88 -41.94 -14.07
C MET E 309 22.45 -42.92 -13.03
N ASP E 310 22.63 -44.20 -13.39
CA ASP E 310 23.13 -45.18 -12.47
C ASP E 310 24.57 -44.86 -12.04
N LYS E 311 25.36 -44.22 -12.91
CA LYS E 311 26.74 -43.91 -12.61
C LYS E 311 26.82 -42.94 -11.43
N TYR E 312 25.89 -42.00 -11.34
CA TYR E 312 25.95 -40.94 -10.34
C TYR E 312 24.97 -41.26 -9.19
N ASP E 313 23.95 -42.07 -9.45
CA ASP E 313 22.86 -42.33 -8.53
C ASP E 313 22.51 -43.82 -8.57
N PRO E 314 23.47 -44.68 -8.16
CA PRO E 314 23.28 -46.14 -8.22
C PRO E 314 22.09 -46.62 -7.37
N ALA E 315 21.71 -45.92 -6.31
CA ALA E 315 20.55 -46.37 -5.50
C ALA E 315 19.23 -45.93 -6.13
N LYS E 316 19.24 -45.17 -7.21
CA LYS E 316 18.01 -44.77 -7.93
C LYS E 316 17.13 -43.86 -7.06
N LYS E 317 17.74 -42.98 -6.29
CA LYS E 317 16.97 -41.98 -5.57
C LYS E 317 16.31 -40.99 -6.53
N VAL E 318 16.97 -40.69 -7.66
CA VAL E 318 16.41 -39.73 -8.62
C VAL E 318 15.52 -40.47 -9.60
N ALA E 319 14.25 -40.11 -9.65
CA ALA E 319 13.34 -40.69 -10.65
C ALA E 319 13.68 -40.16 -12.04
N LEU E 320 13.55 -41.00 -13.04
CA LEU E 320 13.44 -40.54 -14.41
C LEU E 320 11.96 -40.26 -14.66
N VAL E 321 11.71 -39.02 -15.09
CA VAL E 321 10.36 -38.47 -15.21
C VAL E 321 10.10 -38.19 -16.68
N VAL E 322 9.28 -38.98 -17.34
CA VAL E 322 9.10 -38.79 -18.77
C VAL E 322 7.97 -37.77 -18.93
N ASP E 323 8.24 -36.47 -18.78
CA ASP E 323 7.03 -35.63 -18.57
C ASP E 323 6.54 -34.99 -19.87
N GLU E 324 7.09 -35.40 -21.02
CA GLU E 324 6.39 -35.20 -22.31
C GLU E 324 6.67 -36.45 -23.16
N TRP E 325 5.60 -37.11 -23.57
CA TRP E 325 5.65 -38.17 -24.59
C TRP E 325 4.31 -38.17 -25.32
N GLY E 326 4.29 -38.90 -26.42
CA GLY E 326 3.06 -39.01 -27.24
C GLY E 326 3.33 -38.60 -28.67
N THR E 327 2.29 -38.71 -29.50
CA THR E 327 2.41 -38.46 -30.90
C THR E 327 2.24 -36.97 -31.21
N TRP E 328 2.91 -36.54 -32.27
CA TRP E 328 2.81 -35.17 -32.77
C TRP E 328 2.68 -35.24 -34.30
N TYR E 329 1.50 -34.84 -34.78
CA TYR E 329 1.12 -34.90 -36.19
C TYR E 329 1.01 -33.48 -36.78
N ALA E 330 0.78 -33.40 -38.09
CA ALA E 330 0.33 -32.16 -38.72
C ALA E 330 -0.96 -31.69 -38.02
N PRO E 331 -1.13 -30.39 -37.93
CA PRO E 331 -2.40 -29.85 -37.42
C PRO E 331 -3.55 -30.22 -38.37
N LEU E 332 -4.76 -30.42 -37.83
CA LEU E 332 -5.88 -30.70 -38.69
C LEU E 332 -6.13 -29.53 -39.63
N PRO E 333 -6.60 -29.83 -40.86
CA PRO E 333 -6.90 -28.79 -41.85
C PRO E 333 -7.87 -27.75 -41.30
N GLY E 334 -7.60 -26.48 -41.54
CA GLY E 334 -8.51 -25.42 -41.13
C GLY E 334 -8.31 -25.02 -39.67
N THR E 335 -7.37 -25.62 -38.93
CA THR E 335 -7.17 -25.22 -37.54
C THR E 335 -5.96 -24.30 -37.44
N ASN E 336 -5.92 -23.48 -36.39
CA ASN E 336 -4.74 -22.65 -36.10
C ASN E 336 -3.59 -23.60 -35.76
N PRO E 337 -2.51 -23.57 -36.56
CA PRO E 337 -1.41 -24.51 -36.32
C PRO E 337 -0.76 -24.36 -34.94
N GLY E 338 -0.85 -23.19 -34.32
CA GLY E 338 -0.30 -23.00 -33.00
C GLY E 338 -1.16 -23.61 -31.88
N PHE E 339 -2.30 -24.25 -32.21
CA PHE E 339 -3.19 -24.86 -31.19
C PHE E 339 -3.00 -26.38 -31.10
N LEU E 340 -2.17 -26.95 -31.97
CA LEU E 340 -1.77 -28.35 -31.96
C LEU E 340 -2.98 -29.30 -31.89
N GLN E 341 -3.98 -29.07 -32.73
CA GLN E 341 -5.16 -29.94 -32.75
C GLN E 341 -4.93 -31.06 -33.77
N GLN E 342 -5.03 -32.30 -33.31
CA GLN E 342 -4.88 -33.46 -34.17
C GLN E 342 -5.90 -34.52 -33.74
N GLN E 343 -6.24 -35.43 -34.66
CA GLN E 343 -7.08 -36.56 -34.27
C GLN E 343 -6.23 -37.63 -33.58
N ASN E 344 -6.95 -38.63 -33.09
CA ASN E 344 -6.48 -39.64 -32.17
C ASN E 344 -7.09 -40.97 -32.62
N SER E 345 -6.29 -41.83 -33.25
CA SER E 345 -6.77 -43.03 -33.90
C SER E 345 -6.34 -44.29 -33.14
N LEU E 346 -6.71 -45.44 -33.68
CA LEU E 346 -6.26 -46.72 -33.14
C LEU E 346 -4.71 -46.74 -33.05
N ARG E 347 -4.05 -46.11 -34.01
CA ARG E 347 -2.57 -46.01 -33.98
C ARG E 347 -2.09 -45.35 -32.68
N ASP E 348 -2.78 -44.31 -32.26
CA ASP E 348 -2.44 -43.58 -31.00
C ASP E 348 -2.69 -44.46 -29.78
N ALA E 349 -3.75 -45.27 -29.81
CA ALA E 349 -3.99 -46.23 -28.75
C ALA E 349 -2.79 -47.18 -28.62
N LEU E 350 -2.32 -47.72 -29.73
CA LEU E 350 -1.17 -48.65 -29.64
C LEU E 350 0.08 -47.92 -29.14
N VAL E 351 0.29 -46.66 -29.58
CA VAL E 351 1.39 -45.89 -29.05
C VAL E 351 1.30 -45.86 -27.51
N ALA E 352 0.12 -45.59 -26.96
CA ALA E 352 -0.03 -45.53 -25.51
C ALA E 352 0.25 -46.89 -24.87
N SER E 353 -0.29 -48.00 -25.42
CA SER E 353 -0.07 -49.30 -24.76
C SER E 353 1.41 -49.67 -24.80
N LEU E 354 2.09 -49.38 -25.89
CA LEU E 354 3.51 -49.76 -26.00
C LEU E 354 4.36 -48.95 -25.00
N ASN E 355 4.03 -47.67 -24.83
CA ASN E 355 4.76 -46.83 -23.86
C ASN E 355 4.49 -47.31 -22.42
N PHE E 356 3.25 -47.61 -22.07
CA PHE E 356 2.96 -48.16 -20.73
C PHE E 356 3.72 -49.46 -20.49
N ASP E 357 3.78 -50.35 -21.49
CA ASP E 357 4.54 -51.56 -21.38
C ASP E 357 5.99 -51.20 -21.03
N ILE E 358 6.56 -50.29 -21.79
CA ILE E 358 7.97 -49.93 -21.65
C ILE E 358 8.22 -49.30 -20.26
N PHE E 359 7.37 -48.35 -19.87
CA PHE E 359 7.55 -47.71 -18.58
C PHE E 359 7.56 -48.76 -17.46
N SER E 360 6.61 -49.68 -17.53
CA SER E 360 6.44 -50.69 -16.48
C SER E 360 7.65 -51.64 -16.43
N GLN E 361 8.40 -51.79 -17.53
CA GLN E 361 9.62 -52.61 -17.59
C GLN E 361 10.80 -51.89 -16.92
N HIS E 362 10.68 -50.59 -16.67
CA HIS E 362 11.76 -49.77 -16.13
C HIS E 362 11.28 -49.14 -14.82
N ALA E 363 10.41 -49.84 -14.10
CA ALA E 363 9.63 -49.24 -13.00
C ALA E 363 10.51 -48.81 -11.81
N GLU E 364 11.70 -49.40 -11.64
CA GLU E 364 12.55 -48.97 -10.51
C GLU E 364 13.04 -47.52 -10.69
N ARG E 365 13.28 -47.13 -11.93
CA ARG E 365 13.86 -45.80 -12.22
C ARG E 365 12.80 -44.87 -12.78
N VAL E 366 11.98 -45.34 -13.71
CA VAL E 366 10.95 -44.48 -14.32
C VAL E 366 9.71 -44.53 -13.41
N ARG E 367 9.48 -43.44 -12.69
CA ARG E 367 8.45 -43.43 -11.66
C ARG E 367 7.41 -42.34 -11.91
N MET E 368 7.54 -41.59 -12.99
CA MET E 368 6.54 -40.60 -13.39
C MET E 368 6.58 -40.47 -14.92
N ALA E 369 5.43 -40.21 -15.51
CA ALA E 369 5.34 -39.83 -16.92
C ALA E 369 4.08 -39.00 -17.12
N ASN E 370 4.12 -38.16 -18.13
CA ASN E 370 2.99 -37.28 -18.46
C ASN E 370 2.85 -37.21 -19.98
N ILE E 371 1.71 -37.66 -20.46
CA ILE E 371 1.42 -37.64 -21.88
C ILE E 371 1.05 -36.20 -22.29
N ALA E 372 1.48 -35.83 -23.49
CA ALA E 372 1.16 -34.52 -24.05
C ALA E 372 -0.03 -34.64 -25.02
N GLN E 373 -1.17 -33.99 -24.79
CA GLN E 373 -1.57 -33.22 -23.60
C GLN E 373 -3.00 -33.67 -23.27
N MET E 374 -3.64 -33.08 -22.28
CA MET E 374 -4.78 -33.71 -21.63
C MET E 374 -6.07 -33.54 -22.46
N VAL E 375 -6.42 -32.31 -22.86
CA VAL E 375 -7.63 -32.03 -23.59
C VAL E 375 -7.31 -31.18 -24.81
N ASN E 376 -7.81 -31.59 -26.00
CA ASN E 376 -7.81 -30.75 -27.21
C ASN E 376 -6.41 -30.47 -27.79
N VAL E 377 -5.34 -31.03 -27.21
CA VAL E 377 -3.98 -30.69 -27.62
C VAL E 377 -3.16 -31.97 -27.75
N LEU E 378 -2.45 -32.10 -28.87
CA LEU E 378 -1.60 -33.24 -29.16
C LEU E 378 -2.37 -34.56 -28.88
N GLN E 379 -1.81 -35.53 -28.18
CA GLN E 379 -2.40 -36.89 -28.07
C GLN E 379 -3.38 -36.90 -26.90
N ALA E 380 -4.50 -36.20 -27.08
CA ALA E 380 -5.40 -35.87 -25.99
C ALA E 380 -6.22 -37.07 -25.47
N MET E 381 -6.66 -36.96 -24.22
CA MET E 381 -7.64 -37.88 -23.64
C MET E 381 -9.02 -37.60 -24.22
N ILE E 382 -9.30 -36.33 -24.42
CA ILE E 382 -10.65 -35.84 -24.65
C ILE E 382 -10.56 -34.72 -25.69
N LEU E 383 -11.54 -34.66 -26.57
CA LEU E 383 -11.71 -33.55 -27.49
C LEU E 383 -13.07 -32.89 -27.17
N THR E 384 -13.11 -31.57 -27.13
CA THR E 384 -14.35 -30.85 -26.88
C THR E 384 -14.57 -29.80 -27.98
N ASP E 385 -15.83 -29.46 -28.15
CA ASP E 385 -16.22 -28.41 -29.07
C ASP E 385 -17.56 -27.85 -28.59
N GLY E 386 -17.52 -26.76 -27.84
CA GLY E 386 -18.70 -26.30 -27.13
C GLY E 386 -19.16 -27.41 -26.18
N ASP E 387 -20.45 -27.70 -26.15
CA ASP E 387 -20.93 -28.68 -25.18
C ASP E 387 -20.65 -30.11 -25.65
N LYS E 388 -20.07 -30.32 -26.84
CA LYS E 388 -19.74 -31.68 -27.31
C LYS E 388 -18.41 -32.15 -26.71
N MET E 389 -18.33 -33.45 -26.44
CA MET E 389 -17.15 -34.06 -25.87
C MET E 389 -17.00 -35.46 -26.44
N VAL E 390 -15.78 -35.87 -26.75
CA VAL E 390 -15.53 -37.24 -27.16
C VAL E 390 -14.29 -37.78 -26.46
N LEU E 391 -14.33 -39.05 -26.09
CA LEU E 391 -13.22 -39.77 -25.51
C LEU E 391 -12.41 -40.40 -26.63
N THR E 392 -11.11 -40.26 -26.58
CA THR E 392 -10.25 -40.75 -27.64
C THR E 392 -9.85 -42.21 -27.41
N PRO E 393 -9.31 -42.85 -28.46
CA PRO E 393 -8.77 -44.19 -28.28
C PRO E 393 -7.68 -44.21 -27.17
N THR E 394 -6.90 -43.14 -27.07
CA THR E 394 -5.86 -43.06 -26.07
C THR E 394 -6.47 -43.09 -24.65
N TYR E 395 -7.55 -42.36 -24.43
CA TYR E 395 -8.26 -42.38 -23.14
C TYR E 395 -8.58 -43.83 -22.72
N HIS E 396 -9.09 -44.61 -23.68
CA HIS E 396 -9.50 -45.98 -23.39
C HIS E 396 -8.29 -46.84 -23.01
N VAL E 397 -7.10 -46.52 -23.52
CA VAL E 397 -5.92 -47.29 -23.10
C VAL E 397 -5.55 -46.92 -21.64
N PHE E 398 -5.63 -45.65 -21.28
CA PHE E 398 -5.47 -45.25 -19.86
C PHE E 398 -6.47 -46.01 -18.98
N ALA E 399 -7.73 -46.13 -19.44
CA ALA E 399 -8.75 -46.88 -18.70
C ALA E 399 -8.36 -48.37 -18.60
N LEU E 400 -7.95 -49.00 -19.70
CA LEU E 400 -7.58 -50.43 -19.66
C LEU E 400 -6.42 -50.69 -18.70
N TYR E 401 -5.46 -49.76 -18.63
CA TYR E 401 -4.26 -49.98 -17.83
C TYR E 401 -4.44 -49.44 -16.40
N LYS E 402 -5.63 -49.03 -16.01
CA LYS E 402 -5.85 -48.61 -14.61
C LYS E 402 -5.34 -49.62 -13.57
N PRO E 403 -5.50 -50.92 -13.78
CA PRO E 403 -4.96 -51.87 -12.81
C PRO E 403 -3.43 -51.80 -12.61
N TYR E 404 -2.71 -51.19 -13.53
CA TYR E 404 -1.26 -50.95 -13.38
C TYR E 404 -0.94 -49.90 -12.32
N GLN E 405 -1.91 -49.08 -11.92
CA GLN E 405 -1.61 -47.94 -11.00
C GLN E 405 -1.18 -48.49 -9.64
N ASP E 406 0.09 -48.28 -9.31
CA ASP E 406 0.68 -48.74 -8.03
C ASP E 406 0.66 -50.28 -7.93
N ALA E 407 0.68 -50.95 -9.06
CA ALA E 407 0.80 -52.40 -9.12
C ALA E 407 2.28 -52.80 -8.92
N THR E 408 2.52 -54.10 -8.91
CA THR E 408 3.85 -54.68 -8.84
C THR E 408 4.21 -55.26 -10.22
N HIS E 409 5.36 -54.86 -10.72
CA HIS E 409 5.90 -55.41 -11.98
C HIS E 409 6.11 -56.92 -11.88
N LEU E 410 5.71 -57.66 -12.89
CA LEU E 410 6.08 -59.09 -13.02
C LEU E 410 6.83 -59.28 -14.35
N PRO E 411 7.91 -60.05 -14.34
CA PRO E 411 8.67 -60.32 -15.57
C PRO E 411 7.81 -61.10 -16.57
N LEU E 412 7.69 -60.56 -17.78
CA LEU E 412 7.03 -61.20 -18.88
C LEU E 412 8.01 -61.21 -20.07
N GLN E 413 8.49 -62.37 -20.47
CA GLN E 413 9.42 -62.49 -21.59
C GLN E 413 8.63 -63.06 -22.79
N LEU E 414 8.59 -62.35 -23.91
CA LEU E 414 7.90 -62.88 -25.10
C LEU E 414 8.95 -63.21 -26.16
N GLN E 415 8.82 -64.36 -26.78
CA GLN E 415 9.56 -64.69 -27.97
C GLN E 415 8.63 -64.52 -29.17
N THR E 416 8.84 -63.45 -29.89
CA THR E 416 7.96 -63.01 -30.94
C THR E 416 8.77 -62.89 -32.24
N PRO E 417 8.16 -63.27 -33.37
CA PRO E 417 8.74 -62.90 -34.65
C PRO E 417 8.59 -61.38 -34.86
N GLN E 418 9.28 -60.87 -35.86
CA GLN E 418 9.12 -59.49 -36.26
C GLN E 418 7.89 -59.36 -37.17
N TYR E 419 7.24 -58.23 -37.07
CA TYR E 419 6.31 -57.71 -38.06
C TYR E 419 7.12 -56.79 -38.98
N ARG E 420 7.14 -57.10 -40.27
CA ARG E 420 7.93 -56.33 -41.24
C ARG E 420 6.99 -55.78 -42.31
N HIS E 421 7.19 -54.54 -42.69
CA HIS E 421 6.52 -53.96 -43.82
C HIS E 421 7.49 -53.00 -44.49
N GLY E 422 7.77 -53.23 -45.77
CA GLY E 422 8.84 -52.50 -46.43
C GLY E 422 10.16 -52.72 -45.73
N ASP E 423 10.88 -51.63 -45.50
CA ASP E 423 12.20 -51.71 -44.89
C ASP E 423 12.10 -51.49 -43.36
N THR E 424 10.92 -51.57 -42.76
CA THR E 424 10.78 -51.39 -41.30
C THR E 424 10.36 -52.71 -40.64
N GLN E 425 10.92 -52.98 -39.45
CA GLN E 425 10.50 -54.11 -38.64
C GLN E 425 10.31 -53.65 -37.19
N VAL E 426 9.31 -54.25 -36.56
CA VAL E 426 9.03 -54.11 -35.14
C VAL E 426 8.64 -55.50 -34.60
N PRO E 427 8.68 -55.68 -33.27
CA PRO E 427 8.11 -56.92 -32.71
C PRO E 427 6.63 -57.09 -33.12
N ALA E 428 6.24 -58.30 -33.49
CA ALA E 428 4.85 -58.54 -33.88
C ALA E 428 3.94 -58.31 -32.67
N VAL E 429 4.36 -58.81 -31.51
CA VAL E 429 3.57 -58.69 -30.29
C VAL E 429 4.47 -58.15 -29.17
N HIS E 430 3.87 -57.29 -28.39
CA HIS E 430 4.53 -56.64 -27.27
C HIS E 430 3.60 -56.73 -26.06
N GLY E 431 4.14 -56.76 -24.85
CA GLY E 431 3.25 -56.90 -23.69
C GLY E 431 3.95 -56.58 -22.39
N SER E 432 3.19 -56.66 -21.31
CA SER E 432 3.68 -56.45 -19.97
C SER E 432 2.72 -57.11 -18.99
N ALA E 433 3.13 -57.24 -17.74
CA ALA E 433 2.26 -57.86 -16.74
C ALA E 433 2.54 -57.25 -15.35
N VAL E 434 1.51 -57.29 -14.52
CA VAL E 434 1.60 -56.82 -13.15
C VAL E 434 0.74 -57.71 -12.23
N LYS E 435 1.05 -57.62 -10.95
CA LYS E 435 0.12 -57.99 -9.90
C LYS E 435 -0.48 -56.70 -9.32
N ALA E 436 -1.79 -56.53 -9.48
CA ALA E 436 -2.44 -55.30 -9.14
C ALA E 436 -2.70 -55.25 -7.62
N LYS E 437 -3.05 -54.06 -7.14
CA LYS E 437 -3.42 -53.90 -5.74
C LYS E 437 -4.69 -54.69 -5.40
N ASP E 438 -5.58 -54.98 -6.37
CA ASP E 438 -6.76 -55.82 -6.10
C ASP E 438 -6.36 -57.30 -5.90
N GLY E 439 -5.09 -57.67 -6.06
CA GLY E 439 -4.64 -59.02 -5.79
C GLY E 439 -4.59 -59.91 -7.03
N HIS E 440 -5.09 -59.42 -8.17
CA HIS E 440 -5.13 -60.22 -9.41
C HIS E 440 -3.93 -59.90 -10.29
N VAL E 441 -3.53 -60.90 -11.07
CA VAL E 441 -2.52 -60.72 -12.08
C VAL E 441 -3.18 -60.25 -13.39
N TYR E 442 -2.58 -59.23 -14.01
CA TYR E 442 -3.05 -58.69 -15.28
C TYR E 442 -1.92 -58.79 -16.32
N ILE E 443 -2.30 -59.14 -17.55
CA ILE E 443 -1.38 -59.25 -18.67
C ILE E 443 -1.92 -58.39 -19.81
N ALA E 444 -1.09 -57.46 -20.28
CA ALA E 444 -1.41 -56.64 -21.44
C ALA E 444 -0.65 -57.20 -22.65
N LEU E 445 -1.33 -57.31 -23.79
CA LEU E 445 -0.71 -57.72 -25.05
C LEU E 445 -1.20 -56.78 -26.15
N THR E 446 -0.28 -56.42 -27.05
CA THR E 446 -0.56 -55.61 -28.21
C THR E 446 -0.05 -56.35 -29.44
N ASN E 447 -0.91 -56.46 -30.44
CA ASN E 447 -0.52 -56.99 -31.76
C ASN E 447 -0.28 -55.79 -32.68
N LEU E 448 0.98 -55.57 -33.04
CA LEU E 448 1.38 -54.39 -33.81
C LEU E 448 1.07 -54.58 -35.31
N ASP E 449 0.86 -55.83 -35.75
CA ASP E 449 0.68 -56.11 -37.17
C ASP E 449 -0.65 -55.49 -37.64
N ALA E 450 -0.59 -54.75 -38.74
CA ALA E 450 -1.78 -54.12 -39.33
C ALA E 450 -2.75 -55.16 -39.89
N SER E 451 -2.33 -56.39 -40.18
CA SER E 451 -3.32 -57.31 -40.80
C SER E 451 -3.23 -58.76 -40.27
N ALA E 452 -2.13 -59.21 -39.67
CA ALA E 452 -2.01 -60.63 -39.27
C ALA E 452 -2.38 -60.83 -37.79
N SER E 453 -3.27 -61.78 -37.52
CA SER E 453 -3.53 -62.14 -36.13
C SER E 453 -2.34 -62.94 -35.58
N ALA E 454 -2.29 -63.12 -34.26
CA ALA E 454 -1.25 -63.87 -33.61
C ALA E 454 -1.86 -64.85 -32.59
N THR E 455 -1.15 -65.94 -32.36
CA THR E 455 -1.45 -66.89 -31.31
C THR E 455 -0.39 -66.73 -30.23
N VAL E 456 -0.78 -66.32 -29.03
CA VAL E 456 0.18 -66.12 -27.96
C VAL E 456 -0.02 -67.21 -26.91
N SER E 457 1.07 -67.86 -26.53
CA SER E 457 1.04 -68.91 -25.54
C SER E 457 2.02 -68.56 -24.40
N VAL E 458 1.46 -68.20 -23.24
CA VAL E 458 2.28 -67.75 -22.10
C VAL E 458 2.25 -68.82 -20.99
N GLN E 459 3.43 -69.37 -20.71
CA GLN E 459 3.67 -70.25 -19.59
C GLN E 459 3.76 -69.40 -18.30
N VAL E 460 2.90 -69.72 -17.33
CA VAL E 460 2.82 -68.96 -16.08
C VAL E 460 3.49 -69.77 -14.97
N GLU E 461 4.49 -69.18 -14.31
CA GLU E 461 5.11 -69.77 -13.12
C GLU E 461 4.65 -69.01 -11.88
N GLY E 462 4.36 -69.75 -10.81
CA GLY E 462 4.08 -69.14 -9.50
C GLY E 462 2.62 -68.78 -9.30
N LEU E 463 1.72 -69.27 -10.14
CA LEU E 463 0.28 -69.00 -9.97
C LEU E 463 -0.51 -70.10 -10.65
N PRO E 464 -1.23 -70.93 -9.86
CA PRO E 464 -2.19 -71.87 -10.45
C PRO E 464 -3.28 -71.12 -11.24
N LEU E 465 -3.57 -71.53 -12.47
CA LEU E 465 -4.53 -70.82 -13.32
C LEU E 465 -5.87 -71.54 -13.32
N ARG E 466 -6.94 -70.81 -13.14
CA ARG E 466 -8.28 -71.38 -13.20
C ARG E 466 -9.09 -70.73 -14.33
N ALA E 467 -9.03 -69.41 -14.43
CA ALA E 467 -9.83 -68.72 -15.41
C ALA E 467 -9.15 -67.44 -15.86
N VAL E 468 -9.65 -66.88 -16.94
CA VAL E 468 -9.13 -65.63 -17.49
C VAL E 468 -10.30 -64.87 -18.13
N GLU E 469 -10.32 -63.57 -17.97
CA GLU E 469 -11.25 -62.74 -18.70
C GLU E 469 -10.50 -61.51 -19.19
N GLY E 470 -11.12 -60.67 -19.99
CA GLY E 470 -10.37 -59.57 -20.52
C GLY E 470 -11.20 -58.64 -21.38
N GLN E 471 -10.53 -57.57 -21.79
CA GLN E 471 -11.10 -56.58 -22.68
C GLN E 471 -10.15 -56.36 -23.86
N ILE E 472 -10.75 -55.98 -24.99
CA ILE E 472 -10.00 -55.75 -26.22
C ILE E 472 -10.35 -54.35 -26.73
N LEU E 473 -9.32 -53.64 -27.13
CA LEU E 473 -9.46 -52.39 -27.86
C LEU E 473 -8.90 -52.59 -29.26
N THR E 474 -9.78 -52.48 -30.25
CA THR E 474 -9.45 -52.62 -31.65
C THR E 474 -10.53 -51.88 -32.45
N ALA E 475 -10.43 -51.99 -33.76
CA ALA E 475 -11.38 -51.42 -34.68
C ALA E 475 -11.23 -52.16 -36.01
N PRO E 476 -12.19 -51.98 -36.92
CA PRO E 476 -12.15 -52.70 -38.19
C PRO E 476 -10.94 -52.30 -39.04
N ALA E 477 -10.49 -51.04 -38.94
CA ALA E 477 -9.43 -50.54 -39.83
C ALA E 477 -8.38 -49.80 -38.99
N ILE E 478 -7.13 -49.79 -39.43
CA ILE E 478 -6.07 -49.14 -38.60
C ILE E 478 -6.34 -47.63 -38.44
N ALA E 479 -6.88 -46.98 -39.47
CA ALA E 479 -7.06 -45.52 -39.41
C ALA E 479 -8.48 -45.20 -38.90
N THR E 480 -8.86 -45.73 -37.75
CA THR E 480 -10.20 -45.46 -37.22
C THR E 480 -10.01 -44.50 -36.05
N TYR E 481 -10.89 -43.48 -35.96
CA TYR E 481 -10.79 -42.56 -34.81
C TYR E 481 -12.20 -42.21 -34.36
N ASN E 482 -12.30 -41.63 -33.17
CA ASN E 482 -13.59 -41.27 -32.60
C ASN E 482 -13.91 -39.81 -32.95
N THR E 483 -15.18 -39.55 -33.24
CA THR E 483 -15.71 -38.23 -33.55
C THR E 483 -16.99 -38.02 -32.74
N TYR E 484 -17.48 -36.78 -32.73
CA TYR E 484 -18.76 -36.48 -32.03
C TYR E 484 -19.89 -37.32 -32.66
N ALA E 485 -19.87 -37.49 -33.97
CA ALA E 485 -20.90 -38.30 -34.70
C ALA E 485 -20.71 -39.80 -34.46
N GLN E 486 -19.48 -40.28 -34.30
CA GLN E 486 -19.14 -41.70 -34.08
C GLN E 486 -18.23 -41.81 -32.86
N PRO E 487 -18.81 -41.63 -31.68
CA PRO E 487 -18.00 -41.47 -30.48
C PRO E 487 -17.40 -42.79 -29.98
N GLN E 488 -17.90 -43.93 -30.45
CA GLN E 488 -17.39 -45.21 -29.97
C GLN E 488 -16.90 -46.06 -31.15
N ALA E 489 -16.36 -45.45 -32.19
CA ALA E 489 -15.76 -46.22 -33.28
C ALA E 489 -14.61 -47.08 -32.72
N VAL E 490 -13.87 -46.55 -31.74
CA VAL E 490 -12.79 -47.28 -31.08
C VAL E 490 -13.08 -47.27 -29.58
N ALA E 491 -13.49 -48.41 -29.02
CA ALA E 491 -13.86 -48.49 -27.62
C ALA E 491 -13.80 -49.95 -27.17
N PRO E 492 -13.56 -50.16 -25.88
CA PRO E 492 -13.25 -51.49 -25.40
C PRO E 492 -14.53 -52.34 -25.34
N VAL E 493 -14.38 -53.62 -25.59
CA VAL E 493 -15.44 -54.60 -25.41
C VAL E 493 -14.85 -55.83 -24.74
N ALA E 494 -15.73 -56.72 -24.26
CA ALA E 494 -15.31 -57.99 -23.69
C ALA E 494 -14.49 -58.78 -24.72
N PHE E 495 -13.39 -59.37 -24.27
CA PHE E 495 -12.53 -60.16 -25.14
C PHE E 495 -12.78 -61.65 -24.85
N LYS E 496 -12.99 -62.42 -25.92
CA LYS E 496 -13.40 -63.82 -25.79
C LYS E 496 -12.30 -64.76 -26.30
N GLY E 497 -11.09 -64.25 -26.58
CA GLY E 497 -10.07 -65.09 -27.24
C GLY E 497 -8.98 -65.60 -26.30
N ALA E 498 -9.16 -65.52 -24.99
CA ALA E 498 -8.18 -66.05 -24.02
C ALA E 498 -8.72 -67.30 -23.31
N ARG E 499 -7.84 -68.27 -23.08
CA ARG E 499 -8.20 -69.47 -22.32
C ARG E 499 -6.98 -69.95 -21.53
N VAL E 500 -7.25 -70.71 -20.49
CA VAL E 500 -6.21 -71.23 -19.64
C VAL E 500 -6.16 -72.75 -19.84
N GLN E 501 -4.98 -73.32 -19.92
CA GLN E 501 -4.86 -74.76 -19.95
C GLN E 501 -3.53 -75.16 -19.32
N GLY E 502 -3.62 -75.99 -18.29
CA GLY E 502 -2.44 -76.37 -17.53
C GLY E 502 -1.82 -75.12 -16.91
N LYS E 503 -0.57 -74.87 -17.24
CA LYS E 503 0.10 -73.67 -16.76
C LYS E 503 0.20 -72.62 -17.88
N THR E 504 -0.59 -72.76 -18.96
CA THR E 504 -0.47 -71.83 -20.09
C THR E 504 -1.73 -70.96 -20.21
N VAL E 505 -1.53 -69.68 -20.51
CA VAL E 505 -2.59 -68.81 -21.05
C VAL E 505 -2.44 -68.74 -22.58
N ASN E 506 -3.47 -69.15 -23.30
CA ASN E 506 -3.47 -69.13 -24.77
C ASN E 506 -4.36 -67.97 -25.22
N VAL E 507 -3.85 -67.16 -26.13
CA VAL E 507 -4.55 -65.96 -26.57
C VAL E 507 -4.59 -65.92 -28.10
N ALA E 508 -5.79 -65.88 -28.66
CA ALA E 508 -5.98 -65.59 -30.07
C ALA E 508 -6.13 -64.06 -30.23
N LEU E 509 -5.05 -63.44 -30.67
CA LEU E 509 -4.89 -61.98 -30.59
C LEU E 509 -5.09 -61.37 -31.99
N PRO E 510 -6.19 -60.64 -32.19
CA PRO E 510 -6.43 -60.08 -33.53
C PRO E 510 -5.35 -59.07 -33.95
N ALA E 511 -5.26 -58.88 -35.26
CA ALA E 511 -4.41 -57.82 -35.83
C ALA E 511 -4.75 -56.47 -35.17
N HIS E 512 -3.76 -55.59 -35.06
CA HIS E 512 -3.94 -54.19 -34.65
C HIS E 512 -4.88 -54.07 -33.43
N SER E 513 -4.52 -54.74 -32.33
CA SER E 513 -5.37 -54.79 -31.17
C SER E 513 -4.53 -54.75 -29.89
N ILE E 514 -5.20 -54.32 -28.84
CA ILE E 514 -4.69 -54.32 -27.47
C ILE E 514 -5.65 -55.12 -26.61
N VAL E 515 -5.14 -56.06 -25.84
CA VAL E 515 -5.98 -56.75 -24.85
C VAL E 515 -5.37 -56.56 -23.46
N MET E 516 -6.26 -56.52 -22.46
CA MET E 516 -5.89 -56.52 -21.07
C MET E 516 -6.62 -57.70 -20.43
N LEU E 517 -5.85 -58.65 -19.94
CA LEU E 517 -6.35 -59.91 -19.40
C LEU E 517 -6.21 -59.89 -17.87
N LYS E 518 -7.22 -60.40 -17.20
CA LYS E 518 -7.22 -60.56 -15.77
C LYS E 518 -7.29 -62.04 -15.45
N LEU E 519 -6.30 -62.55 -14.74
CA LEU E 519 -6.29 -63.95 -14.29
C LEU E 519 -7.10 -64.06 -12.98
N GLN E 520 -8.03 -65.04 -12.95
CA GLN E 520 -8.91 -65.19 -11.80
C GLN E 520 -8.05 -65.50 -10.57
N GLU F 28 57.12 16.37 -54.68
CA GLU F 28 55.67 16.46 -55.04
C GLU F 28 55.03 15.07 -54.87
N VAL F 29 53.88 15.06 -54.21
CA VAL F 29 53.28 13.81 -53.82
C VAL F 29 52.28 13.42 -54.91
N LYS F 30 52.57 12.31 -55.58
CA LYS F 30 51.79 11.83 -56.70
C LYS F 30 51.12 10.53 -56.33
N VAL F 31 49.82 10.47 -56.59
CA VAL F 31 49.03 9.29 -56.29
C VAL F 31 48.31 8.90 -57.60
N ASN F 32 48.43 7.63 -57.98
CA ASN F 32 47.71 7.10 -59.13
C ASN F 32 46.68 6.08 -58.64
N GLY F 33 45.54 6.02 -59.29
CA GLY F 33 44.60 5.00 -58.92
C GLY F 33 43.70 4.56 -60.05
N THR F 34 42.89 3.55 -59.73
CA THR F 34 42.00 2.95 -60.69
C THR F 34 40.65 2.72 -60.01
N LEU F 35 39.59 3.16 -60.73
CA LEU F 35 38.23 2.97 -60.25
C LEU F 35 37.50 2.02 -61.20
N ARG F 36 36.94 0.94 -60.66
CA ARG F 36 36.23 -0.04 -61.47
C ARG F 36 34.72 0.11 -61.28
N VAL F 37 34.14 1.03 -62.06
CA VAL F 37 32.69 1.24 -62.04
C VAL F 37 32.02 -0.01 -62.60
N ASP F 38 32.72 -0.76 -63.43
CA ASP F 38 32.24 -1.98 -64.05
C ASP F 38 32.31 -3.19 -63.10
N GLN F 39 32.77 -3.04 -61.87
CA GLN F 39 32.80 -4.19 -60.93
C GLN F 39 32.06 -3.82 -59.63
N PRO F 40 30.74 -3.56 -59.74
CA PRO F 40 30.02 -3.11 -58.54
C PRO F 40 29.97 -4.21 -57.47
N GLY F 41 30.09 -3.82 -56.19
CA GLY F 41 30.13 -4.79 -55.09
C GLY F 41 28.89 -4.67 -54.21
N ALA F 42 29.10 -4.73 -52.89
CA ALA F 42 27.98 -4.83 -51.97
C ALA F 42 27.39 -3.45 -51.72
N GLN F 43 26.15 -3.44 -51.21
CA GLN F 43 25.51 -2.24 -50.78
C GLN F 43 26.24 -1.67 -49.57
N VAL F 44 26.51 -0.37 -49.63
CA VAL F 44 27.01 0.39 -48.51
C VAL F 44 25.80 0.86 -47.70
N SER F 45 25.52 0.19 -46.61
CA SER F 45 24.26 0.42 -45.90
C SER F 45 24.25 1.83 -45.35
N ARG F 46 23.09 2.47 -45.45
CA ARG F 46 22.93 3.76 -44.83
C ARG F 46 23.16 3.67 -43.33
N GLN F 47 23.00 2.50 -42.73
CA GLN F 47 23.12 2.36 -41.26
C GLN F 47 24.58 2.52 -40.84
N LEU F 48 25.54 2.59 -41.79
CA LEU F 48 26.91 2.92 -41.42
C LEU F 48 27.02 4.35 -40.86
N PHE F 49 25.98 5.17 -41.05
CA PHE F 49 25.97 6.55 -40.60
C PHE F 49 25.12 6.73 -39.34
N GLY F 50 24.98 5.68 -38.56
CA GLY F 50 24.21 5.73 -37.31
C GLY F 50 24.82 6.68 -36.29
N GLN F 51 23.92 7.16 -35.44
CA GLN F 51 24.24 8.03 -34.33
C GLN F 51 23.95 7.29 -33.01
N PHE F 52 24.44 7.86 -31.94
CA PHE F 52 24.42 7.23 -30.62
C PHE F 52 24.21 8.31 -29.57
N ALA F 53 23.08 8.24 -28.87
CA ALA F 53 22.70 9.28 -27.90
C ALA F 53 22.48 8.66 -26.53
N GLU F 54 23.56 8.51 -25.76
CA GLU F 54 23.50 8.01 -24.39
C GLU F 54 22.98 9.12 -23.50
N HIS F 55 22.36 8.70 -22.38
CA HIS F 55 22.07 9.64 -21.27
C HIS F 55 23.39 9.95 -20.59
N LEU F 56 24.02 11.04 -20.99
CA LEU F 56 25.39 11.37 -20.60
C LEU F 56 25.58 12.88 -20.75
N GLY F 57 25.97 13.55 -19.67
CA GLY F 57 26.25 14.98 -19.68
C GLY F 57 25.05 15.76 -20.23
N THR F 58 25.28 16.56 -21.27
CA THR F 58 24.21 17.33 -21.90
C THR F 58 23.85 16.74 -23.27
N GLY F 59 24.13 15.44 -23.47
CA GLY F 59 23.81 14.80 -24.74
C GLY F 59 22.32 14.70 -25.01
N ILE F 60 21.50 14.55 -23.96
CA ILE F 60 20.08 14.45 -24.11
C ILE F 60 19.45 15.72 -23.56
N TYR F 61 19.71 16.02 -22.29
CA TYR F 61 19.13 17.21 -21.66
C TYR F 61 19.98 18.43 -22.08
N GLY F 62 19.37 19.31 -22.87
CA GLY F 62 20.08 20.44 -23.46
C GLY F 62 20.43 20.17 -24.90
N GLY F 63 21.05 19.00 -25.19
CA GLY F 63 21.44 18.70 -26.56
C GLY F 63 20.24 18.36 -27.48
N VAL F 64 19.22 17.69 -26.94
CA VAL F 64 18.06 17.25 -27.70
C VAL F 64 16.76 17.77 -27.05
N TRP F 65 16.60 17.45 -25.78
CA TRP F 65 15.39 17.71 -25.01
C TRP F 65 15.56 19.00 -24.23
N VAL F 66 14.68 19.98 -24.47
CA VAL F 66 14.69 21.22 -23.68
C VAL F 66 13.40 21.34 -22.88
N GLY F 67 12.37 20.57 -23.23
CA GLY F 67 11.07 20.69 -22.53
C GLY F 67 10.14 21.67 -23.25
N GLU F 68 8.85 21.41 -23.16
CA GLU F 68 7.85 22.14 -23.97
C GLU F 68 7.81 23.62 -23.59
N GLU F 69 8.11 23.92 -22.32
CA GLU F 69 8.02 25.30 -21.83
C GLU F 69 9.35 26.04 -21.96
N SER F 70 10.37 25.45 -22.58
CA SER F 70 11.64 26.13 -22.79
C SER F 70 11.47 27.32 -23.72
N PRO F 71 12.19 28.41 -23.47
CA PRO F 71 12.27 29.51 -24.46
C PRO F 71 13.17 29.16 -25.66
N ILE F 72 13.91 28.06 -25.60
CA ILE F 72 14.61 27.58 -26.80
C ILE F 72 13.55 27.01 -27.76
N PRO F 73 13.48 27.55 -28.99
CA PRO F 73 12.41 27.13 -29.90
C PRO F 73 12.42 25.59 -30.07
N ASN F 74 11.25 25.01 -29.89
CA ASN F 74 11.18 23.55 -29.78
C ASN F 74 9.84 23.06 -30.31
N THR F 75 9.84 21.79 -30.68
CA THR F 75 8.66 21.09 -31.13
C THR F 75 8.38 19.96 -30.14
N HIS F 76 7.34 20.10 -29.31
CA HIS F 76 7.00 19.10 -28.28
C HIS F 76 8.19 18.83 -27.36
N GLY F 77 9.06 19.83 -27.15
CA GLY F 77 10.16 19.71 -26.22
C GLY F 77 11.49 19.37 -26.86
N TYR F 78 11.50 19.06 -28.17
CA TYR F 78 12.72 18.80 -28.89
C TYR F 78 13.21 20.11 -29.55
N ARG F 79 14.45 20.54 -29.28
CA ARG F 79 14.91 21.82 -29.81
C ARG F 79 14.97 21.77 -31.34
N ASN F 80 14.41 22.80 -31.97
CA ASN F 80 14.17 22.83 -33.44
C ASN F 80 15.48 22.84 -34.21
N ASP F 81 16.49 23.56 -33.72
CA ASP F 81 17.75 23.71 -34.44
C ASP F 81 18.43 22.34 -34.63
N VAL F 82 18.43 21.52 -33.59
CA VAL F 82 19.04 20.19 -33.67
C VAL F 82 18.22 19.28 -34.58
N VAL F 83 16.89 19.34 -34.46
CA VAL F 83 16.01 18.53 -35.33
C VAL F 83 16.32 18.84 -36.80
N ALA F 84 16.40 20.11 -37.15
CA ALA F 84 16.62 20.50 -38.55
C ALA F 84 17.99 20.01 -39.02
N ALA F 85 18.99 20.16 -38.17
CA ALA F 85 20.35 19.80 -38.57
C ALA F 85 20.47 18.28 -38.75
N LEU F 86 19.81 17.51 -37.89
CA LEU F 86 19.93 16.05 -38.03
C LEU F 86 19.11 15.55 -39.22
N LYS F 87 17.93 16.15 -39.45
CA LYS F 87 17.17 15.82 -40.68
C LYS F 87 18.02 16.10 -41.92
N ALA F 88 18.81 17.16 -41.91
CA ALA F 88 19.53 17.56 -43.14
C ALA F 88 20.65 16.55 -43.45
N ILE F 89 21.13 15.73 -42.51
CA ILE F 89 22.12 14.71 -42.87
C ILE F 89 21.46 13.32 -42.96
N ALA F 90 20.13 13.26 -42.86
CA ALA F 90 19.32 12.01 -43.00
C ALA F 90 19.88 10.92 -42.06
N VAL F 91 19.87 11.21 -40.77
CA VAL F 91 20.28 10.25 -39.76
C VAL F 91 19.50 8.95 -39.99
N PRO F 92 20.19 7.81 -40.12
CA PRO F 92 19.52 6.55 -40.44
C PRO F 92 18.98 5.80 -39.22
N ASN F 93 19.70 5.88 -38.11
CA ASN F 93 19.25 5.31 -36.83
C ASN F 93 19.98 6.03 -35.69
N ILE F 94 19.36 5.99 -34.52
CA ILE F 94 19.96 6.45 -33.27
C ILE F 94 19.88 5.30 -32.26
N ARG F 95 21.02 4.97 -31.67
CA ARG F 95 21.11 4.03 -30.55
C ARG F 95 20.90 4.79 -29.23
N TRP F 96 20.03 4.27 -28.40
CA TRP F 96 19.61 4.89 -27.16
C TRP F 96 19.13 3.78 -26.21
N PRO F 97 19.32 3.91 -24.89
CA PRO F 97 19.92 5.03 -24.17
C PRO F 97 21.37 4.84 -23.71
N GLY F 98 22.08 3.89 -24.30
CA GLY F 98 23.50 3.69 -23.98
C GLY F 98 24.08 2.60 -24.83
N GLY F 99 25.34 2.18 -24.61
CA GLY F 99 26.21 2.75 -23.66
C GLY F 99 26.07 2.12 -22.29
N CYS F 100 27.02 2.46 -21.41
CA CYS F 100 27.04 1.99 -20.03
C CYS F 100 25.71 2.29 -19.31
N PHE F 101 25.11 3.43 -19.57
CA PHE F 101 23.83 3.78 -18.95
C PHE F 101 22.77 2.69 -19.18
N ALA F 102 22.78 2.05 -20.35
CA ALA F 102 21.72 1.10 -20.72
C ALA F 102 21.77 -0.15 -19.87
N ASP F 103 22.96 -0.52 -19.38
CA ASP F 103 23.08 -1.75 -18.58
C ASP F 103 22.61 -1.54 -17.13
N GLU F 104 22.22 -0.33 -16.74
CA GLU F 104 21.62 -0.10 -15.46
C GLU F 104 20.24 0.56 -15.60
N TYR F 105 19.73 0.74 -16.81
CA TYR F 105 18.47 1.45 -17.01
C TYR F 105 17.28 0.50 -16.83
N HIS F 106 16.21 0.99 -16.20
CA HIS F 106 14.97 0.29 -16.04
C HIS F 106 13.92 1.08 -16.83
N TRP F 107 13.46 0.47 -17.95
CA TRP F 107 12.57 1.21 -18.87
C TRP F 107 11.31 1.76 -18.17
N ARG F 108 10.78 1.07 -17.19
CA ARG F 108 9.55 1.53 -16.53
C ARG F 108 9.76 2.86 -15.80
N ASP F 109 10.99 3.19 -15.47
CA ASP F 109 11.28 4.46 -14.81
C ASP F 109 11.04 5.63 -15.77
N GLY F 110 11.00 5.36 -17.09
CA GLY F 110 10.87 6.42 -18.07
C GLY F 110 9.53 6.45 -18.79
N VAL F 111 8.50 5.80 -18.25
CA VAL F 111 7.15 5.87 -18.85
C VAL F 111 6.16 6.30 -17.77
N GLY F 112 5.02 6.75 -18.25
CA GLY F 112 3.94 7.19 -17.35
C GLY F 112 4.05 8.69 -17.14
N THR F 113 3.10 9.22 -16.41
CA THR F 113 3.07 10.64 -16.12
C THR F 113 4.45 11.12 -15.66
N PRO F 114 4.97 12.20 -16.24
CA PRO F 114 6.33 12.65 -15.91
C PRO F 114 6.57 12.89 -14.41
N ALA F 115 5.59 13.49 -13.75
CA ALA F 115 5.65 13.81 -12.33
C ALA F 115 5.80 12.55 -11.48
N LYS F 116 5.42 11.38 -11.96
CA LYS F 116 5.48 10.20 -11.15
C LYS F 116 6.73 9.39 -11.49
N ARG F 117 7.53 9.79 -12.48
CA ARG F 117 8.73 9.01 -12.80
C ARG F 117 9.81 9.20 -11.73
N PRO F 118 10.50 8.13 -11.37
CA PRO F 118 11.52 8.28 -10.32
C PRO F 118 12.78 9.01 -10.83
N ILE F 119 13.43 9.72 -9.92
CA ILE F 119 14.71 10.28 -10.19
C ILE F 119 15.76 9.23 -9.87
N ARG F 120 16.61 8.94 -10.82
CA ARG F 120 17.66 7.94 -10.67
C ARG F 120 19.02 8.65 -10.67
N VAL F 121 20.07 7.87 -10.48
CA VAL F 121 21.43 8.40 -10.46
C VAL F 121 22.13 7.89 -11.70
N ASN F 122 22.76 8.81 -12.43
CA ASN F 122 23.58 8.41 -13.57
C ASN F 122 24.98 8.08 -13.01
N THR F 123 25.19 6.81 -12.65
CA THR F 123 26.35 6.45 -11.84
C THR F 123 27.65 6.61 -12.65
N HIS F 124 27.64 6.25 -13.94
CA HIS F 124 28.91 6.28 -14.69
C HIS F 124 29.35 7.72 -15.00
N TRP F 125 28.39 8.63 -15.20
CA TRP F 125 28.65 9.87 -15.88
C TRP F 125 28.37 11.04 -14.93
N GLY F 126 29.17 11.12 -13.88
CA GLY F 126 29.16 12.24 -12.96
C GLY F 126 28.39 11.95 -11.66
N GLY F 127 27.67 10.85 -11.58
CA GLY F 127 26.84 10.56 -10.41
C GLY F 127 25.72 11.57 -10.24
N VAL F 128 25.27 12.17 -11.33
CA VAL F 128 24.25 13.22 -11.29
C VAL F 128 22.85 12.60 -11.38
N GLU F 129 21.86 13.42 -11.02
CA GLU F 129 20.46 13.00 -11.10
C GLU F 129 20.01 12.84 -12.56
N GLU F 130 19.22 11.80 -12.79
CA GLU F 130 18.53 11.53 -14.04
C GLU F 130 17.02 11.66 -13.76
N SER F 131 16.37 12.65 -14.35
CA SER F 131 14.94 12.96 -14.09
C SER F 131 14.01 11.93 -14.76
N ASN F 132 14.52 11.22 -15.76
CA ASN F 132 13.74 10.34 -16.60
C ASN F 132 12.60 11.08 -17.34
N ARG F 133 12.75 12.38 -17.56
CA ARG F 133 11.77 13.12 -18.34
C ARG F 133 11.85 12.68 -19.81
N PHE F 134 13.04 12.30 -20.26
CA PHE F 134 13.21 11.76 -21.59
C PHE F 134 13.27 10.25 -21.48
N GLY F 135 12.14 9.61 -21.81
CA GLY F 135 11.99 8.18 -21.70
C GLY F 135 11.51 7.58 -23.01
N THR F 136 10.91 6.41 -22.94
CA THR F 136 10.56 5.64 -24.12
C THR F 136 9.72 6.47 -25.11
N HIS F 137 8.66 7.12 -24.64
CA HIS F 137 7.79 7.82 -25.56
C HIS F 137 8.56 9.00 -26.18
N GLU F 138 9.33 9.71 -25.37
CA GLU F 138 10.00 10.88 -25.86
C GLU F 138 11.07 10.49 -26.89
N PHE F 139 11.82 9.43 -26.64
CA PHE F 139 12.81 8.99 -27.62
C PHE F 139 12.12 8.45 -28.88
N MET F 140 11.15 7.59 -28.73
CA MET F 140 10.56 6.97 -29.91
C MET F 140 9.84 8.00 -30.78
N ASP F 141 9.14 8.94 -30.16
CA ASP F 141 8.48 10.00 -30.92
C ASP F 141 9.52 10.93 -31.58
N PHE F 142 10.67 11.10 -30.94
CA PHE F 142 11.77 11.86 -31.54
C PHE F 142 12.24 11.18 -32.83
N THR F 143 12.41 9.84 -32.79
CA THR F 143 12.86 9.14 -33.98
C THR F 143 11.84 9.36 -35.11
N GLU F 144 10.54 9.34 -34.81
CA GLU F 144 9.54 9.54 -35.85
C GLU F 144 9.61 10.98 -36.39
N LEU F 145 9.85 11.96 -35.53
CA LEU F 145 9.96 13.35 -35.99
C LEU F 145 11.14 13.48 -36.98
N LEU F 146 12.25 12.80 -36.70
CA LEU F 146 13.42 12.85 -37.60
C LEU F 146 13.24 11.96 -38.83
N GLY F 147 12.28 11.03 -38.82
CA GLY F 147 12.17 10.02 -39.87
C GLY F 147 13.31 9.00 -39.80
N THR F 148 13.84 8.72 -38.61
CA THR F 148 14.97 7.79 -38.42
C THR F 148 14.50 6.52 -37.72
N GLN F 149 15.37 5.51 -37.68
CA GLN F 149 15.06 4.23 -37.03
C GLN F 149 15.57 4.25 -35.58
N ALA F 150 14.85 3.53 -34.72
CA ALA F 150 15.25 3.35 -33.32
C ALA F 150 16.15 2.12 -33.21
N TYR F 151 17.27 2.29 -32.53
CA TYR F 151 18.13 1.19 -32.13
C TYR F 151 18.15 1.19 -30.60
N ILE F 152 17.36 0.32 -30.00
CA ILE F 152 17.14 0.32 -28.54
C ILE F 152 18.20 -0.56 -27.88
N ALA F 153 18.82 -0.05 -26.84
CA ALA F 153 19.85 -0.78 -26.08
C ALA F 153 19.24 -1.30 -24.78
N GLY F 154 19.11 -2.62 -24.69
CA GLY F 154 18.45 -3.29 -23.57
C GLY F 154 19.40 -3.65 -22.43
N ASN F 155 18.81 -3.76 -21.24
CA ASN F 155 19.49 -4.05 -19.99
C ASN F 155 19.57 -5.58 -19.78
N VAL F 156 20.77 -6.12 -19.85
CA VAL F 156 21.05 -7.49 -19.52
C VAL F 156 21.84 -7.57 -18.18
N GLY F 157 22.70 -6.63 -17.90
CA GLY F 157 23.61 -6.76 -16.76
C GLY F 157 22.93 -6.73 -15.42
N ASP F 158 22.02 -5.76 -15.15
CA ASP F 158 21.49 -5.65 -13.80
C ASP F 158 19.99 -5.98 -13.71
N ALA F 159 19.38 -6.37 -14.82
CA ALA F 159 17.97 -6.72 -14.81
C ALA F 159 17.78 -8.22 -15.07
N ALA F 160 16.62 -8.75 -14.69
CA ALA F 160 16.18 -10.07 -15.13
C ALA F 160 15.65 -9.99 -16.58
N PRO F 161 15.56 -11.14 -17.29
CA PRO F 161 15.20 -11.11 -18.70
C PRO F 161 13.82 -10.53 -19.00
N GLU F 162 12.94 -10.58 -18.00
CA GLU F 162 11.59 -10.16 -18.21
C GLU F 162 11.57 -8.66 -18.56
N GLU F 163 12.54 -7.87 -18.14
CA GLU F 163 12.48 -6.45 -18.39
C GLU F 163 12.58 -6.14 -19.90
N ILE F 164 13.59 -6.64 -20.58
CA ILE F 164 13.67 -6.36 -22.01
C ILE F 164 12.52 -7.04 -22.76
N ALA F 165 12.03 -8.20 -22.29
CA ALA F 165 10.93 -8.87 -22.96
C ALA F 165 9.70 -7.95 -22.92
N GLN F 166 9.43 -7.39 -21.74
CA GLN F 166 8.25 -6.55 -21.57
C GLN F 166 8.44 -5.25 -22.36
N TRP F 167 9.64 -4.72 -22.40
CA TRP F 167 9.87 -3.45 -23.07
C TRP F 167 9.57 -3.58 -24.56
N ALA F 168 10.06 -4.65 -25.17
CA ALA F 168 9.79 -4.90 -26.58
C ALA F 168 8.29 -5.01 -26.86
N GLU F 169 7.59 -5.73 -25.99
CA GLU F 169 6.13 -5.86 -26.16
C GLU F 169 5.43 -4.49 -26.02
N TYR F 170 5.81 -3.74 -24.98
CA TYR F 170 5.23 -2.43 -24.73
C TYR F 170 5.33 -1.57 -25.98
N MET F 171 6.49 -1.58 -26.61
CA MET F 171 6.74 -0.69 -27.73
C MET F 171 6.10 -1.18 -29.03
N THR F 172 5.99 -2.52 -29.24
CA THR F 172 5.69 -3.05 -30.57
C THR F 172 4.35 -3.81 -30.66
N ALA F 173 3.72 -4.19 -29.56
CA ALA F 173 2.55 -5.06 -29.62
C ALA F 173 1.36 -4.32 -30.25
N PRO F 174 0.71 -4.94 -31.26
CA PRO F 174 -0.51 -4.38 -31.85
C PRO F 174 -1.79 -4.85 -31.15
N THR F 175 -1.67 -5.80 -30.21
CA THR F 175 -2.82 -6.47 -29.59
C THR F 175 -3.39 -5.63 -28.44
N ARG F 176 -4.34 -6.21 -27.70
CA ARG F 176 -4.88 -5.57 -26.49
C ARG F 176 -4.29 -6.24 -25.23
N SER F 177 -3.02 -6.57 -25.27
CA SER F 177 -2.28 -7.02 -24.08
C SER F 177 -2.18 -5.86 -23.09
N SER F 178 -1.94 -6.18 -21.81
CA SER F 178 -1.83 -5.13 -20.80
C SER F 178 -0.68 -4.16 -21.11
N LEU F 179 0.43 -4.66 -21.62
CA LEU F 179 1.56 -3.80 -21.95
C LEU F 179 1.20 -2.88 -23.12
N ALA F 180 0.57 -3.42 -24.15
CA ALA F 180 0.13 -2.59 -25.26
C ALA F 180 -0.88 -1.54 -24.77
N ASN F 181 -1.80 -1.94 -23.90
CA ASN F 181 -2.81 -1.02 -23.39
C ASN F 181 -2.17 0.12 -22.56
N GLU F 182 -1.09 -0.21 -21.87
CA GLU F 182 -0.38 0.75 -21.07
C GLU F 182 0.32 1.79 -21.97
N ARG F 183 0.94 1.34 -23.06
CA ARG F 183 1.45 2.26 -24.08
C ARG F 183 0.33 3.19 -24.58
N ARG F 184 -0.82 2.61 -24.90
CA ARG F 184 -1.94 3.44 -25.38
C ARG F 184 -2.39 4.44 -24.31
N ALA F 185 -2.47 4.00 -23.05
CA ALA F 185 -2.87 4.89 -21.95
C ALA F 185 -1.87 6.04 -21.81
N ASN F 186 -0.60 5.79 -22.13
CA ASN F 186 0.46 6.77 -22.04
C ASN F 186 0.56 7.62 -23.31
N GLY F 187 -0.37 7.44 -24.25
CA GLY F 187 -0.57 8.40 -25.34
C GLY F 187 -0.14 7.88 -26.70
N ARG F 188 0.32 6.62 -26.86
CA ARG F 188 0.72 6.11 -28.16
C ARG F 188 -0.15 4.91 -28.57
N ASP F 189 -1.05 5.15 -29.51
CA ASP F 189 -2.04 4.15 -29.89
C ASP F 189 -1.39 3.03 -30.70
N ALA F 190 -0.75 3.39 -31.81
CA ALA F 190 -0.14 2.39 -32.70
C ALA F 190 1.21 1.97 -32.12
N PRO F 191 1.62 0.76 -32.41
CA PRO F 191 3.01 0.38 -32.09
C PRO F 191 4.02 1.33 -32.74
N TRP F 192 5.19 1.45 -32.15
CA TRP F 192 6.34 1.99 -32.85
C TRP F 192 7.08 0.86 -33.56
N GLN F 193 7.92 1.24 -34.51
CA GLN F 193 8.86 0.31 -35.11
C GLN F 193 10.13 0.27 -34.26
N VAL F 194 10.57 -0.93 -33.92
CA VAL F 194 11.84 -1.16 -33.19
C VAL F 194 12.67 -2.15 -34.01
N PRO F 195 13.40 -1.61 -34.97
CA PRO F 195 14.03 -2.51 -35.92
C PRO F 195 15.32 -3.16 -35.41
N TYR F 196 15.97 -2.54 -34.42
CA TYR F 196 17.21 -3.04 -33.87
C TYR F 196 17.13 -3.00 -32.34
N PHE F 197 17.59 -4.09 -31.73
CA PHE F 197 17.52 -4.22 -30.28
C PHE F 197 18.84 -4.84 -29.80
N GLY F 198 19.60 -4.08 -29.03
CA GLY F 198 20.86 -4.54 -28.46
C GLY F 198 20.64 -5.33 -27.17
N VAL F 199 21.15 -6.55 -27.13
CA VAL F 199 20.97 -7.43 -25.99
C VAL F 199 22.24 -7.39 -25.14
N GLY F 200 22.39 -6.27 -24.42
CA GLY F 200 23.52 -5.97 -23.56
C GLY F 200 24.52 -5.08 -24.24
N ASN F 201 25.27 -4.29 -23.48
CA ASN F 201 26.23 -3.31 -23.96
C ASN F 201 27.54 -3.51 -23.16
N GLU F 202 28.67 -3.67 -23.78
CA GLU F 202 29.96 -3.66 -23.03
C GLU F 202 29.91 -4.66 -21.84
N LEU F 203 29.52 -5.89 -22.10
CA LEU F 203 29.34 -6.90 -21.04
C LEU F 203 30.70 -7.28 -20.43
N TRP F 204 31.81 -7.06 -21.16
CA TRP F 204 33.16 -7.32 -20.67
C TRP F 204 33.55 -6.26 -19.64
N GLY F 205 32.80 -5.17 -19.53
CA GLY F 205 33.18 -4.06 -18.64
C GLY F 205 31.99 -3.56 -17.83
N CYS F 206 31.45 -2.38 -18.15
CA CYS F 206 30.41 -1.73 -17.34
C CYS F 206 29.11 -2.54 -17.31
N GLY F 207 28.90 -3.46 -18.25
CA GLY F 207 27.69 -4.30 -18.28
C GLY F 207 27.77 -5.55 -17.42
N GLY F 208 28.84 -5.76 -16.65
CA GLY F 208 28.89 -6.87 -15.69
C GLY F 208 30.23 -7.61 -15.64
N ASN F 209 31.28 -7.05 -16.27
CA ASN F 209 32.64 -7.63 -16.12
C ASN F 209 32.65 -9.12 -16.45
N MET F 210 31.96 -9.48 -17.52
CA MET F 210 31.74 -10.89 -17.84
C MET F 210 32.87 -11.43 -18.73
N ARG F 211 33.33 -12.63 -18.43
CA ARG F 211 34.10 -13.33 -19.46
C ARG F 211 33.14 -13.79 -20.57
N VAL F 212 33.71 -13.92 -21.76
CA VAL F 212 32.85 -14.18 -22.92
C VAL F 212 32.10 -15.51 -22.76
N GLU F 213 32.68 -16.51 -22.14
CA GLU F 213 32.00 -17.81 -21.96
C GLU F 213 30.68 -17.63 -21.19
N TYR F 214 30.69 -16.71 -20.20
CA TYR F 214 29.49 -16.42 -19.43
C TYR F 214 28.55 -15.51 -20.22
N ALA F 215 29.09 -14.49 -20.87
CA ALA F 215 28.31 -13.57 -21.65
C ALA F 215 27.55 -14.31 -22.76
N ALA F 216 28.16 -15.33 -23.37
CA ALA F 216 27.50 -16.06 -24.45
C ALA F 216 26.25 -16.79 -23.89
N ASP F 217 26.39 -17.37 -22.70
CA ASP F 217 25.26 -18.05 -22.04
C ASP F 217 24.17 -17.03 -21.68
N VAL F 218 24.58 -15.89 -21.15
CA VAL F 218 23.61 -14.85 -20.77
C VAL F 218 22.88 -14.32 -22.02
N PHE F 219 23.65 -14.03 -23.08
CA PHE F 219 23.06 -13.56 -24.34
C PHE F 219 22.03 -14.58 -24.85
N ARG F 220 22.43 -15.83 -24.96
CA ARG F 220 21.54 -16.87 -25.47
C ARG F 220 20.21 -16.89 -24.68
N ARG F 221 20.30 -16.79 -23.36
CA ARG F 221 19.13 -16.79 -22.50
C ARG F 221 18.28 -15.53 -22.71
N TYR F 222 18.89 -14.33 -22.58
CA TYR F 222 18.08 -13.11 -22.57
C TYR F 222 17.45 -12.86 -23.96
N GLN F 223 18.18 -13.19 -25.04
CA GLN F 223 17.64 -12.94 -26.40
C GLN F 223 16.38 -13.79 -26.62
N THR F 224 16.30 -14.95 -25.96
CA THR F 224 15.18 -15.88 -26.14
C THR F 224 13.84 -15.14 -25.95
N PHE F 225 13.80 -14.25 -24.96
CA PHE F 225 12.54 -13.72 -24.53
C PHE F 225 12.20 -12.39 -25.23
N VAL F 226 13.08 -11.90 -26.09
CA VAL F 226 12.72 -10.79 -26.93
C VAL F 226 12.16 -11.32 -28.27
N LYS F 227 10.87 -11.20 -28.41
CA LYS F 227 10.16 -11.84 -29.51
C LYS F 227 9.62 -10.76 -30.44
N SER F 228 9.70 -11.00 -31.74
CA SER F 228 9.07 -10.17 -32.76
C SER F 228 7.57 -10.48 -32.82
N PRO F 229 6.71 -9.47 -32.80
CA PRO F 229 5.34 -9.83 -33.15
C PRO F 229 5.24 -10.16 -34.65
N ALA F 230 4.09 -10.62 -35.10
CA ALA F 230 3.85 -10.95 -36.51
C ALA F 230 4.02 -9.73 -37.41
N SER F 231 3.85 -8.54 -36.85
CA SER F 231 3.67 -7.29 -37.59
C SER F 231 5.01 -6.61 -37.91
N GLN F 232 6.14 -7.01 -37.30
CA GLN F 232 7.43 -6.38 -37.59
C GLN F 232 8.54 -7.29 -37.06
N LYS F 233 9.70 -7.14 -37.66
CA LYS F 233 10.87 -7.92 -37.27
C LYS F 233 11.81 -7.05 -36.41
N ILE F 234 12.13 -7.55 -35.22
CA ILE F 234 13.10 -6.93 -34.34
C ILE F 234 14.43 -7.67 -34.50
N LEU F 235 15.44 -7.02 -35.04
CA LEU F 235 16.75 -7.63 -35.21
C LEU F 235 17.51 -7.53 -33.89
N LYS F 236 18.23 -8.57 -33.54
CA LYS F 236 18.90 -8.66 -32.24
C LYS F 236 20.40 -8.53 -32.43
N ILE F 237 21.00 -7.60 -31.73
CA ILE F 237 22.42 -7.35 -31.80
C ILE F 237 23.09 -7.90 -30.54
N ALA F 238 23.97 -8.86 -30.70
CA ALA F 238 24.70 -9.48 -29.60
C ALA F 238 25.89 -8.61 -29.19
N PRO F 239 26.27 -8.69 -27.91
CA PRO F 239 27.34 -7.93 -27.34
C PRO F 239 28.69 -8.51 -27.78
N GLY F 240 29.44 -7.70 -28.51
CA GLY F 240 30.68 -8.16 -29.12
C GLY F 240 31.92 -7.54 -28.46
N PRO F 241 33.06 -7.65 -29.13
CA PRO F 241 34.35 -7.31 -28.61
C PRO F 241 34.62 -5.80 -28.49
N SER F 242 35.52 -5.49 -27.57
CA SER F 242 36.29 -4.25 -27.59
C SER F 242 37.61 -4.43 -28.34
N ASP F 243 37.98 -3.51 -29.21
CA ASP F 243 39.35 -3.44 -29.75
C ASP F 243 39.68 -4.79 -30.40
N ASP F 244 40.81 -5.36 -30.08
CA ASP F 244 41.32 -6.58 -30.71
C ASP F 244 41.02 -7.81 -29.83
N ASP F 245 39.85 -7.87 -29.17
CA ASP F 245 39.50 -9.04 -28.36
C ASP F 245 38.93 -10.14 -29.27
N TYR F 246 39.85 -10.85 -29.93
CA TYR F 246 39.45 -11.86 -30.92
C TYR F 246 38.85 -13.08 -30.21
N HIS F 247 39.29 -13.36 -29.00
CA HIS F 247 38.71 -14.46 -28.24
C HIS F 247 37.22 -14.22 -28.02
N TRP F 248 36.82 -12.98 -27.75
CA TRP F 248 35.44 -12.67 -27.52
C TRP F 248 34.61 -13.01 -28.78
N THR F 249 35.09 -12.55 -29.93
CA THR F 249 34.39 -12.82 -31.18
C THR F 249 34.27 -14.32 -31.43
N GLU F 250 35.36 -15.04 -31.25
CA GLU F 250 35.40 -16.48 -31.47
C GLU F 250 34.31 -17.17 -30.64
N VAL F 251 34.27 -16.89 -29.34
CA VAL F 251 33.34 -17.58 -28.49
C VAL F 251 31.89 -17.12 -28.78
N MET F 252 31.65 -15.84 -28.90
CA MET F 252 30.28 -15.41 -29.12
C MET F 252 29.75 -16.02 -30.43
N MET F 253 30.56 -16.04 -31.48
CA MET F 253 30.09 -16.59 -32.76
C MET F 253 29.95 -18.12 -32.64
N ARG F 254 30.94 -18.80 -32.06
CA ARG F 254 30.90 -20.25 -31.91
C ARG F 254 29.65 -20.65 -31.16
N GLU F 255 29.36 -19.93 -30.08
CA GLU F 255 28.30 -20.36 -29.15
C GLU F 255 26.93 -19.81 -29.57
N ALA F 256 26.84 -18.68 -30.27
CA ALA F 256 25.53 -17.99 -30.36
C ALA F 256 25.23 -17.41 -31.75
N SER F 257 26.05 -17.68 -32.80
CA SER F 257 25.82 -17.01 -34.08
C SER F 257 24.40 -17.26 -34.62
N LYS F 258 23.81 -18.42 -34.32
CA LYS F 258 22.44 -18.73 -34.82
C LYS F 258 21.37 -17.86 -34.16
N PHE F 259 21.68 -17.16 -33.08
CA PHE F 259 20.67 -16.40 -32.35
C PHE F 259 20.83 -14.88 -32.50
N MET F 260 21.67 -14.43 -33.41
CA MET F 260 21.94 -12.99 -33.50
C MET F 260 21.76 -12.55 -34.94
N ASP F 261 21.34 -11.32 -35.14
CA ASP F 261 21.28 -10.68 -36.48
C ASP F 261 22.50 -9.77 -36.69
N GLY F 262 23.17 -9.43 -35.57
CA GLY F 262 24.35 -8.59 -35.62
C GLY F 262 25.22 -8.82 -34.40
N LEU F 263 26.50 -8.49 -34.52
CA LEU F 263 27.46 -8.58 -33.41
C LEU F 263 28.14 -7.21 -33.28
N SER F 264 28.07 -6.58 -32.10
CA SER F 264 28.63 -5.25 -31.95
C SER F 264 30.15 -5.31 -31.72
N MET F 265 30.88 -4.36 -32.23
CA MET F 265 32.27 -4.19 -31.89
C MET F 265 32.50 -2.70 -31.57
N HIS F 266 33.49 -2.43 -30.74
CA HIS F 266 33.76 -1.08 -30.25
C HIS F 266 35.25 -0.79 -30.48
N TYR F 267 35.55 0.37 -31.05
CA TYR F 267 36.96 0.83 -31.11
C TYR F 267 37.00 2.36 -31.12
N TYR F 268 37.57 2.91 -30.05
CA TYR F 268 37.79 4.34 -29.95
C TYR F 268 39.20 4.69 -30.40
N THR F 269 39.31 5.87 -30.98
CA THR F 269 40.58 6.45 -31.37
C THR F 269 41.06 7.33 -30.23
N ILE F 270 42.06 6.86 -29.49
CA ILE F 270 42.48 7.53 -28.28
C ILE F 270 43.97 7.84 -28.37
N PRO F 271 44.30 9.02 -28.90
CA PRO F 271 45.72 9.38 -28.96
C PRO F 271 46.31 9.40 -27.55
N GLY F 272 47.50 8.79 -27.42
CA GLY F 272 48.18 8.68 -26.15
C GLY F 272 47.74 7.44 -25.36
N GLY F 273 46.70 6.74 -25.79
CA GLY F 273 46.20 5.56 -25.07
C GLY F 273 45.37 5.91 -23.84
N TRP F 274 44.75 4.89 -23.26
CA TRP F 274 43.89 4.99 -22.10
C TRP F 274 44.73 5.30 -20.85
N PRO F 275 44.32 6.17 -19.95
CA PRO F 275 43.09 6.98 -20.03
C PRO F 275 43.25 8.19 -20.96
N PRO F 276 42.14 8.71 -21.50
CA PRO F 276 42.22 9.77 -22.52
C PRO F 276 42.76 11.09 -21.97
N ARG F 277 43.91 11.51 -22.42
CA ARG F 277 44.56 12.72 -21.88
C ARG F 277 44.98 13.69 -22.99
N ALA F 278 44.74 13.41 -24.27
CA ALA F 278 45.20 14.26 -25.34
C ALA F 278 44.25 15.45 -25.51
N SER F 279 44.80 16.63 -25.83
CA SER F 279 43.99 17.83 -26.03
C SER F 279 43.16 17.68 -27.32
N SER F 280 41.90 18.11 -27.21
CA SER F 280 40.99 18.19 -28.37
C SER F 280 41.18 19.51 -29.15
N THR F 281 41.88 20.48 -28.59
CA THR F 281 41.92 21.83 -29.13
C THR F 281 43.30 22.23 -29.62
N THR F 282 44.37 21.68 -29.03
CA THR F 282 45.71 22.20 -29.21
C THR F 282 46.64 21.01 -29.43
N PHE F 283 47.28 20.94 -30.58
CA PHE F 283 48.12 19.78 -30.85
C PHE F 283 49.08 20.08 -31.98
N ASP F 284 50.17 19.32 -32.01
CA ASP F 284 51.19 19.53 -33.04
C ASP F 284 51.06 18.40 -34.09
N GLU F 285 51.99 18.38 -35.03
CA GLU F 285 51.88 17.44 -36.16
C GLU F 285 52.05 16.00 -35.65
N ALA F 286 52.91 15.78 -34.65
CA ALA F 286 53.09 14.43 -34.08
C ALA F 286 51.77 13.88 -33.55
N ALA F 287 50.99 14.71 -32.84
CA ALA F 287 49.70 14.29 -32.30
C ALA F 287 48.68 14.08 -33.44
N TRP F 288 48.78 14.87 -34.50
CA TRP F 288 47.94 14.73 -35.72
C TRP F 288 48.15 13.34 -36.34
N ILE F 289 49.40 13.03 -36.68
CA ILE F 289 49.65 11.78 -37.39
C ILE F 289 49.38 10.59 -36.45
N GLN F 290 49.67 10.73 -35.15
CA GLN F 290 49.41 9.63 -34.18
C GLN F 290 47.91 9.32 -34.16
N THR F 291 47.07 10.35 -34.18
CA THR F 291 45.64 10.17 -34.13
C THR F 291 45.16 9.45 -35.40
N LEU F 292 45.64 9.88 -36.56
CA LEU F 292 45.21 9.24 -37.80
C LEU F 292 45.72 7.81 -37.87
N SER F 293 46.97 7.58 -37.45
CA SER F 293 47.52 6.23 -37.38
C SER F 293 46.63 5.32 -36.51
N ARG F 294 46.27 5.80 -35.33
CA ARG F 294 45.41 5.02 -34.43
C ARG F 294 44.05 4.77 -35.06
N THR F 295 43.46 5.74 -35.76
CA THR F 295 42.10 5.52 -36.23
C THR F 295 42.12 4.46 -37.34
N LEU F 296 43.21 4.40 -38.11
CA LEU F 296 43.30 3.48 -39.25
C LEU F 296 43.36 2.01 -38.82
N VAL F 297 43.67 1.78 -37.56
CA VAL F 297 43.69 0.43 -37.01
C VAL F 297 42.30 -0.25 -37.19
N MET F 298 41.23 0.54 -37.27
CA MET F 298 39.90 0.03 -37.52
C MET F 298 39.90 -0.98 -38.68
N ASP F 299 40.70 -0.74 -39.75
CA ASP F 299 40.67 -1.63 -40.88
C ASP F 299 41.16 -3.03 -40.48
N GLU F 300 42.28 -3.11 -39.74
CA GLU F 300 42.83 -4.40 -39.31
C GLU F 300 41.82 -5.11 -38.38
N LEU F 301 41.24 -4.38 -37.42
CA LEU F 301 40.26 -4.96 -36.50
C LEU F 301 39.06 -5.55 -37.28
N ILE F 302 38.48 -4.79 -38.21
CA ILE F 302 37.34 -5.31 -38.95
C ILE F 302 37.75 -6.56 -39.74
N THR F 303 38.93 -6.50 -40.37
CA THR F 303 39.40 -7.63 -41.18
C THR F 303 39.45 -8.89 -40.31
N LYS F 304 40.09 -8.79 -39.17
CA LYS F 304 40.34 -9.96 -38.33
C LYS F 304 39.06 -10.44 -37.63
N HIS F 305 38.24 -9.52 -37.12
CA HIS F 305 36.96 -9.93 -36.56
C HIS F 305 36.07 -10.59 -37.64
N SER F 306 36.05 -10.02 -38.87
CA SER F 306 35.25 -10.58 -39.95
C SER F 306 35.71 -12.01 -40.26
N ALA F 307 37.02 -12.27 -40.24
CA ALA F 307 37.50 -13.56 -40.62
C ALA F 307 37.01 -14.63 -39.62
N ILE F 308 36.97 -14.25 -38.35
CA ILE F 308 36.44 -15.17 -37.34
C ILE F 308 34.94 -15.40 -37.59
N MET F 309 34.20 -14.33 -37.89
CA MET F 309 32.76 -14.44 -38.15
C MET F 309 32.51 -15.36 -39.35
N ASP F 310 33.39 -15.33 -40.36
CA ASP F 310 33.22 -16.14 -41.53
C ASP F 310 33.25 -17.64 -41.19
N LYS F 311 34.04 -18.04 -40.18
CA LYS F 311 34.18 -19.44 -39.83
C LYS F 311 32.83 -20.01 -39.36
N TYR F 312 32.04 -19.22 -38.64
CA TYR F 312 30.82 -19.73 -38.04
C TYR F 312 29.59 -19.25 -38.81
N ASP F 313 29.75 -18.18 -39.60
CA ASP F 313 28.65 -17.58 -40.35
C ASP F 313 29.14 -17.27 -41.78
N PRO F 314 29.47 -18.33 -42.54
CA PRO F 314 30.02 -18.13 -43.89
C PRO F 314 29.03 -17.44 -44.84
N ALA F 315 27.74 -17.51 -44.59
CA ALA F 315 26.74 -16.79 -45.41
C ALA F 315 26.75 -15.28 -45.15
N LYS F 316 27.40 -14.82 -44.07
CA LYS F 316 27.40 -13.44 -43.66
C LYS F 316 25.99 -12.96 -43.30
N LYS F 317 25.19 -13.83 -42.70
CA LYS F 317 23.90 -13.40 -42.22
C LYS F 317 24.05 -12.43 -41.02
N VAL F 318 25.08 -12.59 -40.20
CA VAL F 318 25.27 -11.75 -39.03
C VAL F 318 26.08 -10.51 -39.44
N ALA F 319 25.47 -9.32 -39.30
CA ALA F 319 26.18 -8.08 -39.53
C ALA F 319 27.24 -7.86 -38.45
N LEU F 320 28.39 -7.31 -38.85
CA LEU F 320 29.28 -6.68 -37.91
C LEU F 320 28.82 -5.23 -37.73
N VAL F 321 28.59 -4.87 -36.49
CA VAL F 321 27.95 -3.61 -36.10
C VAL F 321 28.98 -2.81 -35.30
N VAL F 322 29.51 -1.73 -35.87
CA VAL F 322 30.53 -0.99 -35.17
C VAL F 322 29.80 0.06 -34.33
N ASP F 323 29.26 -0.30 -33.18
CA ASP F 323 28.28 0.66 -32.65
C ASP F 323 28.89 1.60 -31.60
N GLU F 324 30.23 1.60 -31.46
CA GLU F 324 30.92 2.78 -30.85
C GLU F 324 32.25 2.93 -31.60
N TRP F 325 32.45 4.12 -32.16
CA TRP F 325 33.73 4.51 -32.73
C TRP F 325 33.84 6.04 -32.61
N GLY F 326 35.03 6.54 -32.84
CA GLY F 326 35.35 7.96 -32.82
C GLY F 326 36.46 8.29 -31.84
N THR F 327 36.80 9.57 -31.77
CA THR F 327 37.86 10.05 -30.94
C THR F 327 37.41 10.25 -29.49
N TRP F 328 38.34 10.01 -28.59
CA TRP F 328 38.16 10.26 -27.17
C TRP F 328 39.39 11.02 -26.66
N TYR F 329 39.16 12.27 -26.25
CA TYR F 329 40.20 13.18 -25.79
C TYR F 329 40.05 13.46 -24.27
N ALA F 330 41.00 14.21 -23.72
CA ALA F 330 40.81 14.81 -22.41
C ALA F 330 39.55 15.68 -22.45
N PRO F 331 38.85 15.76 -21.32
CA PRO F 331 37.73 16.70 -21.22
C PRO F 331 38.21 18.15 -21.29
N LEU F 332 37.41 19.05 -21.83
CA LEU F 332 37.79 20.44 -21.90
C LEU F 332 37.99 20.99 -20.48
N PRO F 333 38.92 21.94 -20.34
CA PRO F 333 39.19 22.60 -19.05
C PRO F 333 37.91 23.20 -18.43
N GLY F 334 37.72 22.98 -17.15
CA GLY F 334 36.57 23.55 -16.47
C GLY F 334 35.29 22.72 -16.64
N THR F 335 35.32 21.60 -17.36
CA THR F 335 34.09 20.84 -17.54
C THR F 335 34.11 19.63 -16.62
N ASN F 336 32.93 19.11 -16.30
CA ASN F 336 32.81 17.88 -15.52
C ASN F 336 33.37 16.74 -16.38
N PRO F 337 34.43 16.06 -15.93
CA PRO F 337 35.02 14.99 -16.73
C PRO F 337 34.05 13.82 -17.01
N GLY F 338 33.03 13.64 -16.18
CA GLY F 338 32.01 12.63 -16.43
C GLY F 338 31.05 13.00 -17.57
N PHE F 339 31.15 14.19 -18.17
CA PHE F 339 30.24 14.64 -19.25
C PHE F 339 30.88 14.50 -20.63
N LEU F 340 32.13 14.08 -20.68
CA LEU F 340 32.89 13.80 -21.92
C LEU F 340 32.77 14.93 -22.94
N GLN F 341 32.96 16.17 -22.53
CA GLN F 341 32.87 17.32 -23.44
C GLN F 341 34.27 17.57 -24.02
N GLN F 342 34.36 17.54 -25.34
CA GLN F 342 35.61 17.80 -26.03
C GLN F 342 35.28 18.64 -27.30
N GLN F 343 36.29 19.35 -27.78
CA GLN F 343 36.13 20.04 -29.06
C GLN F 343 36.34 19.04 -30.21
N ASN F 344 36.06 19.56 -31.41
CA ASN F 344 35.88 18.77 -32.62
C ASN F 344 36.54 19.58 -33.74
N SER F 345 37.71 19.14 -34.19
CA SER F 345 38.57 19.89 -35.05
C SER F 345 38.64 19.25 -36.44
N LEU F 346 39.40 19.86 -37.33
CA LEU F 346 39.65 19.28 -38.65
C LEU F 346 40.19 17.84 -38.50
N ARG F 347 40.98 17.59 -37.45
CA ARG F 347 41.52 16.23 -37.20
C ARG F 347 40.36 15.23 -37.06
N ASP F 348 39.31 15.63 -36.36
CA ASP F 348 38.12 14.78 -36.15
C ASP F 348 37.38 14.55 -37.47
N ALA F 349 37.32 15.57 -38.33
CA ALA F 349 36.74 15.38 -39.66
C ALA F 349 37.49 14.27 -40.41
N LEU F 350 38.81 14.32 -40.41
CA LEU F 350 39.57 13.28 -41.14
C LEU F 350 39.36 11.92 -40.50
N VAL F 351 39.26 11.84 -39.16
CA VAL F 351 38.96 10.58 -38.53
C VAL F 351 37.65 10.03 -39.10
N ALA F 352 36.63 10.86 -39.22
CA ALA F 352 35.36 10.40 -39.77
C ALA F 352 35.50 9.94 -41.23
N SER F 353 36.20 10.70 -42.09
CA SER F 353 36.27 10.30 -43.51
C SER F 353 37.03 8.98 -43.65
N LEU F 354 38.08 8.80 -42.85
CA LEU F 354 38.88 7.56 -42.96
C LEU F 354 38.05 6.34 -42.52
N ASN F 355 37.26 6.49 -41.47
CA ASN F 355 36.39 5.42 -40.99
C ASN F 355 35.32 5.09 -42.02
N PHE F 356 34.66 6.10 -42.58
CA PHE F 356 33.67 5.84 -43.66
C PHE F 356 34.31 5.10 -44.84
N ASP F 357 35.49 5.51 -45.24
CA ASP F 357 36.20 4.80 -46.31
C ASP F 357 36.35 3.33 -45.94
N ILE F 358 36.83 3.09 -44.72
CA ILE F 358 37.10 1.72 -44.28
C ILE F 358 35.81 0.90 -44.21
N PHE F 359 34.77 1.45 -43.60
CA PHE F 359 33.51 0.72 -43.49
C PHE F 359 33.01 0.34 -44.88
N SER F 360 33.09 1.27 -45.82
CA SER F 360 32.57 1.06 -47.16
C SER F 360 33.38 -0.02 -47.90
N GLN F 361 34.63 -0.25 -47.52
CA GLN F 361 35.48 -1.32 -48.12
C GLN F 361 35.07 -2.70 -47.54
N HIS F 362 34.33 -2.73 -46.44
CA HIS F 362 33.95 -3.95 -45.75
C HIS F 362 32.43 -4.08 -45.71
N ALA F 363 31.76 -3.55 -46.72
CA ALA F 363 30.32 -3.33 -46.68
C ALA F 363 29.53 -4.66 -46.76
N GLU F 364 30.16 -5.73 -47.20
CA GLU F 364 29.51 -7.04 -47.25
C GLU F 364 29.21 -7.55 -45.84
N ARG F 365 30.03 -7.22 -44.87
CA ARG F 365 29.89 -7.71 -43.49
C ARG F 365 29.51 -6.57 -42.57
N VAL F 366 30.16 -5.42 -42.70
CA VAL F 366 29.89 -4.27 -41.81
C VAL F 366 28.71 -3.49 -42.36
N ARG F 367 27.58 -3.61 -41.68
CA ARG F 367 26.33 -3.11 -42.23
C ARG F 367 25.68 -2.09 -41.29
N MET F 368 26.32 -1.80 -40.16
CA MET F 368 25.84 -0.77 -39.23
C MET F 368 27.05 -0.20 -38.47
N ALA F 369 27.02 1.11 -38.19
CA ALA F 369 28.00 1.74 -37.32
C ALA F 369 27.33 2.95 -36.65
N ASN F 370 27.83 3.27 -35.49
CA ASN F 370 27.30 4.41 -34.70
C ASN F 370 28.47 5.16 -34.06
N ILE F 371 28.62 6.41 -34.46
CA ILE F 371 29.67 7.25 -33.89
C ILE F 371 29.26 7.68 -32.47
N ALA F 372 30.26 7.76 -31.59
CA ALA F 372 30.05 8.23 -30.23
C ALA F 372 30.43 9.71 -30.10
N GLN F 373 29.53 10.64 -29.77
CA GLN F 373 28.09 10.50 -29.61
C GLN F 373 27.44 11.69 -30.33
N MET F 374 26.13 11.84 -30.25
CA MET F 374 25.43 12.66 -31.27
C MET F 374 25.54 14.16 -30.96
N VAL F 375 25.21 14.59 -29.73
CA VAL F 375 25.23 15.98 -29.36
C VAL F 375 26.01 16.14 -28.04
N ASN F 376 26.96 17.08 -28.01
CA ASN F 376 27.60 17.54 -26.74
C ASN F 376 28.51 16.49 -26.09
N VAL F 377 28.70 15.32 -26.69
CA VAL F 377 29.42 14.22 -26.04
C VAL F 377 30.38 13.58 -27.04
N LEU F 378 31.61 13.39 -26.62
CA LEU F 378 32.67 12.79 -27.42
C LEU F 378 32.71 13.44 -28.81
N GLN F 379 32.75 12.67 -29.91
CA GLN F 379 32.99 13.24 -31.26
C GLN F 379 31.66 13.67 -31.88
N ALA F 380 31.06 14.74 -31.31
CA ALA F 380 29.69 15.10 -31.55
C ALA F 380 29.44 15.68 -32.96
N MET F 381 28.19 15.56 -33.42
CA MET F 381 27.72 16.27 -34.60
C MET F 381 27.53 17.77 -34.28
N ILE F 382 27.05 18.03 -33.07
CA ILE F 382 26.52 19.33 -32.71
C ILE F 382 26.93 19.63 -31.28
N LEU F 383 27.26 20.89 -31.00
CA LEU F 383 27.47 21.37 -29.65
C LEU F 383 26.42 22.44 -29.37
N THR F 384 25.81 22.39 -28.20
CA THR F 384 24.82 23.39 -27.82
C THR F 384 25.19 23.98 -26.46
N ASP F 385 24.70 25.19 -26.25
CA ASP F 385 24.86 25.86 -24.96
C ASP F 385 23.71 26.85 -24.81
N GLY F 386 22.66 26.43 -24.13
CA GLY F 386 21.41 27.17 -24.16
C GLY F 386 20.93 27.28 -25.59
N ASP F 387 20.53 28.45 -26.04
CA ASP F 387 19.95 28.56 -27.38
C ASP F 387 21.06 28.58 -28.45
N LYS F 388 22.33 28.53 -28.09
CA LYS F 388 23.41 28.51 -29.08
C LYS F 388 23.64 27.08 -29.59
N MET F 389 24.01 26.96 -30.86
CA MET F 389 24.25 25.68 -31.47
C MET F 389 25.37 25.86 -32.50
N VAL F 390 26.27 24.89 -32.59
CA VAL F 390 27.29 24.91 -33.64
C VAL F 390 27.43 23.50 -34.24
N LEU F 391 27.62 23.48 -35.55
CA LEU F 391 27.87 22.25 -36.30
C LEU F 391 29.37 21.99 -36.30
N THR F 392 29.77 20.76 -36.02
CA THR F 392 31.18 20.43 -35.92
C THR F 392 31.74 20.03 -37.30
N PRO F 393 33.08 20.00 -37.41
CA PRO F 393 33.69 19.47 -38.60
C PRO F 393 33.21 18.05 -38.91
N THR F 394 32.98 17.24 -37.88
CA THR F 394 32.53 15.87 -38.08
C THR F 394 31.15 15.85 -38.74
N TYR F 395 30.23 16.71 -38.30
CA TYR F 395 28.92 16.84 -38.93
C TYR F 395 29.05 17.02 -40.44
N HIS F 396 29.97 17.90 -40.84
CA HIS F 396 30.13 18.21 -42.25
C HIS F 396 30.64 16.99 -43.02
N VAL F 397 31.38 16.11 -42.39
CA VAL F 397 31.81 14.87 -43.08
C VAL F 397 30.62 13.93 -43.27
N PHE F 398 29.75 13.80 -42.27
CA PHE F 398 28.50 13.05 -42.45
C PHE F 398 27.70 13.66 -43.62
N ALA F 399 27.64 14.98 -43.71
CA ALA F 399 26.94 15.65 -44.83
C ALA F 399 27.62 15.31 -46.16
N LEU F 400 28.94 15.40 -46.25
CA LEU F 400 29.65 15.11 -47.52
C LEU F 400 29.40 13.66 -47.97
N TYR F 401 29.32 12.73 -47.02
CA TYR F 401 29.19 11.32 -47.35
C TYR F 401 27.73 10.88 -47.46
N LYS F 402 26.77 11.79 -47.41
CA LYS F 402 25.36 11.39 -47.61
C LYS F 402 25.11 10.53 -48.86
N PRO F 403 25.78 10.80 -49.97
CA PRO F 403 25.59 9.96 -51.16
C PRO F 403 25.97 8.49 -50.96
N TYR F 404 26.76 8.17 -49.92
CA TYR F 404 27.12 6.79 -49.61
C TYR F 404 25.93 6.00 -49.04
N GLN F 405 24.88 6.68 -48.57
CA GLN F 405 23.77 5.99 -47.91
C GLN F 405 23.04 5.06 -48.89
N ASP F 406 23.16 3.75 -48.66
CA ASP F 406 22.55 2.70 -49.51
C ASP F 406 23.11 2.76 -50.94
N ALA F 407 24.33 3.22 -51.08
CA ALA F 407 25.03 3.21 -52.35
C ALA F 407 25.57 1.81 -52.63
N THR F 408 26.17 1.66 -53.80
CA THR F 408 26.91 0.46 -54.19
C THR F 408 28.41 0.72 -54.11
N HIS F 409 29.13 -0.11 -53.36
CA HIS F 409 30.59 -0.05 -53.29
C HIS F 409 31.19 -0.28 -54.68
N LEU F 410 32.18 0.56 -55.03
CA LEU F 410 32.98 0.35 -56.23
C LEU F 410 34.46 0.20 -55.81
N PRO F 411 35.17 -0.76 -56.42
CA PRO F 411 36.59 -0.94 -56.12
C PRO F 411 37.40 0.28 -56.56
N LEU F 412 38.15 0.84 -55.63
CA LEU F 412 39.07 1.94 -55.89
C LEU F 412 40.44 1.52 -55.35
N GLN F 413 41.43 1.34 -56.21
CA GLN F 413 42.81 1.08 -55.78
C GLN F 413 43.62 2.36 -55.90
N LEU F 414 44.25 2.82 -54.82
CA LEU F 414 45.18 3.95 -54.88
C LEU F 414 46.58 3.43 -54.68
N GLN F 415 47.52 3.91 -55.47
CA GLN F 415 48.95 3.72 -55.21
C GLN F 415 49.49 5.03 -54.65
N THR F 416 49.64 5.05 -53.31
CA THR F 416 49.97 6.28 -52.61
C THR F 416 51.32 6.08 -51.89
N PRO F 417 52.17 7.07 -51.89
CA PRO F 417 53.31 7.10 -51.00
C PRO F 417 52.82 7.25 -49.55
N GLN F 418 53.74 7.04 -48.63
CA GLN F 418 53.42 7.25 -47.21
C GLN F 418 53.63 8.73 -46.87
N TYR F 419 52.80 9.19 -45.94
CA TYR F 419 53.08 10.40 -45.17
C TYR F 419 53.81 9.99 -43.90
N ARG F 420 55.00 10.52 -43.69
CA ARG F 420 55.83 10.16 -42.55
C ARG F 420 56.13 11.40 -41.71
N HIS F 421 56.03 11.27 -40.42
CA HIS F 421 56.43 12.30 -39.50
C HIS F 421 56.95 11.62 -38.25
N GLY F 422 58.22 11.91 -37.89
CA GLY F 422 58.91 11.18 -36.87
C GLY F 422 58.93 9.69 -37.21
N ASP F 423 58.57 8.87 -36.23
CA ASP F 423 58.66 7.43 -36.39
C ASP F 423 57.29 6.85 -36.83
N THR F 424 56.35 7.67 -37.31
CA THR F 424 55.04 7.18 -37.74
C THR F 424 54.86 7.38 -39.25
N GLN F 425 54.21 6.42 -39.90
CA GLN F 425 53.87 6.49 -41.31
C GLN F 425 52.40 6.09 -41.46
N VAL F 426 51.70 6.83 -42.30
CA VAL F 426 50.32 6.52 -42.74
C VAL F 426 50.25 6.74 -44.25
N PRO F 427 49.23 6.20 -44.91
CA PRO F 427 49.03 6.57 -46.33
C PRO F 427 48.89 8.08 -46.50
N ALA F 428 49.53 8.64 -47.52
CA ALA F 428 49.41 10.08 -47.78
C ALA F 428 47.97 10.40 -48.15
N VAL F 429 47.36 9.54 -48.99
CA VAL F 429 46.00 9.77 -49.45
C VAL F 429 45.24 8.46 -49.26
N HIS F 430 44.01 8.63 -48.83
CA HIS F 430 43.09 7.54 -48.57
C HIS F 430 41.77 7.87 -49.26
N GLY F 431 41.04 6.87 -49.70
CA GLY F 431 39.80 7.18 -50.44
C GLY F 431 38.86 5.99 -50.55
N SER F 432 37.73 6.24 -51.16
CA SER F 432 36.74 5.23 -51.41
C SER F 432 35.81 5.75 -52.52
N ALA F 433 34.96 4.89 -53.05
CA ALA F 433 34.08 5.28 -54.15
C ALA F 433 32.81 4.44 -54.11
N VAL F 434 31.74 5.03 -54.63
CA VAL F 434 30.44 4.38 -54.70
C VAL F 434 29.72 4.82 -55.97
N LYS F 435 28.72 4.01 -56.34
CA LYS F 435 27.65 4.47 -57.20
C LYS F 435 26.42 4.73 -56.32
N ALA F 436 25.99 5.98 -56.26
CA ALA F 436 24.96 6.39 -55.34
C ALA F 436 23.57 6.05 -55.90
N LYS F 437 22.58 6.16 -55.03
CA LYS F 437 21.20 5.99 -55.42
C LYS F 437 20.77 7.08 -56.40
N ASP F 438 21.38 8.26 -56.39
CA ASP F 438 21.02 9.32 -57.38
C ASP F 438 21.57 8.99 -58.76
N GLY F 439 22.30 7.87 -58.94
CA GLY F 439 22.75 7.46 -60.26
C GLY F 439 24.17 7.90 -60.58
N HIS F 440 24.79 8.72 -59.72
CA HIS F 440 26.13 9.24 -59.99
C HIS F 440 27.19 8.42 -59.25
N VAL F 441 28.37 8.38 -59.84
CA VAL F 441 29.56 7.87 -59.15
C VAL F 441 30.19 8.99 -58.31
N TYR F 442 30.56 8.64 -57.08
CA TYR F 442 31.24 9.55 -56.16
C TYR F 442 32.59 8.95 -55.74
N ILE F 443 33.58 9.82 -55.61
CA ILE F 443 34.91 9.46 -55.13
C ILE F 443 35.25 10.38 -53.96
N ALA F 444 35.57 9.77 -52.83
CA ALA F 444 36.03 10.49 -51.64
C ALA F 444 37.54 10.34 -51.55
N LEU F 445 38.23 11.47 -51.32
CA LEU F 445 39.69 11.44 -51.14
C LEU F 445 40.03 12.32 -49.91
N THR F 446 40.96 11.82 -49.11
CA THR F 446 41.46 12.53 -47.95
C THR F 446 42.98 12.61 -48.08
N ASN F 447 43.51 13.82 -47.90
CA ASN F 447 44.95 14.02 -47.81
C ASN F 447 45.32 14.11 -46.32
N LEU F 448 46.03 13.09 -45.84
CA LEU F 448 46.35 12.97 -44.40
C LEU F 448 47.53 13.88 -44.04
N ASP F 449 48.32 14.31 -45.01
CA ASP F 449 49.53 15.06 -44.75
C ASP F 449 49.16 16.43 -44.16
N ALA F 450 49.80 16.79 -43.04
CA ALA F 450 49.53 18.07 -42.37
C ALA F 450 50.05 19.25 -43.21
N SER F 451 50.96 19.05 -44.16
CA SER F 451 51.46 20.26 -44.88
C SER F 451 51.66 20.03 -46.38
N ALA F 452 51.77 18.81 -46.90
CA ALA F 452 52.05 18.62 -48.33
C ALA F 452 50.76 18.37 -49.12
N SER F 453 50.57 19.09 -50.21
CA SER F 453 49.48 18.78 -51.15
C SER F 453 49.80 17.49 -51.93
N ALA F 454 48.82 16.94 -52.61
CA ALA F 454 48.98 15.76 -53.43
C ALA F 454 48.31 15.98 -54.79
N THR F 455 48.87 15.35 -55.82
CA THR F 455 48.25 15.26 -57.13
C THR F 455 47.72 13.84 -57.29
N VAL F 456 46.39 13.70 -57.42
CA VAL F 456 45.80 12.41 -57.53
C VAL F 456 45.25 12.23 -58.96
N SER F 457 45.59 11.11 -59.59
CA SER F 457 45.15 10.82 -60.93
C SER F 457 44.43 9.45 -60.94
N VAL F 458 43.10 9.47 -61.11
CA VAL F 458 42.30 8.24 -61.05
C VAL F 458 41.75 7.91 -62.44
N GLN F 459 42.21 6.75 -62.94
CA GLN F 459 41.72 6.18 -64.17
C GLN F 459 40.37 5.49 -63.91
N VAL F 460 39.32 5.91 -64.61
CA VAL F 460 37.97 5.40 -64.37
C VAL F 460 37.59 4.41 -65.47
N GLU F 461 37.25 3.19 -65.12
CA GLU F 461 36.84 2.14 -66.07
C GLU F 461 35.32 1.91 -65.92
N GLY F 462 34.64 1.79 -67.07
CA GLY F 462 33.24 1.37 -67.10
C GLY F 462 32.25 2.53 -66.90
N LEU F 463 32.67 3.73 -67.22
CA LEU F 463 31.83 4.93 -67.10
C LEU F 463 32.34 5.97 -68.09
N PRO F 464 31.54 6.38 -69.08
CA PRO F 464 31.98 7.51 -69.93
C PRO F 464 32.14 8.79 -69.08
N LEU F 465 33.29 9.45 -69.11
CA LEU F 465 33.56 10.57 -68.16
C LEU F 465 33.39 11.88 -68.94
N ARG F 466 32.62 12.80 -68.42
CA ARG F 466 32.33 14.05 -69.07
C ARG F 466 32.73 15.23 -68.17
N ALA F 467 32.46 15.11 -66.88
CA ALA F 467 32.65 16.25 -66.00
C ALA F 467 32.82 15.75 -64.56
N VAL F 468 33.33 16.63 -63.71
CA VAL F 468 33.50 16.36 -62.30
C VAL F 468 33.23 17.67 -61.53
N GLU F 469 32.59 17.54 -60.37
CA GLU F 469 32.45 18.66 -59.48
C GLU F 469 32.64 18.12 -58.06
N GLY F 470 32.69 18.97 -57.07
CA GLY F 470 32.78 18.45 -55.74
C GLY F 470 32.79 19.52 -54.66
N GLN F 471 32.96 19.02 -53.44
CA GLN F 471 33.10 19.85 -52.29
C GLN F 471 34.36 19.49 -51.49
N ILE F 472 34.91 20.46 -50.78
CA ILE F 472 36.13 20.29 -50.01
C ILE F 472 35.86 20.77 -48.59
N LEU F 473 36.34 19.97 -47.64
CA LEU F 473 36.36 20.34 -46.25
C LEU F 473 37.83 20.42 -45.82
N THR F 474 38.25 21.62 -45.47
CA THR F 474 39.60 21.89 -45.00
C THR F 474 39.51 23.15 -44.13
N ALA F 475 40.67 23.59 -43.70
CA ALA F 475 40.81 24.79 -42.89
C ALA F 475 42.27 25.23 -43.03
N PRO F 476 42.57 26.46 -42.63
CA PRO F 476 43.94 26.97 -42.82
C PRO F 476 44.95 26.23 -41.93
N ALA F 477 44.54 25.73 -40.78
CA ALA F 477 45.46 25.05 -39.85
C ALA F 477 44.87 23.71 -39.39
N ILE F 478 45.71 22.75 -39.06
CA ILE F 478 45.23 21.42 -38.64
C ILE F 478 44.38 21.51 -37.37
N ALA F 479 44.74 22.41 -36.44
CA ALA F 479 44.01 22.46 -35.16
C ALA F 479 42.90 23.52 -35.25
N THR F 480 42.03 23.46 -36.25
CA THR F 480 40.97 24.45 -36.36
C THR F 480 39.67 23.78 -35.93
N TYR F 481 38.85 24.47 -35.14
CA TYR F 481 37.58 23.91 -34.74
C TYR F 481 36.50 25.01 -34.77
N ASN F 482 35.23 24.63 -34.73
CA ASN F 482 34.15 25.59 -34.81
C ASN F 482 33.71 25.98 -33.39
N THR F 483 33.36 27.25 -33.23
CA THR F 483 32.87 27.79 -31.97
C THR F 483 31.59 28.60 -32.24
N TYR F 484 30.87 28.97 -31.18
CA TYR F 484 29.66 29.81 -31.34
C TYR F 484 30.06 31.15 -31.97
N ALA F 485 31.22 31.69 -31.58
CA ALA F 485 31.72 32.96 -32.16
C ALA F 485 32.18 32.81 -33.61
N GLN F 486 32.76 31.64 -33.97
CA GLN F 486 33.31 31.35 -35.31
C GLN F 486 32.74 30.02 -35.79
N PRO F 487 31.47 30.02 -36.16
CA PRO F 487 30.76 28.76 -36.38
C PRO F 487 31.12 28.10 -37.71
N GLN F 488 31.79 28.80 -38.61
CA GLN F 488 32.17 28.24 -39.90
C GLN F 488 33.67 28.32 -40.13
N ALA F 489 34.47 28.20 -39.10
CA ALA F 489 35.92 28.12 -39.30
C ALA F 489 36.27 26.87 -40.13
N VAL F 490 35.51 25.77 -39.96
CA VAL F 490 35.69 24.55 -40.74
C VAL F 490 34.35 24.20 -41.36
N ALA F 491 34.20 24.43 -42.66
CA ALA F 491 32.94 24.19 -43.31
C ALA F 491 33.19 23.98 -44.80
N PRO F 492 32.32 23.21 -45.44
CA PRO F 492 32.53 22.78 -46.81
C PRO F 492 32.33 23.95 -47.78
N VAL F 493 33.11 23.97 -48.83
CA VAL F 493 32.91 24.90 -49.94
C VAL F 493 33.07 24.11 -51.25
N ALA F 494 32.65 24.73 -52.34
CA ALA F 494 32.78 24.13 -53.66
C ALA F 494 34.28 23.95 -53.94
N PHE F 495 34.65 22.79 -54.50
CA PHE F 495 36.04 22.43 -54.73
C PHE F 495 36.48 22.82 -56.15
N LYS F 496 37.63 23.44 -56.25
CA LYS F 496 38.14 24.04 -57.46
C LYS F 496 39.23 23.19 -58.16
N GLY F 497 39.63 22.07 -57.57
CA GLY F 497 40.86 21.42 -58.00
C GLY F 497 40.64 20.11 -58.77
N ALA F 498 39.45 19.83 -59.27
CA ALA F 498 39.20 18.55 -59.99
C ALA F 498 38.95 18.79 -61.47
N ARG F 499 39.52 17.93 -62.31
CA ARG F 499 39.37 18.08 -63.78
C ARG F 499 39.32 16.68 -64.40
N VAL F 500 38.72 16.60 -65.57
CA VAL F 500 38.61 15.37 -66.28
C VAL F 500 39.50 15.46 -67.51
N GLN F 501 40.21 14.38 -67.79
CA GLN F 501 41.06 14.32 -69.00
C GLN F 501 40.96 12.89 -69.53
N GLY F 502 40.30 12.71 -70.65
CA GLY F 502 40.04 11.37 -71.17
C GLY F 502 39.19 10.58 -70.18
N LYS F 503 39.71 9.46 -69.74
CA LYS F 503 39.04 8.66 -68.73
C LYS F 503 39.69 8.85 -67.34
N THR F 504 40.42 9.94 -67.14
CA THR F 504 41.11 10.19 -65.87
C THR F 504 40.46 11.37 -65.14
N VAL F 505 40.30 11.24 -63.84
CA VAL F 505 40.00 12.37 -62.95
C VAL F 505 41.30 12.82 -62.30
N ASN F 506 41.69 14.06 -62.51
CA ASN F 506 42.91 14.61 -61.94
C ASN F 506 42.50 15.57 -60.82
N VAL F 507 43.12 15.42 -59.67
CA VAL F 507 42.74 16.18 -58.48
C VAL F 507 44.00 16.83 -57.87
N ALA F 508 43.97 18.13 -57.72
CA ALA F 508 44.92 18.86 -56.89
C ALA F 508 44.35 18.91 -55.47
N LEU F 509 44.90 18.06 -54.62
CA LEU F 509 44.33 17.79 -53.31
C LEU F 509 45.14 18.51 -52.24
N PRO F 510 44.56 19.57 -51.61
CA PRO F 510 45.36 20.30 -50.64
C PRO F 510 45.71 19.44 -49.41
N ALA F 511 46.76 19.86 -48.71
CA ALA F 511 47.13 19.27 -47.42
C ALA F 511 45.91 19.25 -46.48
N HIS F 512 45.84 18.25 -45.60
CA HIS F 512 44.86 18.16 -44.53
C HIS F 512 43.45 18.52 -45.03
N SER F 513 42.95 17.78 -46.01
CA SER F 513 41.67 18.09 -46.62
C SER F 513 40.93 16.81 -46.97
N ILE F 514 39.62 16.96 -47.10
CA ILE F 514 38.73 15.92 -47.56
C ILE F 514 37.96 16.47 -48.76
N VAL F 515 37.89 15.72 -49.85
CA VAL F 515 37.00 16.12 -50.95
C VAL F 515 36.01 14.97 -51.23
N MET F 516 34.84 15.36 -51.71
CA MET F 516 33.87 14.44 -52.22
C MET F 516 33.54 14.90 -53.65
N LEU F 517 33.87 14.02 -54.60
CA LEU F 517 33.73 14.33 -56.02
C LEU F 517 32.56 13.56 -56.60
N LYS F 518 31.79 14.24 -57.45
CA LYS F 518 30.70 13.66 -58.13
C LYS F 518 31.00 13.67 -59.64
N LEU F 519 31.02 12.49 -60.24
CA LEU F 519 31.29 12.37 -61.66
C LEU F 519 29.96 12.50 -62.44
N GLN F 520 30.05 13.12 -63.59
CA GLN F 520 29.05 13.01 -64.65
C GLN F 520 29.72 12.57 -65.97
#